data_4A0G
#
_entry.id   4A0G
#
_cell.length_a   79.442
_cell.length_b   80.066
_cell.length_c   136.939
_cell.angle_alpha   99.96
_cell.angle_beta   107.12
_cell.angle_gamma   97.25
#
_symmetry.space_group_name_H-M   'P 1'
#
loop_
_entity.id
_entity.type
_entity.pdbx_description
1 polymer 'ADENOSYLMETHIONINE-8-AMINO-7-OXONONANOATE AMINOTRANSFERASE'
2 non-polymer "PYRIDOXAL-5'-PHOSPHATE"
3 non-polymer 'SULFATE ION'
4 non-polymer 'MAGNESIUM ION'
5 water water
#
_entity_poly.entity_id   1
_entity_poly.type   'polypeptide(L)'
_entity_poly.pdbx_seq_one_letter_code
;GSSHHHHHHSSGLVPRGSHMKSTSVSPFHLPLNHPTYLIWSANTSLGKTLVSTGIAASFLLQQPSSSATKLLYLKPIQTG
FPSDSDSRFVFSKLDSLSLRRQIPISISNSVLHSSLPAAKSLGLNVEVSESGMCSLNFRDEKTVTGAPELLCKTLYAWEA
AISPHLAAERENATVEDSVVLQMIEKCLKEEMECGVKSEKSDLLCLVETAGGVASPGPSGTLQCDLYRPFRLPGILVGDG
RLGGISGTIAAYESLKLRGYDIAAVVFEDHGLVNEVPLTSYLRNKVPVLVLPPVPKDPSDDLIEWFVESDGVFKALKETM
VLANLERLERLNGMAKLAGEVFWWPFTQHKLVHQETVTVIDSRCGENFSIYKASDNSSLSQQFDACASWWTQGPDPTFQA
ELAREMGYTAARFGHVMFPENVYEPALKCAELLLDGVGKGWASRVYFSDNGSTAIEIALKMAFRKFCVDHNFCEATEEEK
HIVVKVIALRGSYHGDTLGAMEAQAPSPYTGFLQQPWYTGRGLFLDPPTVFLSNGSWNISLPESFSEIAPEYGTFTSRDE
IFDKSRDASTLARIYSAYLSKHLQEHSGVRQSAHVGALIIEPVIHGAGGMHMVDPLFQRVLVNECRNRKIPVIFDEVFTG
FWRLGVETTTELLGCKPDIACFAKLLTGGMVPLAVTLATDAVFDSFSGDSKLKALLHGHSYSAHAMGCATAAKAIQWFKD
PETNHNITSQGKTLRELWDEELVQQISSHSAVQRVVVIGTLFALELKADASNSGYASLYAKSLLIMLREDGIFTRPLGNV
IYLMCGPCTSPEICRRLLTKLYKRLGEFNRT
;
_entity_poly.pdbx_strand_id   A,B,C,D
#
# COMPACT_ATOMS: atom_id res chain seq x y z
N PRO A 27 -19.29 33.46 -15.87
CA PRO A 27 -18.65 32.70 -14.78
C PRO A 27 -19.55 31.62 -14.18
N PHE A 28 -19.03 30.39 -14.05
CA PHE A 28 -19.79 29.30 -13.43
C PHE A 28 -19.94 29.43 -11.90
N HIS A 29 -20.96 28.77 -11.35
CA HIS A 29 -21.12 28.58 -9.90
C HIS A 29 -21.37 27.09 -9.70
N LEU A 30 -20.54 26.44 -8.89
CA LEU A 30 -20.66 24.99 -8.67
C LEU A 30 -20.80 24.70 -7.20
N PRO A 31 -21.94 24.11 -6.80
CA PRO A 31 -22.10 23.87 -5.36
C PRO A 31 -21.14 22.77 -4.97
N LEU A 32 -20.56 22.84 -3.78
CA LEU A 32 -19.57 21.84 -3.41
C LEU A 32 -20.03 21.07 -2.18
N ASN A 33 -21.31 21.23 -1.85
CA ASN A 33 -21.86 20.64 -0.66
C ASN A 33 -22.04 19.13 -0.81
N HIS A 34 -22.38 18.67 -2.01
CA HIS A 34 -22.43 17.23 -2.23
C HIS A 34 -21.41 16.80 -3.30
N PRO A 35 -20.85 15.62 -3.11
CA PRO A 35 -19.87 15.07 -4.08
C PRO A 35 -20.45 14.97 -5.49
N THR A 36 -19.59 15.25 -6.46
CA THR A 36 -19.94 15.16 -7.86
C THR A 36 -18.69 14.61 -8.54
N TYR A 37 -18.84 13.54 -9.30
CA TYR A 37 -17.67 12.92 -9.90
C TYR A 37 -17.88 12.66 -11.37
N LEU A 38 -16.83 12.92 -12.14
CA LEU A 38 -16.74 12.43 -13.49
C LEU A 38 -16.36 10.93 -13.45
N ILE A 39 -17.02 10.14 -14.28
CA ILE A 39 -16.64 8.73 -14.48
C ILE A 39 -15.90 8.66 -15.80
N TRP A 40 -14.59 8.49 -15.73
CA TRP A 40 -13.75 8.47 -16.93
C TRP A 40 -13.48 7.02 -17.31
N SER A 41 -13.05 6.80 -18.55
CA SER A 41 -12.67 5.46 -18.98
C SER A 41 -11.41 5.46 -19.86
N ALA A 42 -10.63 4.40 -19.78
CA ALA A 42 -9.41 4.31 -20.58
C ALA A 42 -9.75 4.19 -22.05
N ASN A 43 -10.74 3.35 -22.32
CA ASN A 43 -11.19 3.07 -23.67
C ASN A 43 -12.68 2.73 -23.64
N THR A 44 -13.28 2.56 -24.81
CA THR A 44 -14.64 2.06 -24.87
C THR A 44 -14.67 0.60 -24.42
N SER A 45 -15.85 0.11 -24.05
CA SER A 45 -16.10 -1.29 -23.70
C SER A 45 -15.28 -1.83 -22.50
N LEU A 46 -15.14 -1.02 -21.46
CA LEU A 46 -14.47 -1.47 -20.23
C LEU A 46 -15.48 -1.58 -19.09
N GLY A 47 -16.71 -1.17 -19.33
CA GLY A 47 -17.77 -1.33 -18.34
C GLY A 47 -18.06 -0.08 -17.53
N LYS A 48 -17.89 1.07 -18.17
CA LYS A 48 -18.14 2.36 -17.55
C LYS A 48 -19.55 2.45 -16.96
N THR A 49 -20.54 2.08 -17.76
CA THR A 49 -21.92 2.10 -17.32
C THR A 49 -22.19 1.12 -16.18
N LEU A 50 -21.56 -0.05 -16.25
CA LEU A 50 -21.64 -1.02 -15.17
C LEU A 50 -21.11 -0.44 -13.87
N VAL A 51 -20.02 0.31 -13.95
CA VAL A 51 -19.47 0.98 -12.77
C VAL A 51 -20.38 2.07 -12.20
N SER A 52 -20.93 2.93 -13.04
CA SER A 52 -21.88 3.94 -12.55
C SER A 52 -23.02 3.24 -11.80
N THR A 53 -23.67 2.32 -12.50
CA THR A 53 -24.78 1.53 -11.98
C THR A 53 -24.44 0.91 -10.62
N GLY A 54 -23.26 0.29 -10.55
CA GLY A 54 -22.74 -0.26 -9.31
C GLY A 54 -22.65 0.75 -8.16
N ILE A 55 -21.99 1.89 -8.41
CA ILE A 55 -21.92 2.94 -7.42
C ILE A 55 -23.32 3.37 -7.02
N ALA A 56 -24.15 3.68 -8.00
CA ALA A 56 -25.52 4.13 -7.72
C ALA A 56 -26.24 3.15 -6.79
N ALA A 57 -26.08 1.86 -7.07
CA ALA A 57 -26.84 0.83 -6.33
C ALA A 57 -26.38 0.75 -4.91
N SER A 58 -25.07 0.83 -4.71
CA SER A 58 -24.54 0.85 -3.36
C SER A 58 -25.00 2.11 -2.59
N PHE A 59 -25.05 3.26 -3.28
CA PHE A 59 -25.48 4.49 -2.64
C PHE A 59 -26.99 4.50 -2.29
N LEU A 60 -27.84 4.05 -3.21
CA LEU A 60 -29.29 4.11 -2.98
C LEU A 60 -29.83 2.98 -2.09
N LEU A 61 -29.28 1.78 -2.24
CA LEU A 61 -29.85 0.58 -1.61
C LEU A 61 -29.21 0.19 -0.28
N GLN A 62 -28.77 1.20 0.46
CA GLN A 62 -28.42 1.13 1.89
C GLN A 62 -29.65 0.85 2.74
N GLN A 63 -29.44 0.10 3.81
CA GLN A 63 -30.53 -0.21 4.72
C GLN A 63 -30.96 1.00 5.58
N PRO A 64 -30.04 1.65 6.31
CA PRO A 64 -30.45 2.83 7.09
C PRO A 64 -31.30 3.82 6.24
N SER A 65 -32.16 3.25 5.40
CA SER A 65 -32.84 3.99 4.33
C SER A 65 -33.26 5.40 4.73
N SER A 66 -32.73 6.39 4.02
CA SER A 66 -33.11 7.79 4.24
C SER A 66 -33.96 8.37 3.10
N SER A 67 -35.01 9.09 3.48
CA SER A 67 -35.80 9.84 2.52
C SER A 67 -34.90 10.84 1.80
N ALA A 68 -33.90 11.31 2.53
CA ALA A 68 -32.99 12.34 2.05
C ALA A 68 -32.08 11.87 0.91
N THR A 69 -31.88 10.56 0.78
CA THR A 69 -30.92 10.02 -0.18
C THR A 69 -31.33 10.11 -1.65
N LYS A 70 -30.53 10.83 -2.45
CA LYS A 70 -30.77 10.91 -3.88
C LYS A 70 -29.49 10.71 -4.69
N LEU A 71 -29.58 9.88 -5.74
CA LEU A 71 -28.50 9.78 -6.70
C LEU A 71 -28.86 10.44 -8.04
N LEU A 72 -28.05 11.42 -8.42
CA LEU A 72 -28.21 12.11 -9.69
C LEU A 72 -27.22 11.52 -10.70
N TYR A 73 -27.76 10.96 -11.78
CA TYR A 73 -26.93 10.37 -12.83
C TYR A 73 -27.06 11.12 -14.13
N LEU A 74 -25.94 11.64 -14.61
CA LEU A 74 -25.96 12.46 -15.81
C LEU A 74 -25.15 11.81 -16.89
N LYS A 75 -25.77 11.65 -18.05
CA LYS A 75 -25.08 11.24 -19.24
C LYS A 75 -25.19 12.39 -20.22
N PRO A 76 -24.19 13.30 -20.24
CA PRO A 76 -24.26 14.49 -21.07
C PRO A 76 -24.33 14.16 -22.54
N ILE A 77 -23.45 13.28 -23.00
CA ILE A 77 -23.32 12.95 -24.41
C ILE A 77 -23.59 11.46 -24.62
N GLN A 78 -24.44 11.10 -25.59
CA GLN A 78 -24.81 9.71 -25.84
C GLN A 78 -25.03 9.44 -27.31
N THR A 79 -24.26 8.54 -27.89
CA THR A 79 -24.46 8.20 -29.28
C THR A 79 -25.08 6.81 -29.32
N GLY A 80 -25.62 6.40 -30.46
CA GLY A 80 -26.19 5.08 -30.58
C GLY A 80 -27.57 5.01 -29.96
N PHE A 81 -28.27 6.14 -29.95
CA PHE A 81 -29.58 6.25 -29.30
C PHE A 81 -30.68 6.11 -30.36
N PRO A 82 -31.77 5.39 -30.03
CA PRO A 82 -32.13 4.83 -28.72
C PRO A 82 -31.71 3.38 -28.44
N SER A 83 -31.09 2.71 -29.40
CA SER A 83 -30.68 1.32 -29.14
C SER A 83 -29.78 1.26 -27.91
N ASP A 84 -28.84 2.19 -27.82
CA ASP A 84 -28.00 2.35 -26.66
C ASP A 84 -28.58 3.49 -25.83
N SER A 85 -28.70 3.28 -24.51
CA SER A 85 -28.96 4.40 -23.59
C SER A 85 -28.46 4.10 -22.19
N ASP A 86 -27.37 4.73 -21.78
CA ASP A 86 -26.83 4.44 -20.46
C ASP A 86 -27.75 4.96 -19.32
N SER A 87 -28.50 6.04 -19.55
CA SER A 87 -29.60 6.44 -18.65
C SER A 87 -30.56 5.26 -18.45
N ARG A 88 -31.07 4.71 -19.54
CA ARG A 88 -32.04 3.66 -19.44
C ARG A 88 -31.42 2.49 -18.68
N PHE A 89 -30.15 2.19 -18.98
CA PHE A 89 -29.51 1.02 -18.39
C PHE A 89 -29.45 1.16 -16.87
N VAL A 90 -28.99 2.31 -16.40
CA VAL A 90 -28.94 2.55 -14.98
C VAL A 90 -30.34 2.51 -14.38
N PHE A 91 -31.23 3.34 -14.90
CA PHE A 91 -32.64 3.31 -14.49
C PHE A 91 -33.16 1.89 -14.35
N SER A 92 -32.99 1.10 -15.39
CA SER A 92 -33.53 -0.25 -15.44
C SER A 92 -32.85 -1.24 -14.49
N LYS A 93 -31.53 -1.21 -14.45
CA LYS A 93 -30.80 -2.09 -13.53
C LYS A 93 -31.06 -1.78 -12.05
N LEU A 94 -31.21 -0.51 -11.68
CA LEU A 94 -31.51 -0.17 -10.29
CA LEU A 94 -31.49 -0.22 -10.28
C LEU A 94 -32.92 -0.61 -9.92
N ASP A 95 -33.81 -0.56 -10.90
CA ASP A 95 -35.15 -1.05 -10.70
C ASP A 95 -35.02 -2.51 -10.26
N SER A 96 -34.19 -3.28 -10.97
CA SER A 96 -34.07 -4.71 -10.68
C SER A 96 -33.39 -4.97 -9.34
N LEU A 97 -32.31 -4.23 -9.07
CA LEU A 97 -31.60 -4.39 -7.80
C LEU A 97 -32.43 -3.98 -6.60
N SER A 98 -33.28 -2.96 -6.78
CA SER A 98 -34.29 -2.61 -5.78
C SER A 98 -35.15 -3.83 -5.42
N LEU A 99 -35.67 -4.53 -6.43
CA LEU A 99 -36.53 -5.69 -6.17
C LEU A 99 -35.68 -6.77 -5.54
N ARG A 100 -34.51 -7.03 -6.12
CA ARG A 100 -33.60 -8.08 -5.66
C ARG A 100 -33.24 -7.89 -4.21
N ARG A 101 -33.13 -6.63 -3.81
CA ARG A 101 -32.62 -6.34 -2.48
C ARG A 101 -33.75 -5.98 -1.53
N GLN A 102 -34.96 -5.93 -2.05
CA GLN A 102 -36.14 -5.69 -1.22
C GLN A 102 -36.11 -4.31 -0.59
N ILE A 103 -35.62 -3.30 -1.32
CA ILE A 103 -35.58 -1.93 -0.87
C ILE A 103 -36.13 -0.99 -1.95
N PRO A 104 -37.35 -0.48 -1.73
CA PRO A 104 -38.04 0.36 -2.73
C PRO A 104 -37.30 1.66 -2.99
N ILE A 105 -37.34 2.12 -4.23
CA ILE A 105 -36.75 3.40 -4.55
C ILE A 105 -37.59 4.11 -5.60
N SER A 106 -37.50 5.44 -5.61
CA SER A 106 -38.09 6.25 -6.66
C SER A 106 -37.07 6.35 -7.78
N ILE A 107 -37.50 6.17 -9.01
CA ILE A 107 -36.58 6.22 -10.14
C ILE A 107 -37.16 7.03 -11.29
N SER A 108 -36.31 7.80 -11.97
CA SER A 108 -36.70 8.48 -13.20
C SER A 108 -35.61 8.48 -14.31
N ASN A 109 -36.05 8.58 -15.55
CA ASN A 109 -35.13 8.67 -16.68
C ASN A 109 -35.65 9.67 -17.72
N SER A 110 -34.77 10.59 -18.15
CA SER A 110 -35.16 11.66 -19.04
C SER A 110 -34.12 11.83 -20.12
N VAL A 111 -34.58 12.12 -21.34
CA VAL A 111 -33.69 12.55 -22.42
C VAL A 111 -34.13 13.95 -22.86
N LEU A 112 -33.28 14.95 -22.65
CA LEU A 112 -33.68 16.34 -22.90
C LEU A 112 -33.57 16.74 -24.37
N HIS A 113 -32.46 16.39 -25.00
CA HIS A 113 -32.27 16.74 -26.41
C HIS A 113 -31.75 15.54 -27.23
N SER A 114 -32.02 15.56 -28.54
CA SER A 114 -31.52 14.53 -29.46
C SER A 114 -31.58 15.01 -30.93
N SER A 115 -30.70 14.48 -31.76
CA SER A 115 -30.74 14.75 -33.19
C SER A 115 -32.12 14.44 -33.75
N LEU A 116 -32.39 14.94 -34.95
CA LEU A 116 -33.63 14.57 -35.62
C LEU A 116 -33.69 13.05 -35.85
N PRO A 117 -32.67 12.47 -36.52
CA PRO A 117 -32.69 11.03 -36.72
C PRO A 117 -33.07 10.29 -35.44
N ALA A 118 -32.44 10.67 -34.33
CA ALA A 118 -32.68 10.00 -33.05
C ALA A 118 -34.14 10.13 -32.61
N ALA A 119 -34.69 11.34 -32.73
CA ALA A 119 -36.08 11.58 -32.37
C ALA A 119 -37.03 10.77 -33.25
N LYS A 120 -36.74 10.74 -34.55
CA LYS A 120 -37.56 9.99 -35.49
C LYS A 120 -37.62 8.52 -35.07
N SER A 121 -36.55 8.01 -34.50
CA SER A 121 -36.56 6.65 -33.98
C SER A 121 -37.62 6.48 -32.90
N LEU A 122 -37.63 7.39 -31.92
CA LEU A 122 -38.59 7.31 -30.83
C LEU A 122 -39.99 7.56 -31.38
N GLY A 123 -40.05 8.08 -32.61
CA GLY A 123 -41.31 8.38 -33.25
C GLY A 123 -41.92 9.70 -32.84
N LEU A 124 -41.11 10.64 -32.44
CA LEU A 124 -41.66 11.83 -31.83
C LEU A 124 -41.98 12.89 -32.86
N ASN A 125 -41.14 13.01 -33.89
CA ASN A 125 -41.34 14.04 -34.91
C ASN A 125 -41.44 15.44 -34.28
N VAL A 126 -40.43 15.80 -33.49
CA VAL A 126 -40.35 17.10 -32.84
C VAL A 126 -39.76 18.10 -33.84
N GLU A 127 -39.77 19.38 -33.49
CA GLU A 127 -39.17 20.38 -34.37
C GLU A 127 -37.66 20.58 -34.15
N VAL A 128 -36.90 20.60 -35.24
CA VAL A 128 -35.49 20.89 -35.18
C VAL A 128 -35.24 22.33 -34.69
N SER A 129 -34.10 22.55 -34.04
CA SER A 129 -33.72 23.89 -33.60
C SER A 129 -32.58 24.38 -34.48
N GLU A 130 -32.10 25.59 -34.18
CA GLU A 130 -31.00 26.18 -34.92
C GLU A 130 -29.82 25.21 -35.10
N SER A 131 -29.45 24.49 -34.03
CA SER A 131 -28.25 23.66 -34.02
C SER A 131 -28.45 22.26 -34.63
N GLY A 132 -29.69 21.91 -34.94
CA GLY A 132 -30.00 20.60 -35.48
C GLY A 132 -30.52 19.64 -34.42
N MET A 133 -30.61 20.12 -33.19
CA MET A 133 -31.03 19.34 -32.05
C MET A 133 -32.51 19.54 -31.78
N CYS A 134 -33.19 18.47 -31.36
CA CYS A 134 -34.59 18.58 -30.96
C CYS A 134 -34.68 18.56 -29.45
N SER A 135 -35.68 19.23 -28.90
CA SER A 135 -35.94 19.16 -27.46
C SER A 135 -37.00 18.12 -27.22
N LEU A 136 -36.80 17.29 -26.20
CA LEU A 136 -37.75 16.22 -25.95
C LEU A 136 -38.46 16.33 -24.62
N ASN A 137 -39.65 15.75 -24.62
CA ASN A 137 -40.48 15.57 -23.45
C ASN A 137 -40.61 14.06 -23.36
N PHE A 138 -39.46 13.44 -23.16
CA PHE A 138 -39.37 11.99 -23.02
C PHE A 138 -38.91 11.61 -21.62
N ARG A 139 -39.86 11.47 -20.71
CA ARG A 139 -39.51 11.10 -19.34
C ARG A 139 -40.15 9.76 -19.03
N ASP A 140 -39.82 9.22 -17.87
CA ASP A 140 -40.28 7.90 -17.53
C ASP A 140 -40.11 7.69 -16.03
N GLU A 141 -41.16 7.94 -15.28
CA GLU A 141 -41.08 7.91 -13.81
C GLU A 141 -41.72 6.67 -13.19
N LYS A 142 -41.29 6.35 -11.98
CA LYS A 142 -41.87 5.26 -11.20
C LYS A 142 -41.63 5.58 -9.72
N THR A 143 -42.41 6.53 -9.23
CA THR A 143 -42.22 7.12 -7.93
C THR A 143 -42.66 6.21 -6.80
N VAL A 144 -41.98 6.32 -5.66
CA VAL A 144 -42.42 5.74 -4.41
C VAL A 144 -42.17 6.83 -3.39
N THR A 145 -43.23 7.37 -2.80
CA THR A 145 -43.03 8.42 -1.81
C THR A 145 -42.13 8.00 -0.65
N GLY A 146 -41.32 8.95 -0.17
CA GLY A 146 -40.54 8.75 1.02
C GLY A 146 -39.29 7.92 0.80
N ALA A 147 -39.21 7.22 -0.32
CA ALA A 147 -38.04 6.38 -0.63
C ALA A 147 -36.85 7.14 -1.24
N PRO A 148 -35.66 6.52 -1.24
CA PRO A 148 -34.47 7.15 -1.82
C PRO A 148 -34.68 7.32 -3.30
N GLU A 149 -34.13 8.38 -3.87
CA GLU A 149 -34.46 8.78 -5.22
C GLU A 149 -33.31 8.63 -6.24
N LEU A 150 -33.59 7.91 -7.32
CA LEU A 150 -32.67 7.82 -8.44
C LEU A 150 -33.20 8.68 -9.58
N LEU A 151 -32.31 9.49 -10.14
CA LEU A 151 -32.70 10.47 -11.13
C LEU A 151 -31.68 10.46 -12.27
N CYS A 152 -32.07 9.88 -13.41
CA CYS A 152 -31.15 9.72 -14.54
C CYS A 152 -31.55 10.66 -15.68
N LYS A 153 -30.58 11.43 -16.19
CA LYS A 153 -30.78 12.30 -17.33
C LYS A 153 -29.72 12.11 -18.41
N THR A 154 -30.18 11.98 -19.65
CA THR A 154 -29.34 12.20 -20.82
C THR A 154 -29.62 13.61 -21.36
N LEU A 155 -28.56 14.39 -21.54
CA LEU A 155 -28.68 15.77 -21.99
C LEU A 155 -28.77 15.89 -23.51
N TYR A 156 -27.85 15.24 -24.23
CA TYR A 156 -27.87 15.26 -25.69
C TYR A 156 -27.63 13.86 -26.27
N ALA A 157 -28.45 13.48 -27.24
CA ALA A 157 -28.33 12.14 -27.84
C ALA A 157 -28.29 12.16 -29.36
N TRP A 158 -27.45 11.31 -29.93
CA TRP A 158 -27.37 11.10 -31.36
C TRP A 158 -27.71 9.64 -31.66
N GLU A 159 -28.10 9.35 -32.89
CA GLU A 159 -28.53 8.02 -33.27
C GLU A 159 -27.40 7.09 -33.75
N ALA A 160 -26.56 7.57 -34.67
CA ALA A 160 -25.45 6.78 -35.15
C ALA A 160 -24.66 6.25 -33.99
N ALA A 161 -24.37 4.96 -34.02
CA ALA A 161 -23.57 4.32 -32.96
C ALA A 161 -22.04 4.59 -33.14
N ILE A 162 -21.68 5.85 -33.33
CA ILE A 162 -20.31 6.21 -33.58
C ILE A 162 -19.80 7.33 -32.65
N SER A 163 -18.50 7.61 -32.65
CA SER A 163 -17.98 8.65 -31.78
C SER A 163 -18.67 9.99 -32.05
N PRO A 164 -18.88 10.78 -31.00
CA PRO A 164 -19.71 12.00 -31.02
C PRO A 164 -19.36 12.98 -32.14
N HIS A 165 -18.08 13.16 -32.45
CA HIS A 165 -17.75 14.20 -33.43
C HIS A 165 -18.31 13.81 -34.79
N LEU A 166 -18.20 12.52 -35.11
CA LEU A 166 -18.72 11.97 -36.35
C LEU A 166 -20.24 11.96 -36.40
N ALA A 167 -20.86 11.59 -35.28
CA ALA A 167 -22.30 11.57 -35.20
C ALA A 167 -22.88 12.95 -35.45
N ALA A 168 -22.22 13.97 -34.90
CA ALA A 168 -22.69 15.33 -35.01
C ALA A 168 -22.76 15.76 -36.48
N GLU A 169 -21.70 15.50 -37.25
CA GLU A 169 -21.69 16.02 -38.61
C GLU A 169 -22.63 15.26 -39.52
N ARG A 170 -22.65 13.94 -39.38
CA ARG A 170 -23.50 13.11 -40.21
C ARG A 170 -24.95 13.46 -39.96
N GLU A 171 -25.31 13.65 -38.70
CA GLU A 171 -26.71 13.91 -38.35
C GLU A 171 -27.08 15.40 -38.31
N ASN A 172 -26.14 16.25 -38.69
CA ASN A 172 -26.36 17.70 -38.68
C ASN A 172 -27.00 18.14 -37.37
N ALA A 173 -26.30 17.85 -36.28
CA ALA A 173 -26.77 18.17 -34.95
C ALA A 173 -25.58 18.45 -34.04
N THR A 174 -25.39 19.72 -33.72
CA THR A 174 -24.28 20.08 -32.88
C THR A 174 -24.74 20.62 -31.53
N VAL A 175 -23.82 20.61 -30.59
CA VAL A 175 -24.01 21.32 -29.34
C VAL A 175 -22.65 21.90 -28.96
N GLU A 176 -22.61 23.18 -28.64
CA GLU A 176 -21.36 23.87 -28.36
C GLU A 176 -20.88 23.49 -26.98
N ASP A 177 -19.56 23.55 -26.78
CA ASP A 177 -18.98 23.14 -25.50
C ASP A 177 -19.60 23.82 -24.28
N SER A 178 -19.74 25.15 -24.34
CA SER A 178 -20.24 25.89 -23.20
C SER A 178 -21.71 25.62 -22.96
N VAL A 179 -22.42 25.27 -24.02
CA VAL A 179 -23.82 24.87 -23.85
C VAL A 179 -23.93 23.58 -23.05
N VAL A 180 -23.05 22.63 -23.32
CA VAL A 180 -23.02 21.38 -22.55
C VAL A 180 -22.73 21.67 -21.09
N LEU A 181 -21.74 22.50 -20.84
CA LEU A 181 -21.33 22.83 -19.47
C LEU A 181 -22.44 23.59 -18.75
N GLN A 182 -23.10 24.48 -19.48
CA GLN A 182 -24.22 25.20 -18.89
C GLN A 182 -25.39 24.26 -18.51
N MET A 183 -25.75 23.33 -19.39
CA MET A 183 -26.76 22.35 -19.00
C MET A 183 -26.34 21.61 -17.73
N ILE A 184 -25.10 21.11 -17.72
CA ILE A 184 -24.61 20.42 -16.53
C ILE A 184 -24.76 21.31 -15.30
N GLU A 185 -24.27 22.55 -15.40
CA GLU A 185 -24.37 23.50 -14.31
C GLU A 185 -25.84 23.64 -13.87
N LYS A 186 -26.71 23.87 -14.85
CA LYS A 186 -28.12 24.02 -14.54
C LYS A 186 -28.66 22.82 -13.76
N CYS A 187 -28.41 21.60 -14.24
CA CYS A 187 -28.91 20.41 -13.58
CA CYS A 187 -28.92 20.43 -13.56
C CYS A 187 -28.38 20.30 -12.15
N LEU A 188 -27.07 20.54 -11.97
CA LEU A 188 -26.47 20.51 -10.62
C LEU A 188 -27.13 21.50 -9.67
N LYS A 189 -27.29 22.75 -10.11
CA LYS A 189 -27.89 23.78 -9.25
C LYS A 189 -29.30 23.35 -8.83
N GLU A 190 -30.08 22.81 -9.77
CA GLU A 190 -31.46 22.45 -9.46
C GLU A 190 -31.57 21.35 -8.41
N GLU A 191 -30.69 20.35 -8.49
CA GLU A 191 -30.70 19.26 -7.51
C GLU A 191 -29.93 19.54 -6.23
N MET A 192 -29.11 20.60 -6.19
CA MET A 192 -28.34 20.92 -4.98
C MET A 192 -27.99 22.41 -4.84
N ASP A 202 -26.46 11.27 1.75
CA ASP A 202 -27.51 12.20 1.34
C ASP A 202 -27.57 12.34 -0.19
N LEU A 203 -26.65 13.06 -0.80
CA LEU A 203 -26.69 13.24 -2.25
C LEU A 203 -25.36 12.97 -2.94
N LEU A 204 -25.43 12.24 -4.05
CA LEU A 204 -24.24 11.96 -4.84
C LEU A 204 -24.54 12.11 -6.34
N CYS A 205 -23.67 12.78 -7.08
CA CYS A 205 -23.92 12.98 -8.53
C CYS A 205 -22.83 12.35 -9.39
N LEU A 206 -23.24 11.55 -10.38
CA LEU A 206 -22.29 10.90 -11.28
C LEU A 206 -22.42 11.45 -12.68
N VAL A 207 -21.34 11.98 -13.23
CA VAL A 207 -21.37 12.47 -14.62
C VAL A 207 -20.60 11.49 -15.52
N GLU A 208 -21.32 10.71 -16.32
CA GLU A 208 -20.64 9.70 -17.11
C GLU A 208 -20.27 10.21 -18.49
N THR A 209 -18.95 10.28 -18.72
CA THR A 209 -18.37 10.70 -20.00
C THR A 209 -18.67 9.71 -21.14
N ALA A 210 -18.29 10.11 -22.35
CA ALA A 210 -18.55 9.33 -23.53
C ALA A 210 -17.22 8.95 -24.16
N GLY A 211 -17.03 7.65 -24.35
CA GLY A 211 -15.77 7.16 -24.90
C GLY A 211 -14.61 7.48 -24.00
N GLY A 212 -13.40 7.42 -24.57
CA GLY A 212 -12.18 7.56 -23.81
C GLY A 212 -11.89 8.98 -23.35
N VAL A 213 -11.02 9.04 -22.34
CA VAL A 213 -10.53 10.25 -21.72
C VAL A 213 -10.24 11.34 -22.77
N ALA A 214 -9.66 10.92 -23.88
CA ALA A 214 -9.29 11.86 -24.93
C ALA A 214 -10.05 11.70 -26.23
N SER A 215 -11.30 11.26 -26.16
CA SER A 215 -12.16 11.16 -27.34
C SER A 215 -12.75 12.52 -27.66
N PRO A 216 -12.85 12.85 -28.93
CA PRO A 216 -13.49 14.11 -29.30
C PRO A 216 -14.98 14.09 -28.94
N GLY A 217 -15.46 15.14 -28.27
CA GLY A 217 -16.90 15.31 -28.11
C GLY A 217 -17.57 15.77 -29.41
N PRO A 218 -18.88 16.06 -29.36
CA PRO A 218 -19.64 16.50 -30.53
C PRO A 218 -18.93 17.65 -31.29
N SER A 219 -18.45 18.66 -30.57
CA SER A 219 -17.84 19.82 -31.20
C SER A 219 -16.48 19.49 -31.75
N GLY A 220 -15.90 18.39 -31.30
CA GLY A 220 -14.55 18.03 -31.70
C GLY A 220 -13.55 18.19 -30.59
N THR A 221 -13.84 19.06 -29.63
CA THR A 221 -13.01 19.21 -28.45
C THR A 221 -12.81 17.85 -27.77
N LEU A 222 -11.60 17.60 -27.29
CA LEU A 222 -11.35 16.37 -26.58
C LEU A 222 -12.15 16.44 -25.29
N GLN A 223 -12.74 15.32 -24.91
CA GLN A 223 -13.57 15.28 -23.73
C GLN A 223 -12.86 15.86 -22.52
N CYS A 224 -11.58 15.56 -22.37
CA CYS A 224 -10.84 15.99 -21.19
C CYS A 224 -10.68 17.49 -21.20
N ASP A 225 -10.68 18.08 -22.37
CA ASP A 225 -10.61 19.54 -22.41
C ASP A 225 -11.99 20.20 -22.16
N LEU A 226 -13.03 19.57 -22.71
CA LEU A 226 -14.42 20.02 -22.57
C LEU A 226 -14.85 20.25 -21.13
N TYR A 227 -14.51 19.30 -20.26
CA TYR A 227 -14.90 19.36 -18.86
C TYR A 227 -13.96 20.17 -17.99
N ARG A 228 -12.81 20.57 -18.53
CA ARG A 228 -11.77 21.20 -17.69
C ARG A 228 -12.25 22.40 -16.87
N PRO A 229 -13.05 23.33 -17.47
CA PRO A 229 -13.45 24.51 -16.67
C PRO A 229 -14.06 24.15 -15.32
N PHE A 230 -14.71 23.00 -15.21
CA PHE A 230 -15.30 22.58 -13.95
C PHE A 230 -14.29 21.95 -12.99
N ARG A 231 -13.23 21.37 -13.56
CA ARG A 231 -12.26 20.56 -12.84
C ARG A 231 -12.90 19.74 -11.74
N LEU A 232 -13.89 18.93 -12.10
CA LEU A 232 -14.47 18.00 -11.14
C LEU A 232 -13.54 16.85 -10.91
N PRO A 233 -13.56 16.29 -9.70
CA PRO A 233 -12.76 15.12 -9.35
C PRO A 233 -13.33 13.93 -10.12
N GLY A 234 -12.59 12.84 -10.25
CA GLY A 234 -13.13 11.70 -10.98
C GLY A 234 -12.66 10.35 -10.52
N ILE A 235 -13.21 9.32 -11.17
CA ILE A 235 -12.65 7.97 -11.04
C ILE A 235 -12.35 7.47 -12.43
N LEU A 236 -11.37 6.57 -12.52
CA LEU A 236 -10.96 6.06 -13.83
C LEU A 236 -11.27 4.58 -13.93
N VAL A 237 -12.06 4.23 -14.94
CA VAL A 237 -12.34 2.84 -15.24
C VAL A 237 -11.22 2.34 -16.14
N GLY A 238 -10.39 1.47 -15.60
CA GLY A 238 -9.20 1.02 -16.31
C GLY A 238 -9.50 -0.20 -17.12
N ASP A 239 -8.45 -0.85 -17.59
CA ASP A 239 -8.58 -1.97 -18.49
C ASP A 239 -7.82 -3.16 -17.93
N GLY A 240 -8.54 -4.26 -17.74
CA GLY A 240 -7.96 -5.43 -17.11
C GLY A 240 -7.48 -6.45 -18.13
N ARG A 241 -7.68 -6.16 -19.40
CA ARG A 241 -7.20 -7.04 -20.45
C ARG A 241 -5.70 -6.89 -20.67
N LEU A 242 -5.14 -7.70 -21.55
CA LEU A 242 -3.75 -7.55 -21.98
C LEU A 242 -3.58 -6.22 -22.71
N GLY A 243 -2.52 -5.50 -22.39
CA GLY A 243 -2.32 -4.17 -22.95
C GLY A 243 -3.00 -3.09 -22.12
N GLY A 244 -3.64 -3.49 -21.04
CA GLY A 244 -4.46 -2.58 -20.23
C GLY A 244 -3.70 -1.79 -19.18
N ILE A 245 -2.55 -2.31 -18.77
CA ILE A 245 -1.72 -1.56 -17.87
C ILE A 245 -1.30 -0.26 -18.55
N SER A 246 -0.81 -0.39 -19.78
CA SER A 246 -0.36 0.77 -20.54
C SER A 246 -1.49 1.76 -20.81
N GLY A 247 -2.62 1.24 -21.31
CA GLY A 247 -3.78 2.06 -21.64
C GLY A 247 -4.36 2.79 -20.45
N THR A 248 -4.33 2.11 -19.30
CA THR A 248 -4.81 2.73 -18.06
C THR A 248 -3.86 3.81 -17.55
N ILE A 249 -2.57 3.51 -17.52
CA ILE A 249 -1.61 4.51 -17.13
C ILE A 249 -1.64 5.73 -18.07
N ALA A 250 -1.65 5.50 -19.38
CA ALA A 250 -1.67 6.62 -20.35
C ALA A 250 -2.90 7.52 -20.17
N ALA A 251 -4.06 6.89 -19.93
CA ALA A 251 -5.29 7.65 -19.73
C ALA A 251 -5.27 8.47 -18.42
N TYR A 252 -4.81 7.84 -17.34
CA TYR A 252 -4.67 8.49 -16.06
C TYR A 252 -3.75 9.72 -16.22
N GLU A 253 -2.67 9.53 -16.95
CA GLU A 253 -1.68 10.58 -17.05
C GLU A 253 -2.20 11.77 -17.85
N SER A 254 -2.98 11.48 -18.88
CA SER A 254 -3.52 12.53 -19.72
C SER A 254 -4.50 13.36 -18.88
N LEU A 255 -5.21 12.69 -17.97
CA LEU A 255 -6.04 13.41 -17.00
C LEU A 255 -5.19 14.30 -16.08
N LYS A 256 -4.17 13.70 -15.44
CA LYS A 256 -3.31 14.43 -14.52
C LYS A 256 -2.73 15.66 -15.22
N LEU A 257 -2.44 15.48 -16.50
CA LEU A 257 -1.77 16.50 -17.29
C LEU A 257 -2.72 17.62 -17.69
N ARG A 258 -3.97 17.51 -17.27
CA ARG A 258 -4.88 18.62 -17.45
C ARG A 258 -5.36 19.21 -16.12
N GLY A 259 -4.91 18.61 -15.00
CA GLY A 259 -5.19 19.18 -13.70
C GLY A 259 -6.29 18.50 -12.90
N TYR A 260 -6.76 17.34 -13.38
CA TYR A 260 -7.82 16.60 -12.70
C TYR A 260 -7.25 15.78 -11.58
N ASP A 261 -8.09 15.51 -10.58
CA ASP A 261 -7.74 14.59 -9.51
C ASP A 261 -8.56 13.32 -9.65
N ILE A 262 -7.94 12.18 -9.42
CA ILE A 262 -8.60 10.91 -9.55
C ILE A 262 -8.59 10.21 -8.22
N ALA A 263 -9.78 9.97 -7.66
CA ALA A 263 -9.91 9.33 -6.36
C ALA A 263 -9.78 7.79 -6.38
N ALA A 264 -9.89 7.17 -7.55
CA ALA A 264 -9.87 5.70 -7.63
C ALA A 264 -9.78 5.21 -9.04
N VAL A 265 -9.13 4.06 -9.20
CA VAL A 265 -9.13 3.31 -10.44
C VAL A 265 -9.82 1.97 -10.19
N VAL A 266 -10.75 1.61 -11.06
CA VAL A 266 -11.42 0.33 -10.95
C VAL A 266 -11.40 -0.31 -12.34
N PHE A 267 -11.30 -1.64 -12.40
CA PHE A 267 -11.43 -2.37 -13.66
C PHE A 267 -11.91 -3.82 -13.51
N GLU A 268 -12.37 -4.40 -14.63
CA GLU A 268 -12.77 -5.81 -14.69
C GLU A 268 -11.55 -6.72 -14.72
N ASP A 269 -11.58 -7.73 -13.85
CA ASP A 269 -10.51 -8.72 -13.80
C ASP A 269 -10.52 -9.66 -15.02
N HIS A 270 -9.36 -9.90 -15.61
CA HIS A 270 -9.25 -10.85 -16.71
C HIS A 270 -8.15 -11.84 -16.40
N GLY A 271 -7.78 -11.90 -15.13
CA GLY A 271 -6.83 -12.89 -14.70
C GLY A 271 -5.38 -12.56 -14.93
N LEU A 272 -5.11 -11.39 -15.51
CA LEU A 272 -3.73 -10.98 -15.74
C LEU A 272 -3.07 -10.21 -14.56
N VAL A 273 -3.78 -10.04 -13.45
CA VAL A 273 -3.23 -9.34 -12.30
C VAL A 273 -2.76 -7.90 -12.59
N ASN A 274 -3.46 -7.21 -13.47
CA ASN A 274 -3.09 -5.84 -13.84
C ASN A 274 -2.93 -4.88 -12.65
N GLU A 275 -3.59 -5.19 -11.53
CA GLU A 275 -3.64 -4.22 -10.44
C GLU A 275 -2.32 -4.06 -9.71
N VAL A 276 -1.43 -5.05 -9.85
CA VAL A 276 -0.14 -4.95 -9.17
C VAL A 276 0.76 -3.85 -9.78
N PRO A 277 1.05 -3.93 -11.08
CA PRO A 277 1.80 -2.81 -11.67
C PRO A 277 1.09 -1.48 -11.52
N LEU A 278 -0.23 -1.49 -11.65
CA LEU A 278 -0.98 -0.27 -11.49
C LEU A 278 -0.78 0.32 -10.09
N THR A 279 -1.00 -0.51 -9.05
CA THR A 279 -0.82 -0.01 -7.68
C THR A 279 0.60 0.49 -7.49
N SER A 280 1.55 -0.29 -7.98
CA SER A 280 2.95 0.06 -7.89
C SER A 280 3.17 1.43 -8.53
N TYR A 281 2.71 1.62 -9.77
CA TYR A 281 2.86 2.90 -10.47
C TYR A 281 2.18 4.03 -9.70
N LEU A 282 1.10 3.72 -9.02
CA LEU A 282 0.41 4.79 -8.31
C LEU A 282 0.99 5.03 -6.92
N ARG A 283 2.11 4.39 -6.61
CA ARG A 283 2.66 4.47 -5.26
C ARG A 283 1.60 4.27 -4.17
N ASN A 284 0.62 3.42 -4.46
CA ASN A 284 -0.47 3.17 -3.53
C ASN A 284 -1.14 4.42 -2.91
N LYS A 285 -1.09 5.55 -3.63
CA LYS A 285 -1.76 6.79 -3.19
C LYS A 285 -3.23 6.83 -3.70
N VAL A 286 -3.59 5.91 -4.57
CA VAL A 286 -4.94 5.88 -5.11
C VAL A 286 -5.37 4.44 -5.23
N PRO A 287 -6.45 4.09 -4.54
CA PRO A 287 -6.86 2.67 -4.53
C PRO A 287 -7.16 2.16 -5.93
N VAL A 288 -6.93 0.86 -6.13
CA VAL A 288 -7.17 0.18 -7.39
C VAL A 288 -8.07 -0.98 -7.04
N LEU A 289 -9.30 -0.93 -7.53
CA LEU A 289 -10.29 -1.93 -7.19
C LEU A 289 -10.53 -2.87 -8.37
N VAL A 290 -10.67 -4.16 -8.07
CA VAL A 290 -10.85 -5.15 -9.12
C VAL A 290 -12.24 -5.77 -9.08
N LEU A 291 -13.03 -5.55 -10.13
CA LEU A 291 -14.33 -6.20 -10.23
C LEU A 291 -14.11 -7.61 -10.74
N PRO A 292 -14.93 -8.54 -10.28
CA PRO A 292 -14.89 -9.93 -10.77
C PRO A 292 -15.32 -9.99 -12.25
N PRO A 293 -14.93 -11.06 -12.93
CA PRO A 293 -15.19 -11.16 -14.38
C PRO A 293 -16.65 -10.94 -14.71
N VAL A 294 -16.93 -10.28 -15.83
CA VAL A 294 -18.32 -10.12 -16.24
C VAL A 294 -18.81 -11.31 -17.05
N PRO A 295 -20.01 -11.81 -16.71
CA PRO A 295 -20.64 -12.88 -17.50
C PRO A 295 -20.53 -12.59 -19.00
N LYS A 296 -20.10 -13.61 -19.73
CA LYS A 296 -19.86 -13.50 -21.16
C LYS A 296 -21.15 -13.75 -21.93
N ASP A 297 -22.00 -14.60 -21.38
CA ASP A 297 -23.29 -14.89 -22.00
C ASP A 297 -24.13 -13.60 -22.14
N PRO A 298 -24.41 -13.22 -23.38
CA PRO A 298 -25.14 -12.00 -23.75
C PRO A 298 -26.57 -11.92 -23.20
N SER A 299 -27.11 -13.01 -22.66
CA SER A 299 -28.49 -13.02 -22.18
C SER A 299 -28.60 -12.92 -20.65
N ASP A 300 -27.46 -12.72 -20.01
CA ASP A 300 -27.37 -12.69 -18.54
C ASP A 300 -27.88 -11.39 -17.90
N ASP A 301 -28.72 -11.55 -16.89
N ASP A 301 -28.72 -11.51 -16.87
CA ASP A 301 -29.33 -10.45 -16.14
CA ASP A 301 -29.34 -10.35 -16.24
C ASP A 301 -28.30 -9.46 -15.62
C ASP A 301 -28.33 -9.46 -15.52
N LEU A 302 -27.16 -10.01 -15.19
CA LEU A 302 -26.09 -9.27 -14.53
C LEU A 302 -26.40 -9.01 -13.05
N ILE A 303 -27.62 -9.35 -12.62
CA ILE A 303 -28.04 -9.07 -11.25
C ILE A 303 -27.13 -9.74 -10.22
N GLU A 304 -26.79 -11.00 -10.46
CA GLU A 304 -25.97 -11.69 -9.49
C GLU A 304 -24.52 -11.23 -9.54
N TRP A 305 -24.10 -10.71 -10.70
CA TRP A 305 -22.76 -10.10 -10.79
C TRP A 305 -22.71 -8.86 -9.93
N PHE A 306 -23.76 -8.04 -10.02
CA PHE A 306 -23.85 -6.82 -9.22
C PHE A 306 -23.81 -7.20 -7.76
N VAL A 307 -24.61 -8.19 -7.40
CA VAL A 307 -24.63 -8.64 -6.02
C VAL A 307 -23.26 -9.15 -5.60
N GLU A 308 -22.59 -9.92 -6.46
CA GLU A 308 -21.27 -10.44 -6.14
C GLU A 308 -20.23 -9.33 -6.08
N SER A 309 -20.50 -8.23 -6.80
CA SER A 309 -19.53 -7.13 -6.92
C SER A 309 -19.73 -6.08 -5.82
N ASP A 310 -20.66 -6.33 -4.91
CA ASP A 310 -21.11 -5.32 -3.95
C ASP A 310 -19.99 -4.75 -3.07
N GLY A 311 -19.12 -5.64 -2.61
CA GLY A 311 -17.98 -5.23 -1.81
C GLY A 311 -17.13 -4.18 -2.49
N VAL A 312 -16.75 -4.43 -3.75
CA VAL A 312 -15.98 -3.45 -4.53
C VAL A 312 -16.72 -2.13 -4.73
N PHE A 313 -18.02 -2.18 -5.04
CA PHE A 313 -18.73 -0.94 -5.26
C PHE A 313 -18.85 -0.17 -3.96
N LYS A 314 -18.94 -0.91 -2.86
CA LYS A 314 -19.02 -0.30 -1.53
C LYS A 314 -17.73 0.49 -1.26
N ALA A 315 -16.61 -0.14 -1.57
CA ALA A 315 -15.33 0.50 -1.42
C ALA A 315 -15.16 1.72 -2.34
N LEU A 316 -15.69 1.62 -3.54
CA LEU A 316 -15.64 2.73 -4.49
C LEU A 316 -16.44 3.93 -3.94
N LYS A 317 -17.69 3.67 -3.58
CA LYS A 317 -18.57 4.69 -3.01
C LYS A 317 -17.89 5.35 -1.81
N GLU A 318 -17.40 4.53 -0.90
CA GLU A 318 -16.79 5.04 0.32
C GLU A 318 -15.60 5.95 -0.01
N THR A 319 -14.73 5.44 -0.87
CA THR A 319 -13.61 6.20 -1.38
C THR A 319 -14.04 7.55 -1.97
N MET A 320 -15.07 7.54 -2.81
CA MET A 320 -15.51 8.80 -3.42
C MET A 320 -16.08 9.76 -2.39
N VAL A 321 -16.91 9.24 -1.49
CA VAL A 321 -17.48 10.11 -0.45
C VAL A 321 -16.41 10.72 0.46
N LEU A 322 -15.46 9.90 0.90
CA LEU A 322 -14.42 10.32 1.82
C LEU A 322 -13.46 11.31 1.17
N ALA A 323 -13.14 11.08 -0.10
CA ALA A 323 -12.26 12.01 -0.79
C ALA A 323 -12.88 13.42 -0.83
N ASN A 324 -14.18 13.51 -1.08
CA ASN A 324 -14.86 14.78 -1.04
C ASN A 324 -14.90 15.38 0.37
N LEU A 325 -15.25 14.58 1.36
CA LEU A 325 -15.18 15.01 2.75
C LEU A 325 -13.80 15.59 3.04
N GLU A 326 -12.77 14.85 2.66
CA GLU A 326 -11.41 15.23 3.03
C GLU A 326 -11.04 16.50 2.30
N ARG A 327 -11.59 16.66 1.10
CA ARG A 327 -11.26 17.79 0.26
C ARG A 327 -11.83 19.08 0.80
N LEU A 328 -13.04 19.02 1.33
CA LEU A 328 -13.68 20.18 1.93
C LEU A 328 -13.07 20.53 3.27
N GLU A 329 -12.70 19.50 4.03
CA GLU A 329 -12.06 19.74 5.31
C GLU A 329 -10.83 20.65 5.09
N ARG A 330 -10.05 20.37 4.04
CA ARG A 330 -8.86 21.16 3.71
C ARG A 330 -9.24 22.57 3.27
N LEU A 331 -10.12 22.68 2.28
CA LEU A 331 -10.61 24.00 1.87
C LEU A 331 -11.09 24.87 3.04
N ASN A 332 -11.96 24.32 3.89
CA ASN A 332 -12.53 25.08 4.98
C ASN A 332 -11.49 25.53 5.97
N GLY A 333 -10.26 24.99 5.87
CA GLY A 333 -9.20 25.34 6.81
C GLY A 333 -8.13 26.21 6.23
N MET A 334 -8.04 26.23 4.91
CA MET A 334 -6.93 26.90 4.20
C MET A 334 -6.71 28.39 4.55
N ALA A 335 -7.78 29.17 4.62
CA ALA A 335 -7.65 30.60 4.92
C ALA A 335 -7.09 30.91 6.30
N LYS A 336 -7.61 30.22 7.33
CA LYS A 336 -7.15 30.41 8.69
C LYS A 336 -5.66 30.04 8.77
N LEU A 337 -5.32 28.96 8.12
CA LEU A 337 -3.98 28.40 8.15
C LEU A 337 -2.97 29.29 7.38
N ALA A 338 -3.43 29.90 6.29
CA ALA A 338 -2.61 30.83 5.51
C ALA A 338 -2.20 32.01 6.33
N GLY A 339 -3.14 32.48 7.16
CA GLY A 339 -2.92 33.66 7.99
C GLY A 339 -1.97 33.39 9.16
N GLU A 340 -1.80 32.12 9.47
CA GLU A 340 -0.97 31.73 10.56
C GLU A 340 0.47 31.47 10.10
N VAL A 341 0.59 30.96 8.87
CA VAL A 341 1.81 30.34 8.39
CA VAL A 341 1.86 30.38 8.45
C VAL A 341 2.59 31.21 7.41
N PHE A 342 1.87 31.80 6.45
CA PHE A 342 2.47 32.67 5.43
C PHE A 342 2.96 34.02 6.00
N TRP A 343 3.95 34.61 5.34
CA TRP A 343 4.23 36.02 5.45
C TRP A 343 4.12 36.59 4.05
N TRP A 344 2.94 37.09 3.71
CA TRP A 344 2.66 37.67 2.38
C TRP A 344 3.51 38.91 2.06
N PRO A 345 3.89 39.09 0.78
CA PRO A 345 4.70 40.24 0.41
C PRO A 345 3.84 41.48 0.29
N PHE A 346 4.36 42.65 0.64
CA PHE A 346 3.60 43.89 0.43
C PHE A 346 2.24 43.88 1.12
N THR A 347 2.17 43.31 2.32
CA THR A 347 0.89 43.23 2.99
C THR A 347 0.96 43.33 4.50
N GLN A 348 0.22 44.29 5.03
CA GLN A 348 0.22 44.53 6.45
C GLN A 348 -0.66 43.47 7.04
N HIS A 349 -0.05 42.48 7.68
CA HIS A 349 -0.83 41.36 8.17
C HIS A 349 -1.91 41.74 9.17
N LYS A 350 -1.63 42.74 10.00
CA LYS A 350 -2.57 43.12 11.04
C LYS A 350 -3.93 43.56 10.48
N LEU A 351 -3.95 44.07 9.26
CA LEU A 351 -5.19 44.56 8.66
C LEU A 351 -5.91 43.46 7.87
N VAL A 352 -5.28 42.29 7.79
CA VAL A 352 -5.85 41.18 7.05
C VAL A 352 -6.65 40.27 7.97
N HIS A 353 -7.87 39.94 7.56
CA HIS A 353 -8.69 39.07 8.37
C HIS A 353 -9.07 37.81 7.58
N GLN A 354 -9.33 36.73 8.32
CA GLN A 354 -9.58 35.44 7.68
C GLN A 354 -10.63 35.57 6.57
N GLU A 355 -11.68 36.35 6.82
CA GLU A 355 -12.79 36.46 5.89
CA GLU A 355 -12.81 36.50 5.89
C GLU A 355 -12.41 37.03 4.52
N THR A 356 -11.25 37.68 4.42
CA THR A 356 -10.85 38.25 3.11
C THR A 356 -9.67 37.55 2.43
N VAL A 357 -9.12 36.52 3.06
CA VAL A 357 -8.14 35.68 2.39
C VAL A 357 -8.88 34.86 1.33
N THR A 358 -8.48 35.01 0.07
CA THR A 358 -9.12 34.26 -0.99
C THR A 358 -8.51 32.86 -1.16
N VAL A 359 -9.39 31.86 -1.21
CA VAL A 359 -9.00 30.47 -1.42
C VAL A 359 -9.11 30.10 -2.90
N ILE A 360 -7.97 29.95 -3.56
CA ILE A 360 -7.94 29.69 -4.99
C ILE A 360 -7.59 28.23 -5.22
N ASP A 361 -8.56 27.48 -5.77
CA ASP A 361 -8.49 26.03 -5.98
C ASP A 361 -7.85 25.67 -7.31
N SER A 362 -7.91 26.60 -8.25
CA SER A 362 -7.32 26.38 -9.57
C SER A 362 -7.51 27.61 -10.44
N ARG A 363 -6.90 27.60 -11.61
CA ARG A 363 -7.23 28.61 -12.59
C ARG A 363 -7.42 27.92 -13.93
N CYS A 364 -8.19 28.56 -14.80
CA CYS A 364 -8.41 28.07 -16.15
C CYS A 364 -8.46 29.28 -17.07
N GLY A 365 -7.33 29.60 -17.67
CA GLY A 365 -7.22 30.81 -18.46
C GLY A 365 -7.31 32.02 -17.55
N GLU A 366 -8.18 32.93 -17.92
CA GLU A 366 -8.30 34.15 -17.18
C GLU A 366 -9.06 34.04 -15.87
N ASN A 367 -9.65 32.88 -15.60
CA ASN A 367 -10.53 32.71 -14.41
C ASN A 367 -9.96 31.88 -13.27
N PHE A 368 -9.93 32.46 -12.07
CA PHE A 368 -9.64 31.71 -10.86
C PHE A 368 -10.89 30.86 -10.62
N SER A 369 -10.74 29.71 -9.98
CA SER A 369 -11.88 29.07 -9.32
C SER A 369 -11.65 29.29 -7.84
N ILE A 370 -12.60 29.92 -7.18
CA ILE A 370 -12.44 30.32 -5.80
CA ILE A 370 -12.39 30.27 -5.80
C ILE A 370 -13.44 29.57 -4.95
N TYR A 371 -12.99 29.12 -3.78
CA TYR A 371 -13.85 28.45 -2.84
C TYR A 371 -14.42 29.47 -1.84
N LYS A 372 -15.73 29.43 -1.65
CA LYS A 372 -16.37 30.24 -0.61
C LYS A 372 -17.20 29.34 0.27
N ALA A 373 -16.83 29.22 1.54
CA ALA A 373 -17.66 28.47 2.49
C ALA A 373 -18.92 29.29 2.74
N SER A 374 -18.73 30.61 2.88
CA SER A 374 -19.84 31.54 3.10
C SER A 374 -21.00 31.21 2.16
N ASP A 375 -20.72 31.25 0.87
CA ASP A 375 -21.71 30.97 -0.18
C ASP A 375 -22.65 29.82 0.23
N ASN A 376 -22.34 28.62 -0.27
CA ASN A 376 -22.97 27.40 0.22
C ASN A 376 -21.98 26.29 -0.01
N SER A 377 -20.76 26.51 0.47
CA SER A 377 -19.62 25.80 -0.06
C SER A 377 -19.82 25.79 -1.58
N SER A 378 -18.95 26.49 -2.30
CA SER A 378 -19.03 26.48 -3.74
C SER A 378 -17.72 26.98 -4.35
N LEU A 379 -17.52 26.61 -5.61
CA LEU A 379 -16.38 27.04 -6.39
C LEU A 379 -17.00 27.92 -7.45
N SER A 380 -16.49 29.12 -7.59
CA SER A 380 -17.05 29.98 -8.60
C SER A 380 -15.95 30.63 -9.40
N GLN A 381 -16.27 31.04 -10.61
CA GLN A 381 -15.27 31.71 -11.41
C GLN A 381 -15.10 33.17 -11.05
N GLN A 382 -13.86 33.66 -11.15
CA GLN A 382 -13.60 35.09 -10.99
C GLN A 382 -12.53 35.54 -11.93
N PHE A 383 -12.82 36.59 -12.69
CA PHE A 383 -11.83 37.09 -13.64
C PHE A 383 -10.62 37.70 -12.95
N ASP A 384 -9.43 37.27 -13.35
CA ASP A 384 -8.19 37.72 -12.73
C ASP A 384 -7.77 39.05 -13.40
N ALA A 385 -8.36 40.14 -12.90
CA ALA A 385 -8.25 41.44 -13.54
C ALA A 385 -7.02 42.22 -13.10
N CYS A 386 -6.34 41.78 -12.03
CA CYS A 386 -4.99 42.28 -11.78
C CYS A 386 -3.95 41.47 -12.56
N ALA A 387 -4.40 40.49 -13.34
CA ALA A 387 -3.50 39.61 -14.07
C ALA A 387 -2.41 39.01 -13.18
N SER A 388 -2.78 38.66 -11.95
CA SER A 388 -1.86 38.11 -10.96
C SER A 388 -0.51 38.83 -10.99
N TRP A 389 -0.54 40.11 -10.58
CA TRP A 389 0.65 40.95 -10.50
C TRP A 389 1.21 41.21 -11.91
N TRP A 390 0.33 41.43 -12.86
CA TRP A 390 0.71 41.81 -14.22
C TRP A 390 1.54 40.72 -14.94
N THR A 391 1.46 39.48 -14.45
CA THR A 391 2.09 38.37 -15.15
C THR A 391 1.15 37.78 -16.22
N GLN A 392 -0.15 37.91 -16.00
CA GLN A 392 -1.12 37.02 -16.66
C GLN A 392 -1.35 37.17 -18.15
N GLY A 393 -1.55 36.00 -18.75
CA GLY A 393 -1.53 35.85 -20.19
C GLY A 393 -2.31 34.73 -20.85
N PRO A 394 -2.26 33.49 -20.33
CA PRO A 394 -2.87 32.47 -21.20
C PRO A 394 -4.40 32.31 -21.05
N ASP A 395 -5.07 32.28 -22.21
CA ASP A 395 -6.27 31.50 -22.61
C ASP A 395 -6.40 30.11 -21.90
N PRO A 396 -7.61 29.55 -21.81
CA PRO A 396 -7.66 28.14 -21.40
C PRO A 396 -6.93 27.20 -22.36
N THR A 397 -6.98 27.43 -23.66
CA THR A 397 -6.33 26.54 -24.63
C THR A 397 -4.82 26.60 -24.47
N PHE A 398 -4.32 27.84 -24.38
CA PHE A 398 -2.91 28.05 -24.23
C PHE A 398 -2.41 27.44 -22.92
N GLN A 399 -3.16 27.60 -21.82
CA GLN A 399 -2.72 27.06 -20.53
C GLN A 399 -2.44 25.57 -20.61
N ALA A 400 -3.32 24.86 -21.30
CA ALA A 400 -3.22 23.42 -21.38
C ALA A 400 -2.03 23.01 -22.25
N GLU A 401 -1.89 23.73 -23.36
CA GLU A 401 -0.68 23.62 -24.21
C GLU A 401 0.61 23.85 -23.44
N LEU A 402 0.67 24.94 -22.69
CA LEU A 402 1.86 25.24 -21.91
C LEU A 402 2.16 24.11 -20.93
N ALA A 403 1.13 23.60 -20.26
CA ALA A 403 1.36 22.54 -19.29
C ALA A 403 2.08 21.36 -19.91
N ARG A 404 1.69 20.98 -21.12
CA ARG A 404 2.35 19.87 -21.82
CA ARG A 404 2.35 19.86 -21.79
C ARG A 404 3.79 20.21 -22.22
N GLU A 405 4.01 21.47 -22.55
CA GLU A 405 5.35 21.90 -22.94
C GLU A 405 6.25 21.89 -21.70
N MET A 406 5.68 22.17 -20.54
CA MET A 406 6.47 22.23 -19.34
C MET A 406 6.80 20.85 -18.81
N GLY A 407 5.82 19.98 -18.72
CA GLY A 407 6.08 18.59 -18.33
C GLY A 407 7.19 18.00 -19.19
N TYR A 408 7.11 18.22 -20.51
CA TYR A 408 8.13 17.72 -21.43
C TYR A 408 9.50 18.27 -21.10
N THR A 409 9.56 19.57 -20.82
CA THR A 409 10.82 20.22 -20.51
C THR A 409 11.38 19.69 -19.19
N ALA A 410 10.53 19.50 -18.18
CA ALA A 410 11.03 18.93 -16.93
C ALA A 410 11.67 17.56 -17.20
N ALA A 411 10.94 16.74 -17.93
CA ALA A 411 11.36 15.37 -18.17
C ALA A 411 12.63 15.30 -19.04
N ARG A 412 12.77 16.23 -19.97
CA ARG A 412 13.91 16.22 -20.87
C ARG A 412 15.19 16.87 -20.32
N PHE A 413 15.03 17.95 -19.53
CA PHE A 413 16.14 18.82 -19.17
C PHE A 413 16.30 19.06 -17.67
N GLY A 414 15.21 18.94 -16.92
CA GLY A 414 15.20 19.45 -15.55
C GLY A 414 15.82 20.85 -15.57
N HIS A 415 16.82 21.07 -14.73
CA HIS A 415 17.66 22.23 -14.89
C HIS A 415 19.06 21.76 -15.20
N VAL A 416 19.64 22.32 -16.24
CA VAL A 416 20.99 22.02 -16.70
CA VAL A 416 21.02 22.01 -16.62
C VAL A 416 21.88 23.28 -16.63
N MET A 417 23.09 23.17 -16.10
CA MET A 417 24.08 24.26 -16.03
C MET A 417 24.13 25.18 -17.27
N PHE A 418 23.94 26.49 -17.10
CA PHE A 418 23.98 27.42 -18.24
C PHE A 418 25.38 27.90 -18.74
N PRO A 419 26.23 28.43 -17.84
CA PRO A 419 27.47 29.06 -18.36
C PRO A 419 28.36 28.19 -19.29
N GLU A 420 28.61 28.70 -20.49
CA GLU A 420 29.51 28.09 -21.45
C GLU A 420 28.85 26.86 -22.05
N ASN A 421 27.58 26.67 -21.71
CA ASN A 421 26.81 25.57 -22.28
C ASN A 421 25.72 26.04 -23.25
N VAL A 422 25.11 25.10 -23.98
CA VAL A 422 23.97 25.47 -24.80
C VAL A 422 22.97 24.30 -24.82
N TYR A 423 21.67 24.60 -24.68
CA TYR A 423 20.63 23.61 -24.79
C TYR A 423 19.48 24.19 -25.55
N GLU A 424 18.64 23.33 -26.12
CA GLU A 424 17.68 23.79 -27.12
C GLU A 424 16.75 24.89 -26.66
N PRO A 425 16.15 24.74 -25.46
CA PRO A 425 15.20 25.81 -25.09
C PRO A 425 15.85 27.19 -24.80
N ALA A 426 17.02 27.22 -24.17
CA ALA A 426 17.64 28.52 -23.91
C ALA A 426 18.01 29.17 -25.25
N LEU A 427 18.61 28.39 -26.14
CA LEU A 427 19.01 28.93 -27.42
C LEU A 427 17.80 29.45 -28.26
N LYS A 428 16.71 28.68 -28.28
CA LYS A 428 15.55 29.03 -29.09
C LYS A 428 14.95 30.32 -28.59
N CYS A 429 14.93 30.42 -27.27
CA CYS A 429 14.41 31.60 -26.60
C CYS A 429 15.21 32.84 -26.96
N ALA A 430 16.54 32.73 -26.95
CA ALA A 430 17.44 33.82 -27.37
C ALA A 430 17.27 34.24 -28.84
N GLU A 431 17.15 33.28 -29.73
CA GLU A 431 16.87 33.58 -31.13
C GLU A 431 15.56 34.36 -31.29
N LEU A 432 14.49 33.89 -30.65
CA LEU A 432 13.17 34.52 -30.77
C LEU A 432 13.18 35.93 -30.17
N LEU A 433 13.97 36.12 -29.10
CA LEU A 433 14.02 37.41 -28.46
C LEU A 433 14.77 38.36 -29.38
N LEU A 434 15.86 37.88 -29.98
CA LEU A 434 16.71 38.75 -30.76
C LEU A 434 16.05 39.11 -32.05
N ASP A 435 15.29 38.17 -32.61
CA ASP A 435 14.69 38.43 -33.91
CA ASP A 435 14.69 38.40 -33.91
C ASP A 435 13.39 39.18 -33.77
N GLY A 436 12.92 39.34 -32.54
CA GLY A 436 11.67 40.03 -32.28
C GLY A 436 11.84 41.33 -31.50
N VAL A 437 11.54 41.23 -30.22
CA VAL A 437 11.70 42.33 -29.28
C VAL A 437 13.09 43.01 -29.37
N GLY A 438 14.09 42.27 -29.84
CA GLY A 438 15.44 42.79 -29.95
C GLY A 438 15.81 43.26 -31.34
N LYS A 439 14.88 43.10 -32.28
CA LYS A 439 15.14 43.38 -33.69
C LYS A 439 15.62 44.80 -33.93
N GLY A 440 16.72 44.92 -34.66
CA GLY A 440 17.22 46.24 -35.01
C GLY A 440 18.04 46.95 -33.96
N TRP A 441 18.36 46.29 -32.84
CA TRP A 441 19.30 46.89 -31.91
C TRP A 441 20.13 45.89 -31.10
N ALA A 442 19.49 44.81 -30.66
CA ALA A 442 20.13 43.95 -29.67
C ALA A 442 20.91 42.83 -30.35
N SER A 443 22.00 42.40 -29.74
CA SER A 443 22.65 41.20 -30.25
C SER A 443 23.08 40.22 -29.15
N ARG A 444 22.65 40.44 -27.91
CA ARG A 444 23.05 39.57 -26.80
C ARG A 444 21.91 39.39 -25.85
N VAL A 445 21.83 38.20 -25.28
CA VAL A 445 20.78 37.89 -24.31
C VAL A 445 21.38 37.39 -23.02
N TYR A 446 21.12 38.11 -21.93
CA TYR A 446 21.65 37.74 -20.60
C TYR A 446 20.53 37.30 -19.65
N PHE A 447 20.52 36.02 -19.29
CA PHE A 447 19.42 35.46 -18.50
C PHE A 447 19.59 35.76 -17.02
N SER A 448 18.46 35.97 -16.33
CA SER A 448 18.45 35.97 -14.87
C SER A 448 17.05 35.56 -14.38
N ASP A 449 16.79 35.69 -13.09
CA ASP A 449 15.58 35.11 -12.53
C ASP A 449 14.30 35.96 -12.59
N ASN A 450 14.40 37.28 -12.39
CA ASN A 450 13.20 38.11 -12.43
C ASN A 450 13.47 39.55 -12.85
N GLY A 451 12.44 40.39 -12.86
CA GLY A 451 12.58 41.76 -13.32
C GLY A 451 13.70 42.44 -12.56
N SER A 452 13.71 42.21 -11.25
CA SER A 452 14.58 42.95 -10.36
C SER A 452 16.05 42.59 -10.62
N THR A 453 16.33 41.31 -10.81
CA THR A 453 17.69 40.90 -11.16
C THR A 453 18.09 41.35 -12.59
N ALA A 454 17.17 41.29 -13.54
CA ALA A 454 17.43 41.81 -14.88
C ALA A 454 17.89 43.26 -14.83
N ILE A 455 17.20 44.07 -14.01
CA ILE A 455 17.49 45.49 -13.84
C ILE A 455 18.88 45.75 -13.26
N GLU A 456 19.26 44.99 -12.23
CA GLU A 456 20.56 45.19 -11.58
C GLU A 456 21.68 44.90 -12.55
N ILE A 457 21.47 43.84 -13.33
CA ILE A 457 22.35 43.48 -14.45
C ILE A 457 22.44 44.60 -15.46
N ALA A 458 21.28 45.14 -15.85
CA ALA A 458 21.19 46.23 -16.81
C ALA A 458 21.99 47.44 -16.32
N LEU A 459 21.95 47.70 -15.01
CA LEU A 459 22.68 48.84 -14.45
C LEU A 459 24.21 48.61 -14.46
N LYS A 460 24.64 47.41 -14.15
CA LYS A 460 26.04 47.06 -14.35
C LYS A 460 26.41 47.23 -15.81
N MET A 461 25.57 46.72 -16.71
CA MET A 461 25.85 46.89 -18.14
C MET A 461 26.00 48.35 -18.52
N ALA A 462 25.07 49.18 -18.08
CA ALA A 462 25.07 50.57 -18.53
C ALA A 462 26.31 51.28 -18.02
N PHE A 463 26.63 51.08 -16.75
CA PHE A 463 27.75 51.78 -16.15
C PHE A 463 29.13 51.48 -16.78
N ARG A 464 29.40 50.21 -17.12
CA ARG A 464 30.64 49.88 -17.85
C ARG A 464 30.73 50.65 -19.13
N LYS A 465 29.70 50.50 -19.96
CA LYS A 465 29.69 51.19 -21.24
C LYS A 465 29.95 52.67 -21.02
N PHE A 466 29.34 53.23 -19.98
CA PHE A 466 29.51 54.64 -19.73
C PHE A 466 30.96 54.93 -19.39
N CYS A 467 31.54 54.14 -18.49
CA CYS A 467 32.93 54.34 -18.06
C CYS A 467 33.93 54.07 -19.19
N VAL A 468 33.68 53.02 -19.97
CA VAL A 468 34.53 52.78 -21.12
C VAL A 468 34.50 54.00 -22.06
N ASP A 469 33.31 54.57 -22.27
CA ASP A 469 33.17 55.76 -23.15
C ASP A 469 33.60 57.11 -22.54
N HIS A 470 33.96 57.15 -21.27
CA HIS A 470 34.40 58.38 -20.59
C HIS A 470 35.67 58.15 -19.76
N ASN A 471 36.64 57.46 -20.33
CA ASN A 471 37.91 57.22 -19.65
C ASN A 471 37.82 56.81 -18.16
N PHE A 472 37.21 55.64 -17.92
CA PHE A 472 37.18 54.98 -16.61
C PHE A 472 36.51 55.75 -15.47
N ILE A 482 35.12 58.01 -8.41
CA ILE A 482 34.24 58.56 -9.43
C ILE A 482 32.84 57.98 -9.29
N VAL A 483 31.94 58.78 -8.73
CA VAL A 483 30.57 58.36 -8.40
C VAL A 483 29.59 58.41 -9.59
N VAL A 484 28.81 57.35 -9.76
CA VAL A 484 27.88 57.21 -10.88
CA VAL A 484 27.88 57.28 -10.87
C VAL A 484 26.43 57.26 -10.39
N LYS A 485 25.54 57.82 -11.17
CA LYS A 485 24.13 57.85 -10.79
C LYS A 485 23.29 57.69 -12.03
N VAL A 486 22.00 57.45 -11.81
CA VAL A 486 21.05 57.25 -12.88
CA VAL A 486 21.07 57.27 -12.90
C VAL A 486 20.31 58.55 -13.14
N ILE A 487 19.77 58.69 -14.34
CA ILE A 487 18.75 59.71 -14.58
C ILE A 487 17.45 58.95 -14.81
N ALA A 488 16.39 59.34 -14.12
CA ALA A 488 15.12 58.64 -14.26
C ALA A 488 13.89 59.53 -14.05
N LEU A 489 12.72 59.02 -14.40
CA LEU A 489 11.49 59.74 -14.16
C LEU A 489 10.83 59.31 -12.84
N ARG A 490 10.74 60.25 -11.90
CA ARG A 490 10.07 60.03 -10.62
C ARG A 490 8.68 59.41 -10.82
N GLY A 491 8.44 58.31 -10.13
CA GLY A 491 7.23 57.53 -10.35
C GLY A 491 7.53 56.18 -10.99
N SER A 492 8.62 56.12 -11.77
CA SER A 492 8.99 54.86 -12.43
C SER A 492 9.37 53.88 -11.34
N TYR A 493 9.32 52.60 -11.66
CA TYR A 493 9.54 51.51 -10.71
C TYR A 493 10.33 50.41 -11.41
N HIS A 494 11.20 49.74 -10.67
CA HIS A 494 12.11 48.84 -11.32
C HIS A 494 12.48 47.64 -10.50
N GLY A 495 11.66 47.27 -9.52
CA GLY A 495 11.91 46.06 -8.76
C GLY A 495 12.41 46.34 -7.36
N ASP A 496 12.32 45.37 -6.47
CA ASP A 496 12.55 45.64 -5.06
C ASP A 496 13.93 45.25 -4.45
N THR A 497 14.85 44.66 -5.22
CA THR A 497 16.20 44.45 -4.69
C THR A 497 16.96 45.78 -4.68
N LEU A 498 18.00 45.87 -3.85
CA LEU A 498 18.58 47.18 -3.52
C LEU A 498 18.99 48.02 -4.71
N GLY A 499 19.73 47.40 -5.64
CA GLY A 499 20.18 48.06 -6.85
C GLY A 499 19.00 48.63 -7.63
N ALA A 500 17.96 47.82 -7.79
CA ALA A 500 16.76 48.24 -8.52
C ALA A 500 16.09 49.39 -7.82
N MET A 501 16.12 49.36 -6.49
CA MET A 501 15.53 50.43 -5.70
C MET A 501 16.23 51.77 -5.92
N GLU A 502 17.55 51.75 -6.09
CA GLU A 502 18.28 53.00 -6.16
C GLU A 502 17.84 53.84 -7.37
N ALA A 503 17.24 53.18 -8.35
CA ALA A 503 16.84 53.84 -9.59
C ALA A 503 15.45 54.41 -9.40
N GLN A 504 14.94 54.26 -8.19
CA GLN A 504 13.63 54.75 -7.85
C GLN A 504 13.76 55.99 -6.95
N ALA A 505 12.92 57.00 -7.18
CA ALA A 505 13.01 58.26 -6.41
C ALA A 505 12.55 58.09 -4.97
N PRO A 506 13.14 58.88 -4.06
CA PRO A 506 12.74 58.84 -2.65
C PRO A 506 11.24 58.99 -2.48
N SER A 507 10.68 58.25 -1.54
CA SER A 507 9.25 58.25 -1.29
C SER A 507 8.99 57.51 0.01
N PRO A 508 7.78 57.66 0.59
CA PRO A 508 7.49 56.91 1.82
C PRO A 508 7.94 55.43 1.74
N TYR A 509 8.00 54.87 0.54
CA TYR A 509 8.33 53.47 0.31
C TYR A 509 9.81 53.15 0.35
N THR A 510 10.65 54.15 0.37
CA THR A 510 12.07 53.87 0.28
C THR A 510 12.79 54.42 1.49
N GLY A 511 12.02 54.89 2.47
CA GLY A 511 12.60 55.39 3.71
C GLY A 511 13.34 54.35 4.53
N PHE A 512 13.86 54.77 5.67
CA PHE A 512 14.71 53.92 6.47
C PHE A 512 14.01 52.63 6.89
N LEU A 513 12.70 52.73 7.10
CA LEU A 513 11.91 51.57 7.58
C LEU A 513 11.80 50.44 6.57
N GLN A 514 11.95 50.77 5.29
CA GLN A 514 11.84 49.74 4.26
C GLN A 514 13.17 49.18 3.89
N GLN A 515 14.15 50.06 3.68
CA GLN A 515 15.51 49.62 3.36
C GLN A 515 16.56 50.64 3.86
N PRO A 516 17.24 50.30 4.95
CA PRO A 516 18.16 51.23 5.64
C PRO A 516 19.30 51.62 4.75
N TRP A 517 19.52 50.84 3.69
CA TRP A 517 20.71 51.00 2.86
C TRP A 517 20.41 51.76 1.58
N TYR A 518 19.13 52.03 1.35
CA TYR A 518 18.73 52.85 0.21
C TYR A 518 19.29 54.27 0.30
N THR A 519 19.83 54.80 -0.79
CA THR A 519 20.33 56.17 -0.74
C THR A 519 19.80 57.08 -1.85
N GLY A 520 18.94 56.56 -2.71
CA GLY A 520 18.47 57.31 -3.86
C GLY A 520 19.62 57.83 -4.72
N ARG A 521 20.08 57.01 -5.66
CA ARG A 521 21.26 57.37 -6.44
C ARG A 521 20.88 57.86 -7.83
N GLY A 522 20.21 59.00 -7.90
CA GLY A 522 19.73 59.42 -9.19
C GLY A 522 19.30 60.85 -9.25
N LEU A 523 19.28 61.35 -10.48
CA LEU A 523 18.60 62.57 -10.85
C LEU A 523 17.19 62.16 -11.33
N PHE A 524 16.17 62.55 -10.58
CA PHE A 524 14.82 62.13 -10.91
C PHE A 524 14.01 63.31 -11.41
N LEU A 525 13.59 63.26 -12.67
CA LEU A 525 12.76 64.32 -13.22
C LEU A 525 11.26 64.00 -13.13
N ASP A 526 10.43 65.04 -13.06
CA ASP A 526 8.98 64.85 -13.11
C ASP A 526 8.47 64.78 -14.54
N PRO A 527 7.79 63.68 -14.89
CA PRO A 527 7.34 63.40 -16.26
C PRO A 527 6.02 64.07 -16.63
N PRO A 528 5.93 64.60 -17.85
CA PRO A 528 4.61 64.94 -18.38
C PRO A 528 3.79 63.65 -18.44
N THR A 529 2.52 63.71 -18.07
CA THR A 529 1.65 62.56 -18.29
C THR A 529 0.51 62.87 -19.28
N VAL A 530 -0.22 61.85 -19.67
CA VAL A 530 -1.25 62.00 -20.67
C VAL A 530 -2.36 61.07 -20.25
N PHE A 531 -3.60 61.49 -20.46
CA PHE A 531 -4.74 60.66 -20.09
C PHE A 531 -6.01 61.04 -20.84
N LEU A 532 -6.99 60.13 -20.81
CA LEU A 532 -8.32 60.39 -21.34
C LEU A 532 -9.22 60.98 -20.24
N SER A 533 -9.98 62.01 -20.61
CA SER A 533 -11.03 62.57 -19.75
C SER A 533 -12.10 63.24 -20.58
N ASN A 534 -13.35 62.94 -20.26
CA ASN A 534 -14.50 63.49 -21.00
C ASN A 534 -14.39 63.44 -22.50
N GLY A 535 -13.97 62.31 -23.04
CA GLY A 535 -14.00 62.13 -24.48
C GLY A 535 -12.72 62.45 -25.23
N SER A 536 -11.84 63.25 -24.62
CA SER A 536 -10.59 63.56 -25.29
C SER A 536 -9.30 63.33 -24.48
N TRP A 537 -8.17 63.31 -25.18
CA TRP A 537 -6.89 63.05 -24.53
C TRP A 537 -6.15 64.34 -24.20
N ASN A 538 -5.55 64.39 -23.02
CA ASN A 538 -4.89 65.59 -22.52
C ASN A 538 -3.45 65.39 -22.06
N ILE A 539 -2.68 66.49 -22.08
CA ILE A 539 -1.37 66.49 -21.45
C ILE A 539 -1.48 67.14 -20.09
N SER A 540 -0.69 66.65 -19.15
CA SER A 540 -0.59 67.27 -17.84
C SER A 540 0.88 67.52 -17.55
N LEU A 541 1.27 68.79 -17.52
CA LEU A 541 2.67 69.15 -17.30
C LEU A 541 2.95 69.40 -15.83
N PRO A 542 4.12 68.97 -15.37
CA PRO A 542 4.56 69.21 -13.99
C PRO A 542 4.77 70.72 -13.71
N GLU A 543 4.68 71.12 -12.45
CA GLU A 543 4.92 72.51 -12.06
C GLU A 543 6.12 73.07 -12.80
N SER A 544 7.24 72.39 -12.68
CA SER A 544 8.48 72.82 -13.30
C SER A 544 8.31 73.26 -14.74
N PHE A 545 7.17 72.95 -15.36
CA PHE A 545 6.97 73.35 -16.73
C PHE A 545 6.40 74.73 -16.89
N SER A 546 6.92 75.30 -17.97
CA SER A 546 6.47 76.55 -18.53
C SER A 546 5.07 76.95 -18.10
N GLU A 547 4.12 76.03 -18.31
CA GLU A 547 2.69 76.35 -18.38
C GLU A 547 2.42 76.58 -19.86
N ILE A 548 1.69 75.67 -20.47
CA ILE A 548 1.50 75.76 -21.89
C ILE A 548 0.10 76.23 -22.22
N ALA A 549 -0.02 76.85 -23.38
CA ALA A 549 -1.30 77.38 -23.80
C ALA A 549 -2.28 76.22 -23.92
N PRO A 550 -3.58 76.46 -23.63
CA PRO A 550 -4.59 75.40 -23.80
C PRO A 550 -4.65 74.85 -25.22
N GLU A 551 -4.39 75.66 -26.25
CA GLU A 551 -4.36 75.16 -27.63
C GLU A 551 -3.52 73.89 -27.72
N TYR A 552 -2.26 73.97 -27.29
CA TYR A 552 -1.44 72.77 -27.19
C TYR A 552 -2.09 71.99 -26.05
N GLY A 553 -1.50 70.89 -25.62
CA GLY A 553 -2.02 70.19 -24.46
C GLY A 553 -3.32 69.41 -24.58
N THR A 554 -4.08 69.63 -25.65
CA THR A 554 -5.22 68.74 -25.94
C THR A 554 -5.03 67.99 -27.26
N PHE A 555 -5.53 66.76 -27.35
CA PHE A 555 -5.41 65.97 -28.58
C PHE A 555 -6.72 65.34 -28.95
N THR A 556 -6.93 65.20 -30.25
CA THR A 556 -8.12 64.55 -30.79
C THR A 556 -8.13 63.12 -30.30
N SER A 557 -7.03 62.43 -30.56
CA SER A 557 -6.97 61.00 -30.36
C SER A 557 -5.68 60.53 -29.68
N ARG A 558 -5.76 59.36 -29.09
CA ARG A 558 -4.56 58.70 -28.61
C ARG A 558 -3.49 58.64 -29.70
N ASP A 559 -3.90 58.49 -30.96
CA ASP A 559 -2.92 58.28 -32.02
C ASP A 559 -1.97 59.46 -32.13
N GLU A 560 -2.52 60.66 -32.02
CA GLU A 560 -1.73 61.88 -32.18
C GLU A 560 -0.63 61.92 -31.14
N ILE A 561 -0.98 61.56 -29.92
CA ILE A 561 0.02 61.56 -28.87
C ILE A 561 1.28 60.83 -29.30
N PHE A 562 1.13 59.80 -30.14
CA PHE A 562 2.25 58.92 -30.50
C PHE A 562 2.80 59.21 -31.89
N ASP A 563 2.20 60.17 -32.58
CA ASP A 563 2.61 60.48 -33.95
C ASP A 563 3.95 61.20 -33.97
N LYS A 564 4.92 60.67 -34.71
CA LYS A 564 6.24 61.31 -34.74
C LYS A 564 6.23 62.78 -35.28
N SER A 565 5.12 63.19 -35.91
CA SER A 565 4.97 64.60 -36.28
C SER A 565 5.29 65.49 -35.10
N ARG A 566 5.02 65.00 -33.89
CA ARG A 566 5.20 65.81 -32.67
C ARG A 566 6.66 66.23 -32.41
N ASP A 567 7.60 65.59 -33.08
CA ASP A 567 9.00 65.99 -32.93
C ASP A 567 9.20 67.46 -33.38
N ALA A 568 8.33 67.93 -34.27
CA ALA A 568 8.41 69.30 -34.80
C ALA A 568 7.69 70.35 -33.96
N SER A 569 7.13 69.96 -32.81
CA SER A 569 6.36 70.89 -31.98
C SER A 569 7.14 71.74 -30.95
N THR A 570 6.57 72.89 -30.57
CA THR A 570 7.18 73.68 -29.50
C THR A 570 7.38 72.85 -28.20
N LEU A 571 6.42 71.99 -27.88
CA LEU A 571 6.56 71.12 -26.71
C LEU A 571 7.85 70.27 -26.76
N ALA A 572 8.21 69.76 -27.93
CA ALA A 572 9.47 69.05 -28.04
C ALA A 572 10.61 69.97 -27.64
N ARG A 573 10.65 71.16 -28.22
CA ARG A 573 11.71 72.12 -27.95
C ARG A 573 11.75 72.48 -26.47
N ILE A 574 10.58 72.61 -25.86
CA ILE A 574 10.49 72.88 -24.42
C ILE A 574 11.04 71.71 -23.61
N TYR A 575 10.67 70.51 -24.03
CA TYR A 575 11.19 69.28 -23.44
C TYR A 575 12.70 69.25 -23.56
N SER A 576 13.22 69.40 -24.77
CA SER A 576 14.66 69.46 -24.96
C SER A 576 15.34 70.45 -24.01
N ALA A 577 14.91 71.71 -24.05
CA ALA A 577 15.51 72.72 -23.15
C ALA A 577 15.49 72.21 -21.72
N TYR A 578 14.32 71.81 -21.27
CA TYR A 578 14.15 71.37 -19.91
C TYR A 578 15.20 70.34 -19.53
N LEU A 579 15.44 69.41 -20.44
CA LEU A 579 16.35 68.32 -20.13
C LEU A 579 17.79 68.83 -20.20
N SER A 580 18.11 69.55 -21.27
CA SER A 580 19.45 70.09 -21.40
C SER A 580 19.82 70.85 -20.12
N LYS A 581 18.90 71.67 -19.63
CA LYS A 581 19.09 72.37 -18.36
C LYS A 581 19.61 71.40 -17.28
N HIS A 582 18.79 70.41 -16.91
CA HIS A 582 19.16 69.47 -15.84
C HIS A 582 20.40 68.59 -16.10
N LEU A 583 20.53 68.00 -17.30
CA LEU A 583 21.74 67.27 -17.62
C LEU A 583 22.97 68.18 -17.68
N ALA A 593 29.11 63.89 -8.78
CA ALA A 593 28.58 62.62 -9.30
C ALA A 593 27.99 62.74 -10.72
N HIS A 594 28.31 61.75 -11.57
CA HIS A 594 27.94 61.75 -12.98
C HIS A 594 26.75 60.85 -13.39
N VAL A 595 25.89 61.35 -14.28
CA VAL A 595 24.82 60.56 -14.88
C VAL A 595 25.42 59.54 -15.85
N GLY A 596 25.41 58.28 -15.42
CA GLY A 596 25.99 57.20 -16.20
C GLY A 596 24.97 56.28 -16.84
N ALA A 597 23.69 56.59 -16.68
CA ALA A 597 22.65 55.76 -17.28
C ALA A 597 21.27 56.37 -17.24
N LEU A 598 20.58 56.26 -18.37
CA LEU A 598 19.14 56.54 -18.44
C LEU A 598 18.36 55.25 -18.26
N ILE A 599 17.41 55.25 -17.33
CA ILE A 599 16.49 54.12 -17.15
C ILE A 599 15.02 54.55 -17.15
N ILE A 600 14.21 53.95 -18.03
CA ILE A 600 12.80 54.32 -18.12
C ILE A 600 11.82 53.14 -18.19
N GLU A 601 10.61 53.38 -17.67
CA GLU A 601 9.45 52.54 -17.99
C GLU A 601 8.79 53.17 -19.21
N PRO A 602 9.01 52.61 -20.40
CA PRO A 602 8.39 53.22 -21.59
C PRO A 602 6.86 53.30 -21.50
N VAL A 603 6.31 54.45 -21.90
CA VAL A 603 4.85 54.60 -22.07
C VAL A 603 4.01 54.59 -20.79
N ILE A 604 4.00 53.45 -20.06
CA ILE A 604 3.28 53.34 -18.79
C ILE A 604 4.20 53.21 -17.56
N HIS A 605 3.98 54.07 -16.57
CA HIS A 605 4.52 53.81 -15.24
C HIS A 605 3.50 52.95 -14.54
N GLY A 606 3.82 51.67 -14.40
CA GLY A 606 2.89 50.71 -13.84
C GLY A 606 2.67 50.89 -12.35
N ALA A 607 3.65 50.45 -11.55
CA ALA A 607 3.51 50.40 -10.10
C ALA A 607 3.21 51.78 -9.54
N GLY A 608 3.67 52.81 -10.27
CA GLY A 608 3.42 54.19 -9.89
C GLY A 608 2.00 54.69 -10.09
N GLY A 609 1.08 53.86 -10.58
CA GLY A 609 -0.30 54.28 -10.73
C GLY A 609 -0.84 54.30 -12.14
N MET A 610 -0.29 53.45 -13.02
CA MET A 610 -0.77 53.30 -14.41
C MET A 610 -0.94 54.65 -15.08
N HIS A 611 0.04 55.52 -14.94
CA HIS A 611 0.08 56.76 -15.70
C HIS A 611 0.69 56.55 -17.07
N MET A 612 0.09 57.17 -18.09
CA MET A 612 0.74 57.21 -19.39
C MET A 612 1.68 58.41 -19.45
N VAL A 613 2.98 58.15 -19.62
CA VAL A 613 3.96 59.22 -19.82
C VAL A 613 3.93 59.66 -21.29
N ASP A 614 3.95 60.97 -21.54
CA ASP A 614 3.96 61.48 -22.91
C ASP A 614 5.11 60.84 -23.67
N PRO A 615 4.78 60.12 -24.75
CA PRO A 615 5.82 59.37 -25.46
C PRO A 615 6.86 60.29 -26.08
N LEU A 616 6.41 61.46 -26.51
CA LEU A 616 7.29 62.48 -27.05
C LEU A 616 8.39 62.84 -26.05
N PHE A 617 8.00 63.02 -24.80
CA PHE A 617 8.96 63.40 -23.78
C PHE A 617 10.00 62.32 -23.56
N GLN A 618 9.55 61.07 -23.45
CA GLN A 618 10.53 59.99 -23.38
C GLN A 618 11.47 59.93 -24.61
N ARG A 619 10.90 60.02 -25.80
CA ARG A 619 11.72 60.01 -27.02
C ARG A 619 12.76 61.14 -27.00
N VAL A 620 12.38 62.32 -26.50
CA VAL A 620 13.33 63.42 -26.48
C VAL A 620 14.41 63.14 -25.43
N LEU A 621 13.97 62.71 -24.26
CA LEU A 621 14.91 62.32 -23.24
C LEU A 621 15.94 61.28 -23.73
N VAL A 622 15.46 60.21 -24.36
CA VAL A 622 16.34 59.18 -24.94
C VAL A 622 17.37 59.74 -25.92
N ASN A 623 16.93 60.63 -26.82
CA ASN A 623 17.83 61.20 -27.79
C ASN A 623 18.88 62.06 -27.11
N GLU A 624 18.46 62.89 -26.16
CA GLU A 624 19.39 63.76 -25.45
C GLU A 624 20.46 62.91 -24.78
N CYS A 625 20.05 61.81 -24.16
CA CYS A 625 21.03 61.01 -23.43
C CYS A 625 21.98 60.28 -24.35
N ARG A 626 21.47 59.79 -25.47
CA ARG A 626 22.32 59.15 -26.43
C ARG A 626 23.31 60.17 -27.00
N ASN A 627 22.88 61.42 -27.15
CA ASN A 627 23.78 62.48 -27.66
C ASN A 627 24.93 62.72 -26.69
N ARG A 628 24.68 62.54 -25.41
CA ARG A 628 25.70 62.78 -24.39
C ARG A 628 26.43 61.50 -24.00
N LYS A 629 26.39 60.49 -24.88
CA LYS A 629 26.92 59.15 -24.60
C LYS A 629 26.50 58.52 -23.26
N ILE A 630 25.25 58.74 -22.88
CA ILE A 630 24.69 58.04 -21.74
C ILE A 630 23.84 56.84 -22.20
N PRO A 631 24.24 55.63 -21.78
CA PRO A 631 23.54 54.40 -22.16
C PRO A 631 22.07 54.46 -21.76
N VAL A 632 21.21 53.90 -22.62
CA VAL A 632 19.77 53.95 -22.44
C VAL A 632 19.22 52.58 -22.09
N ILE A 633 18.60 52.46 -20.92
CA ILE A 633 17.88 51.25 -20.53
C ILE A 633 16.35 51.37 -20.65
N PHE A 634 15.72 50.46 -21.41
CA PHE A 634 14.27 50.35 -21.41
C PHE A 634 13.91 49.23 -20.42
N ASP A 635 13.25 49.60 -19.33
CA ASP A 635 12.68 48.60 -18.46
C ASP A 635 11.32 48.22 -19.00
N GLU A 636 11.29 47.14 -19.78
CA GLU A 636 10.07 46.65 -20.42
C GLU A 636 9.49 45.45 -19.67
N VAL A 637 9.88 45.27 -18.41
CA VAL A 637 9.38 44.15 -17.65
C VAL A 637 7.86 44.17 -17.61
N PHE A 638 7.28 45.35 -17.45
CA PHE A 638 5.83 45.49 -17.49
C PHE A 638 5.32 45.51 -18.93
N THR A 639 5.94 46.33 -19.79
CA THR A 639 5.33 46.65 -21.08
C THR A 639 5.51 45.58 -22.14
N GLY A 640 6.53 44.75 -21.96
CA GLY A 640 6.88 43.74 -22.94
C GLY A 640 5.82 42.71 -23.28
N PHE A 641 5.94 42.18 -24.48
CA PHE A 641 5.13 41.02 -24.88
C PHE A 641 3.64 41.26 -24.76
N TRP A 642 3.21 42.39 -25.32
CA TRP A 642 1.81 42.61 -25.72
C TRP A 642 0.93 43.23 -24.64
N ARG A 643 1.52 43.48 -23.47
CA ARG A 643 0.80 44.14 -22.40
C ARG A 643 0.10 45.40 -22.92
N LEU A 644 0.79 46.13 -23.78
CA LEU A 644 0.25 47.36 -24.30
C LEU A 644 -0.10 47.28 -25.79
N GLY A 645 -0.37 46.08 -26.27
CA GLY A 645 -0.80 45.93 -27.65
C GLY A 645 0.31 45.75 -28.66
N VAL A 646 1.57 45.79 -28.21
CA VAL A 646 2.73 45.64 -29.12
C VAL A 646 3.77 44.72 -28.51
N GLU A 647 4.62 44.12 -29.33
CA GLU A 647 5.60 43.18 -28.77
C GLU A 647 6.61 43.89 -27.88
N THR A 648 6.98 45.08 -28.27
CA THR A 648 7.92 45.88 -27.51
C THR A 648 7.53 47.32 -27.71
N THR A 649 7.73 48.15 -26.70
CA THR A 649 7.31 49.55 -26.84
C THR A 649 8.25 50.35 -27.73
N THR A 650 9.33 49.75 -28.22
CA THR A 650 10.15 50.47 -29.19
C THR A 650 9.27 50.85 -30.41
N GLU A 651 8.22 50.09 -30.68
CA GLU A 651 7.30 50.45 -31.74
CA GLU A 651 7.31 50.46 -31.75
C GLU A 651 6.46 51.65 -31.34
N LEU A 652 6.28 51.84 -30.04
CA LEU A 652 5.46 52.95 -29.58
C LEU A 652 6.28 54.23 -29.42
N LEU A 653 7.49 54.13 -28.86
CA LEU A 653 8.31 55.31 -28.61
C LEU A 653 9.01 55.85 -29.86
N GLY A 654 9.21 55.00 -30.86
CA GLY A 654 9.90 55.43 -32.06
C GLY A 654 11.40 55.59 -31.89
N CYS A 655 11.98 54.93 -30.89
CA CYS A 655 13.43 55.01 -30.70
C CYS A 655 13.89 53.71 -30.03
N LYS A 656 15.17 53.36 -30.16
CA LYS A 656 15.66 52.08 -29.64
C LYS A 656 16.63 52.28 -28.47
N PRO A 657 16.69 51.32 -27.54
CA PRO A 657 17.56 51.47 -26.36
C PRO A 657 18.97 50.88 -26.58
N ASP A 658 19.83 50.93 -25.56
CA ASP A 658 21.09 50.21 -25.61
C ASP A 658 20.93 48.92 -24.83
N ILE A 659 20.06 48.97 -23.84
CA ILE A 659 19.84 47.85 -22.95
C ILE A 659 18.38 47.78 -22.56
N ALA A 660 17.85 46.58 -22.43
CA ALA A 660 16.42 46.38 -22.11
C ALA A 660 16.17 45.10 -21.32
N CYS A 661 15.18 45.18 -20.44
CA CYS A 661 14.87 44.09 -19.54
C CYS A 661 13.47 43.57 -19.82
N PHE A 662 13.28 42.25 -19.78
CA PHE A 662 11.96 41.68 -19.95
C PHE A 662 11.73 40.60 -18.89
N ALA A 663 10.47 40.47 -18.50
CA ALA A 663 10.04 39.38 -17.62
C ALA A 663 8.51 39.31 -17.65
N LYS A 664 7.89 39.14 -16.50
CA LYS A 664 6.42 38.97 -16.43
C LYS A 664 5.82 38.16 -17.61
N LEU A 665 5.27 38.85 -18.62
CA LEU A 665 4.59 38.13 -19.72
C LEU A 665 5.53 37.34 -20.63
N LEU A 666 6.84 37.51 -20.44
CA LEU A 666 7.84 36.80 -21.22
C LEU A 666 7.57 35.31 -21.21
N THR A 667 7.20 34.79 -20.05
CA THR A 667 6.88 33.37 -19.94
C THR A 667 5.39 33.08 -19.95
N GLY A 668 4.59 33.96 -20.56
CA GLY A 668 3.14 33.83 -20.59
C GLY A 668 2.50 33.53 -19.25
N GLY A 669 3.06 34.01 -18.17
CA GLY A 669 2.42 33.89 -16.86
C GLY A 669 2.48 32.53 -16.15
N MET A 670 3.41 31.65 -16.53
CA MET A 670 3.43 30.31 -15.93
C MET A 670 4.49 30.18 -14.82
N VAL A 671 5.57 30.96 -14.96
CA VAL A 671 6.77 30.69 -14.18
C VAL A 671 7.76 31.86 -14.40
N PRO A 672 8.58 32.19 -13.39
CA PRO A 672 9.59 33.24 -13.58
C PRO A 672 10.72 32.89 -14.56
N LEU A 673 11.24 33.92 -15.22
CA LEU A 673 12.41 33.92 -16.06
C LEU A 673 12.59 35.37 -16.45
N ALA A 674 13.81 35.88 -16.43
CA ALA A 674 14.05 37.25 -16.87
C ALA A 674 15.19 37.34 -17.85
N VAL A 675 15.25 38.44 -18.56
CA VAL A 675 16.18 38.53 -19.63
C VAL A 675 16.63 39.99 -19.74
N THR A 676 17.94 40.17 -19.96
CA THR A 676 18.44 41.50 -20.25
C THR A 676 19.12 41.47 -21.62
N LEU A 677 18.55 42.20 -22.59
CA LEU A 677 19.14 42.29 -23.94
C LEU A 677 20.17 43.43 -24.05
N ALA A 678 21.21 43.21 -24.82
CA ALA A 678 22.19 44.26 -25.00
C ALA A 678 22.67 44.34 -26.42
N THR A 679 23.23 45.50 -26.68
CA THR A 679 23.82 45.88 -27.94
C THR A 679 25.23 45.28 -28.03
N ASP A 680 25.74 45.12 -29.24
CA ASP A 680 27.10 44.59 -29.38
C ASP A 680 28.08 45.44 -28.57
N ALA A 681 27.92 46.74 -28.67
CA ALA A 681 28.85 47.68 -28.05
C ALA A 681 28.91 47.57 -26.52
N VAL A 682 27.78 47.28 -25.90
CA VAL A 682 27.74 47.15 -24.45
C VAL A 682 28.48 45.86 -24.08
N PHE A 683 28.13 44.79 -24.78
CA PHE A 683 28.84 43.51 -24.68
C PHE A 683 30.36 43.71 -24.78
N ASP A 684 30.81 44.45 -25.78
CA ASP A 684 32.23 44.61 -26.01
C ASP A 684 32.93 45.21 -24.79
N SER A 685 32.25 46.12 -24.08
CA SER A 685 32.89 46.82 -22.96
C SER A 685 33.27 45.87 -21.82
N PHE A 686 32.85 44.62 -21.90
CA PHE A 686 33.26 43.60 -20.93
C PHE A 686 34.20 42.56 -21.55
N SER A 687 34.68 42.82 -22.76
CA SER A 687 35.54 41.86 -23.43
C SER A 687 36.96 42.09 -22.98
N GLY A 688 37.61 41.03 -22.50
CA GLY A 688 39.00 41.14 -22.12
C GLY A 688 39.70 39.84 -21.76
N ASP A 689 40.97 39.94 -21.37
CA ASP A 689 41.76 38.75 -21.07
C ASP A 689 41.55 38.33 -19.62
N SER A 690 41.08 39.27 -18.81
CA SER A 690 40.84 39.02 -17.40
C SER A 690 39.41 38.56 -17.15
N LYS A 691 39.24 37.43 -16.46
CA LYS A 691 37.91 37.08 -15.96
C LYS A 691 37.36 38.19 -15.02
N LEU A 692 38.24 38.90 -14.35
CA LEU A 692 37.87 40.08 -13.55
C LEU A 692 37.10 41.13 -14.37
N LYS A 693 37.35 41.18 -15.68
CA LYS A 693 36.67 42.16 -16.53
C LYS A 693 35.24 41.73 -16.93
N ALA A 694 34.94 40.45 -16.82
CA ALA A 694 33.66 39.99 -17.33
C ALA A 694 32.56 40.52 -16.45
N LEU A 695 31.32 40.31 -16.89
CA LEU A 695 30.18 40.72 -16.07
C LEU A 695 29.88 39.59 -15.08
N LEU A 696 30.25 39.84 -13.82
CA LEU A 696 30.23 38.81 -12.79
C LEU A 696 28.95 38.86 -11.98
N HIS A 697 27.83 38.70 -12.64
CA HIS A 697 26.56 38.53 -11.95
C HIS A 697 25.93 37.24 -12.46
N GLY A 698 25.44 36.42 -11.55
CA GLY A 698 24.91 35.14 -11.95
C GLY A 698 23.97 34.61 -10.90
N HIS A 699 23.01 33.79 -11.32
CA HIS A 699 22.13 33.16 -10.35
C HIS A 699 22.10 31.68 -10.67
N SER A 700 21.96 30.86 -9.65
CA SER A 700 22.14 29.42 -9.86
C SER A 700 21.24 28.88 -10.97
N TYR A 701 19.98 29.31 -10.99
CA TYR A 701 19.05 28.90 -12.05
C TYR A 701 19.06 29.75 -13.32
N SER A 702 20.18 30.43 -13.59
CA SER A 702 20.26 31.27 -14.78
C SER A 702 19.85 30.44 -15.98
N ALA A 703 19.00 31.01 -16.82
CA ALA A 703 18.49 30.36 -18.04
C ALA A 703 17.91 28.95 -17.83
N HIS A 704 17.18 28.75 -16.74
CA HIS A 704 16.59 27.44 -16.50
C HIS A 704 15.70 26.95 -17.66
N ALA A 705 15.97 25.74 -18.11
CA ALA A 705 15.31 25.21 -19.30
C ALA A 705 13.77 25.32 -19.17
N MET A 706 13.26 25.13 -17.96
CA MET A 706 11.83 25.23 -17.71
C MET A 706 11.30 26.58 -18.20
N GLY A 707 11.85 27.66 -17.66
CA GLY A 707 11.49 29.01 -18.08
C GLY A 707 11.79 29.30 -19.54
N CYS A 708 12.91 28.81 -20.08
CA CYS A 708 13.28 29.17 -21.45
C CYS A 708 12.28 28.57 -22.40
N ALA A 709 11.96 27.30 -22.16
CA ALA A 709 11.07 26.59 -23.05
C ALA A 709 9.72 27.28 -23.06
N THR A 710 9.24 27.64 -21.87
CA THR A 710 7.93 28.26 -21.74
C THR A 710 7.92 29.61 -22.46
N ALA A 711 8.98 30.39 -22.32
CA ALA A 711 9.03 31.68 -23.00
C ALA A 711 9.08 31.52 -24.53
N ALA A 712 9.88 30.60 -25.02
CA ALA A 712 9.98 30.41 -26.46
C ALA A 712 8.58 30.09 -27.00
N LYS A 713 7.86 29.30 -26.23
CA LYS A 713 6.52 28.87 -26.59
C LYS A 713 5.57 30.09 -26.60
N ALA A 714 5.59 30.91 -25.54
CA ALA A 714 4.70 32.05 -25.46
C ALA A 714 5.02 33.13 -26.49
N ILE A 715 6.30 33.37 -26.72
CA ILE A 715 6.70 34.42 -27.62
C ILE A 715 6.15 34.16 -29.02
N GLN A 716 6.13 32.91 -29.41
CA GLN A 716 5.58 32.54 -30.70
C GLN A 716 4.05 32.53 -30.70
N TRP A 717 3.46 32.00 -29.63
CA TRP A 717 2.01 31.84 -29.55
C TRP A 717 1.26 33.19 -29.52
N PHE A 718 1.75 34.13 -28.73
CA PHE A 718 1.13 35.45 -28.59
C PHE A 718 1.13 36.27 -29.89
N LYS A 719 2.10 35.97 -30.76
CA LYS A 719 2.42 36.73 -31.95
C LYS A 719 1.79 36.15 -33.22
N ASP A 720 1.34 34.90 -33.14
CA ASP A 720 0.87 34.16 -34.29
C ASP A 720 -0.65 34.36 -34.46
N PRO A 721 -1.05 34.94 -35.58
CA PRO A 721 -2.49 35.09 -35.81
C PRO A 721 -3.28 33.81 -35.69
N GLU A 722 -2.68 32.63 -35.83
CA GLU A 722 -3.49 31.42 -35.62
C GLU A 722 -3.79 31.08 -34.20
N THR A 723 -2.98 31.54 -33.25
CA THR A 723 -3.21 31.19 -31.86
C THR A 723 -3.68 32.37 -31.01
N ASN A 724 -3.45 33.57 -31.53
CA ASN A 724 -3.92 34.76 -30.86
C ASN A 724 -4.82 35.53 -31.79
N HIS A 725 -6.14 35.41 -31.61
CA HIS A 725 -7.06 36.05 -32.53
C HIS A 725 -7.13 37.56 -32.39
N ASN A 726 -6.39 38.14 -31.44
CA ASN A 726 -6.39 39.59 -31.33
C ASN A 726 -5.31 40.17 -32.23
N ILE A 727 -4.38 39.31 -32.62
CA ILE A 727 -3.26 39.70 -33.49
CA ILE A 727 -3.27 39.72 -33.45
C ILE A 727 -3.80 40.06 -34.86
N THR A 728 -3.43 41.24 -35.31
CA THR A 728 -3.90 41.92 -36.51
C THR A 728 -3.14 41.60 -37.83
N SER A 729 -3.79 41.84 -38.96
CA SER A 729 -3.40 41.29 -40.30
C SER A 729 -1.93 41.40 -40.83
N GLN A 730 -1.00 41.87 -39.97
CA GLN A 730 0.26 42.57 -40.29
C GLN A 730 1.21 42.25 -39.18
N GLY A 731 0.60 41.86 -38.04
CA GLY A 731 1.28 41.10 -37.01
C GLY A 731 2.07 41.91 -36.03
N LYS A 732 1.88 43.22 -36.04
CA LYS A 732 2.71 44.05 -35.18
C LYS A 732 1.92 44.60 -34.02
N THR A 733 0.60 44.48 -34.08
CA THR A 733 -0.23 45.14 -33.11
C THR A 733 -1.48 44.33 -32.81
N LEU A 734 -2.00 44.50 -31.60
CA LEU A 734 -3.27 43.86 -31.26
C LEU A 734 -4.41 44.78 -31.70
N ARG A 735 -5.56 44.22 -32.04
CA ARG A 735 -6.73 45.03 -32.28
C ARG A 735 -7.19 45.66 -30.94
N GLU A 736 -8.00 46.72 -31.01
CA GLU A 736 -8.56 47.32 -29.78
C GLU A 736 -9.39 46.32 -29.01
N LEU A 737 -9.06 46.12 -27.74
CA LEU A 737 -9.78 45.14 -26.93
C LEU A 737 -10.91 45.76 -26.11
N TRP A 738 -10.88 47.06 -25.89
CA TRP A 738 -11.81 47.67 -24.91
C TRP A 738 -12.92 48.47 -25.56
N ASP A 739 -14.16 48.04 -25.36
CA ASP A 739 -15.30 48.71 -25.97
C ASP A 739 -15.22 50.22 -25.98
N GLU A 740 -15.13 50.78 -27.17
CA GLU A 740 -14.98 52.22 -27.40
C GLU A 740 -16.01 53.14 -26.73
N GLU A 741 -17.30 52.79 -26.81
CA GLU A 741 -18.34 53.57 -26.15
C GLU A 741 -18.24 53.49 -24.61
N LEU A 742 -18.09 52.28 -24.07
CA LEU A 742 -18.02 52.11 -22.63
C LEU A 742 -16.84 52.90 -22.05
N VAL A 743 -15.73 52.95 -22.80
CA VAL A 743 -14.54 53.68 -22.36
C VAL A 743 -14.82 55.18 -22.31
N GLN A 744 -15.45 55.73 -23.35
CA GLN A 744 -15.84 57.12 -23.34
C GLN A 744 -16.75 57.40 -22.13
N GLN A 745 -17.79 56.58 -21.97
CA GLN A 745 -18.73 56.73 -20.89
C GLN A 745 -17.99 56.73 -19.54
N ILE A 746 -17.08 55.78 -19.36
CA ILE A 746 -16.39 55.67 -18.07
C ILE A 746 -15.49 56.88 -17.91
N SER A 747 -14.90 57.33 -19.01
CA SER A 747 -14.02 58.47 -18.96
C SER A 747 -14.79 59.75 -18.64
N SER A 748 -16.09 59.72 -18.83
CA SER A 748 -16.88 60.94 -18.64
C SER A 748 -17.66 60.96 -17.33
N HIS A 749 -17.64 59.86 -16.60
CA HIS A 749 -18.33 59.77 -15.32
C HIS A 749 -17.73 60.76 -14.31
N SER A 750 -18.58 61.28 -13.43
CA SER A 750 -18.17 62.36 -12.52
C SER A 750 -17.22 61.90 -11.40
N ALA A 751 -17.12 60.59 -11.20
CA ALA A 751 -16.28 60.06 -10.15
C ALA A 751 -14.89 59.78 -10.68
N VAL A 752 -14.70 59.98 -11.97
CA VAL A 752 -13.49 59.51 -12.63
C VAL A 752 -12.55 60.65 -13.03
N GLN A 753 -11.36 60.65 -12.44
CA GLN A 753 -10.43 61.74 -12.74
C GLN A 753 -9.75 61.56 -14.08
N ARG A 754 -9.37 60.33 -14.41
CA ARG A 754 -8.76 60.08 -15.72
C ARG A 754 -8.88 58.62 -16.07
N VAL A 755 -8.69 58.32 -17.35
CA VAL A 755 -8.64 56.96 -17.81
C VAL A 755 -7.38 56.79 -18.66
N VAL A 756 -6.69 55.68 -18.48
CA VAL A 756 -5.65 55.30 -19.42
C VAL A 756 -6.06 53.93 -19.95
N VAL A 757 -6.19 53.86 -21.27
CA VAL A 757 -6.57 52.62 -21.93
C VAL A 757 -5.60 52.31 -23.08
N ILE A 758 -5.05 51.11 -23.14
CA ILE A 758 -4.18 50.76 -24.26
C ILE A 758 -3.83 49.27 -24.19
N GLY A 759 -3.94 48.57 -25.32
CA GLY A 759 -3.82 47.13 -25.33
C GLY A 759 -4.59 46.43 -24.23
N THR A 760 -3.90 45.63 -23.42
CA THR A 760 -4.60 44.81 -22.42
C THR A 760 -4.97 45.56 -21.13
N LEU A 761 -4.66 46.86 -21.07
CA LEU A 761 -4.83 47.64 -19.85
C LEU A 761 -5.99 48.62 -19.89
N PHE A 762 -6.92 48.50 -18.94
CA PHE A 762 -7.90 49.57 -18.69
C PHE A 762 -7.78 50.08 -17.27
N ALA A 763 -7.41 51.34 -17.13
CA ALA A 763 -7.21 51.95 -15.81
C ALA A 763 -7.96 53.24 -15.67
N LEU A 764 -8.49 53.48 -14.47
CA LEU A 764 -9.13 54.75 -14.19
C LEU A 764 -8.67 55.20 -12.82
N GLU A 765 -8.53 56.50 -12.63
CA GLU A 765 -8.29 57.03 -11.31
C GLU A 765 -9.52 57.74 -10.77
N LEU A 766 -9.92 57.36 -9.57
CA LEU A 766 -11.04 58.02 -8.88
C LEU A 766 -10.66 59.36 -8.24
N LYS A 767 -11.53 60.36 -8.38
CA LYS A 767 -11.35 61.64 -7.68
C LYS A 767 -11.33 61.42 -6.17
N SER A 777 -9.33 57.07 -0.82
CA SER A 777 -10.57 57.38 -1.50
C SER A 777 -11.60 56.28 -1.31
N LEU A 778 -12.80 56.69 -0.90
CA LEU A 778 -13.82 55.72 -0.56
C LEU A 778 -14.36 55.06 -1.80
N TYR A 779 -14.56 55.86 -2.83
CA TYR A 779 -14.89 55.36 -4.15
C TYR A 779 -14.02 54.14 -4.52
N ALA A 780 -12.73 54.24 -4.23
CA ALA A 780 -11.77 53.19 -4.64
C ALA A 780 -11.87 51.92 -3.79
N LYS A 781 -11.98 52.08 -2.47
CA LYS A 781 -12.20 50.92 -1.59
C LYS A 781 -13.45 50.20 -2.08
N SER A 782 -14.51 50.98 -2.25
CA SER A 782 -15.82 50.42 -2.56
C SER A 782 -15.90 49.70 -3.91
N LEU A 783 -15.36 50.30 -4.97
CA LEU A 783 -15.33 49.62 -6.27
C LEU A 783 -14.67 48.24 -6.21
N LEU A 784 -13.56 48.15 -5.48
CA LEU A 784 -12.89 46.87 -5.29
C LEU A 784 -13.83 45.80 -4.76
N ILE A 785 -14.49 46.07 -3.63
CA ILE A 785 -15.51 45.15 -3.10
C ILE A 785 -16.62 44.85 -4.11
N MET A 786 -17.17 45.89 -4.73
CA MET A 786 -18.29 45.73 -5.65
C MET A 786 -17.90 44.83 -6.83
N LEU A 787 -16.69 45.01 -7.34
CA LEU A 787 -16.30 44.26 -8.53
C LEU A 787 -16.17 42.81 -8.14
N ARG A 788 -15.65 42.62 -6.95
CA ARG A 788 -15.44 41.28 -6.43
CA ARG A 788 -15.44 41.29 -6.44
C ARG A 788 -16.78 40.56 -6.34
N GLU A 789 -17.84 41.30 -6.01
CA GLU A 789 -19.20 40.72 -5.99
C GLU A 789 -19.68 40.40 -7.39
N ASP A 790 -19.09 41.07 -8.38
CA ASP A 790 -19.46 40.84 -9.76
C ASP A 790 -18.60 39.75 -10.41
N GLY A 791 -17.71 39.12 -9.64
CA GLY A 791 -16.85 38.08 -10.18
C GLY A 791 -15.59 38.61 -10.82
N ILE A 792 -15.21 39.81 -10.39
CA ILE A 792 -14.01 40.45 -10.91
C ILE A 792 -12.99 40.71 -9.81
N PHE A 793 -11.82 40.11 -9.93
CA PHE A 793 -10.82 40.19 -8.87
C PHE A 793 -9.76 41.19 -9.33
N THR A 794 -9.55 42.23 -8.55
CA THR A 794 -8.46 43.12 -8.86
C THR A 794 -7.82 43.62 -7.58
N ARG A 795 -6.78 44.42 -7.72
CA ARG A 795 -6.06 44.87 -6.55
C ARG A 795 -5.82 46.34 -6.64
N PRO A 796 -5.96 47.02 -5.50
CA PRO A 796 -5.85 48.48 -5.38
C PRO A 796 -4.46 49.01 -5.78
N LEU A 797 -4.46 50.24 -6.30
CA LEU A 797 -3.26 51.02 -6.50
C LEU A 797 -3.57 52.44 -6.06
N GLY A 798 -3.76 52.63 -4.76
CA GLY A 798 -4.27 53.90 -4.29
C GLY A 798 -5.66 54.13 -4.86
N ASN A 799 -5.88 55.29 -5.49
CA ASN A 799 -7.18 55.60 -6.02
C ASN A 799 -7.34 55.07 -7.44
N VAL A 800 -6.34 54.33 -7.91
CA VAL A 800 -6.41 53.80 -9.26
C VAL A 800 -6.99 52.40 -9.25
N ILE A 801 -7.95 52.16 -10.14
CA ILE A 801 -8.51 50.84 -10.31
C ILE A 801 -8.26 50.42 -11.74
N TYR A 802 -7.96 49.14 -11.91
CA TYR A 802 -7.59 48.66 -13.24
C TYR A 802 -8.04 47.24 -13.53
N LEU A 803 -8.24 47.02 -14.80
CA LEU A 803 -8.58 45.73 -15.37
C LEU A 803 -7.52 45.42 -16.40
N MET A 804 -6.94 44.24 -16.29
CA MET A 804 -5.83 43.86 -17.12
C MET A 804 -6.11 42.45 -17.63
N CYS A 805 -6.36 42.32 -18.93
CA CYS A 805 -6.61 41.01 -19.51
C CYS A 805 -5.31 40.51 -20.08
N GLY A 806 -5.33 39.37 -20.76
CA GLY A 806 -4.12 38.81 -21.33
C GLY A 806 -4.10 39.10 -22.82
N PRO A 807 -2.96 38.81 -23.46
CA PRO A 807 -2.81 39.16 -24.89
C PRO A 807 -3.83 38.47 -25.78
N CYS A 808 -4.45 37.40 -25.32
CA CYS A 808 -5.38 36.67 -26.19
C CYS A 808 -6.85 36.77 -25.75
N THR A 809 -7.13 37.52 -24.69
CA THR A 809 -8.49 37.67 -24.21
C THR A 809 -9.41 38.26 -25.28
N SER A 810 -10.62 37.75 -25.41
CA SER A 810 -11.51 38.28 -26.44
C SER A 810 -12.09 39.64 -26.03
N PRO A 811 -12.31 40.50 -27.02
CA PRO A 811 -12.99 41.76 -26.71
C PRO A 811 -14.35 41.57 -26.00
N GLU A 812 -15.11 40.52 -26.36
CA GLU A 812 -16.40 40.26 -25.73
C GLU A 812 -16.25 40.17 -24.22
N ILE A 813 -15.26 39.39 -23.77
CA ILE A 813 -14.96 39.34 -22.35
C ILE A 813 -14.68 40.75 -21.77
N CYS A 814 -13.80 41.48 -22.43
CA CYS A 814 -13.46 42.82 -21.99
C CYS A 814 -14.68 43.71 -21.89
N ARG A 815 -15.55 43.61 -22.89
CA ARG A 815 -16.77 44.40 -22.86
C ARG A 815 -17.54 44.12 -21.59
N ARG A 816 -17.72 42.83 -21.26
CA ARG A 816 -18.46 42.47 -20.04
C ARG A 816 -17.79 43.13 -18.82
N LEU A 817 -16.47 43.15 -18.77
CA LEU A 817 -15.78 43.75 -17.64
C LEU A 817 -16.13 45.24 -17.50
N LEU A 818 -16.11 45.95 -18.63
CA LEU A 818 -16.42 47.37 -18.60
C LEU A 818 -17.89 47.67 -18.25
N THR A 819 -18.78 46.87 -18.80
CA THR A 819 -20.19 47.01 -18.46
C THR A 819 -20.38 46.96 -16.94
N LYS A 820 -19.82 45.91 -16.32
CA LYS A 820 -19.96 45.73 -14.89
C LYS A 820 -19.37 46.93 -14.14
N LEU A 821 -18.21 47.37 -14.56
CA LEU A 821 -17.50 48.47 -13.91
C LEU A 821 -18.34 49.75 -13.99
N TYR A 822 -18.82 50.05 -15.19
CA TYR A 822 -19.69 51.20 -15.42
C TYR A 822 -21.00 51.17 -14.61
N LYS A 823 -21.68 50.02 -14.57
CA LYS A 823 -22.87 49.95 -13.74
C LYS A 823 -22.54 50.24 -12.27
N ARG A 824 -21.41 49.73 -11.76
CA ARG A 824 -21.02 50.04 -10.38
C ARG A 824 -20.78 51.54 -10.18
N LEU A 825 -20.14 52.19 -11.16
CA LEU A 825 -19.95 53.63 -11.10
C LEU A 825 -21.28 54.38 -10.96
N GLY A 826 -22.31 53.90 -11.65
CA GLY A 826 -23.62 54.50 -11.57
C GLY A 826 -24.23 54.41 -10.18
N GLU A 827 -23.65 53.58 -9.33
CA GLU A 827 -24.16 53.43 -7.96
C GLU A 827 -23.63 54.52 -7.01
N PHE A 828 -22.65 55.28 -7.47
CA PHE A 828 -22.14 56.41 -6.71
C PHE A 828 -22.88 57.63 -7.17
N ASN A 829 -23.06 57.74 -8.47
CA ASN A 829 -23.86 58.81 -9.03
C ASN A 829 -24.35 58.40 -10.40
N ARG A 830 -25.56 58.80 -10.77
CA ARG A 830 -26.09 58.43 -12.09
C ARG A 830 -25.16 58.89 -13.20
N THR A 831 -24.74 60.15 -13.11
CA THR A 831 -23.73 60.68 -14.02
C THR A 831 -22.38 60.80 -13.31
N VAL B 25 27.49 0.71 -13.50
CA VAL B 25 27.44 2.11 -13.12
C VAL B 25 28.13 2.96 -14.18
N SER B 26 28.30 2.37 -15.37
CA SER B 26 28.93 3.07 -16.48
C SER B 26 27.98 3.99 -17.28
N PRO B 27 28.55 5.07 -17.83
CA PRO B 27 28.02 6.03 -18.81
C PRO B 27 27.91 5.45 -20.24
N PHE B 28 26.75 5.60 -20.87
CA PHE B 28 26.55 5.13 -22.25
C PHE B 28 27.32 5.95 -23.32
N HIS B 29 27.55 5.34 -24.47
CA HIS B 29 28.02 6.04 -25.67
C HIS B 29 27.10 5.59 -26.79
N LEU B 30 26.47 6.56 -27.46
CA LEU B 30 25.52 6.28 -28.55
C LEU B 30 25.92 6.97 -29.83
N PRO B 31 26.26 6.19 -30.87
CA PRO B 31 26.67 6.88 -32.10
C PRO B 31 25.46 7.56 -32.71
N LEU B 32 25.63 8.74 -33.28
CA LEU B 32 24.49 9.49 -33.78
C LEU B 32 24.59 9.67 -35.28
N ASN B 33 25.51 8.93 -35.87
CA ASN B 33 25.82 9.07 -37.27
C ASN B 33 24.72 8.47 -38.16
N HIS B 34 24.08 7.40 -37.70
CA HIS B 34 22.94 6.86 -38.45
C HIS B 34 21.69 6.85 -37.57
N PRO B 35 20.53 7.08 -38.20
CA PRO B 35 19.26 7.13 -37.48
C PRO B 35 18.95 5.83 -36.76
N THR B 36 18.41 5.98 -35.56
CA THR B 36 17.99 4.87 -34.75
C THR B 36 16.65 5.28 -34.18
N TYR B 37 15.64 4.43 -34.29
CA TYR B 37 14.30 4.82 -33.83
C TYR B 37 13.64 3.73 -33.04
N LEU B 38 13.00 4.12 -31.95
CA LEU B 38 12.07 3.25 -31.25
C LEU B 38 10.75 3.19 -32.04
N ILE B 39 10.20 2.00 -32.19
CA ILE B 39 8.87 1.83 -32.74
C ILE B 39 7.96 1.62 -31.54
N TRP B 40 7.15 2.63 -31.21
CA TRP B 40 6.23 2.55 -30.09
C TRP B 40 4.82 2.15 -30.57
N SER B 41 3.97 1.73 -29.66
CA SER B 41 2.59 1.44 -30.03
C SER B 41 1.58 1.84 -28.94
N ALA B 42 0.38 2.18 -29.37
CA ALA B 42 -0.64 2.60 -28.39
C ALA B 42 -1.08 1.41 -27.57
N ASN B 43 -1.26 0.28 -28.23
CA ASN B 43 -1.75 -0.91 -27.60
C ASN B 43 -1.18 -2.09 -28.36
N THR B 44 -1.42 -3.29 -27.87
CA THR B 44 -1.09 -4.48 -28.63
C THR B 44 -2.03 -4.61 -29.85
N SER B 45 -1.62 -5.42 -30.84
CA SER B 45 -2.44 -5.72 -32.03
C SER B 45 -2.84 -4.52 -32.91
N LEU B 46 -1.91 -3.60 -33.10
CA LEU B 46 -2.14 -2.48 -33.98
C LEU B 46 -1.27 -2.58 -35.24
N GLY B 47 -0.36 -3.56 -35.24
CA GLY B 47 0.44 -3.85 -36.42
C GLY B 47 1.84 -3.25 -36.37
N LYS B 48 2.38 -3.20 -35.16
CA LYS B 48 3.74 -2.72 -34.91
C LYS B 48 4.80 -3.42 -35.76
N THR B 49 4.75 -4.75 -35.76
CA THR B 49 5.65 -5.53 -36.61
C THR B 49 5.42 -5.30 -38.10
N LEU B 50 4.16 -5.11 -38.52
CA LEU B 50 3.87 -4.77 -39.91
C LEU B 50 4.57 -3.47 -40.31
N VAL B 51 4.50 -2.49 -39.42
CA VAL B 51 5.13 -1.22 -39.65
C VAL B 51 6.67 -1.32 -39.74
N SER B 52 7.30 -2.02 -38.80
CA SER B 52 8.74 -2.23 -38.88
C SER B 52 9.14 -2.83 -40.23
N THR B 53 8.48 -3.93 -40.55
CA THR B 53 8.71 -4.64 -41.80
C THR B 53 8.58 -3.72 -42.99
N GLY B 54 7.51 -2.92 -42.98
CA GLY B 54 7.27 -1.96 -44.05
C GLY B 54 8.39 -0.96 -44.21
N ILE B 55 8.75 -0.27 -43.12
CA ILE B 55 9.90 0.63 -43.15
C ILE B 55 11.14 -0.08 -43.68
N ALA B 56 11.44 -1.23 -43.11
CA ALA B 56 12.60 -2.01 -43.51
C ALA B 56 12.60 -2.26 -45.02
N ALA B 57 11.44 -2.66 -45.54
CA ALA B 57 11.38 -3.06 -46.95
C ALA B 57 11.62 -1.84 -47.84
N SER B 58 11.06 -0.70 -47.45
CA SER B 58 11.24 0.52 -48.22
C SER B 58 12.69 0.94 -48.19
N PHE B 59 13.36 0.71 -47.06
CA PHE B 59 14.74 1.12 -46.91
C PHE B 59 15.68 0.18 -47.68
N LEU B 60 15.46 -1.12 -47.57
CA LEU B 60 16.34 -2.07 -48.24
C LEU B 60 16.15 -2.23 -49.75
N LEU B 61 14.89 -2.12 -50.23
CA LEU B 61 14.51 -2.54 -51.59
C LEU B 61 14.41 -1.41 -52.60
N GLN B 62 15.15 -0.32 -52.28
CA GLN B 62 15.57 0.83 -53.12
C GLN B 62 16.24 0.34 -54.41
N GLN B 63 15.93 0.95 -55.56
CA GLN B 63 16.64 0.56 -56.80
C GLN B 63 18.09 1.05 -56.84
N SER B 67 25.49 -1.37 -51.90
CA SER B 67 26.23 -2.34 -51.08
C SER B 67 26.28 -1.83 -49.66
N ALA B 68 26.36 -0.51 -49.54
CA ALA B 68 26.47 0.15 -48.24
C ALA B 68 25.20 0.03 -47.38
N THR B 69 24.05 -0.21 -48.02
CA THR B 69 22.76 -0.17 -47.31
C THR B 69 22.56 -1.34 -46.35
N LYS B 70 22.32 -1.04 -45.08
CA LYS B 70 21.99 -2.07 -44.11
C LYS B 70 20.88 -1.64 -43.17
N LEU B 71 19.94 -2.55 -42.92
CA LEU B 71 18.91 -2.31 -41.92
C LEU B 71 19.12 -3.19 -40.69
N LEU B 72 19.28 -2.57 -39.54
CA LEU B 72 19.43 -3.29 -38.29
C LEU B 72 18.10 -3.30 -37.55
N TYR B 73 17.56 -4.49 -37.33
CA TYR B 73 16.28 -4.64 -36.63
C TYR B 73 16.46 -5.34 -35.29
N LEU B 74 16.14 -4.62 -34.22
CA LEU B 74 16.26 -5.15 -32.88
C LEU B 74 14.91 -5.31 -32.22
N LYS B 75 14.69 -6.51 -31.68
CA LYS B 75 13.53 -6.78 -30.86
C LYS B 75 14.12 -7.19 -29.53
N PRO B 76 14.30 -6.22 -28.63
CA PRO B 76 14.92 -6.47 -27.32
C PRO B 76 14.15 -7.47 -26.47
N ILE B 77 12.83 -7.28 -26.33
CA ILE B 77 11.97 -8.14 -25.51
C ILE B 77 10.91 -8.84 -26.35
N GLN B 78 10.76 -10.15 -26.17
CA GLN B 78 9.81 -10.95 -26.96
C GLN B 78 9.17 -12.03 -26.11
N THR B 79 7.85 -12.04 -26.05
CA THR B 79 7.17 -13.12 -25.36
C THR B 79 6.41 -13.96 -26.38
N GLY B 80 5.95 -15.14 -25.97
CA GLY B 80 5.25 -16.04 -26.89
C GLY B 80 6.19 -16.69 -27.90
N PHE B 81 7.43 -16.94 -27.48
CA PHE B 81 8.47 -17.49 -28.34
C PHE B 81 8.60 -18.97 -28.08
N PRO B 82 8.75 -19.79 -29.14
CA PRO B 82 8.95 -19.41 -30.55
C PRO B 82 7.70 -19.27 -31.44
N SER B 83 6.49 -19.56 -30.95
CA SER B 83 5.32 -19.45 -31.82
C SER B 83 5.23 -18.04 -32.41
N ASP B 84 5.48 -17.06 -31.56
CA ASP B 84 5.61 -15.67 -31.97
C ASP B 84 7.08 -15.27 -32.07
N SER B 85 7.46 -14.61 -33.16
CA SER B 85 8.79 -14.04 -33.28
C SER B 85 8.81 -12.92 -34.30
N ASP B 86 8.83 -11.68 -33.81
CA ASP B 86 8.84 -10.57 -34.74
C ASP B 86 10.13 -10.48 -35.59
N SER B 87 11.25 -10.96 -35.03
CA SER B 87 12.47 -11.15 -35.82
C SER B 87 12.17 -12.03 -37.04
N ARG B 88 11.62 -13.20 -36.77
CA ARG B 88 11.40 -14.13 -37.84
C ARG B 88 10.47 -13.51 -38.86
N PHE B 89 9.42 -12.83 -38.37
CA PHE B 89 8.43 -12.23 -39.26
C PHE B 89 9.09 -11.26 -40.24
N VAL B 90 9.90 -10.36 -39.70
CA VAL B 90 10.59 -9.38 -40.52
C VAL B 90 11.52 -10.08 -41.50
N PHE B 91 12.41 -10.90 -40.97
CA PHE B 91 13.29 -11.72 -41.79
C PHE B 91 12.53 -12.38 -42.94
N SER B 92 11.42 -13.03 -42.61
CA SER B 92 10.71 -13.83 -43.60
C SER B 92 9.95 -12.98 -44.61
N LYS B 93 9.32 -11.90 -44.16
CA LYS B 93 8.58 -11.04 -45.07
C LYS B 93 9.51 -10.29 -46.03
N LEU B 94 10.70 -9.93 -45.56
CA LEU B 94 11.71 -9.25 -46.37
C LEU B 94 12.25 -10.16 -47.46
N ASP B 95 12.41 -11.43 -47.09
CA ASP B 95 12.75 -12.44 -48.05
C ASP B 95 11.75 -12.47 -49.21
N SER B 96 10.46 -12.52 -48.88
CA SER B 96 9.40 -12.54 -49.89
C SER B 96 9.36 -11.26 -50.74
N LEU B 97 9.43 -10.09 -50.08
CA LEU B 97 9.39 -8.81 -50.79
C LEU B 97 10.59 -8.61 -51.70
N SER B 98 11.74 -9.15 -51.28
CA SER B 98 12.91 -9.22 -52.15
C SER B 98 12.61 -9.98 -53.45
N LEU B 99 12.01 -11.16 -53.33
CA LEU B 99 11.61 -11.91 -54.52
C LEU B 99 10.56 -11.15 -55.32
N ARG B 100 9.48 -10.74 -54.67
CA ARG B 100 8.41 -9.99 -55.29
C ARG B 100 8.92 -8.77 -56.05
N ARG B 101 9.96 -8.13 -55.51
CA ARG B 101 10.44 -6.88 -56.10
C ARG B 101 11.69 -7.08 -56.97
N GLN B 102 12.16 -8.33 -57.05
CA GLN B 102 13.26 -8.65 -57.94
C GLN B 102 14.57 -7.93 -57.53
N ILE B 103 14.75 -7.74 -56.23
CA ILE B 103 15.95 -7.09 -55.71
C ILE B 103 16.56 -7.93 -54.57
N PRO B 104 17.66 -8.62 -54.87
CA PRO B 104 18.30 -9.53 -53.91
C PRO B 104 18.83 -8.80 -52.68
N ILE B 105 18.71 -9.43 -51.52
CA ILE B 105 19.26 -8.86 -50.31
C ILE B 105 19.85 -9.97 -49.45
N SER B 106 20.78 -9.58 -48.59
CA SER B 106 21.33 -10.46 -47.57
C SER B 106 20.47 -10.30 -46.33
N ILE B 107 20.10 -11.43 -45.72
CA ILE B 107 19.23 -11.41 -44.55
C ILE B 107 19.72 -12.35 -43.44
N SER B 108 19.59 -11.90 -42.19
CA SER B 108 19.88 -12.77 -41.06
C SER B 108 18.92 -12.56 -39.89
N ASN B 109 18.76 -13.62 -39.09
CA ASN B 109 17.92 -13.61 -37.90
C ASN B 109 18.58 -14.38 -36.74
N SER B 110 18.66 -13.73 -35.59
CA SER B 110 19.35 -14.27 -34.43
C SER B 110 18.54 -14.07 -33.17
N VAL B 111 18.53 -15.07 -32.30
CA VAL B 111 17.94 -14.93 -30.97
C VAL B 111 19.06 -15.21 -29.96
N LEU B 112 19.43 -14.18 -29.20
CA LEU B 112 20.60 -14.29 -28.34
C LEU B 112 20.31 -14.97 -27.01
N HIS B 113 19.21 -14.60 -26.38
CA HIS B 113 18.87 -15.21 -25.10
C HIS B 113 17.39 -15.59 -25.01
N SER B 114 17.06 -16.57 -24.17
CA SER B 114 15.68 -16.99 -23.96
C SER B 114 15.59 -17.80 -22.66
N SER B 115 14.44 -17.77 -21.98
CA SER B 115 14.28 -18.58 -20.77
CA SER B 115 14.27 -18.59 -20.78
C SER B 115 14.40 -20.07 -21.14
N LEU B 116 14.43 -20.91 -20.13
CA LEU B 116 14.55 -22.35 -20.33
C LEU B 116 13.34 -22.88 -21.11
N PRO B 117 12.11 -22.62 -20.62
CA PRO B 117 10.93 -23.10 -21.35
C PRO B 117 11.03 -22.83 -22.85
N ALA B 118 11.43 -21.61 -23.20
CA ALA B 118 11.52 -21.17 -24.59
C ALA B 118 12.57 -21.99 -25.34
N ALA B 119 13.72 -22.22 -24.70
CA ALA B 119 14.80 -22.97 -25.32
C ALA B 119 14.39 -24.43 -25.52
N LYS B 120 13.69 -24.99 -24.53
CA LYS B 120 13.20 -26.36 -24.64
C LYS B 120 12.28 -26.52 -25.84
N SER B 121 11.52 -25.48 -26.17
CA SER B 121 10.69 -25.53 -27.36
C SER B 121 11.54 -25.71 -28.61
N LEU B 122 12.58 -24.89 -28.76
CA LEU B 122 13.46 -25.00 -29.91
C LEU B 122 14.20 -26.32 -29.89
N GLY B 123 14.23 -26.95 -28.71
CA GLY B 123 14.86 -28.25 -28.54
C GLY B 123 16.32 -28.13 -28.13
N LEU B 124 16.60 -27.11 -27.32
CA LEU B 124 17.95 -26.85 -26.78
C LEU B 124 18.09 -27.25 -25.31
N GLY B 132 18.20 -17.02 -14.99
CA GLY B 132 17.19 -17.93 -15.52
C GLY B 132 17.19 -17.98 -17.03
N MET B 133 18.04 -17.16 -17.64
CA MET B 133 18.12 -17.02 -19.10
C MET B 133 19.16 -17.95 -19.69
N CYS B 134 18.88 -18.46 -20.88
CA CYS B 134 19.85 -19.29 -21.60
C CYS B 134 20.44 -18.46 -22.74
N SER B 135 21.69 -18.76 -23.09
CA SER B 135 22.31 -18.11 -24.24
C SER B 135 22.17 -19.04 -25.43
N LEU B 136 21.86 -18.50 -26.60
CA LEU B 136 21.63 -19.36 -27.75
C LEU B 136 22.63 -19.01 -28.86
N ASN B 137 22.87 -19.95 -29.77
CA ASN B 137 23.64 -19.67 -30.98
C ASN B 137 22.70 -19.46 -32.17
N PHE B 138 21.41 -19.61 -31.91
CA PHE B 138 20.35 -19.76 -32.91
C PHE B 138 20.36 -18.67 -33.97
N ARG B 139 21.08 -18.90 -35.07
CA ARG B 139 21.12 -17.95 -36.17
C ARG B 139 20.54 -18.57 -37.42
N ASP B 140 20.35 -17.74 -38.43
CA ASP B 140 19.72 -18.20 -39.66
C ASP B 140 20.05 -17.21 -40.77
N GLU B 141 21.07 -17.51 -41.55
CA GLU B 141 21.56 -16.58 -42.57
C GLU B 141 21.19 -17.02 -43.98
N LYS B 142 21.15 -16.05 -44.88
CA LYS B 142 20.98 -16.30 -46.30
C LYS B 142 21.65 -15.11 -46.94
N THR B 143 22.95 -15.25 -47.16
CA THR B 143 23.76 -14.15 -47.65
C THR B 143 23.71 -14.02 -49.17
N VAL B 144 23.82 -12.79 -49.65
CA VAL B 144 24.10 -12.55 -51.03
C VAL B 144 25.17 -11.49 -51.01
N THR B 145 26.35 -11.81 -51.53
CA THR B 145 27.43 -10.81 -51.52
C THR B 145 27.06 -9.51 -52.25
N GLY B 146 27.52 -8.40 -51.70
CA GLY B 146 27.40 -7.12 -52.37
C GLY B 146 26.04 -6.47 -52.23
N ALA B 147 25.04 -7.25 -51.83
CA ALA B 147 23.65 -6.78 -51.74
C ALA B 147 23.38 -6.04 -50.44
N PRO B 148 22.26 -5.30 -50.39
CA PRO B 148 21.89 -4.58 -49.17
C PRO B 148 21.59 -5.59 -48.09
N GLU B 149 21.91 -5.24 -46.84
CA GLU B 149 21.89 -6.20 -45.74
C GLU B 149 20.79 -6.00 -44.67
N LEU B 150 20.02 -7.06 -44.44
CA LEU B 150 19.02 -7.04 -43.38
C LEU B 150 19.53 -7.89 -42.24
N LEU B 151 19.44 -7.36 -41.03
CA LEU B 151 20.04 -7.98 -39.88
C LEU B 151 19.09 -7.91 -38.69
N CYS B 152 18.43 -9.02 -38.39
CA CYS B 152 17.39 -9.04 -37.35
C CYS B 152 17.90 -9.76 -36.11
N LYS B 153 17.78 -9.12 -34.95
CA LYS B 153 18.11 -9.74 -33.67
C LYS B 153 17.02 -9.63 -32.59
N THR B 154 16.71 -10.75 -31.96
CA THR B 154 15.94 -10.76 -30.73
C THR B 154 16.95 -10.96 -29.59
N LEU B 155 16.90 -10.10 -28.57
CA LEU B 155 17.89 -10.09 -27.50
C LEU B 155 17.49 -10.98 -26.35
N TYR B 156 16.23 -10.85 -25.91
CA TYR B 156 15.67 -11.76 -24.87
C TYR B 156 14.25 -12.28 -25.20
N ALA B 157 14.05 -13.59 -25.04
CA ALA B 157 12.75 -14.19 -25.35
C ALA B 157 12.20 -15.01 -24.20
N TRP B 158 10.87 -14.98 -24.07
CA TRP B 158 10.14 -15.83 -23.14
C TRP B 158 9.09 -16.61 -23.94
N GLU B 159 8.64 -17.74 -23.38
CA GLU B 159 7.73 -18.64 -24.10
C GLU B 159 6.26 -18.25 -23.92
N ALA B 160 5.85 -18.04 -22.67
CA ALA B 160 4.47 -17.67 -22.37
C ALA B 160 4.03 -16.48 -23.21
N ALA B 161 2.91 -16.64 -23.90
CA ALA B 161 2.36 -15.59 -24.75
C ALA B 161 1.69 -14.51 -23.90
N ILE B 162 2.40 -14.03 -22.89
CA ILE B 162 1.83 -13.01 -22.00
C ILE B 162 2.78 -11.82 -21.79
N SER B 163 2.29 -10.75 -21.14
CA SER B 163 3.11 -9.55 -20.98
C SER B 163 4.39 -9.89 -20.21
N PRO B 164 5.51 -9.23 -20.56
CA PRO B 164 6.87 -9.57 -20.11
C PRO B 164 7.03 -9.73 -18.59
N HIS B 165 6.38 -8.90 -17.79
CA HIS B 165 6.60 -8.98 -16.35
C HIS B 165 6.07 -10.27 -15.79
N LEU B 166 4.93 -10.72 -16.33
CA LEU B 166 4.36 -12.00 -15.97
C LEU B 166 5.20 -13.17 -16.48
N ALA B 167 5.65 -13.07 -17.73
CA ALA B 167 6.41 -14.16 -18.33
C ALA B 167 7.66 -14.42 -17.51
N ALA B 168 8.28 -13.33 -17.06
CA ALA B 168 9.53 -13.42 -16.32
C ALA B 168 9.38 -14.22 -15.05
N GLU B 169 8.34 -13.94 -14.27
CA GLU B 169 8.20 -14.64 -13.00
C GLU B 169 7.77 -16.10 -13.18
N ARG B 170 6.80 -16.34 -14.06
CA ARG B 170 6.33 -17.70 -14.28
C ARG B 170 7.48 -18.56 -14.77
N GLU B 171 8.28 -18.02 -15.69
CA GLU B 171 9.34 -18.80 -16.32
C GLU B 171 10.69 -18.71 -15.57
N ASN B 172 10.68 -18.02 -14.43
CA ASN B 172 11.89 -17.80 -13.64
C ASN B 172 13.07 -17.39 -14.51
N ALA B 173 12.88 -16.30 -15.25
CA ALA B 173 13.87 -15.79 -16.17
C ALA B 173 13.79 -14.25 -16.20
N THR B 174 14.74 -13.63 -15.51
CA THR B 174 14.81 -12.18 -15.42
CA THR B 174 14.82 -12.16 -15.42
C THR B 174 15.91 -11.58 -16.30
N VAL B 175 15.74 -10.31 -16.63
CA VAL B 175 16.84 -9.55 -17.21
C VAL B 175 16.70 -8.14 -16.62
N GLU B 176 17.78 -7.63 -16.08
CA GLU B 176 17.76 -6.32 -15.45
C GLU B 176 17.75 -5.18 -16.48
N ASP B 177 17.22 -4.03 -16.08
CA ASP B 177 17.03 -2.95 -17.04
C ASP B 177 18.31 -2.53 -17.74
N SER B 178 19.36 -2.40 -16.95
CA SER B 178 20.62 -1.89 -17.50
C SER B 178 21.31 -2.92 -18.38
N VAL B 179 21.07 -4.20 -18.08
CA VAL B 179 21.54 -5.25 -18.95
C VAL B 179 20.90 -5.11 -20.34
N VAL B 180 19.59 -4.84 -20.38
CA VAL B 180 18.92 -4.69 -21.68
C VAL B 180 19.52 -3.53 -22.44
N LEU B 181 19.72 -2.42 -21.74
CA LEU B 181 20.25 -1.23 -22.39
C LEU B 181 21.68 -1.46 -22.85
N GLN B 182 22.44 -2.17 -22.04
CA GLN B 182 23.79 -2.49 -22.44
C GLN B 182 23.83 -3.38 -23.70
N MET B 183 23.04 -4.45 -23.74
CA MET B 183 22.94 -5.22 -24.98
C MET B 183 22.61 -4.31 -26.17
N ILE B 184 21.64 -3.43 -26.00
CA ILE B 184 21.25 -2.57 -27.12
C ILE B 184 22.46 -1.70 -27.54
N GLU B 185 23.09 -1.08 -26.56
CA GLU B 185 24.29 -0.30 -26.80
C GLU B 185 25.35 -1.11 -27.55
N LYS B 186 25.63 -2.31 -27.03
CA LYS B 186 26.60 -3.20 -27.66
C LYS B 186 26.27 -3.39 -29.12
N CYS B 187 25.01 -3.73 -29.41
CA CYS B 187 24.62 -4.02 -30.79
C CYS B 187 24.80 -2.82 -31.68
N LEU B 188 24.37 -1.66 -31.18
CA LEU B 188 24.51 -0.42 -31.95
C LEU B 188 25.97 -0.11 -32.27
N LYS B 189 26.84 -0.16 -31.25
CA LYS B 189 28.25 0.10 -31.48
C LYS B 189 28.86 -0.83 -32.53
N GLU B 190 28.54 -2.12 -32.48
CA GLU B 190 29.10 -3.09 -33.43
C GLU B 190 28.70 -2.83 -34.88
N GLU B 191 27.44 -2.45 -35.11
CA GLU B 191 26.97 -2.14 -36.46
C GLU B 191 27.27 -0.70 -36.93
N MET B 192 27.61 0.20 -36.00
CA MET B 192 27.88 1.59 -36.40
C MET B 192 28.87 2.30 -35.48
N ASP B 202 22.04 4.72 -46.28
CA ASP B 202 23.17 3.88 -45.85
C ASP B 202 22.77 2.95 -44.67
N LEU B 203 22.62 3.49 -43.46
CA LEU B 203 22.23 2.63 -42.35
C LEU B 203 21.05 3.14 -41.56
N LEU B 204 20.14 2.25 -41.19
CA LEU B 204 18.98 2.61 -40.39
C LEU B 204 18.71 1.52 -39.34
N CYS B 205 18.46 1.91 -38.09
CA CYS B 205 18.19 0.94 -37.04
C CYS B 205 16.79 1.06 -36.43
N LEU B 206 16.05 -0.05 -36.37
CA LEU B 206 14.72 -0.03 -35.77
C LEU B 206 14.72 -0.84 -34.46
N VAL B 207 14.31 -0.23 -33.35
CA VAL B 207 14.20 -0.96 -32.10
C VAL B 207 12.73 -1.12 -31.74
N GLU B 208 12.19 -2.33 -31.94
CA GLU B 208 10.75 -2.54 -31.73
C GLU B 208 10.45 -2.94 -30.29
N THR B 209 9.67 -2.11 -29.63
CA THR B 209 9.25 -2.31 -28.25
C THR B 209 8.27 -3.47 -28.12
N ALA B 210 7.86 -3.74 -26.89
CA ALA B 210 6.98 -4.85 -26.61
C ALA B 210 5.72 -4.34 -25.91
N GLY B 211 4.57 -4.60 -26.49
CA GLY B 211 3.32 -4.13 -25.95
C GLY B 211 3.26 -2.62 -25.97
N GLY B 212 2.37 -2.07 -25.15
CA GLY B 212 2.13 -0.63 -25.14
C GLY B 212 3.23 0.23 -24.53
N VAL B 213 3.21 1.49 -24.94
CA VAL B 213 4.07 2.55 -24.45
C VAL B 213 4.39 2.42 -22.97
N ALA B 214 3.37 2.07 -22.19
CA ALA B 214 3.53 2.00 -20.76
C ALA B 214 3.30 0.58 -20.21
N SER B 215 3.65 -0.45 -20.99
CA SER B 215 3.56 -1.82 -20.49
C SER B 215 4.80 -2.11 -19.65
N PRO B 216 4.63 -2.85 -18.56
CA PRO B 216 5.80 -3.27 -17.79
C PRO B 216 6.72 -4.19 -18.59
N GLY B 217 8.02 -3.89 -18.59
CA GLY B 217 9.01 -4.80 -19.12
C GLY B 217 9.24 -5.96 -18.15
N PRO B 218 10.19 -6.87 -18.49
CA PRO B 218 10.45 -8.08 -17.72
C PRO B 218 10.65 -7.74 -16.24
N SER B 219 11.41 -6.68 -15.97
CA SER B 219 11.76 -6.32 -14.60
C SER B 219 10.59 -5.64 -13.91
N GLY B 220 9.62 -5.20 -14.71
CA GLY B 220 8.45 -4.55 -14.14
C GLY B 220 8.43 -3.08 -14.43
N THR B 221 9.61 -2.51 -14.69
CA THR B 221 9.70 -1.14 -15.14
C THR B 221 8.83 -0.91 -16.38
N LEU B 222 8.14 0.22 -16.43
CA LEU B 222 7.35 0.55 -17.62
C LEU B 222 8.31 0.75 -18.78
N GLN B 223 7.94 0.24 -19.94
CA GLN B 223 8.78 0.28 -21.13
C GLN B 223 9.31 1.70 -21.38
N CYS B 224 8.43 2.70 -21.26
CA CYS B 224 8.80 4.07 -21.54
C CYS B 224 9.82 4.59 -20.54
N ASP B 225 9.88 4.01 -19.34
CA ASP B 225 10.93 4.41 -18.41
C ASP B 225 12.24 3.64 -18.69
N LEU B 226 12.11 2.36 -19.01
CA LEU B 226 13.24 1.50 -19.36
C LEU B 226 14.17 2.12 -20.42
N TYR B 227 13.59 2.66 -21.49
CA TYR B 227 14.38 3.21 -22.59
C TYR B 227 14.80 4.67 -22.39
N ARG B 228 14.29 5.32 -21.36
CA ARG B 228 14.53 6.75 -21.20
C ARG B 228 16.01 7.16 -21.21
N PRO B 229 16.89 6.44 -20.48
CA PRO B 229 18.29 6.91 -20.52
C PRO B 229 18.82 7.16 -21.93
N PHE B 230 18.35 6.43 -22.94
CA PHE B 230 18.87 6.62 -24.29
C PHE B 230 18.21 7.81 -24.99
N ARG B 231 16.99 8.13 -24.54
CA ARG B 231 16.09 9.09 -25.20
C ARG B 231 16.17 9.05 -26.72
N LEU B 232 15.96 7.88 -27.29
CA LEU B 232 15.91 7.77 -28.75
C LEU B 232 14.61 8.39 -29.29
N PRO B 233 14.70 8.98 -30.46
CA PRO B 233 13.51 9.46 -31.16
C PRO B 233 12.65 8.27 -31.55
N GLY B 234 11.36 8.49 -31.80
CA GLY B 234 10.52 7.37 -32.17
C GLY B 234 9.39 7.67 -33.15
N ILE B 235 8.67 6.63 -33.51
CA ILE B 235 7.40 6.80 -34.20
C ILE B 235 6.36 6.03 -33.41
N LEU B 236 5.12 6.52 -33.48
CA LEU B 236 4.03 5.90 -32.73
C LEU B 236 3.04 5.24 -33.66
N VAL B 237 2.82 3.94 -33.45
CA VAL B 237 1.80 3.20 -34.19
C VAL B 237 0.50 3.40 -33.45
N GLY B 238 -0.43 4.11 -34.07
CA GLY B 238 -1.66 4.49 -33.41
C GLY B 238 -2.75 3.48 -33.66
N ASP B 239 -3.97 3.88 -33.37
CA ASP B 239 -5.09 2.94 -33.42
C ASP B 239 -6.19 3.56 -34.26
N GLY B 240 -6.56 2.86 -35.32
CA GLY B 240 -7.53 3.35 -36.29
C GLY B 240 -8.93 2.87 -36.00
N ARG B 241 -9.06 2.03 -34.97
CA ARG B 241 -10.39 1.56 -34.54
C ARG B 241 -11.14 2.62 -33.76
N LEU B 242 -12.40 2.33 -33.45
CA LEU B 242 -13.18 3.16 -32.53
C LEU B 242 -12.55 3.16 -31.14
N GLY B 243 -12.45 4.33 -30.51
CA GLY B 243 -11.75 4.47 -29.25
C GLY B 243 -10.25 4.71 -29.40
N GLY B 244 -9.78 4.72 -30.65
CA GLY B 244 -8.38 4.84 -31.00
C GLY B 244 -7.84 6.27 -31.02
N ILE B 245 -8.71 7.26 -31.13
CA ILE B 245 -8.21 8.62 -31.09
C ILE B 245 -7.68 8.84 -29.68
N SER B 246 -8.47 8.43 -28.70
CA SER B 246 -8.14 8.66 -27.30
C SER B 246 -6.88 7.90 -26.94
N GLY B 247 -6.84 6.62 -27.27
CA GLY B 247 -5.72 5.80 -26.90
C GLY B 247 -4.43 6.20 -27.56
N THR B 248 -4.53 6.78 -28.76
CA THR B 248 -3.35 7.23 -29.50
C THR B 248 -2.85 8.54 -28.89
N ILE B 249 -3.77 9.44 -28.59
CA ILE B 249 -3.37 10.67 -27.92
C ILE B 249 -2.81 10.37 -26.54
N ALA B 250 -3.47 9.51 -25.78
CA ALA B 250 -2.97 9.22 -24.44
C ALA B 250 -1.55 8.64 -24.48
N ALA B 251 -1.32 7.73 -25.42
CA ALA B 251 0.00 7.09 -25.53
C ALA B 251 1.09 8.11 -25.97
N TYR B 252 0.76 8.96 -26.92
CA TYR B 252 1.66 9.99 -27.41
C TYR B 252 2.02 10.92 -26.28
N GLU B 253 1.04 11.32 -25.48
CA GLU B 253 1.27 12.23 -24.37
C GLU B 253 2.18 11.64 -23.27
N SER B 254 1.99 10.36 -22.96
CA SER B 254 2.78 9.70 -21.95
C SER B 254 4.25 9.69 -22.41
N LEU B 255 4.46 9.58 -23.71
CA LEU B 255 5.79 9.61 -24.27
C LEU B 255 6.37 11.02 -24.12
N LYS B 256 5.63 12.02 -24.57
CA LYS B 256 6.06 13.41 -24.46
C LYS B 256 6.39 13.72 -23.02
N LEU B 257 5.66 13.11 -22.10
CA LEU B 257 5.72 13.41 -20.67
C LEU B 257 6.94 12.72 -20.05
N ARG B 258 7.72 12.06 -20.88
CA ARG B 258 8.98 11.50 -20.43
C ARG B 258 10.17 12.06 -21.20
N GLY B 259 9.91 12.96 -22.14
CA GLY B 259 10.97 13.66 -22.85
C GLY B 259 11.33 13.13 -24.22
N TYR B 260 10.52 12.20 -24.74
CA TYR B 260 10.78 11.59 -26.04
C TYR B 260 10.25 12.49 -27.14
N ASP B 261 10.84 12.35 -28.32
CA ASP B 261 10.37 13.06 -29.49
C ASP B 261 9.80 12.03 -30.46
N ILE B 262 8.70 12.38 -31.13
CA ILE B 262 8.02 11.46 -32.02
C ILE B 262 7.93 12.05 -33.41
N ALA B 263 8.59 11.41 -34.37
CA ALA B 263 8.69 11.95 -35.73
C ALA B 263 7.45 11.67 -36.57
N ALA B 264 6.64 10.70 -36.16
CA ALA B 264 5.47 10.36 -36.96
C ALA B 264 4.51 9.46 -36.23
N VAL B 265 3.24 9.58 -36.58
CA VAL B 265 2.20 8.65 -36.14
C VAL B 265 1.68 7.90 -37.37
N VAL B 266 1.54 6.60 -37.26
CA VAL B 266 1.01 5.82 -38.36
C VAL B 266 -0.02 4.81 -37.80
N PHE B 267 -1.10 4.58 -38.53
CA PHE B 267 -2.05 3.56 -38.13
C PHE B 267 -2.83 2.88 -39.28
N GLU B 268 -3.46 1.76 -38.97
CA GLU B 268 -4.33 1.06 -39.92
C GLU B 268 -5.70 1.71 -40.03
N ASP B 269 -6.14 1.94 -41.28
CA ASP B 269 -7.43 2.57 -41.53
C ASP B 269 -8.57 1.61 -41.19
N HIS B 270 -9.59 2.08 -40.49
CA HIS B 270 -10.79 1.27 -40.25
C HIS B 270 -12.03 2.03 -40.72
N GLY B 271 -11.81 3.09 -41.50
CA GLY B 271 -12.93 3.84 -42.05
C GLY B 271 -13.56 4.85 -41.11
N LEU B 272 -12.98 5.03 -39.92
CA LEU B 272 -13.51 6.06 -39.03
C LEU B 272 -12.85 7.46 -39.19
N VAL B 273 -11.92 7.59 -40.11
CA VAL B 273 -11.22 8.87 -40.33
C VAL B 273 -10.55 9.40 -39.08
N ASN B 274 -9.92 8.53 -38.29
CA ASN B 274 -9.26 8.95 -37.06
C ASN B 274 -8.19 10.03 -37.26
N GLU B 275 -7.62 10.09 -38.45
CA GLU B 275 -6.47 10.96 -38.71
C GLU B 275 -6.78 12.47 -38.66
N VAL B 276 -8.05 12.81 -38.86
CA VAL B 276 -8.44 14.20 -38.79
C VAL B 276 -8.31 14.80 -37.37
N PRO B 277 -8.99 14.22 -36.36
CA PRO B 277 -8.77 14.70 -35.00
C PRO B 277 -7.32 14.60 -34.57
N LEU B 278 -6.65 13.53 -34.96
CA LEU B 278 -5.24 13.36 -34.61
C LEU B 278 -4.39 14.48 -35.19
N THR B 279 -4.57 14.75 -36.48
CA THR B 279 -3.80 15.82 -37.11
C THR B 279 -4.08 17.14 -36.40
N SER B 280 -5.36 17.39 -36.21
CA SER B 280 -5.80 18.58 -35.53
C SER B 280 -5.15 18.68 -34.14
N TYR B 281 -5.18 17.61 -33.35
CA TYR B 281 -4.55 17.63 -32.02
C TYR B 281 -3.06 17.92 -32.12
N LEU B 282 -2.43 17.43 -33.17
CA LEU B 282 -1.00 17.58 -33.33
C LEU B 282 -0.63 18.87 -34.02
N ARG B 283 -1.60 19.78 -34.16
CA ARG B 283 -1.34 21.03 -34.85
C ARG B 283 -0.53 20.82 -36.13
N ASN B 284 -0.78 19.70 -36.81
CA ASN B 284 -0.02 19.35 -37.98
C ASN B 284 1.51 19.49 -37.89
N LYS B 285 2.07 19.39 -36.67
CA LYS B 285 3.53 19.45 -36.51
C LYS B 285 4.18 18.08 -36.70
N VAL B 286 3.34 17.03 -36.70
CA VAL B 286 3.84 15.67 -36.84
C VAL B 286 2.95 14.88 -37.80
N PRO B 287 3.52 14.37 -38.88
CA PRO B 287 2.67 13.73 -39.89
C PRO B 287 1.91 12.51 -39.35
N VAL B 288 0.72 12.31 -39.90
CA VAL B 288 -0.12 11.20 -39.51
C VAL B 288 -0.40 10.41 -40.77
N LEU B 289 0.11 9.18 -40.84
CA LEU B 289 0.04 8.38 -42.05
C LEU B 289 -0.93 7.25 -41.87
N VAL B 290 -1.74 7.02 -42.89
CA VAL B 290 -2.78 6.01 -42.80
C VAL B 290 -2.53 4.80 -43.70
N LEU B 291 -2.30 3.65 -43.10
CA LEU B 291 -2.16 2.43 -43.89
C LEU B 291 -3.53 1.90 -44.31
N PRO B 292 -3.60 1.29 -45.48
CA PRO B 292 -4.86 0.72 -45.98
C PRO B 292 -5.24 -0.48 -45.13
N PRO B 293 -6.53 -0.84 -45.14
CA PRO B 293 -7.01 -1.93 -44.26
C PRO B 293 -6.20 -3.23 -44.43
N VAL B 294 -5.89 -3.90 -43.33
CA VAL B 294 -5.15 -5.16 -43.42
C VAL B 294 -6.07 -6.35 -43.68
N PRO B 295 -5.70 -7.20 -44.67
CA PRO B 295 -6.49 -8.40 -45.01
C PRO B 295 -6.90 -9.17 -43.77
N LYS B 296 -8.18 -9.50 -43.73
CA LYS B 296 -8.78 -10.10 -42.55
C LYS B 296 -8.57 -11.61 -42.62
N ASP B 297 -8.56 -12.15 -43.83
CA ASP B 297 -8.33 -13.57 -44.05
C ASP B 297 -6.96 -14.02 -43.51
N PRO B 298 -6.98 -14.88 -42.50
CA PRO B 298 -5.82 -15.41 -41.77
C PRO B 298 -4.78 -16.14 -42.62
N SER B 299 -5.10 -16.45 -43.87
CA SER B 299 -4.16 -17.21 -44.68
C SER B 299 -3.44 -16.34 -45.70
N ASP B 300 -3.66 -15.04 -45.62
CA ASP B 300 -3.13 -14.09 -46.62
C ASP B 300 -1.62 -13.84 -46.46
N ASP B 301 -0.86 -14.19 -47.49
CA ASP B 301 0.49 -13.67 -47.77
C ASP B 301 0.85 -12.35 -47.05
N LEU B 302 0.07 -11.30 -47.34
CA LEU B 302 0.30 -9.89 -46.98
C LEU B 302 1.21 -9.15 -47.97
N ILE B 303 1.70 -9.89 -48.95
CA ILE B 303 2.65 -9.30 -49.90
C ILE B 303 2.02 -8.18 -50.71
N GLU B 304 0.80 -8.37 -51.17
CA GLU B 304 0.19 -7.32 -51.97
C GLU B 304 -0.20 -6.15 -51.10
N TRP B 305 -0.47 -6.40 -49.82
CA TRP B 305 -0.79 -5.33 -48.89
C TRP B 305 0.42 -4.46 -48.71
N PHE B 306 1.59 -5.10 -48.55
CA PHE B 306 2.85 -4.37 -48.45
C PHE B 306 3.15 -3.58 -49.69
N VAL B 307 2.93 -4.18 -50.85
CA VAL B 307 3.08 -3.48 -52.10
C VAL B 307 2.12 -2.29 -52.19
N GLU B 308 0.86 -2.51 -51.81
CA GLU B 308 -0.15 -1.45 -51.87
C GLU B 308 0.22 -0.32 -50.88
N SER B 309 0.90 -0.71 -49.79
CA SER B 309 1.23 0.19 -48.69
C SER B 309 2.57 0.88 -48.85
N ASP B 310 3.22 0.67 -50.00
CA ASP B 310 4.55 1.20 -50.24
C ASP B 310 4.66 2.72 -50.12
N GLY B 311 3.69 3.44 -50.67
CA GLY B 311 3.68 4.89 -50.59
C GLY B 311 3.83 5.38 -49.16
N VAL B 312 2.98 4.83 -48.28
CA VAL B 312 2.94 5.21 -46.88
C VAL B 312 4.28 4.89 -46.21
N PHE B 313 4.83 3.71 -46.48
CA PHE B 313 6.10 3.34 -45.85
C PHE B 313 7.25 4.18 -46.35
N LYS B 314 7.30 4.49 -47.64
CA LYS B 314 8.33 5.43 -48.10
C LYS B 314 8.21 6.79 -47.37
N ALA B 315 6.99 7.30 -47.20
CA ALA B 315 6.79 8.58 -46.51
C ALA B 315 7.31 8.49 -45.09
N LEU B 316 7.05 7.35 -44.46
CA LEU B 316 7.48 7.09 -43.09
C LEU B 316 9.00 7.08 -43.01
N LYS B 317 9.61 6.27 -43.88
CA LYS B 317 11.04 6.21 -44.01
C LYS B 317 11.63 7.60 -44.24
N GLU B 318 11.11 8.33 -45.22
CA GLU B 318 11.63 9.67 -45.53
C GLU B 318 11.55 10.56 -44.31
N THR B 319 10.39 10.56 -43.68
CA THR B 319 10.17 11.33 -42.47
C THR B 319 11.22 11.01 -41.41
N MET B 320 11.46 9.73 -41.15
CA MET B 320 12.42 9.34 -40.11
C MET B 320 13.85 9.79 -40.45
N VAL B 321 14.28 9.54 -41.69
CA VAL B 321 15.62 9.93 -42.15
C VAL B 321 15.82 11.44 -42.10
N LEU B 322 14.87 12.20 -42.63
CA LEU B 322 14.93 13.66 -42.61
C LEU B 322 14.92 14.23 -41.19
N ALA B 323 14.07 13.69 -40.32
CA ALA B 323 14.04 14.20 -38.95
C ALA B 323 15.43 14.06 -38.32
N ASN B 324 16.09 12.94 -38.58
CA ASN B 324 17.44 12.73 -38.05
C ASN B 324 18.40 13.74 -38.66
N LEU B 325 18.41 13.82 -40.00
CA LEU B 325 19.24 14.82 -40.67
C LEU B 325 19.07 16.21 -40.06
N GLU B 326 17.85 16.71 -40.04
CA GLU B 326 17.59 18.03 -39.43
C GLU B 326 17.99 18.13 -37.95
N ARG B 327 17.89 17.03 -37.22
CA ARG B 327 18.27 17.05 -35.82
C ARG B 327 19.77 17.31 -35.67
N LEU B 328 20.58 16.63 -36.49
CA LEU B 328 22.02 16.74 -36.45
C LEU B 328 22.46 18.08 -36.95
N GLU B 329 21.78 18.58 -37.97
CA GLU B 329 22.08 19.88 -38.50
C GLU B 329 22.01 20.94 -37.40
N ARG B 330 20.99 20.83 -36.53
CA ARG B 330 20.84 21.75 -35.40
C ARG B 330 21.96 21.54 -34.38
N LEU B 331 22.16 20.30 -33.95
CA LEU B 331 23.23 20.03 -33.00
C LEU B 331 24.59 20.61 -33.49
N ASN B 332 24.98 20.27 -34.71
CA ASN B 332 26.29 20.69 -35.23
C ASN B 332 26.44 22.21 -35.31
N GLY B 333 25.34 22.92 -35.08
CA GLY B 333 25.34 24.37 -35.19
C GLY B 333 25.18 25.06 -33.83
N MET B 334 24.68 24.34 -32.84
CA MET B 334 24.34 24.93 -31.54
C MET B 334 25.50 25.68 -30.85
N ALA B 335 26.69 25.10 -30.82
CA ALA B 335 27.80 25.70 -30.08
C ALA B 335 28.24 27.02 -30.67
N LYS B 336 28.33 27.08 -32.01
CA LYS B 336 28.76 28.29 -32.69
C LYS B 336 27.75 29.40 -32.47
N LEU B 337 26.49 28.99 -32.48
CA LEU B 337 25.38 29.92 -32.35
C LEU B 337 25.26 30.44 -30.90
N ALA B 338 25.54 29.59 -29.92
CA ALA B 338 25.50 29.98 -28.52
C ALA B 338 26.49 31.11 -28.26
N GLY B 339 27.64 31.01 -28.90
CA GLY B 339 28.72 31.96 -28.64
C GLY B 339 28.46 33.28 -29.29
N GLU B 340 27.56 33.29 -30.26
CA GLU B 340 27.19 34.51 -30.98
C GLU B 340 26.01 35.22 -30.28
N VAL B 341 25.10 34.47 -29.68
CA VAL B 341 23.84 35.05 -29.24
C VAL B 341 23.72 35.19 -27.72
N PHE B 342 24.18 34.18 -26.98
CA PHE B 342 24.18 34.23 -25.52
C PHE B 342 25.13 35.27 -24.92
N TRP B 343 24.80 35.73 -23.72
CA TRP B 343 25.75 36.40 -22.86
C TRP B 343 25.75 35.62 -21.53
N TRP B 344 26.66 34.65 -21.42
CA TRP B 344 26.74 33.77 -20.26
C TRP B 344 27.08 34.54 -18.97
N PRO B 345 26.54 34.12 -17.82
CA PRO B 345 26.85 34.77 -16.55
C PRO B 345 28.23 34.33 -16.03
N PHE B 346 28.97 35.21 -15.37
CA PHE B 346 30.24 34.84 -14.76
C PHE B 346 31.19 34.23 -15.77
N THR B 347 31.24 34.74 -16.99
CA THR B 347 32.11 34.14 -17.99
C THR B 347 32.74 35.13 -18.96
N GLN B 348 34.07 35.11 -19.03
CA GLN B 348 34.79 36.02 -19.90
C GLN B 348 34.68 35.44 -21.30
N HIS B 349 33.82 36.02 -22.11
CA HIS B 349 33.56 35.43 -23.41
C HIS B 349 34.81 35.30 -24.25
N LYS B 350 35.71 36.26 -24.14
CA LYS B 350 36.87 36.30 -24.99
C LYS B 350 37.77 35.06 -24.84
N LEU B 351 37.67 34.40 -23.69
CA LEU B 351 38.48 33.22 -23.41
C LEU B 351 37.73 31.94 -23.76
N VAL B 352 36.49 32.08 -24.20
CA VAL B 352 35.66 30.93 -24.56
C VAL B 352 35.77 30.69 -26.04
N HIS B 353 35.97 29.43 -26.42
CA HIS B 353 36.04 29.06 -27.84
C HIS B 353 35.00 28.01 -28.17
N GLN B 354 34.61 27.97 -29.44
CA GLN B 354 33.57 27.07 -29.85
C GLN B 354 33.79 25.64 -29.37
N GLU B 355 35.04 25.20 -29.44
CA GLU B 355 35.39 23.81 -29.11
C GLU B 355 35.08 23.43 -27.66
N THR B 356 34.95 24.42 -26.77
CA THR B 356 34.67 24.09 -25.36
C THR B 356 33.27 24.41 -24.86
N VAL B 357 32.43 24.93 -25.73
CA VAL B 357 31.01 25.06 -25.42
C VAL B 357 30.35 23.66 -25.40
N THR B 358 29.81 23.26 -24.28
CA THR B 358 29.17 21.95 -24.20
C THR B 358 27.73 21.97 -24.73
N VAL B 359 27.42 21.03 -25.61
CA VAL B 359 26.07 20.88 -26.17
C VAL B 359 25.32 19.80 -25.38
N ILE B 360 24.34 20.23 -24.60
CA ILE B 360 23.60 19.35 -23.71
C ILE B 360 22.21 19.10 -24.32
N ASP B 361 21.97 17.85 -24.71
CA ASP B 361 20.76 17.45 -25.40
C ASP B 361 19.65 17.07 -24.44
N SER B 362 20.02 16.74 -23.19
CA SER B 362 19.04 16.31 -22.18
C SER B 362 19.76 15.93 -20.90
N ARG B 363 19.02 15.69 -19.84
CA ARG B 363 19.61 15.05 -18.68
C ARG B 363 18.71 13.92 -18.23
N CYS B 364 19.29 12.94 -17.56
CA CYS B 364 18.53 11.89 -16.95
C CYS B 364 19.12 11.61 -15.59
N GLY B 365 18.53 12.21 -14.56
CA GLY B 365 19.08 12.12 -13.24
C GLY B 365 20.39 12.88 -13.17
N GLU B 366 21.42 12.22 -12.65
CA GLU B 366 22.70 12.86 -12.48
C GLU B 366 23.48 13.05 -13.78
N ASN B 367 23.03 12.43 -14.89
CA ASN B 367 23.80 12.46 -16.16
C ASN B 367 23.30 13.36 -17.28
N PHE B 368 24.15 14.28 -17.73
CA PHE B 368 23.89 15.01 -18.97
C PHE B 368 24.02 13.99 -20.08
N SER B 369 23.28 14.19 -21.18
CA SER B 369 23.65 13.57 -22.45
C SER B 369 24.24 14.67 -23.28
N ILE B 370 25.49 14.51 -23.66
CA ILE B 370 26.21 15.55 -24.37
CA ILE B 370 26.15 15.57 -24.40
C ILE B 370 26.49 15.13 -25.82
N TYR B 371 26.35 16.07 -26.73
CA TYR B 371 26.64 15.83 -28.13
C TYR B 371 28.07 16.23 -28.48
N LYS B 372 28.82 15.33 -29.10
CA LYS B 372 30.17 15.64 -29.58
C LYS B 372 30.26 15.31 -31.04
N ALA B 373 30.40 16.32 -31.88
CA ALA B 373 30.67 16.10 -33.30
C ALA B 373 32.06 15.52 -33.50
N SER B 374 33.04 16.09 -32.80
CA SER B 374 34.39 15.55 -32.75
C SER B 374 34.36 14.01 -32.68
N ASP B 375 33.84 13.46 -31.58
CA ASP B 375 33.77 12.00 -31.40
C ASP B 375 33.49 11.27 -32.72
N ASN B 376 32.23 10.92 -32.95
CA ASN B 376 31.84 10.44 -34.26
C ASN B 376 30.37 10.77 -34.42
N SER B 377 30.06 12.03 -34.17
CA SER B 377 28.72 12.42 -33.79
C SER B 377 28.23 11.38 -32.79
N SER B 378 28.01 11.79 -31.57
CA SER B 378 27.55 10.84 -30.58
C SER B 378 27.00 11.60 -29.38
N LEU B 379 26.12 10.92 -28.65
CA LEU B 379 25.61 11.40 -27.40
C LEU B 379 26.24 10.51 -26.35
N SER B 380 26.81 11.11 -25.33
CA SER B 380 27.40 10.30 -24.29
C SER B 380 27.02 10.85 -22.94
N GLN B 381 26.99 9.97 -21.94
CA GLN B 381 26.67 10.41 -20.61
C GLN B 381 27.83 11.12 -19.92
N GLN B 382 27.51 12.14 -19.12
CA GLN B 382 28.53 12.73 -18.26
C GLN B 382 27.94 13.10 -16.94
N PHE B 383 28.60 12.70 -15.86
CA PHE B 383 28.08 13.00 -14.54
C PHE B 383 28.15 14.48 -14.23
N ASP B 384 27.05 15.03 -13.79
CA ASP B 384 27.00 16.46 -13.51
C ASP B 384 27.53 16.73 -12.10
N ALA B 385 28.86 16.84 -12.00
CA ALA B 385 29.55 16.85 -10.70
C ALA B 385 29.63 18.22 -10.05
N CYS B 386 29.36 19.28 -10.82
CA CYS B 386 29.11 20.58 -10.19
C CYS B 386 27.64 20.73 -9.81
N ALA B 387 26.86 19.67 -10.02
CA ALA B 387 25.44 19.70 -9.67
C ALA B 387 24.72 20.94 -10.26
N SER B 388 25.12 21.31 -11.47
CA SER B 388 24.57 22.46 -12.17
C SER B 388 24.37 23.64 -11.23
N TRP B 389 25.50 24.16 -10.73
CA TRP B 389 25.51 25.33 -9.87
C TRP B 389 24.93 25.00 -8.47
N TRP B 390 25.19 23.79 -8.01
CA TRP B 390 24.77 23.37 -6.68
C TRP B 390 23.25 23.33 -6.53
N THR B 391 22.53 23.25 -7.64
CA THR B 391 21.08 23.01 -7.59
C THR B 391 20.73 21.50 -7.54
N GLN B 392 21.57 20.67 -8.14
CA GLN B 392 21.18 19.31 -8.54
C GLN B 392 20.89 18.28 -7.47
N GLY B 393 19.87 17.49 -7.80
CA GLY B 393 19.25 16.60 -6.87
C GLY B 393 18.59 15.34 -7.36
N PRO B 394 17.84 15.38 -8.49
CA PRO B 394 17.04 14.16 -8.71
C PRO B 394 17.76 13.03 -9.47
N ASP B 395 17.60 11.81 -8.89
CA ASP B 395 17.54 10.47 -9.50
C ASP B 395 16.85 10.47 -10.88
N PRO B 396 17.15 9.47 -11.74
CA PRO B 396 16.24 9.36 -12.90
C PRO B 396 14.76 9.07 -12.53
N THR B 397 14.48 8.28 -11.49
CA THR B 397 13.09 8.02 -11.10
C THR B 397 12.44 9.32 -10.64
N PHE B 398 13.14 10.05 -9.79
CA PHE B 398 12.57 11.26 -9.24
C PHE B 398 12.31 12.29 -10.34
N GLN B 399 13.23 12.41 -11.29
CA GLN B 399 13.05 13.40 -12.35
C GLN B 399 11.75 13.16 -13.10
N ALA B 400 11.42 11.91 -13.37
CA ALA B 400 10.25 11.61 -14.16
C ALA B 400 9.03 11.92 -13.32
N GLU B 401 9.08 11.59 -12.03
CA GLU B 401 8.00 11.90 -11.09
CA GLU B 401 7.96 11.88 -11.17
C GLU B 401 7.78 13.41 -11.02
N LEU B 402 8.86 14.14 -10.84
CA LEU B 402 8.71 15.59 -10.78
C LEU B 402 8.11 16.17 -12.06
N ALA B 403 8.49 15.64 -13.22
CA ALA B 403 7.92 16.12 -14.46
C ALA B 403 6.39 15.97 -14.51
N ARG B 404 5.81 14.83 -14.07
CA ARG B 404 4.33 14.72 -14.00
C ARG B 404 3.74 15.67 -12.95
N GLU B 405 4.47 15.96 -11.90
CA GLU B 405 3.92 16.82 -10.86
C GLU B 405 3.89 18.23 -11.44
N MET B 406 4.84 18.54 -12.30
CA MET B 406 4.91 19.90 -12.79
C MET B 406 3.86 20.17 -13.89
N GLY B 407 3.68 19.20 -14.79
CA GLY B 407 2.67 19.37 -15.82
C GLY B 407 1.30 19.56 -15.16
N TYR B 408 1.02 18.74 -14.15
CA TYR B 408 -0.23 18.86 -13.40
C TYR B 408 -0.39 20.24 -12.81
N THR B 409 0.69 20.74 -12.22
CA THR B 409 0.63 22.05 -11.56
C THR B 409 0.46 23.18 -12.58
N ALA B 410 1.09 23.04 -13.75
CA ALA B 410 0.87 24.04 -14.82
C ALA B 410 -0.58 24.00 -15.24
N ALA B 411 -1.11 22.80 -15.50
CA ALA B 411 -2.47 22.67 -15.98
C ALA B 411 -3.52 23.10 -14.93
N ARG B 412 -3.22 22.91 -13.66
CA ARG B 412 -4.20 23.19 -12.62
C ARG B 412 -4.17 24.65 -12.16
N PHE B 413 -2.98 25.26 -12.10
CA PHE B 413 -2.81 26.55 -11.44
C PHE B 413 -2.17 27.62 -12.33
N GLY B 414 -1.40 27.20 -13.31
CA GLY B 414 -0.49 28.16 -13.93
C GLY B 414 0.27 28.95 -12.85
N HIS B 415 0.24 30.27 -12.98
CA HIS B 415 0.58 31.11 -11.85
C HIS B 415 -0.65 31.87 -11.42
N VAL B 416 -0.90 31.83 -10.12
CA VAL B 416 -2.01 32.50 -9.47
CA VAL B 416 -2.00 32.56 -9.51
C VAL B 416 -1.49 33.52 -8.43
N MET B 417 -2.03 34.72 -8.40
CA MET B 417 -1.67 35.82 -7.48
C MET B 417 -1.47 35.33 -6.03
N PHE B 418 -0.31 35.59 -5.43
CA PHE B 418 -0.09 35.17 -4.02
C PHE B 418 -0.64 36.07 -2.87
N PRO B 419 -0.34 37.38 -2.86
CA PRO B 419 -0.70 38.17 -1.66
C PRO B 419 -2.17 38.09 -1.19
N GLU B 420 -2.37 37.67 0.06
CA GLU B 420 -3.70 37.62 0.67
C GLU B 420 -4.50 36.45 0.14
N ASN B 421 -3.89 35.65 -0.72
CA ASN B 421 -4.52 34.44 -1.24
C ASN B 421 -3.92 33.15 -0.67
N VAL B 422 -4.55 32.02 -0.95
CA VAL B 422 -3.96 30.74 -0.57
C VAL B 422 -4.32 29.69 -1.63
N TYR B 423 -3.37 28.86 -2.02
CA TYR B 423 -3.61 27.74 -2.91
C TYR B 423 -2.87 26.56 -2.40
N GLU B 424 -3.33 25.36 -2.77
CA GLU B 424 -2.77 24.15 -2.17
C GLU B 424 -1.24 24.03 -2.18
N PRO B 425 -0.59 24.22 -3.34
CA PRO B 425 0.87 23.97 -3.31
C PRO B 425 1.68 24.96 -2.46
N ALA B 426 1.27 26.24 -2.46
CA ALA B 426 2.03 27.20 -1.65
C ALA B 426 1.85 26.86 -0.16
N LEU B 427 0.61 26.58 0.23
CA LEU B 427 0.35 26.25 1.61
C LEU B 427 1.06 24.96 2.06
N LYS B 428 1.01 23.93 1.22
CA LYS B 428 1.63 22.62 1.57
C LYS B 428 3.12 22.84 1.80
N CYS B 429 3.71 23.59 0.89
CA CYS B 429 5.13 23.88 0.95
C CYS B 429 5.49 24.59 2.26
N ALA B 430 4.67 25.57 2.65
CA ALA B 430 4.91 26.27 3.91
C ALA B 430 4.80 25.35 5.15
N GLU B 431 3.79 24.48 5.17
CA GLU B 431 3.66 23.52 6.27
C GLU B 431 4.91 22.61 6.36
N LEU B 432 5.32 22.08 5.22
CA LEU B 432 6.44 21.15 5.20
C LEU B 432 7.71 21.84 5.62
N LEU B 433 7.83 23.12 5.27
CA LEU B 433 9.00 23.89 5.63
C LEU B 433 9.02 24.12 7.13
N LEU B 434 7.88 24.55 7.66
CA LEU B 434 7.80 24.92 9.06
C LEU B 434 7.93 23.70 9.94
N ASP B 435 7.40 22.58 9.47
CA ASP B 435 7.39 21.37 10.28
C ASP B 435 8.75 20.63 10.20
N GLY B 436 9.62 21.09 9.29
CA GLY B 436 10.89 20.44 9.05
C GLY B 436 12.08 21.32 9.36
N VAL B 437 12.63 21.85 8.29
CA VAL B 437 13.72 22.82 8.33
C VAL B 437 13.48 23.98 9.32
N GLY B 438 12.22 24.30 9.57
CA GLY B 438 11.87 25.41 10.44
C GLY B 438 11.47 24.96 11.84
N LYS B 439 11.50 23.65 12.08
CA LYS B 439 11.03 23.05 13.33
C LYS B 439 11.77 23.58 14.56
N GLY B 440 11.03 24.06 15.54
CA GLY B 440 11.66 24.55 16.76
C GLY B 440 12.09 26.01 16.77
N TRP B 441 11.82 26.75 15.70
CA TRP B 441 12.15 28.18 15.71
C TRP B 441 11.25 29.04 14.82
N ALA B 442 10.98 28.58 13.61
CA ALA B 442 10.33 29.43 12.64
C ALA B 442 8.81 29.34 12.72
N SER B 443 8.11 30.44 12.42
CA SER B 443 6.65 30.38 12.36
CA SER B 443 6.64 30.46 12.41
C SER B 443 6.08 31.09 11.14
N ARG B 444 6.95 31.59 10.27
CA ARG B 444 6.50 32.30 9.06
C ARG B 444 7.32 31.95 7.84
N VAL B 445 6.66 31.91 6.69
CA VAL B 445 7.34 31.66 5.43
C VAL B 445 7.08 32.80 4.48
N TYR B 446 8.15 33.44 4.01
CA TYR B 446 8.10 34.52 3.02
C TYR B 446 8.73 34.12 1.67
N PHE B 447 7.90 34.00 0.63
CA PHE B 447 8.36 33.50 -0.67
C PHE B 447 9.04 34.58 -1.52
N SER B 448 10.01 34.16 -2.32
CA SER B 448 10.60 35.06 -3.30
C SER B 448 11.26 34.19 -4.37
N ASP B 449 11.96 34.80 -5.32
CA ASP B 449 12.39 34.07 -6.51
C ASP B 449 13.70 33.28 -6.45
N ASN B 450 14.71 33.79 -5.75
CA ASN B 450 15.96 33.02 -5.62
C ASN B 450 16.76 33.34 -4.35
N GLY B 451 17.92 32.70 -4.21
CA GLY B 451 18.72 32.91 -3.02
C GLY B 451 18.98 34.38 -2.75
N SER B 452 19.33 35.09 -3.80
CA SER B 452 19.70 36.49 -3.66
C SER B 452 18.53 37.38 -3.20
N THR B 453 17.31 37.14 -3.68
CA THR B 453 16.17 37.90 -3.20
C THR B 453 15.82 37.47 -1.77
N ALA B 454 15.94 36.19 -1.48
CA ALA B 454 15.62 35.72 -0.13
C ALA B 454 16.49 36.43 0.88
N ILE B 455 17.78 36.55 0.55
CA ILE B 455 18.76 37.25 1.39
C ILE B 455 18.42 38.74 1.63
N GLU B 456 18.07 39.45 0.57
CA GLU B 456 17.73 40.87 0.73
C GLU B 456 16.54 41.02 1.67
N ILE B 457 15.57 40.13 1.52
CA ILE B 457 14.39 40.11 2.38
C ILE B 457 14.83 39.82 3.82
N ALA B 458 15.70 38.83 3.97
CA ALA B 458 16.23 38.47 5.28
C ALA B 458 16.90 39.66 5.95
N LEU B 459 17.60 40.47 5.17
CA LEU B 459 18.31 41.64 5.72
C LEU B 459 17.32 42.73 6.16
N LYS B 460 16.27 42.94 5.37
CA LYS B 460 15.20 43.82 5.80
C LYS B 460 14.62 43.26 7.10
N MET B 461 14.32 41.98 7.12
CA MET B 461 13.76 41.39 8.34
C MET B 461 14.65 41.68 9.53
N ALA B 462 15.95 41.41 9.37
CA ALA B 462 16.83 41.47 10.53
C ALA B 462 16.93 42.89 11.08
N PHE B 463 17.06 43.85 10.17
CA PHE B 463 17.22 45.24 10.59
C PHE B 463 15.99 45.79 11.35
N ARG B 464 14.76 45.49 10.91
CA ARG B 464 13.58 45.94 11.65
C ARG B 464 13.67 45.46 13.07
N LYS B 465 13.80 44.15 13.21
CA LYS B 465 13.82 43.53 14.52
C LYS B 465 14.88 44.22 15.35
N PHE B 466 16.02 44.47 14.72
CA PHE B 466 17.10 45.12 15.45
C PHE B 466 16.65 46.50 15.93
N CYS B 467 16.17 47.33 15.00
CA CYS B 467 15.71 48.68 15.35
C CYS B 467 14.56 48.66 16.37
N VAL B 468 13.56 47.79 16.19
CA VAL B 468 12.51 47.67 17.17
C VAL B 468 13.08 47.37 18.55
N ASP B 469 14.08 46.50 18.62
CA ASP B 469 14.71 46.16 19.89
C ASP B 469 15.74 47.17 20.43
N HIS B 470 16.03 48.22 19.66
CA HIS B 470 16.98 49.26 20.09
C HIS B 470 16.45 50.69 19.84
N ASN B 471 15.18 50.91 20.16
CA ASN B 471 14.59 52.22 20.01
C ASN B 471 14.88 52.95 18.68
N PHE B 472 14.43 52.34 17.58
CA PHE B 472 14.42 52.94 16.24
C PHE B 472 15.80 53.31 15.67
N ILE B 482 20.82 57.07 11.50
CA ILE B 482 21.31 55.89 12.21
C ILE B 482 21.71 54.76 11.27
N VAL B 483 23.01 54.58 11.05
CA VAL B 483 23.53 53.64 10.04
C VAL B 483 23.64 52.24 10.59
N VAL B 484 23.19 51.23 9.85
CA VAL B 484 23.39 49.86 10.32
C VAL B 484 24.26 49.02 9.37
N LYS B 485 24.87 48.00 9.94
CA LYS B 485 25.71 47.13 9.15
C LYS B 485 25.61 45.69 9.60
N VAL B 486 26.19 44.83 8.79
CA VAL B 486 26.18 43.43 9.06
C VAL B 486 27.47 43.05 9.79
N ILE B 487 27.42 41.98 10.57
CA ILE B 487 28.64 41.28 10.93
C ILE B 487 28.69 39.93 10.19
N ALA B 488 29.81 39.63 9.54
CA ALA B 488 29.88 38.39 8.77
C ALA B 488 31.30 37.81 8.73
N LEU B 489 31.41 36.60 8.19
CA LEU B 489 32.69 35.94 8.01
C LEU B 489 33.21 36.13 6.59
N ARG B 490 34.33 36.85 6.47
CA ARG B 490 34.97 37.09 5.17
C ARG B 490 35.15 35.78 4.45
N GLY B 491 34.74 35.73 3.19
CA GLY B 491 34.71 34.46 2.47
C GLY B 491 33.29 33.99 2.21
N SER B 492 32.35 34.35 3.10
CA SER B 492 30.96 33.91 2.92
C SER B 492 30.40 34.61 1.68
N TYR B 493 29.34 34.03 1.12
CA TYR B 493 28.75 34.51 -0.13
C TYR B 493 27.25 34.46 0.03
N HIS B 494 26.55 35.41 -0.59
CA HIS B 494 25.11 35.52 -0.35
C HIS B 494 24.25 35.93 -1.55
N GLY B 495 24.78 35.76 -2.76
CA GLY B 495 24.04 36.15 -3.94
C GLY B 495 24.54 37.44 -4.54
N ASP B 496 24.17 37.68 -5.79
CA ASP B 496 24.75 38.78 -6.57
C ASP B 496 23.97 40.11 -6.70
N THR B 497 22.72 40.20 -6.20
CA THR B 497 22.04 41.50 -6.20
C THR B 497 22.65 42.43 -5.11
N LEU B 498 22.50 43.73 -5.30
CA LEU B 498 23.29 44.70 -4.53
C LEU B 498 23.26 44.50 -3.00
N GLY B 499 22.06 44.32 -2.47
CA GLY B 499 21.90 44.14 -1.03
C GLY B 499 22.64 42.91 -0.58
N ALA B 500 22.49 41.82 -1.31
CA ALA B 500 23.19 40.58 -0.99
C ALA B 500 24.69 40.77 -1.04
N MET B 501 25.16 41.54 -2.02
CA MET B 501 26.57 41.85 -2.13
C MET B 501 27.12 42.57 -0.90
N GLU B 502 26.33 43.45 -0.28
CA GLU B 502 26.89 44.30 0.76
C GLU B 502 27.33 43.46 1.94
N ALA B 503 26.75 42.27 2.03
CA ALA B 503 27.02 41.36 3.15
C ALA B 503 28.27 40.57 2.88
N GLN B 504 28.91 40.87 1.76
CA GLN B 504 30.09 40.15 1.33
C GLN B 504 31.29 41.08 1.48
N ALA B 505 32.42 40.54 1.93
CA ALA B 505 33.61 41.38 2.16
C ALA B 505 34.30 41.85 0.87
N PRO B 506 34.92 43.04 0.92
CA PRO B 506 35.62 43.61 -0.24
C PRO B 506 36.61 42.62 -0.82
N SER B 507 36.69 42.56 -2.14
CA SER B 507 37.54 41.60 -2.83
C SER B 507 37.62 42.03 -4.30
N PRO B 508 38.56 41.46 -5.07
CA PRO B 508 38.61 41.78 -6.50
C PRO B 508 37.24 41.68 -7.15
N TYR B 509 36.39 40.83 -6.58
CA TYR B 509 35.07 40.55 -7.13
C TYR B 509 33.95 41.48 -6.61
N THR B 510 34.31 42.61 -6.00
CA THR B 510 33.31 43.62 -5.58
C THR B 510 33.79 45.05 -5.82
N GLY B 511 34.90 45.18 -6.52
CA GLY B 511 35.41 46.49 -6.88
C GLY B 511 34.49 47.27 -7.81
N PHE B 512 34.97 48.43 -8.23
CA PHE B 512 34.16 49.37 -8.99
C PHE B 512 33.71 48.77 -10.33
N LEU B 513 34.55 47.93 -10.90
CA LEU B 513 34.29 47.36 -12.22
C LEU B 513 33.13 46.37 -12.21
N GLN B 514 32.86 45.77 -11.05
CA GLN B 514 31.77 44.81 -10.97
C GLN B 514 30.43 45.46 -10.56
N GLN B 515 30.46 46.30 -9.52
CA GLN B 515 29.29 47.04 -9.06
C GLN B 515 29.74 48.38 -8.44
N PRO B 516 29.50 49.47 -9.17
CA PRO B 516 29.99 50.80 -8.75
C PRO B 516 29.36 51.22 -7.42
N TRP B 517 28.26 50.57 -7.06
CA TRP B 517 27.41 51.06 -5.98
C TRP B 517 27.65 50.25 -4.72
N TYR B 518 28.51 49.25 -4.84
CA TYR B 518 28.87 48.42 -3.70
C TYR B 518 29.71 49.22 -2.72
N THR B 519 29.40 49.13 -1.43
CA THR B 519 30.19 49.90 -0.46
C THR B 519 30.74 49.06 0.70
N GLY B 520 30.44 47.76 0.69
CA GLY B 520 30.87 46.88 1.79
C GLY B 520 30.35 47.37 3.13
N ARG B 521 29.12 46.99 3.45
CA ARG B 521 28.48 47.48 4.67
C ARG B 521 28.55 46.45 5.78
N GLY B 522 29.75 46.14 6.22
CA GLY B 522 29.87 45.11 7.24
C GLY B 522 31.17 45.10 8.01
N LEU B 523 31.11 44.46 9.16
CA LEU B 523 32.28 44.09 9.94
C LEU B 523 32.53 42.62 9.58
N PHE B 524 33.68 42.36 8.97
CA PHE B 524 33.95 41.07 8.37
C PHE B 524 35.11 40.41 9.13
N LEU B 525 34.81 39.29 9.79
CA LEU B 525 35.83 38.58 10.55
C LEU B 525 36.41 37.38 9.77
N ASP B 526 37.67 37.07 10.02
CA ASP B 526 38.30 35.91 9.42
C ASP B 526 37.99 34.64 10.20
N PRO B 527 37.38 33.66 9.53
CA PRO B 527 36.89 32.43 10.17
C PRO B 527 37.92 31.35 10.35
N PRO B 528 37.92 30.70 11.52
CA PRO B 528 38.70 29.44 11.62
C PRO B 528 38.14 28.44 10.62
N THR B 529 39.01 27.69 9.95
CA THR B 529 38.51 26.64 9.05
C THR B 529 38.97 25.29 9.56
N VAL B 530 38.43 24.26 8.94
CA VAL B 530 38.74 22.91 9.33
C VAL B 530 38.80 22.07 8.07
N PHE B 531 39.68 21.07 8.04
CA PHE B 531 39.85 20.26 6.84
C PHE B 531 40.54 18.94 7.13
N LEU B 532 40.35 18.00 6.21
CA LEU B 532 41.06 16.72 6.23
C LEU B 532 42.39 16.77 5.48
N SER B 533 43.44 16.22 6.08
CA SER B 533 44.75 16.11 5.43
C SER B 533 45.52 14.95 6.05
N ASN B 534 46.08 14.11 5.20
CA ASN B 534 46.87 12.96 5.63
C ASN B 534 46.23 12.12 6.71
N GLY B 535 44.94 11.88 6.58
CA GLY B 535 44.26 10.97 7.47
C GLY B 535 43.52 11.58 8.64
N SER B 536 43.85 12.81 8.99
CA SER B 536 43.21 13.39 10.16
C SER B 536 42.63 14.78 9.88
N TRP B 537 41.76 15.24 10.77
CA TRP B 537 41.15 16.56 10.61
C TRP B 537 41.84 17.60 11.47
N ASN B 538 42.04 18.80 10.90
CA ASN B 538 42.76 19.90 11.54
C ASN B 538 41.99 21.20 11.61
N ILE B 539 42.40 22.07 12.52
CA ILE B 539 41.92 23.44 12.56
C ILE B 539 42.99 24.29 11.93
N SER B 540 42.57 25.34 11.22
CA SER B 540 43.46 26.38 10.74
C SER B 540 42.98 27.72 11.29
N LEU B 541 43.76 28.33 12.17
CA LEU B 541 43.40 29.64 12.71
C LEU B 541 43.98 30.81 11.92
N PRO B 542 43.18 31.88 11.74
CA PRO B 542 43.64 33.11 11.09
C PRO B 542 44.75 33.79 11.87
N GLU B 543 45.61 34.56 11.19
CA GLU B 543 46.67 35.32 11.86
C GLU B 543 46.14 35.90 13.15
N SER B 544 45.03 36.63 13.05
CA SER B 544 44.45 37.33 14.20
C SER B 544 44.36 36.46 15.45
N PHE B 545 44.57 35.15 15.31
CA PHE B 545 44.50 34.25 16.47
C PHE B 545 45.85 33.74 16.88
N SER B 546 45.82 32.50 17.38
CA SER B 546 46.99 31.62 17.43
C SER B 546 47.88 31.80 18.65
N THR B 554 43.79 18.40 16.16
CA THR B 554 43.62 17.15 15.42
C THR B 554 42.52 16.29 15.99
N PHE B 555 41.57 15.95 15.15
CA PHE B 555 40.47 15.06 15.49
C PHE B 555 40.53 13.83 14.58
N THR B 556 40.22 12.65 15.10
CA THR B 556 40.16 11.46 14.24
C THR B 556 39.06 11.52 13.20
N SER B 557 37.91 12.07 13.58
CA SER B 557 36.75 12.02 12.71
C SER B 557 36.06 13.36 12.56
N ARG B 558 35.43 13.54 11.40
CA ARG B 558 34.58 14.70 11.16
C ARG B 558 33.58 14.84 12.31
N ASP B 559 33.02 13.71 12.75
CA ASP B 559 32.13 13.69 13.90
C ASP B 559 32.58 14.47 15.12
N GLU B 560 33.88 14.40 15.42
CA GLU B 560 34.34 15.00 16.67
C GLU B 560 34.30 16.53 16.60
N ILE B 561 34.47 17.04 15.39
CA ILE B 561 34.41 18.48 15.16
C ILE B 561 33.04 19.05 15.54
N PHE B 562 31.97 18.30 15.24
CA PHE B 562 30.59 18.76 15.52
C PHE B 562 30.04 18.50 16.94
N ASP B 563 30.87 17.94 17.80
CA ASP B 563 30.47 17.51 19.13
C ASP B 563 30.34 18.71 20.05
N LYS B 564 29.20 18.81 20.76
CA LYS B 564 28.94 19.92 21.69
C LYS B 564 29.95 20.00 22.82
N SER B 565 30.61 18.88 23.08
CA SER B 565 31.62 18.79 24.11
C SER B 565 32.66 19.87 23.92
N ARG B 566 32.90 20.23 22.66
CA ARG B 566 33.89 21.26 22.34
C ARG B 566 33.47 22.62 22.91
N ASP B 567 32.24 22.71 23.38
CA ASP B 567 31.81 23.92 24.06
C ASP B 567 32.62 24.12 25.33
N ALA B 568 33.07 23.03 25.95
CA ALA B 568 33.82 23.11 27.22
C ALA B 568 35.28 23.22 26.90
N SER B 569 35.61 23.18 25.63
CA SER B 569 36.99 23.10 25.22
C SER B 569 37.65 24.46 25.33
N THR B 570 38.95 24.44 25.02
CA THR B 570 39.84 25.59 25.06
C THR B 570 39.49 26.71 24.08
N LEU B 571 39.48 26.35 22.80
CA LEU B 571 39.12 27.24 21.71
C LEU B 571 37.82 27.98 21.99
N ALA B 572 36.88 27.27 22.60
CA ALA B 572 35.59 27.86 22.92
C ALA B 572 35.83 29.23 23.57
N ARG B 573 36.64 29.25 24.62
CA ARG B 573 36.85 30.50 25.35
C ARG B 573 37.64 31.53 24.53
N ILE B 574 38.72 31.09 23.86
CA ILE B 574 39.44 31.97 22.93
C ILE B 574 38.46 32.66 21.95
N TYR B 575 37.63 31.85 21.28
CA TYR B 575 36.59 32.36 20.41
C TYR B 575 35.73 33.48 21.02
N SER B 576 35.11 33.19 22.15
CA SER B 576 34.26 34.17 22.84
C SER B 576 34.98 35.46 23.23
N ALA B 577 36.25 35.35 23.62
CA ALA B 577 37.11 36.50 23.84
C ALA B 577 37.14 37.38 22.60
N TYR B 578 37.85 36.90 21.58
CA TYR B 578 37.86 37.49 20.23
C TYR B 578 36.53 38.09 19.83
N LEU B 579 35.50 37.25 19.75
CA LEU B 579 34.20 37.74 19.31
C LEU B 579 33.71 38.88 20.18
N SER B 580 33.62 38.67 21.50
CA SER B 580 33.14 39.68 22.43
C SER B 580 33.84 41.04 22.24
N LYS B 581 35.17 41.01 22.09
CA LYS B 581 35.95 42.23 21.86
C LYS B 581 35.52 42.96 20.58
N HIS B 582 35.63 42.29 19.44
CA HIS B 582 35.23 42.91 18.16
C HIS B 582 33.78 43.41 18.12
N LEU B 583 32.87 42.71 18.79
CA LEU B 583 31.47 43.12 18.83
C LEU B 583 31.18 44.40 19.62
N GLN B 584 31.75 44.53 20.82
CA GLN B 584 31.48 45.71 21.63
C GLN B 584 32.70 46.62 21.76
N ALA B 593 28.43 53.61 13.12
CA ALA B 593 27.55 52.59 12.51
C ALA B 593 27.39 51.34 13.37
N HIS B 594 26.16 50.84 13.51
CA HIS B 594 25.85 49.71 14.39
C HIS B 594 25.63 48.33 13.70
N VAL B 595 26.14 47.28 14.34
CA VAL B 595 25.91 45.90 13.89
C VAL B 595 24.48 45.51 14.17
N GLY B 596 23.68 45.44 13.10
CA GLY B 596 22.25 45.19 13.24
C GLY B 596 21.83 43.81 12.79
N ALA B 597 22.80 43.00 12.37
CA ALA B 597 22.51 41.64 11.92
C ALA B 597 23.76 40.76 11.78
N LEU B 598 23.63 39.51 12.21
CA LEU B 598 24.58 38.46 11.93
C LEU B 598 24.08 37.63 10.76
N ILE B 599 24.92 37.47 9.74
CA ILE B 599 24.63 36.62 8.58
C ILE B 599 25.76 35.60 8.33
N ILE B 600 25.40 34.32 8.26
CA ILE B 600 26.39 33.27 8.03
C ILE B 600 25.98 32.19 7.00
N GLU B 601 26.97 31.65 6.31
CA GLU B 601 26.86 30.36 5.62
C GLU B 601 27.24 29.27 6.61
N PRO B 602 26.27 28.61 7.21
CA PRO B 602 26.62 27.57 8.19
C PRO B 602 27.53 26.49 7.62
N VAL B 603 28.52 26.07 8.41
CA VAL B 603 29.37 24.91 8.07
C VAL B 603 30.28 25.03 6.84
N ILE B 604 29.71 25.25 5.67
CA ILE B 604 30.50 25.39 4.45
C ILE B 604 30.33 26.73 3.80
N HIS B 605 31.45 27.40 3.54
CA HIS B 605 31.47 28.57 2.69
C HIS B 605 31.62 27.98 1.32
N GLY B 606 30.56 28.08 0.52
CA GLY B 606 30.53 27.45 -0.80
C GLY B 606 31.33 28.19 -1.86
N ALA B 607 30.77 29.30 -2.33
CA ALA B 607 31.36 30.08 -3.43
C ALA B 607 32.79 30.49 -3.09
N GLY B 608 33.05 30.66 -1.79
CA GLY B 608 34.36 31.03 -1.31
C GLY B 608 35.43 29.95 -1.37
N GLY B 609 35.12 28.75 -1.88
CA GLY B 609 36.12 27.70 -2.00
C GLY B 609 35.86 26.41 -1.24
N MET B 610 34.60 26.12 -0.92
CA MET B 610 34.26 24.90 -0.19
C MET B 610 35.13 24.70 1.06
N HIS B 611 35.31 25.76 1.84
CA HIS B 611 35.94 25.64 3.15
C HIS B 611 34.93 25.20 4.22
N MET B 612 35.36 24.30 5.09
CA MET B 612 34.54 24.04 6.26
C MET B 612 34.97 25.00 7.38
N VAL B 613 34.03 25.80 7.87
CA VAL B 613 34.26 26.71 8.97
C VAL B 613 34.06 25.92 10.23
N ASP B 614 34.94 26.10 11.20
CA ASP B 614 34.78 25.44 12.50
C ASP B 614 33.39 25.70 13.06
N PRO B 615 32.59 24.63 13.23
CA PRO B 615 31.21 24.80 13.69
C PRO B 615 31.16 25.42 15.09
N LEU B 616 32.15 25.11 15.92
CA LEU B 616 32.24 25.70 17.24
C LEU B 616 32.28 27.23 17.17
N PHE B 617 33.09 27.74 16.25
CA PHE B 617 33.26 29.19 16.11
C PHE B 617 31.93 29.81 15.70
N GLN B 618 31.25 29.25 14.70
CA GLN B 618 29.94 29.77 14.35
C GLN B 618 28.94 29.74 15.51
N ARG B 619 28.86 28.62 16.22
CA ARG B 619 27.97 28.50 17.39
C ARG B 619 28.31 29.55 18.46
N VAL B 620 29.59 29.89 18.65
CA VAL B 620 29.93 30.91 19.64
C VAL B 620 29.54 32.28 19.12
N LEU B 621 29.82 32.53 17.86
CA LEU B 621 29.44 33.79 17.26
C LEU B 621 27.91 33.99 17.36
N VAL B 622 27.14 32.95 17.12
CA VAL B 622 25.67 33.04 17.14
C VAL B 622 25.15 33.38 18.52
N ASN B 623 25.75 32.77 19.53
CA ASN B 623 25.34 33.02 20.90
C ASN B 623 25.71 34.44 21.36
N GLU B 624 26.92 34.90 21.02
CA GLU B 624 27.30 36.26 21.36
C GLU B 624 26.31 37.23 20.74
N CYS B 625 25.92 37.00 19.49
CA CYS B 625 25.08 37.99 18.81
C CYS B 625 23.68 37.99 19.39
N ARG B 626 23.20 36.81 19.74
CA ARG B 626 21.89 36.73 20.34
C ARG B 626 21.92 37.38 21.72
N ASN B 627 23.03 37.22 22.45
CA ASN B 627 23.15 37.90 23.74
C ASN B 627 23.06 39.42 23.62
N ARG B 628 23.59 39.97 22.53
CA ARG B 628 23.59 41.42 22.30
C ARG B 628 22.34 41.89 21.53
N LYS B 629 21.29 41.06 21.52
CA LYS B 629 20.09 41.31 20.71
C LYS B 629 20.34 41.62 19.22
N ILE B 630 21.31 40.94 18.62
CA ILE B 630 21.53 41.06 17.19
C ILE B 630 20.90 39.87 16.48
N PRO B 631 19.92 40.13 15.59
CA PRO B 631 19.21 39.06 14.89
C PRO B 631 20.17 38.17 14.11
N VAL B 632 19.90 36.87 14.08
CA VAL B 632 20.79 35.92 13.43
C VAL B 632 20.19 35.35 12.14
N ILE B 633 20.89 35.56 11.02
CA ILE B 633 20.46 34.97 9.75
C ILE B 633 21.33 33.74 9.36
N PHE B 634 20.70 32.59 9.11
CA PHE B 634 21.40 31.45 8.50
C PHE B 634 21.11 31.50 6.99
N ASP B 635 22.13 31.74 6.19
CA ASP B 635 21.99 31.60 4.76
C ASP B 635 22.21 30.13 4.43
N GLU B 636 21.12 29.38 4.27
CA GLU B 636 21.17 27.94 4.01
C GLU B 636 20.85 27.65 2.54
N VAL B 637 20.94 28.66 1.70
CA VAL B 637 20.63 28.45 0.29
C VAL B 637 21.48 27.33 -0.30
N PHE B 638 22.76 27.30 0.06
CA PHE B 638 23.62 26.20 -0.32
C PHE B 638 23.35 24.98 0.57
N THR B 639 23.39 25.15 1.89
CA THR B 639 23.48 23.97 2.78
C THR B 639 22.18 23.19 2.90
N GLY B 640 21.07 23.83 2.57
CA GLY B 640 19.77 23.29 2.91
C GLY B 640 19.40 22.03 2.13
N PHE B 641 18.50 21.26 2.71
CA PHE B 641 17.91 20.14 2.01
C PHE B 641 18.94 19.15 1.50
N TRP B 642 19.81 18.75 2.40
CA TRP B 642 20.54 17.50 2.30
C TRP B 642 21.83 17.62 1.54
N ARG B 643 22.13 18.82 1.07
CA ARG B 643 23.46 19.08 0.50
C ARG B 643 24.60 18.53 1.39
N LEU B 644 24.47 18.66 2.71
CA LEU B 644 25.54 18.27 3.64
C LEU B 644 25.12 17.09 4.49
N GLY B 645 24.17 16.31 4.00
CA GLY B 645 23.73 15.15 4.75
C GLY B 645 22.62 15.38 5.77
N VAL B 646 22.18 16.64 5.94
CA VAL B 646 21.12 16.94 6.91
C VAL B 646 20.08 17.82 6.26
N GLU B 647 18.87 17.88 6.81
CA GLU B 647 17.85 18.71 6.18
C GLU B 647 18.17 20.21 6.35
N THR B 648 18.68 20.55 7.53
CA THR B 648 19.08 21.90 7.83
C THR B 648 20.33 21.79 8.67
N THR B 649 21.22 22.76 8.59
CA THR B 649 22.46 22.69 9.37
C THR B 649 22.24 23.07 10.82
N THR B 650 21.02 23.40 11.17
CA THR B 650 20.77 23.64 12.58
C THR B 650 21.10 22.35 13.31
N GLU B 651 20.91 21.21 12.65
CA GLU B 651 21.30 19.90 13.22
C GLU B 651 22.83 19.82 13.45
N LEU B 652 23.59 20.49 12.59
CA LEU B 652 25.04 20.43 12.68
C LEU B 652 25.65 21.47 13.62
N LEU B 653 25.13 22.70 13.61
CA LEU B 653 25.65 23.80 14.43
C LEU B 653 25.22 23.72 15.90
N GLY B 654 24.08 23.08 16.15
CA GLY B 654 23.57 22.98 17.51
C GLY B 654 22.98 24.27 18.08
N CYS B 655 22.61 25.20 17.20
CA CYS B 655 21.90 26.41 17.61
C CYS B 655 20.94 26.83 16.49
N LYS B 656 19.94 27.63 16.83
CA LYS B 656 18.91 28.00 15.88
C LYS B 656 18.96 29.48 15.54
N PRO B 657 18.51 29.85 14.32
CA PRO B 657 18.60 31.25 13.88
C PRO B 657 17.32 32.05 14.19
N ASP B 658 17.28 33.33 13.83
CA ASP B 658 16.04 34.08 13.92
C ASP B 658 15.43 34.08 12.53
N ILE B 659 16.31 34.04 11.54
CA ILE B 659 15.93 34.14 10.14
C ILE B 659 16.79 33.23 9.30
N ALA B 660 16.18 32.59 8.29
CA ALA B 660 16.91 31.67 7.41
C ALA B 660 16.39 31.66 5.97
N CYS B 661 17.31 31.47 5.03
CA CYS B 661 16.99 31.52 3.63
C CYS B 661 17.24 30.17 2.99
N PHE B 662 16.34 29.73 2.11
CA PHE B 662 16.56 28.49 1.37
C PHE B 662 16.26 28.69 -0.09
N ALA B 663 16.97 27.91 -0.91
CA ALA B 663 16.73 27.87 -2.36
C ALA B 663 17.46 26.65 -2.92
N LYS B 664 18.02 26.80 -4.12
CA LYS B 664 18.72 25.72 -4.78
C LYS B 664 18.04 24.34 -4.71
N LEU B 665 18.42 23.50 -3.74
CA LEU B 665 17.86 22.13 -3.61
C LEU B 665 16.43 22.11 -3.09
N LEU B 666 15.95 23.26 -2.62
CA LEU B 666 14.57 23.40 -2.16
C LEU B 666 13.54 22.88 -3.15
N THR B 667 13.80 23.09 -4.42
CA THR B 667 12.92 22.56 -5.45
C THR B 667 13.52 21.38 -6.19
N GLY B 668 14.40 20.64 -5.53
CA GLY B 668 15.00 19.46 -6.13
C GLY B 668 15.61 19.70 -7.51
N GLY B 669 16.08 20.93 -7.74
CA GLY B 669 16.86 21.22 -8.95
C GLY B 669 16.07 21.35 -10.25
N MET B 670 14.77 21.64 -10.16
CA MET B 670 13.94 21.66 -11.37
C MET B 670 13.70 23.06 -11.88
N VAL B 671 13.72 24.01 -10.96
CA VAL B 671 13.17 25.32 -11.23
C VAL B 671 13.39 26.20 -10.01
N PRO B 672 13.57 27.50 -10.22
CA PRO B 672 13.73 28.43 -9.09
C PRO B 672 12.50 28.62 -8.20
N LEU B 673 12.79 28.87 -6.93
CA LEU B 673 11.86 29.25 -5.86
C LEU B 673 12.74 29.48 -4.65
N ALA B 674 12.45 30.52 -3.89
CA ALA B 674 13.20 30.78 -2.67
C ALA B 674 12.29 31.13 -1.53
N VAL B 675 12.85 31.03 -0.35
CA VAL B 675 12.04 31.12 0.83
C VAL B 675 12.85 31.74 1.96
N THR B 676 12.23 32.64 2.71
CA THR B 676 12.88 33.15 3.91
C THR B 676 11.98 32.85 5.09
N LEU B 677 12.47 32.02 6.01
CA LEU B 677 11.72 31.67 7.23
C LEU B 677 12.01 32.63 8.36
N ALA B 678 11.00 32.91 9.17
CA ALA B 678 11.20 33.83 10.28
C ALA B 678 10.49 33.39 11.51
N THR B 679 10.99 33.90 12.60
CA THR B 679 10.46 33.70 13.92
C THR B 679 9.22 34.57 14.16
N ASP B 680 8.37 34.21 15.11
CA ASP B 680 7.19 35.04 15.37
C ASP B 680 7.60 36.48 15.65
N ALA B 681 8.62 36.64 16.50
CA ALA B 681 9.08 37.95 16.95
C ALA B 681 9.56 38.89 15.83
N VAL B 682 10.18 38.34 14.80
CA VAL B 682 10.61 39.12 13.66
C VAL B 682 9.37 39.59 12.89
N PHE B 683 8.47 38.65 12.64
CA PHE B 683 7.18 38.93 12.03
C PHE B 683 6.49 40.08 12.79
N ASP B 684 6.43 39.98 14.11
CA ASP B 684 5.73 41.00 14.91
C ASP B 684 6.26 42.41 14.67
N SER B 685 7.58 42.54 14.46
CA SER B 685 8.18 43.86 14.29
C SER B 685 7.68 44.60 13.03
N PHE B 686 6.90 43.92 12.19
CA PHE B 686 6.25 44.55 11.03
C PHE B 686 4.72 44.65 11.18
N SER B 687 4.20 44.33 12.35
CA SER B 687 2.76 44.38 12.57
C SER B 687 2.35 45.78 12.92
N GLY B 688 1.38 46.32 12.19
CA GLY B 688 0.90 47.66 12.46
C GLY B 688 -0.34 48.06 11.72
N ASP B 689 -0.80 49.29 11.98
CA ASP B 689 -1.99 49.80 11.32
C ASP B 689 -1.68 50.42 9.97
N SER B 690 -0.41 50.72 9.75
CA SER B 690 0.04 51.33 8.51
C SER B 690 0.55 50.26 7.53
N LYS B 691 0.04 50.28 6.31
CA LYS B 691 0.66 49.48 5.26
C LYS B 691 2.14 49.87 5.07
N LEU B 692 2.48 51.11 5.41
CA LEU B 692 3.86 51.57 5.28
C LEU B 692 4.78 50.91 6.30
N LYS B 693 4.23 50.24 7.31
CA LYS B 693 5.08 49.51 8.25
C LYS B 693 5.29 48.05 7.82
N ALA B 694 4.51 47.55 6.86
CA ALA B 694 4.66 46.15 6.48
C ALA B 694 5.98 45.98 5.76
N LEU B 695 6.34 44.73 5.49
CA LEU B 695 7.55 44.45 4.72
C LEU B 695 7.20 44.53 3.23
N LEU B 696 7.69 45.59 2.60
CA LEU B 696 7.26 45.95 1.23
C LEU B 696 8.28 45.50 0.22
N HIS B 697 8.56 44.21 0.23
CA HIS B 697 9.35 43.61 -0.82
C HIS B 697 8.50 42.51 -1.48
N GLY B 698 8.45 42.49 -2.80
CA GLY B 698 7.61 41.51 -3.47
C GLY B 698 8.08 41.31 -4.88
N HIS B 699 7.88 40.11 -5.39
CA HIS B 699 8.20 39.87 -6.80
C HIS B 699 6.96 39.33 -7.46
N SER B 700 6.80 39.62 -8.74
CA SER B 700 5.54 39.30 -9.40
C SER B 700 5.21 37.81 -9.26
N TYR B 701 6.18 36.94 -9.47
CA TYR B 701 5.97 35.49 -9.32
C TYR B 701 6.11 34.94 -7.90
N SER B 702 5.95 35.79 -6.92
CA SER B 702 6.05 35.36 -5.52
C SER B 702 5.21 34.11 -5.29
N ALA B 703 5.82 33.08 -4.73
CA ALA B 703 5.17 31.80 -4.41
C ALA B 703 4.50 31.17 -5.62
N HIS B 704 5.15 31.21 -6.77
CA HIS B 704 4.55 30.60 -7.94
C HIS B 704 4.21 29.12 -7.71
N ALA B 705 2.99 28.73 -8.05
CA ALA B 705 2.52 27.37 -7.78
C ALA B 705 3.46 26.32 -8.37
N MET B 706 4.03 26.62 -9.53
CA MET B 706 4.98 25.71 -10.16
C MET B 706 6.11 25.34 -9.20
N GLY B 707 6.81 26.35 -8.70
CA GLY B 707 7.87 26.16 -7.71
C GLY B 707 7.42 25.58 -6.36
N CYS B 708 6.24 25.98 -5.88
CA CYS B 708 5.77 25.50 -4.59
C CYS B 708 5.46 24.02 -4.66
N ALA B 709 4.81 23.62 -5.74
CA ALA B 709 4.39 22.23 -5.88
C ALA B 709 5.63 21.37 -5.94
N THR B 710 6.58 21.81 -6.76
CA THR B 710 7.84 21.09 -6.90
C THR B 710 8.58 20.93 -5.56
N ALA B 711 8.70 22.02 -4.81
CA ALA B 711 9.41 21.97 -3.53
C ALA B 711 8.71 21.06 -2.51
N ALA B 712 7.39 21.09 -2.50
CA ALA B 712 6.63 20.29 -1.53
C ALA B 712 6.92 18.83 -1.83
N LYS B 713 6.99 18.56 -3.12
CA LYS B 713 7.29 17.22 -3.60
C LYS B 713 8.69 16.78 -3.17
N ALA B 714 9.69 17.64 -3.44
CA ALA B 714 11.08 17.32 -3.14
C ALA B 714 11.40 17.20 -1.64
N ILE B 715 10.78 18.07 -0.86
CA ILE B 715 11.02 18.10 0.56
C ILE B 715 10.61 16.78 1.17
N GLN B 716 9.53 16.21 0.68
CA GLN B 716 9.06 14.93 1.19
C GLN B 716 9.90 13.77 0.63
N TRP B 717 10.20 13.84 -0.67
CA TRP B 717 10.85 12.75 -1.38
C TRP B 717 12.26 12.49 -0.87
N PHE B 718 13.02 13.58 -0.65
CA PHE B 718 14.40 13.52 -0.17
C PHE B 718 14.53 12.93 1.24
N LYS B 719 13.46 13.08 2.04
CA LYS B 719 13.44 12.78 3.46
C LYS B 719 12.86 11.39 3.76
N ASP B 720 12.23 10.79 2.76
CA ASP B 720 11.47 9.55 2.94
C ASP B 720 12.30 8.31 2.64
N PRO B 721 12.51 7.46 3.64
CA PRO B 721 13.36 6.30 3.39
C PRO B 721 12.85 5.48 2.22
N GLU B 722 11.57 5.60 1.90
CA GLU B 722 11.13 4.87 0.73
C GLU B 722 11.62 5.36 -0.63
N THR B 723 11.93 6.65 -0.74
CA THR B 723 12.28 7.20 -2.04
C THR B 723 13.74 7.63 -2.11
N ASN B 724 14.35 7.79 -0.94
CA ASN B 724 15.76 8.12 -0.88
C ASN B 724 16.45 7.06 -0.06
N HIS B 725 17.13 6.15 -0.74
CA HIS B 725 17.79 5.06 -0.03
C HIS B 725 19.04 5.45 0.77
N ASN B 726 19.42 6.72 0.71
CA ASN B 726 20.54 7.17 1.53
C ASN B 726 20.10 7.59 2.93
N ILE B 727 18.80 7.88 3.03
CA ILE B 727 18.14 8.25 4.30
CA ILE B 727 18.19 8.25 4.28
C ILE B 727 17.95 7.00 5.12
N THR B 728 18.05 7.11 6.43
CA THR B 728 17.58 6.00 7.27
C THR B 728 16.14 6.27 7.71
N SER B 729 15.55 5.37 8.49
CA SER B 729 14.37 5.83 9.19
C SER B 729 14.64 6.68 10.45
N GLN B 730 15.83 6.63 11.10
CA GLN B 730 15.95 7.64 12.17
C GLN B 730 15.59 8.95 11.48
N GLY B 731 16.06 9.06 10.23
CA GLY B 731 15.50 9.99 9.27
C GLY B 731 16.09 11.36 9.38
N LYS B 732 17.18 11.48 10.12
CA LYS B 732 17.74 12.82 10.31
C LYS B 732 19.00 13.05 9.55
N THR B 733 19.57 11.98 9.01
CA THR B 733 20.87 12.13 8.39
C THR B 733 21.05 11.15 7.26
N LEU B 734 21.88 11.51 6.28
CA LEU B 734 22.17 10.60 5.19
C LEU B 734 23.33 9.71 5.61
N ARG B 735 23.38 8.50 5.10
CA ARG B 735 24.52 7.64 5.33
C ARG B 735 25.73 8.20 4.56
N GLU B 736 26.94 7.78 4.94
CA GLU B 736 28.15 8.28 4.29
C GLU B 736 28.07 7.89 2.83
N LEU B 737 28.19 8.86 1.93
CA LEU B 737 28.20 8.57 0.50
C LEU B 737 29.58 8.38 -0.15
N TRP B 738 30.65 8.82 0.51
CA TRP B 738 31.94 8.81 -0.15
C TRP B 738 32.88 7.75 0.42
N ASP B 739 33.33 6.85 -0.46
CA ASP B 739 34.22 5.76 -0.06
C ASP B 739 35.34 6.19 0.87
N GLU B 740 35.32 5.68 2.11
CA GLU B 740 36.25 6.11 3.14
C GLU B 740 37.74 5.95 2.75
N GLU B 741 38.08 4.78 2.26
CA GLU B 741 39.46 4.54 1.87
C GLU B 741 39.94 5.49 0.77
N LEU B 742 39.12 5.64 -0.27
CA LEU B 742 39.47 6.56 -1.38
C LEU B 742 39.65 8.00 -0.90
N VAL B 743 38.85 8.40 0.08
CA VAL B 743 38.91 9.73 0.66
C VAL B 743 40.23 9.90 1.40
N GLN B 744 40.56 8.93 2.24
CA GLN B 744 41.86 8.95 2.93
C GLN B 744 43.01 9.05 1.93
N GLN B 745 43.00 8.18 0.93
CA GLN B 745 44.03 8.18 -0.12
C GLN B 745 44.16 9.53 -0.80
N ILE B 746 43.03 10.10 -1.17
CA ILE B 746 43.08 11.37 -1.87
C ILE B 746 43.56 12.46 -0.95
N SER B 747 43.15 12.38 0.32
CA SER B 747 43.56 13.35 1.35
C SER B 747 45.05 13.24 1.65
N SER B 748 45.68 12.14 1.23
CA SER B 748 47.09 11.92 1.54
C SER B 748 47.98 12.05 0.32
N HIS B 749 47.38 12.29 -0.83
CA HIS B 749 48.17 12.52 -2.04
C HIS B 749 48.96 13.85 -1.96
N SER B 750 50.14 13.88 -2.59
CA SER B 750 51.07 14.98 -2.44
C SER B 750 50.63 16.23 -3.16
N ALA B 751 49.71 16.10 -4.08
CA ALA B 751 49.25 17.26 -4.83
C ALA B 751 48.08 17.94 -4.13
N VAL B 752 47.63 17.36 -3.01
CA VAL B 752 46.39 17.78 -2.36
C VAL B 752 46.58 18.53 -1.06
N GLN B 753 46.19 19.79 -1.02
CA GLN B 753 46.43 20.58 0.18
C GLN B 753 45.46 20.17 1.28
N ARG B 754 44.19 20.00 0.92
CA ARG B 754 43.19 19.67 1.92
C ARG B 754 42.02 19.00 1.25
N VAL B 755 41.21 18.34 2.06
CA VAL B 755 39.97 17.76 1.59
C VAL B 755 38.86 18.18 2.51
N VAL B 756 37.70 18.49 1.94
CA VAL B 756 36.48 18.67 2.73
C VAL B 756 35.45 17.72 2.15
N VAL B 757 34.98 16.81 2.99
CA VAL B 757 34.01 15.81 2.56
C VAL B 757 32.87 15.76 3.59
N ILE B 758 31.62 15.87 3.13
CA ILE B 758 30.46 15.77 4.00
C ILE B 758 29.21 15.70 3.15
N GLY B 759 28.34 14.74 3.47
CA GLY B 759 27.12 14.54 2.71
C GLY B 759 27.37 14.35 1.22
N THR B 760 26.73 15.16 0.40
CA THR B 760 26.88 15.06 -1.04
C THR B 760 28.10 15.80 -1.61
N LEU B 761 28.94 16.39 -0.76
CA LEU B 761 30.09 17.20 -1.24
C LEU B 761 31.42 16.48 -1.04
N PHE B 762 32.17 16.29 -2.12
CA PHE B 762 33.59 15.96 -1.99
C PHE B 762 34.45 17.01 -2.68
N ALA B 763 35.26 17.73 -1.88
CA ALA B 763 36.10 18.81 -2.41
C ALA B 763 37.54 18.61 -1.99
N LEU B 764 38.46 18.96 -2.88
CA LEU B 764 39.89 18.99 -2.55
C LEU B 764 40.53 20.27 -3.08
N GLU B 765 41.48 20.82 -2.35
CA GLU B 765 42.23 21.95 -2.87
C GLU B 765 43.63 21.49 -3.27
N LEU B 766 44.04 21.85 -4.49
CA LEU B 766 45.37 21.51 -4.99
C LEU B 766 46.41 22.51 -4.52
N LYS B 767 47.60 21.98 -4.17
CA LYS B 767 48.71 22.85 -3.81
C LYS B 767 49.03 23.74 -5.00
N ALA B 768 49.39 24.99 -4.74
CA ALA B 768 49.87 25.84 -5.82
C ALA B 768 50.98 26.76 -5.35
N SER B 777 46.42 27.06 -10.74
CA SER B 777 47.46 26.04 -10.65
C SER B 777 47.30 24.96 -11.74
N LEU B 778 48.44 24.51 -12.29
CA LEU B 778 48.40 23.66 -13.49
C LEU B 778 47.60 22.38 -13.26
N TYR B 779 47.81 21.75 -12.11
CA TYR B 779 47.09 20.54 -11.78
C TYR B 779 45.57 20.73 -11.90
N ALA B 780 45.05 21.86 -11.43
CA ALA B 780 43.61 22.09 -11.41
C ALA B 780 43.04 22.35 -12.80
N LYS B 781 43.74 23.11 -13.63
CA LYS B 781 43.19 23.31 -14.97
C LYS B 781 43.25 21.96 -15.67
N SER B 782 44.21 21.14 -15.22
CA SER B 782 44.44 19.85 -15.82
C SER B 782 43.44 18.79 -15.35
N LEU B 783 43.22 18.70 -14.05
CA LEU B 783 42.22 17.76 -13.52
C LEU B 783 40.87 17.99 -14.18
N LEU B 784 40.51 19.25 -14.35
CA LEU B 784 39.23 19.55 -14.97
C LEU B 784 39.10 18.86 -16.34
N ILE B 785 40.08 19.05 -17.21
CA ILE B 785 40.07 18.41 -18.52
C ILE B 785 40.10 16.87 -18.39
N MET B 786 40.95 16.37 -17.50
CA MET B 786 41.09 14.94 -17.35
C MET B 786 39.78 14.31 -16.96
N LEU B 787 39.07 14.94 -16.02
CA LEU B 787 37.85 14.37 -15.48
C LEU B 787 36.80 14.34 -16.58
N ARG B 788 36.83 15.39 -17.40
CA ARG B 788 35.88 15.53 -18.51
C ARG B 788 36.07 14.37 -19.47
N GLU B 789 37.33 13.99 -19.70
CA GLU B 789 37.61 12.82 -20.51
C GLU B 789 37.09 11.54 -19.85
N ASP B 790 36.97 11.55 -18.51
CA ASP B 790 36.45 10.38 -17.81
C ASP B 790 34.93 10.40 -17.69
N GLY B 791 34.27 11.36 -18.30
CA GLY B 791 32.81 11.45 -18.25
C GLY B 791 32.28 12.21 -17.04
N ILE B 792 33.13 13.06 -16.48
CA ILE B 792 32.80 13.78 -15.25
C ILE B 792 32.93 15.28 -15.48
N PHE B 793 31.80 15.96 -15.37
CA PHE B 793 31.71 17.39 -15.68
C PHE B 793 31.69 18.17 -14.40
N THR B 794 32.68 19.04 -14.23
CA THR B 794 32.66 19.89 -13.06
C THR B 794 33.18 21.24 -13.45
N ARG B 795 33.17 22.17 -12.50
CA ARG B 795 33.57 23.54 -12.76
C ARG B 795 34.55 24.01 -11.72
N PRO B 796 35.56 24.75 -12.17
CA PRO B 796 36.66 25.25 -11.35
C PRO B 796 36.19 26.23 -10.28
N LEU B 797 36.92 26.25 -9.16
CA LEU B 797 36.76 27.22 -8.08
C LEU B 797 38.19 27.54 -7.65
N GLY B 798 38.93 28.19 -8.52
CA GLY B 798 40.33 28.43 -8.25
C GLY B 798 41.05 27.11 -8.24
N ASN B 799 41.80 26.85 -7.18
CA ASN B 799 42.51 25.58 -7.09
C ASN B 799 41.67 24.50 -6.47
N VAL B 800 40.42 24.81 -6.19
CA VAL B 800 39.56 23.82 -5.59
C VAL B 800 38.84 23.02 -6.67
N ILE B 801 38.80 21.71 -6.50
CA ILE B 801 38.05 20.84 -7.40
C ILE B 801 37.06 20.04 -6.59
N TYR B 802 35.84 19.91 -7.11
CA TYR B 802 34.79 19.30 -6.30
C TYR B 802 33.83 18.45 -7.10
N LEU B 803 33.29 17.46 -6.41
CA LEU B 803 32.30 16.56 -6.92
C LEU B 803 31.11 16.71 -5.99
N MET B 804 29.95 16.92 -6.58
CA MET B 804 28.75 17.16 -5.81
C MET B 804 27.63 16.28 -6.40
N CYS B 805 27.20 15.26 -5.65
CA CYS B 805 26.11 14.42 -6.13
C CYS B 805 24.79 14.96 -5.58
N GLY B 806 23.70 14.22 -5.78
CA GLY B 806 22.41 14.64 -5.26
C GLY B 806 22.08 13.83 -4.03
N PRO B 807 21.02 14.22 -3.30
CA PRO B 807 20.71 13.61 -2.01
C PRO B 807 20.43 12.12 -2.16
N CYS B 808 20.05 11.69 -3.37
CA CYS B 808 19.68 10.30 -3.56
C CYS B 808 20.68 9.45 -4.36
N THR B 809 21.84 10.01 -4.69
CA THR B 809 22.83 9.30 -5.48
C THR B 809 23.35 8.11 -4.69
N SER B 810 23.61 6.99 -5.36
CA SER B 810 24.09 5.83 -4.61
C SER B 810 25.58 5.94 -4.31
N PRO B 811 26.00 5.41 -3.17
CA PRO B 811 27.43 5.41 -2.87
C PRO B 811 28.25 4.78 -4.03
N GLU B 812 27.76 3.69 -4.60
CA GLU B 812 28.47 3.02 -5.67
C GLU B 812 28.90 4.00 -6.76
N ILE B 813 27.97 4.80 -7.24
CA ILE B 813 28.29 5.88 -8.16
C ILE B 813 29.39 6.84 -7.63
N CYS B 814 29.22 7.37 -6.43
CA CYS B 814 30.27 8.18 -5.81
C CYS B 814 31.63 7.48 -5.79
N ARG B 815 31.66 6.19 -5.47
CA ARG B 815 32.91 5.46 -5.42
C ARG B 815 33.59 5.54 -6.79
N ARG B 816 32.82 5.33 -7.84
CA ARG B 816 33.39 5.41 -9.17
C ARG B 816 33.98 6.81 -9.45
N LEU B 817 33.29 7.86 -9.04
CA LEU B 817 33.81 9.20 -9.17
C LEU B 817 35.16 9.33 -8.47
N LEU B 818 35.25 8.87 -7.22
CA LEU B 818 36.52 8.98 -6.49
C LEU B 818 37.66 8.18 -7.12
N THR B 819 37.35 6.96 -7.54
CA THR B 819 38.31 6.12 -8.23
C THR B 819 38.92 6.86 -9.41
N LYS B 820 38.05 7.42 -10.25
CA LYS B 820 38.54 8.15 -11.41
C LYS B 820 39.40 9.35 -11.03
N LEU B 821 38.99 10.07 -9.99
CA LEU B 821 39.70 11.26 -9.55
C LEU B 821 41.09 10.87 -9.02
N TYR B 822 41.11 9.86 -8.17
CA TYR B 822 42.36 9.35 -7.62
C TYR B 822 43.35 8.88 -8.71
N LYS B 823 42.81 8.21 -9.72
CA LYS B 823 43.61 7.69 -10.82
C LYS B 823 44.27 8.84 -11.56
N ARG B 824 43.50 9.88 -11.86
CA ARG B 824 44.09 11.10 -12.44
C ARG B 824 45.16 11.78 -11.57
N LEU B 825 44.93 11.91 -10.26
CA LEU B 825 45.98 12.38 -9.34
C LEU B 825 47.30 11.60 -9.52
N GLY B 826 47.18 10.29 -9.69
CA GLY B 826 48.34 9.41 -9.87
C GLY B 826 49.15 9.74 -11.11
N GLU B 827 48.55 10.51 -12.01
CA GLU B 827 49.23 10.95 -13.22
C GLU B 827 50.08 12.21 -13.05
N PHE B 828 49.94 12.88 -11.91
CA PHE B 828 50.84 13.97 -11.58
C PHE B 828 52.04 13.40 -10.81
N ASN B 829 51.73 12.52 -9.87
CA ASN B 829 52.76 11.86 -9.11
C ASN B 829 52.17 10.58 -8.56
N ARG B 830 52.98 9.53 -8.47
CA ARG B 830 52.48 8.24 -7.98
C ARG B 830 51.96 8.39 -6.57
N THR B 831 52.69 9.10 -5.73
CA THR B 831 52.22 9.43 -4.40
C THR B 831 51.80 10.90 -4.31
N SER C 26 -26.33 -14.90 36.27
CA SER C 26 -27.29 -14.11 35.51
C SER C 26 -26.80 -13.69 34.11
N PRO C 27 -27.62 -13.98 33.08
CA PRO C 27 -27.31 -13.86 31.65
C PRO C 27 -27.34 -12.42 31.13
N PHE C 28 -26.32 -12.03 30.37
CA PHE C 28 -26.18 -10.66 29.87
C PHE C 28 -26.99 -10.35 28.62
N HIS C 29 -27.26 -9.07 28.41
CA HIS C 29 -27.76 -8.53 27.14
C HIS C 29 -26.83 -7.42 26.61
N LEU C 30 -26.23 -7.64 25.45
CA LEU C 30 -25.34 -6.67 24.85
C LEU C 30 -26.00 -6.04 23.63
N PRO C 31 -26.25 -4.73 23.68
CA PRO C 31 -26.85 -4.04 22.54
C PRO C 31 -25.83 -3.88 21.42
N LEU C 32 -26.27 -3.93 20.18
CA LEU C 32 -25.35 -4.05 19.05
C LEU C 32 -25.57 -2.99 17.98
N ASN C 33 -26.63 -2.19 18.15
CA ASN C 33 -26.93 -1.13 17.18
C ASN C 33 -25.87 -0.01 17.18
N HIS C 34 -25.00 -0.02 18.19
CA HIS C 34 -23.87 0.90 18.19
C HIS C 34 -22.52 0.22 18.43
N PRO C 35 -21.51 0.62 17.63
CA PRO C 35 -20.15 0.07 17.73
C PRO C 35 -19.54 0.30 19.10
N THR C 36 -19.08 -0.81 19.70
CA THR C 36 -18.36 -0.82 20.95
C THR C 36 -17.08 -1.62 20.74
N TYR C 37 -15.94 -1.01 21.01
CA TYR C 37 -14.66 -1.71 20.88
C TYR C 37 -13.83 -1.74 22.16
N LEU C 38 -13.18 -2.86 22.42
CA LEU C 38 -12.13 -2.92 23.45
C LEU C 38 -10.84 -2.34 22.87
N ILE C 39 -10.09 -1.59 23.67
CA ILE C 39 -8.78 -1.12 23.24
C ILE C 39 -7.72 -1.94 23.97
N TRP C 40 -7.06 -2.84 23.24
CA TRP C 40 -6.02 -3.69 23.80
C TRP C 40 -4.59 -3.15 23.53
N SER C 41 -3.60 -3.65 24.27
CA SER C 41 -2.20 -3.38 23.92
C SER C 41 -1.25 -4.56 24.16
N ALA C 42 -0.17 -4.63 23.40
CA ALA C 42 0.83 -5.68 23.59
C ALA C 42 1.45 -5.53 24.96
N ASN C 43 1.69 -4.28 25.35
CA ASN C 43 2.35 -3.97 26.61
C ASN C 43 2.04 -2.54 27.01
N THR C 44 2.32 -2.23 28.28
CA THR C 44 2.04 -0.92 28.84
C THR C 44 3.03 0.11 28.28
N SER C 45 2.63 1.37 28.28
CA SER C 45 3.47 2.47 27.78
C SER C 45 3.61 2.50 26.25
N LEU C 46 2.63 1.94 25.54
CA LEU C 46 2.67 2.00 24.08
C LEU C 46 1.77 3.12 23.52
N GLY C 47 1.08 3.81 24.43
CA GLY C 47 0.19 4.89 24.05
C GLY C 47 -1.25 4.47 23.86
N LYS C 48 -1.73 3.52 24.65
CA LYS C 48 -3.11 3.07 24.56
C LYS C 48 -4.06 4.25 24.72
N THR C 49 -3.80 5.08 25.72
CA THR C 49 -4.68 6.21 26.04
C THR C 49 -4.62 7.27 24.95
N LEU C 50 -3.45 7.45 24.33
CA LEU C 50 -3.32 8.36 23.21
C LEU C 50 -4.19 7.91 22.02
N VAL C 51 -4.23 6.60 21.76
CA VAL C 51 -5.05 6.07 20.71
C VAL C 51 -6.54 6.26 21.01
N SER C 52 -6.92 6.10 22.27
CA SER C 52 -8.29 6.35 22.68
C SER C 52 -8.66 7.79 22.37
N THR C 53 -7.92 8.70 23.00
CA THR C 53 -8.07 10.12 22.78
C THR C 53 -8.16 10.48 21.29
N GLY C 54 -7.29 9.90 20.48
CA GLY C 54 -7.26 10.17 19.04
C GLY C 54 -8.56 9.77 18.35
N ILE C 55 -8.97 8.53 18.56
CA ILE C 55 -10.25 8.09 18.04
C ILE C 55 -11.40 9.01 18.52
N ALA C 56 -11.52 9.19 19.83
CA ALA C 56 -12.54 10.10 20.38
C ALA C 56 -12.59 11.45 19.63
N ALA C 57 -11.49 12.19 19.65
CA ALA C 57 -11.42 13.47 18.95
C ALA C 57 -11.87 13.40 17.50
N SER C 58 -11.39 12.41 16.76
CA SER C 58 -11.76 12.26 15.36
C SER C 58 -13.26 11.90 15.24
N PHE C 59 -13.82 11.22 16.24
CA PHE C 59 -15.23 10.88 16.16
C PHE C 59 -16.11 12.09 16.50
N LEU C 60 -15.75 12.83 17.54
CA LEU C 60 -16.56 13.94 18.04
C LEU C 60 -16.46 15.26 17.28
N LEU C 61 -15.33 15.53 16.63
CA LEU C 61 -15.05 16.86 16.07
C LEU C 61 -15.14 16.94 14.54
N GLN C 62 -16.24 16.45 13.97
CA GLN C 62 -16.33 16.20 12.52
C GLN C 62 -16.92 17.30 11.63
N GLN C 63 -18.25 17.48 11.66
CA GLN C 63 -18.90 18.44 10.76
C GLN C 63 -20.28 18.85 11.26
N SER C 67 -23.98 16.58 16.51
CA SER C 67 -25.27 16.90 17.11
C SER C 67 -25.77 15.73 17.97
N ALA C 68 -26.32 14.72 17.30
CA ALA C 68 -26.72 13.48 17.94
C ALA C 68 -25.48 12.61 18.15
N THR C 69 -24.35 13.26 18.37
CA THR C 69 -23.09 12.55 18.44
C THR C 69 -22.53 12.39 19.87
N LYS C 70 -22.32 11.14 20.27
CA LYS C 70 -21.85 10.82 21.60
C LYS C 70 -20.70 9.80 21.54
N LEU C 71 -19.63 10.09 22.24
CA LEU C 71 -18.60 9.09 22.44
C LEU C 71 -18.54 8.65 23.90
N LEU C 72 -18.78 7.36 24.13
CA LEU C 72 -18.75 6.80 25.46
C LEU C 72 -17.39 6.18 25.70
N TYR C 73 -16.64 6.76 26.64
CA TYR C 73 -15.34 6.23 27.00
C TYR C 73 -15.30 5.59 28.40
N LEU C 74 -15.01 4.29 28.44
CA LEU C 74 -14.97 3.56 29.68
C LEU C 74 -13.56 3.06 29.98
N LYS C 75 -13.09 3.36 31.19
CA LYS C 75 -11.91 2.73 31.74
C LYS C 75 -12.37 1.87 32.93
N PRO C 76 -12.61 0.57 32.70
CA PRO C 76 -13.20 -0.22 33.79
C PRO C 76 -12.27 -0.36 34.98
N ILE C 77 -10.98 -0.57 34.71
CA ILE C 77 -9.99 -0.77 35.77
C ILE C 77 -8.86 0.25 35.62
N GLN C 78 -8.59 0.98 36.70
CA GLN C 78 -7.55 2.00 36.70
C GLN C 78 -6.72 1.92 37.96
N THR C 79 -5.40 1.78 37.80
CA THR C 79 -4.49 1.80 38.94
C THR C 79 -3.73 3.11 38.91
N GLY C 80 -3.09 3.48 40.01
CA GLY C 80 -2.29 4.68 40.05
C GLY C 80 -3.10 5.95 40.25
N PHE C 81 -4.33 5.76 40.74
CA PHE C 81 -5.29 6.82 40.87
C PHE C 81 -5.12 7.47 42.24
N PRO C 82 -5.33 8.80 42.34
CA PRO C 82 -5.85 9.70 41.32
C PRO C 82 -4.76 10.42 40.57
N SER C 83 -3.51 10.04 40.77
CA SER C 83 -2.43 10.69 40.07
C SER C 83 -2.54 10.38 38.57
N ASP C 84 -2.60 9.10 38.20
CA ASP C 84 -2.95 8.73 36.82
C ASP C 84 -4.44 8.56 36.68
N SER C 85 -4.99 9.03 35.57
CA SER C 85 -6.39 8.77 35.28
C SER C 85 -6.62 8.94 33.79
N ASP C 86 -6.68 7.82 33.06
CA ASP C 86 -6.94 7.86 31.63
C ASP C 86 -8.29 8.54 31.29
N SER C 87 -9.27 8.41 32.18
CA SER C 87 -10.50 9.20 32.13
C SER C 87 -10.24 10.70 32.02
N ARG C 88 -9.50 11.23 32.99
CA ARG C 88 -9.21 12.65 33.03
C ARG C 88 -8.47 13.06 31.77
N PHE C 89 -7.50 12.23 31.35
CA PHE C 89 -6.71 12.49 30.14
C PHE C 89 -7.57 12.71 28.89
N VAL C 90 -8.41 11.73 28.53
CA VAL C 90 -9.32 11.88 27.41
C VAL C 90 -10.17 13.16 27.53
N PHE C 91 -10.71 13.37 28.73
CA PHE C 91 -11.54 14.53 29.05
C PHE C 91 -10.73 15.83 28.84
N SER C 92 -9.58 15.89 29.49
CA SER C 92 -8.72 17.05 29.41
C SER C 92 -8.27 17.35 27.96
N LYS C 93 -7.86 16.32 27.21
CA LYS C 93 -7.32 16.56 25.87
C LYS C 93 -8.41 16.90 24.88
N LEU C 94 -9.58 16.29 25.04
CA LEU C 94 -10.67 16.60 24.13
C LEU C 94 -11.14 18.04 24.34
N ASP C 95 -10.96 18.52 25.56
CA ASP C 95 -11.15 19.94 25.87
C ASP C 95 -10.20 20.79 25.04
N SER C 96 -8.91 20.50 25.11
CA SER C 96 -7.91 21.26 24.35
C SER C 96 -8.15 21.23 22.84
N LEU C 97 -8.45 20.06 22.30
CA LEU C 97 -8.62 19.87 20.88
C LEU C 97 -9.88 20.55 20.38
N SER C 98 -10.92 20.51 21.23
CA SER C 98 -12.15 21.23 20.98
C SER C 98 -11.87 22.70 20.66
N LEU C 99 -11.06 23.33 21.50
CA LEU C 99 -10.76 24.75 21.34
C LEU C 99 -9.85 24.94 20.15
N ARG C 100 -8.87 24.06 20.03
CA ARG C 100 -7.93 24.15 18.93
C ARG C 100 -8.69 24.08 17.60
N ARG C 101 -9.62 23.14 17.51
CA ARG C 101 -10.40 22.94 16.28
C ARG C 101 -11.65 23.81 16.25
N GLN C 102 -11.87 24.55 17.33
CA GLN C 102 -13.01 25.44 17.41
C GLN C 102 -14.33 24.72 17.08
N ILE C 103 -14.54 23.59 17.75
CA ILE C 103 -15.83 22.92 17.71
C ILE C 103 -16.25 22.59 19.13
N PRO C 104 -17.21 23.34 19.66
CA PRO C 104 -17.63 23.14 21.05
C PRO C 104 -18.17 21.73 21.27
N ILE C 105 -17.90 21.16 22.45
CA ILE C 105 -18.44 19.86 22.85
C ILE C 105 -18.80 19.86 24.33
N SER C 106 -19.78 19.05 24.71
CA SER C 106 -20.05 18.78 26.12
C SER C 106 -19.16 17.65 26.57
N ILE C 107 -18.58 17.80 27.76
CA ILE C 107 -17.66 16.79 28.27
C ILE C 107 -17.89 16.51 29.74
N SER C 108 -17.86 15.24 30.12
CA SER C 108 -17.89 14.88 31.53
C SER C 108 -16.91 13.76 31.83
N ASN C 109 -16.50 13.68 33.09
CA ASN C 109 -15.61 12.65 33.56
C ASN C 109 -16.04 12.17 34.93
N SER C 110 -16.36 10.88 35.06
CA SER C 110 -16.88 10.34 36.32
C SER C 110 -16.05 9.16 36.77
N VAL C 111 -15.74 9.13 38.07
CA VAL C 111 -15.15 7.95 38.68
C VAL C 111 -16.15 7.32 39.66
N LEU C 112 -16.54 6.08 39.42
CA LEU C 112 -17.63 5.49 40.19
C LEU C 112 -17.21 4.88 41.51
N HIS C 113 -16.12 4.12 41.51
CA HIS C 113 -15.66 3.43 42.71
C HIS C 113 -14.13 3.50 42.85
N SER C 114 -13.63 3.45 44.08
CA SER C 114 -12.20 3.24 44.27
C SER C 114 -11.92 2.64 45.63
N SER C 115 -10.69 2.19 45.82
CA SER C 115 -10.24 1.69 47.11
C SER C 115 -10.32 2.83 48.15
N LEU C 116 -10.28 2.45 49.41
CA LEU C 116 -10.25 3.44 50.47
C LEU C 116 -9.01 4.33 50.32
N PRO C 117 -7.83 3.72 50.08
CA PRO C 117 -6.65 4.57 49.94
C PRO C 117 -6.85 5.63 48.90
N ALA C 118 -7.33 5.22 47.74
CA ALA C 118 -7.52 6.14 46.62
C ALA C 118 -8.51 7.22 46.96
N ALA C 119 -9.60 6.83 47.62
CA ALA C 119 -10.61 7.78 48.07
C ALA C 119 -10.03 8.86 48.98
N LYS C 120 -9.05 8.46 49.79
CA LYS C 120 -8.38 9.38 50.69
C LYS C 120 -7.42 10.36 49.99
N SER C 121 -6.88 10.00 48.83
CA SER C 121 -6.03 10.91 48.09
C SER C 121 -6.87 12.07 47.55
N LEU C 122 -8.17 11.84 47.42
CA LEU C 122 -9.06 12.91 47.00
C LEU C 122 -9.74 13.51 48.21
N GLY C 123 -9.25 13.18 49.39
CA GLY C 123 -9.81 13.67 50.64
C GLY C 123 -11.32 13.56 50.69
N LEU C 124 -11.85 12.36 50.47
CA LEU C 124 -13.30 12.18 50.35
C LEU C 124 -13.98 11.59 51.57
N ASN C 125 -13.31 10.70 52.30
CA ASN C 125 -13.92 10.07 53.46
C ASN C 125 -15.40 9.75 53.20
N VAL C 126 -15.63 8.54 52.69
CA VAL C 126 -16.97 8.06 52.36
C VAL C 126 -17.01 6.60 52.79
N GLU C 127 -18.20 6.06 53.06
CA GLU C 127 -18.35 4.68 53.58
C GLU C 127 -17.80 3.59 52.65
N VAL C 128 -17.04 2.65 53.22
CA VAL C 128 -16.51 1.53 52.42
C VAL C 128 -17.43 0.30 52.50
N SER C 129 -17.38 -0.52 51.45
CA SER C 129 -18.24 -1.69 51.34
C SER C 129 -17.54 -2.99 51.77
N GLU C 130 -18.33 -4.05 51.95
CA GLU C 130 -17.80 -5.37 52.27
C GLU C 130 -16.76 -5.84 51.23
N SER C 131 -16.64 -5.09 50.14
CA SER C 131 -15.76 -5.43 49.04
C SER C 131 -14.45 -4.64 49.09
N GLY C 132 -14.44 -3.59 49.89
CA GLY C 132 -13.26 -2.73 50.00
C GLY C 132 -13.37 -1.49 49.14
N MET C 133 -14.49 -1.35 48.42
CA MET C 133 -14.65 -0.27 47.45
C MET C 133 -15.59 0.84 47.90
N CYS C 134 -15.39 2.04 47.36
CA CYS C 134 -16.17 3.21 47.74
C CYS C 134 -16.88 3.85 46.56
N SER C 135 -18.15 4.18 46.75
CA SER C 135 -18.91 4.86 45.71
C SER C 135 -18.54 6.32 45.67
N LEU C 136 -17.92 6.72 44.58
CA LEU C 136 -17.52 8.10 44.43
C LEU C 136 -18.59 8.87 43.69
N ASN C 137 -18.83 10.07 44.17
CA ASN C 137 -19.56 11.04 43.38
C ASN C 137 -18.70 11.37 42.17
N PHE C 138 -17.45 11.73 42.46
CA PHE C 138 -16.47 12.22 41.50
C PHE C 138 -16.95 12.39 40.06
N ARG C 139 -17.61 13.51 39.81
CA ARG C 139 -18.05 13.89 38.47
C ARG C 139 -17.51 15.28 38.11
N ASP C 140 -17.32 15.54 36.82
CA ASP C 140 -16.75 16.79 36.33
C ASP C 140 -17.35 17.12 34.97
N GLU C 141 -18.26 18.08 34.94
CA GLU C 141 -18.98 18.42 33.72
C GLU C 141 -18.58 19.81 33.22
N LYS C 142 -18.52 19.98 31.90
CA LYS C 142 -18.45 21.29 31.28
C LYS C 142 -19.33 21.23 30.05
N THR C 143 -20.59 21.65 30.20
CA THR C 143 -21.60 21.38 29.19
C THR C 143 -21.75 22.48 28.15
N VAL C 144 -22.14 22.06 26.94
CA VAL C 144 -22.58 22.96 25.89
C VAL C 144 -23.79 22.29 25.21
N THR C 145 -24.99 22.79 25.46
CA THR C 145 -26.20 22.18 24.92
C THR C 145 -26.15 22.05 23.40
N GLY C 146 -26.70 20.94 22.89
CA GLY C 146 -26.82 20.74 21.47
C GLY C 146 -25.53 20.32 20.81
N ALA C 147 -24.44 20.44 21.55
CA ALA C 147 -23.13 20.02 21.07
C ALA C 147 -22.94 18.50 21.14
N PRO C 148 -21.95 17.97 20.41
CA PRO C 148 -21.59 16.55 20.57
C PRO C 148 -21.10 16.27 21.99
N GLU C 149 -21.31 15.06 22.47
CA GLU C 149 -21.07 14.77 23.88
C GLU C 149 -19.94 13.73 24.10
N LEU C 150 -19.07 14.00 25.07
CA LEU C 150 -18.04 13.05 25.48
C LEU C 150 -18.33 12.62 26.90
N LEU C 151 -18.34 11.31 27.12
CA LEU C 151 -18.67 10.76 28.42
C LEU C 151 -17.57 9.82 28.86
N CYS C 152 -16.77 10.28 29.81
CA CYS C 152 -15.69 9.46 30.35
C CYS C 152 -16.05 8.85 31.71
N LYS C 153 -15.95 7.53 31.81
CA LYS C 153 -16.21 6.83 33.06
C LYS C 153 -15.10 5.87 33.45
N THR C 154 -14.54 6.10 34.65
CA THR C 154 -13.72 5.07 35.29
C THR C 154 -14.60 4.28 36.25
N LEU C 155 -14.63 2.95 36.11
CA LEU C 155 -15.51 2.14 36.94
C LEU C 155 -14.87 1.86 38.29
N TYR C 156 -13.62 1.40 38.27
CA TYR C 156 -12.90 1.04 39.49
C TYR C 156 -11.48 1.57 39.46
N ALA C 157 -11.04 2.13 40.58
CA ALA C 157 -9.71 2.71 40.67
C ALA C 157 -8.98 2.26 41.93
N TRP C 158 -7.68 2.03 41.80
CA TRP C 158 -6.82 1.75 42.95
C TRP C 158 -5.71 2.79 43.02
N GLU C 159 -5.08 2.95 44.17
CA GLU C 159 -4.03 3.95 44.29
C GLU C 159 -2.61 3.56 43.81
N ALA C 160 -2.05 2.47 44.32
CA ALA C 160 -0.72 2.06 43.91
C ALA C 160 -0.59 2.02 42.37
N ALA C 161 0.57 2.38 41.83
CA ALA C 161 0.78 2.32 40.40
C ALA C 161 1.43 1.00 40.03
N ILE C 162 0.64 -0.06 40.13
CA ILE C 162 1.12 -1.41 39.86
C ILE C 162 0.03 -2.23 39.18
N SER C 163 0.31 -3.50 38.91
CA SER C 163 -0.66 -4.43 38.38
C SER C 163 -1.92 -4.48 39.28
N PRO C 164 -3.11 -4.50 38.66
CA PRO C 164 -4.35 -4.48 39.43
C PRO C 164 -4.40 -5.62 40.47
N HIS C 165 -3.97 -6.81 40.09
CA HIS C 165 -4.04 -7.93 41.03
C HIS C 165 -3.23 -7.64 42.29
N LEU C 166 -2.08 -7.01 42.14
CA LEU C 166 -1.26 -6.65 43.30
C LEU C 166 -1.92 -5.55 44.08
N ALA C 167 -2.40 -4.54 43.36
CA ALA C 167 -3.07 -3.39 44.00
C ALA C 167 -4.35 -3.76 44.78
N ALA C 168 -5.13 -4.68 44.22
CA ALA C 168 -6.37 -5.10 44.88
C ALA C 168 -6.05 -5.76 46.23
N GLU C 169 -4.94 -6.48 46.28
CA GLU C 169 -4.49 -7.15 47.51
C GLU C 169 -4.01 -6.16 48.52
N ARG C 170 -3.08 -5.32 48.05
CA ARG C 170 -2.46 -4.31 48.89
C ARG C 170 -3.51 -3.42 49.52
N GLU C 171 -4.48 -2.98 48.72
CA GLU C 171 -5.47 -2.04 49.24
C GLU C 171 -6.74 -2.68 49.79
N ASN C 172 -6.72 -4.00 49.94
CA ASN C 172 -7.90 -4.74 50.40
C ASN C 172 -9.17 -4.16 49.78
N ALA C 173 -9.13 -4.06 48.47
CA ALA C 173 -10.24 -3.61 47.66
C ALA C 173 -10.29 -4.51 46.44
N THR C 174 -11.34 -5.30 46.33
CA THR C 174 -11.41 -6.24 45.24
C THR C 174 -12.74 -6.07 44.49
N VAL C 175 -12.81 -6.56 43.26
CA VAL C 175 -14.06 -6.55 42.54
C VAL C 175 -14.14 -7.81 41.68
N GLU C 176 -15.20 -8.58 41.84
CA GLU C 176 -15.34 -9.87 41.13
C GLU C 176 -15.52 -9.60 39.65
N ASP C 177 -15.01 -10.51 38.82
CA ASP C 177 -15.06 -10.39 37.36
C ASP C 177 -16.47 -10.09 36.87
N SER C 178 -17.43 -10.91 37.31
CA SER C 178 -18.82 -10.77 36.87
C SER C 178 -19.36 -9.38 37.16
N VAL C 179 -18.91 -8.79 38.28
CA VAL C 179 -19.35 -7.45 38.65
C VAL C 179 -18.80 -6.36 37.71
N VAL C 180 -17.54 -6.52 37.32
CA VAL C 180 -16.93 -5.65 36.34
C VAL C 180 -17.74 -5.70 35.06
N LEU C 181 -18.02 -6.92 34.59
CA LEU C 181 -18.84 -7.11 33.38
C LEU C 181 -20.23 -6.51 33.52
N GLN C 182 -20.83 -6.71 34.69
CA GLN C 182 -22.14 -6.12 34.93
C GLN C 182 -22.12 -4.57 34.90
N MET C 183 -21.13 -3.94 35.52
CA MET C 183 -21.05 -2.48 35.46
C MET C 183 -21.04 -2.06 34.01
N ILE C 184 -20.21 -2.74 33.22
CA ILE C 184 -20.02 -2.33 31.85
C ILE C 184 -21.31 -2.46 31.06
N GLU C 185 -21.99 -3.58 31.27
CA GLU C 185 -23.27 -3.84 30.62
C GLU C 185 -24.26 -2.76 31.03
N LYS C 186 -24.30 -2.45 32.31
CA LYS C 186 -25.20 -1.42 32.77
C LYS C 186 -24.87 -0.12 32.03
N CYS C 187 -23.60 0.25 32.00
CA CYS C 187 -23.19 1.47 31.31
C CYS C 187 -23.55 1.42 29.84
N LEU C 188 -23.29 0.28 29.19
CA LEU C 188 -23.67 0.15 27.79
C LEU C 188 -25.17 0.25 27.59
N LYS C 189 -25.95 -0.48 28.38
CA LYS C 189 -27.40 -0.45 28.22
C LYS C 189 -27.97 0.95 28.41
N GLU C 190 -27.31 1.74 29.24
CA GLU C 190 -27.83 3.06 29.61
C GLU C 190 -27.62 4.09 28.52
N GLU C 191 -26.59 3.88 27.70
CA GLU C 191 -26.23 4.88 26.71
C GLU C 191 -26.53 4.42 25.28
N MET C 192 -27.23 3.29 25.15
CA MET C 192 -27.68 2.80 23.84
C MET C 192 -28.78 1.73 23.94
N ASP C 202 -23.10 8.60 14.73
CA ASP C 202 -24.05 8.71 15.85
C ASP C 202 -23.41 8.37 17.20
N LEU C 203 -23.24 7.08 17.51
CA LEU C 203 -22.69 6.69 18.81
C LEU C 203 -21.57 5.65 18.71
N LEU C 204 -20.50 5.88 19.47
CA LEU C 204 -19.34 4.99 19.45
C LEU C 204 -18.79 4.86 20.86
N CYS C 205 -18.49 3.62 21.27
CA CYS C 205 -18.05 3.36 22.64
C CYS C 205 -16.70 2.66 22.66
N LEU C 206 -15.76 3.24 23.39
CA LEU C 206 -14.42 2.69 23.50
C LEU C 206 -14.23 2.18 24.92
N VAL C 207 -13.83 0.92 25.06
CA VAL C 207 -13.51 0.37 26.39
C VAL C 207 -12.02 0.08 26.55
N GLU C 208 -11.32 0.89 27.35
CA GLU C 208 -9.86 0.77 27.42
C GLU C 208 -9.39 -0.20 28.49
N THR C 209 -8.61 -1.19 28.08
CA THR C 209 -8.11 -2.20 29.01
C THR C 209 -6.98 -1.65 29.86
N ALA C 210 -6.53 -2.44 30.81
CA ALA C 210 -5.46 -2.04 31.73
C ALA C 210 -4.31 -3.02 31.55
N GLY C 211 -3.13 -2.53 31.20
CA GLY C 211 -2.02 -3.42 30.94
C GLY C 211 -2.19 -4.22 29.66
N GLY C 212 -1.32 -5.18 29.45
CA GLY C 212 -1.34 -5.95 28.23
C GLY C 212 -2.40 -7.04 28.17
N VAL C 213 -2.52 -7.63 27.00
CA VAL C 213 -3.57 -8.59 26.70
C VAL C 213 -3.78 -9.63 27.80
N ALA C 214 -2.68 -10.17 28.32
CA ALA C 214 -2.77 -11.20 29.34
C ALA C 214 -2.27 -10.78 30.73
N SER C 215 -2.38 -9.48 31.00
CA SER C 215 -2.11 -8.99 32.34
C SER C 215 -3.27 -9.34 33.24
N PRO C 216 -2.97 -9.77 34.46
CA PRO C 216 -4.02 -10.16 35.40
C PRO C 216 -4.87 -8.96 35.80
N GLY C 217 -6.20 -9.14 35.79
CA GLY C 217 -7.12 -8.16 36.33
C GLY C 217 -7.03 -8.10 37.85
N PRO C 218 -7.94 -7.34 38.48
CA PRO C 218 -8.04 -7.26 39.95
C PRO C 218 -8.20 -8.65 40.60
N SER C 219 -9.06 -9.50 40.06
CA SER C 219 -9.37 -10.78 40.70
C SER C 219 -8.21 -11.74 40.53
N GLY C 220 -7.31 -11.42 39.60
CA GLY C 220 -6.29 -12.35 39.18
C GLY C 220 -6.53 -12.94 37.78
N THR C 221 -7.77 -12.90 37.30
CA THR C 221 -8.06 -13.40 35.99
C THR C 221 -7.27 -12.62 34.95
N LEU C 222 -6.75 -13.30 33.93
CA LEU C 222 -6.11 -12.55 32.87
C LEU C 222 -7.19 -11.68 32.21
N GLN C 223 -6.81 -10.48 31.84
CA GLN C 223 -7.71 -9.54 31.20
C GLN C 223 -8.46 -10.16 30.00
N CYS C 224 -7.72 -10.83 29.12
CA CYS C 224 -8.31 -11.39 27.90
C CYS C 224 -9.36 -12.45 28.22
N ASP C 225 -9.23 -13.10 29.37
CA ASP C 225 -10.27 -14.00 29.85
C ASP C 225 -11.42 -13.24 30.52
N LEU C 226 -11.08 -12.20 31.28
CA LEU C 226 -12.09 -11.35 31.94
C LEU C 226 -13.18 -10.83 30.99
N TYR C 227 -12.78 -10.36 29.82
CA TYR C 227 -13.72 -9.79 28.87
C TYR C 227 -14.37 -10.82 27.94
N ARG C 228 -13.93 -12.06 28.02
CA ARG C 228 -14.33 -13.07 27.01
C ARG C 228 -15.84 -13.29 26.88
N PRO C 229 -16.57 -13.36 28.01
CA PRO C 229 -18.03 -13.52 27.89
C PRO C 229 -18.74 -12.54 26.94
N PHE C 230 -18.28 -11.29 26.83
CA PHE C 230 -18.90 -10.34 25.91
C PHE C 230 -18.41 -10.54 24.48
N ARG C 231 -17.20 -11.08 24.34
CA ARG C 231 -16.50 -11.22 23.06
C ARG C 231 -16.68 -9.92 22.22
N LEU C 232 -16.18 -8.82 22.77
CA LEU C 232 -16.24 -7.55 22.06
C LEU C 232 -15.15 -7.47 20.99
N PRO C 233 -15.46 -6.85 19.84
CA PRO C 233 -14.42 -6.64 18.83
C PRO C 233 -13.42 -5.63 19.38
N GLY C 234 -12.26 -5.54 18.75
CA GLY C 234 -11.26 -4.63 19.32
C GLY C 234 -10.19 -4.19 18.35
N ILE C 235 -9.34 -3.26 18.83
CA ILE C 235 -8.13 -2.88 18.10
C ILE C 235 -6.95 -3.16 19.01
N LEU C 236 -5.79 -3.38 18.41
CA LEU C 236 -4.58 -3.62 19.17
C LEU C 236 -3.57 -2.51 18.96
N VAL C 237 -3.16 -1.90 20.06
CA VAL C 237 -2.06 -0.95 20.03
C VAL C 237 -0.75 -1.74 20.06
N GLY C 238 -0.03 -1.73 18.95
CA GLY C 238 1.20 -2.50 18.84
C GLY C 238 2.42 -1.73 19.33
N ASP C 239 3.60 -2.28 19.03
CA ASP C 239 4.85 -1.80 19.60
C ASP C 239 5.80 -1.49 18.45
N GLY C 240 6.18 -0.22 18.34
CA GLY C 240 7.04 0.21 17.26
C GLY C 240 8.50 0.05 17.56
N ARG C 241 8.81 -0.26 18.81
CA ARG C 241 10.20 -0.38 19.25
C ARG C 241 10.85 -1.65 18.73
N LEU C 242 12.14 -1.81 19.05
CA LEU C 242 12.85 -3.06 18.82
C LEU C 242 12.23 -4.11 19.72
N GLY C 243 12.07 -5.32 19.20
CA GLY C 243 11.39 -6.36 19.94
C GLY C 243 9.88 -6.22 19.75
N GLY C 244 9.47 -5.15 19.10
CA GLY C 244 8.06 -4.82 18.98
C GLY C 244 7.26 -5.71 18.06
N ILE C 245 7.85 -6.18 16.96
CA ILE C 245 7.13 -7.07 16.06
C ILE C 245 6.70 -8.34 16.81
N SER C 246 7.65 -8.95 17.51
CA SER C 246 7.37 -10.17 18.24
C SER C 246 6.27 -9.97 19.28
N GLY C 247 6.43 -8.99 20.16
CA GLY C 247 5.43 -8.73 21.18
C GLY C 247 4.07 -8.42 20.58
N THR C 248 4.06 -7.73 19.44
CA THR C 248 2.81 -7.36 18.79
C THR C 248 2.13 -8.60 18.20
N ILE C 249 2.88 -9.40 17.47
CA ILE C 249 2.33 -10.64 16.93
C ILE C 249 1.86 -11.56 18.05
N ALA C 250 2.69 -11.74 19.08
CA ALA C 250 2.31 -12.58 20.22
C ALA C 250 1.02 -12.12 20.88
N ALA C 251 0.91 -10.83 21.15
CA ALA C 251 -0.33 -10.30 21.76
C ALA C 251 -1.56 -10.56 20.90
N TYR C 252 -1.46 -10.26 19.61
CA TYR C 252 -2.54 -10.53 18.66
C TYR C 252 -2.95 -12.01 18.69
N GLU C 253 -1.94 -12.88 18.72
CA GLU C 253 -2.19 -14.32 18.71
C GLU C 253 -2.93 -14.79 19.96
N SER C 254 -2.54 -14.29 21.11
CA SER C 254 -3.25 -14.66 22.31
C SER C 254 -4.70 -14.18 22.28
N LEU C 255 -4.97 -13.11 21.53
CA LEU C 255 -6.36 -12.63 21.40
C LEU C 255 -7.16 -13.57 20.48
N LYS C 256 -6.63 -13.82 19.28
CA LYS C 256 -7.26 -14.75 18.35
C LYS C 256 -7.55 -16.09 19.03
N LEU C 257 -6.58 -16.57 19.80
CA LEU C 257 -6.65 -17.87 20.44
C LEU C 257 -7.78 -17.94 21.46
N ARG C 258 -8.41 -16.79 21.73
CA ARG C 258 -9.50 -16.76 22.68
C ARG C 258 -10.83 -16.40 22.00
N GLY C 259 -10.79 -16.18 20.70
CA GLY C 259 -12.02 -16.05 19.95
C GLY C 259 -12.39 -14.62 19.65
N TYR C 260 -11.46 -13.72 19.91
CA TYR C 260 -11.68 -12.32 19.63
C TYR C 260 -11.39 -11.96 18.20
N ASP C 261 -11.94 -10.84 17.76
CA ASP C 261 -11.64 -10.32 16.43
C ASP C 261 -11.02 -8.95 16.57
N ILE C 262 -10.07 -8.65 15.70
CA ILE C 262 -9.33 -7.43 15.82
C ILE C 262 -9.39 -6.71 14.49
N ALA C 263 -9.91 -5.50 14.51
CA ALA C 263 -10.19 -4.82 13.25
C ALA C 263 -9.05 -3.94 12.78
N ALA C 264 -8.09 -3.70 13.66
CA ALA C 264 -6.92 -2.89 13.30
C ALA C 264 -5.77 -3.02 14.29
N VAL C 265 -4.57 -2.80 13.80
CA VAL C 265 -3.41 -2.67 14.65
C VAL C 265 -2.87 -1.28 14.43
N VAL C 266 -2.51 -0.59 15.52
CA VAL C 266 -1.85 0.72 15.45
C VAL C 266 -0.70 0.81 16.45
N PHE C 267 0.38 1.47 16.08
CA PHE C 267 1.53 1.68 16.97
C PHE C 267 2.32 2.92 16.60
N GLU C 268 3.17 3.38 17.54
CA GLU C 268 3.98 4.56 17.35
C GLU C 268 5.29 4.25 16.60
N ASP C 269 5.54 4.98 15.52
CA ASP C 269 6.76 4.83 14.71
C ASP C 269 7.98 5.11 15.54
N HIS C 270 8.92 4.16 15.56
CA HIS C 270 10.25 4.43 16.08
C HIS C 270 11.28 4.30 14.99
N GLY C 271 10.83 4.28 13.74
CA GLY C 271 11.73 4.33 12.59
C GLY C 271 12.40 2.99 12.30
N LEU C 272 11.72 1.91 12.65
CA LEU C 272 12.23 0.58 12.43
C LEU C 272 11.42 -0.20 11.38
N VAL C 273 10.38 0.43 10.86
CA VAL C 273 9.59 -0.13 9.76
C VAL C 273 8.93 -1.44 10.20
N ASN C 274 8.49 -1.47 11.45
CA ASN C 274 7.75 -2.59 12.00
C ASN C 274 6.48 -2.99 11.24
N GLU C 275 5.87 -2.02 10.54
CA GLU C 275 4.58 -2.25 9.88
C GLU C 275 4.72 -3.26 8.73
N VAL C 276 5.89 -3.31 8.10
CA VAL C 276 6.07 -4.24 6.99
C VAL C 276 5.99 -5.72 7.40
N PRO C 277 6.83 -6.17 8.34
CA PRO C 277 6.59 -7.53 8.84
C PRO C 277 5.18 -7.75 9.38
N LEU C 278 4.59 -6.77 10.06
CA LEU C 278 3.24 -6.94 10.62
C LEU C 278 2.20 -7.18 9.52
N THR C 279 2.17 -6.30 8.54
CA THR C 279 1.27 -6.44 7.41
C THR C 279 1.45 -7.78 6.71
N SER C 280 2.70 -8.21 6.58
CA SER C 280 2.96 -9.43 5.86
C SER C 280 2.36 -10.54 6.72
N TYR C 281 2.69 -10.54 8.00
CA TYR C 281 2.14 -11.53 8.89
C TYR C 281 0.61 -11.57 8.80
N LEU C 282 -0.01 -10.41 8.80
CA LEU C 282 -1.45 -10.28 8.78
C LEU C 282 -1.98 -10.43 7.37
N ARG C 283 -1.06 -10.53 6.41
CA ARG C 283 -1.43 -10.70 5.01
C ARG C 283 -2.39 -9.63 4.61
N ASN C 284 -2.22 -8.48 5.26
CA ASN C 284 -2.93 -7.33 4.82
C ASN C 284 -4.45 -7.50 4.93
N LYS C 285 -4.91 -8.38 5.82
CA LYS C 285 -6.34 -8.57 6.00
C LYS C 285 -6.84 -7.57 6.99
N VAL C 286 -5.91 -7.08 7.80
CA VAL C 286 -6.22 -6.16 8.89
C VAL C 286 -5.30 -4.96 8.75
N PRO C 287 -5.88 -3.77 8.67
CA PRO C 287 -4.99 -2.62 8.46
C PRO C 287 -3.96 -2.47 9.59
N VAL C 288 -2.78 -2.00 9.22
CA VAL C 288 -1.74 -1.71 10.20
C VAL C 288 -1.41 -0.21 10.13
N LEU C 289 -1.78 0.52 11.17
CA LEU C 289 -1.68 1.97 11.10
C LEU C 289 -0.57 2.49 11.99
N VAL C 290 0.25 3.37 11.41
CA VAL C 290 1.49 3.88 12.02
C VAL C 290 1.40 5.37 12.40
N LEU C 291 1.42 5.66 13.70
CA LEU C 291 1.37 7.02 14.24
C LEU C 291 2.74 7.66 14.19
N PRO C 292 2.81 8.97 13.95
CA PRO C 292 4.12 9.62 13.96
C PRO C 292 4.68 9.61 15.39
N PRO C 293 6.00 9.82 15.52
CA PRO C 293 6.66 9.75 16.82
C PRO C 293 6.05 10.75 17.81
N VAL C 294 5.90 10.33 19.07
CA VAL C 294 5.35 11.20 20.08
C VAL C 294 6.45 12.09 20.63
N PRO C 295 6.15 13.39 20.83
CA PRO C 295 7.15 14.32 21.38
C PRO C 295 7.80 13.79 22.67
N LYS C 296 9.13 13.73 22.69
CA LYS C 296 9.91 13.20 23.81
C LYS C 296 9.94 14.14 25.01
N ASP C 297 9.84 15.43 24.75
CA ASP C 297 9.77 16.41 25.82
C ASP C 297 8.56 16.11 26.71
N PRO C 298 8.80 15.93 28.02
CA PRO C 298 7.73 15.65 28.98
C PRO C 298 6.70 16.79 29.12
N SER C 299 7.06 18.02 28.75
CA SER C 299 6.15 19.15 28.98
C SER C 299 5.22 19.45 27.80
N ASP C 300 5.42 18.75 26.68
CA ASP C 300 4.62 18.95 25.47
C ASP C 300 3.11 18.77 25.68
N ASP C 301 2.33 19.70 25.13
CA ASP C 301 0.86 19.62 25.11
CA ASP C 301 0.89 19.55 25.24
C ASP C 301 0.37 18.34 24.44
N LEU C 302 1.06 17.96 23.37
CA LEU C 302 0.66 16.84 22.49
C LEU C 302 -0.43 17.28 21.50
N ILE C 303 -0.94 18.50 21.68
CA ILE C 303 -2.00 18.99 20.82
C ILE C 303 -1.62 18.91 19.34
N GLU C 304 -0.49 19.50 18.96
CA GLU C 304 -0.09 19.46 17.55
C GLU C 304 0.16 18.01 17.09
N TRP C 305 0.69 17.17 17.97
CA TRP C 305 0.82 15.76 17.69
C TRP C 305 -0.51 15.15 17.27
N PHE C 306 -1.53 15.35 18.10
CA PHE C 306 -2.88 14.90 17.79
C PHE C 306 -3.34 15.45 16.44
N VAL C 307 -3.00 16.71 16.16
CA VAL C 307 -3.34 17.33 14.88
C VAL C 307 -2.60 16.67 13.73
N GLU C 308 -1.30 16.54 13.89
CA GLU C 308 -0.49 15.83 12.91
C GLU C 308 -0.98 14.40 12.66
N SER C 309 -1.60 13.77 13.65
CA SER C 309 -1.98 12.36 13.55
C SER C 309 -3.44 12.14 13.07
N ASP C 310 -4.12 13.21 12.70
CA ASP C 310 -5.54 13.13 12.39
C ASP C 310 -5.89 12.06 11.34
N GLY C 311 -5.04 11.94 10.33
CA GLY C 311 -5.32 11.05 9.21
C GLY C 311 -5.42 9.63 9.72
N VAL C 312 -4.51 9.28 10.61
CA VAL C 312 -4.43 7.94 11.15
C VAL C 312 -5.61 7.63 12.04
N PHE C 313 -5.94 8.55 12.93
CA PHE C 313 -7.08 8.35 13.80
C PHE C 313 -8.38 8.25 13.00
N LYS C 314 -8.48 9.05 11.94
CA LYS C 314 -9.62 9.08 11.04
C LYS C 314 -9.79 7.68 10.45
N ALA C 315 -8.71 7.20 9.82
CA ALA C 315 -8.70 5.88 9.19
C ALA C 315 -9.10 4.80 10.19
N LEU C 316 -8.56 4.95 11.40
CA LEU C 316 -8.76 4.01 12.47
C LEU C 316 -10.23 4.06 12.82
N LYS C 317 -10.75 5.28 12.97
CA LYS C 317 -12.16 5.42 13.33
C LYS C 317 -13.03 4.83 12.24
N GLU C 318 -12.64 5.03 10.99
CA GLU C 318 -13.47 4.55 9.89
C GLU C 318 -13.46 3.03 9.80
N THR C 319 -12.28 2.44 9.97
CA THR C 319 -12.17 0.99 10.01
C THR C 319 -13.14 0.42 11.02
N MET C 320 -13.15 0.98 12.23
CA MET C 320 -13.99 0.45 13.29
C MET C 320 -15.50 0.54 12.97
N VAL C 321 -15.94 1.70 12.48
CA VAL C 321 -17.34 1.90 12.12
C VAL C 321 -17.75 0.94 10.99
N LEU C 322 -16.95 0.90 9.93
CA LEU C 322 -17.20 0.01 8.80
CA LEU C 322 -17.24 0.03 8.80
C LEU C 322 -17.31 -1.45 9.21
N ALA C 323 -16.35 -1.89 10.01
CA ALA C 323 -16.32 -3.28 10.45
C ALA C 323 -17.61 -3.65 11.15
N ASN C 324 -18.08 -2.80 12.06
CA ASN C 324 -19.32 -3.05 12.78
C ASN C 324 -20.52 -3.14 11.85
N LEU C 325 -20.56 -2.26 10.87
CA LEU C 325 -21.65 -2.27 9.89
C LEU C 325 -21.65 -3.55 9.07
N GLU C 326 -20.47 -3.96 8.61
CA GLU C 326 -20.37 -5.19 7.82
C GLU C 326 -20.77 -6.36 8.68
N ARG C 327 -20.32 -6.36 9.94
CA ARG C 327 -20.65 -7.43 10.87
C ARG C 327 -22.17 -7.52 11.02
N LEU C 328 -22.83 -6.38 11.06
CA LEU C 328 -24.27 -6.36 11.25
C LEU C 328 -25.03 -6.75 9.97
N GLU C 329 -24.59 -6.21 8.85
CA GLU C 329 -25.15 -6.63 7.56
C GLU C 329 -25.15 -8.17 7.44
N ARG C 330 -24.06 -8.81 7.86
CA ARG C 330 -23.95 -10.26 7.78
C ARG C 330 -24.90 -10.95 8.75
N LEU C 331 -24.93 -10.48 9.99
CA LEU C 331 -25.80 -11.10 11.00
C LEU C 331 -27.25 -11.06 10.55
N ASN C 332 -27.68 -9.90 10.07
CA ASN C 332 -29.06 -9.69 9.64
C ASN C 332 -29.47 -10.53 8.43
N GLY C 333 -28.50 -11.20 7.81
CA GLY C 333 -28.76 -11.99 6.63
C GLY C 333 -28.60 -13.48 6.82
N MET C 334 -28.06 -13.89 7.96
CA MET C 334 -27.70 -15.28 8.18
C MET C 334 -28.87 -16.23 8.26
N ALA C 335 -29.89 -15.87 9.04
CA ALA C 335 -31.02 -16.77 9.25
C ALA C 335 -31.64 -17.09 7.90
N LYS C 336 -31.77 -16.05 7.07
CA LYS C 336 -32.41 -16.20 5.79
C LYS C 336 -31.58 -17.12 4.88
N LEU C 337 -30.29 -16.80 4.76
CA LEU C 337 -29.38 -17.65 3.97
C LEU C 337 -29.42 -19.10 4.44
N ALA C 338 -29.40 -19.29 5.75
CA ALA C 338 -29.39 -20.62 6.32
C ALA C 338 -30.47 -21.43 5.66
N GLY C 339 -31.68 -20.89 5.66
CA GLY C 339 -32.79 -21.62 5.09
C GLY C 339 -32.79 -21.77 3.57
N GLU C 340 -31.86 -21.11 2.88
CA GLU C 340 -31.73 -21.28 1.44
C GLU C 340 -30.60 -22.26 1.07
N VAL C 341 -29.61 -22.36 1.95
CA VAL C 341 -28.37 -23.08 1.65
C VAL C 341 -28.21 -24.41 2.41
N PHE C 342 -28.63 -24.43 3.67
CA PHE C 342 -28.51 -25.64 4.47
C PHE C 342 -29.54 -26.71 4.11
N TRP C 343 -29.16 -27.96 4.26
CA TRP C 343 -30.11 -29.06 4.26
C TRP C 343 -29.90 -29.72 5.62
N TRP C 344 -30.52 -29.15 6.64
CA TRP C 344 -30.45 -29.65 8.01
C TRP C 344 -31.00 -31.07 8.10
N PRO C 345 -30.53 -31.85 9.08
CA PRO C 345 -31.03 -33.23 9.25
C PRO C 345 -32.20 -33.32 10.23
N THR C 356 -37.51 -18.52 13.15
CA THR C 356 -37.41 -19.56 14.16
C THR C 356 -36.01 -20.16 14.16
N VAL C 357 -35.25 -19.85 13.11
CA VAL C 357 -33.85 -20.20 13.00
C VAL C 357 -33.03 -19.34 13.94
N THR C 358 -32.25 -19.96 14.80
CA THR C 358 -31.48 -19.22 15.80
C THR C 358 -30.11 -18.79 15.25
N VAL C 359 -29.76 -17.52 15.42
CA VAL C 359 -28.43 -17.05 14.99
C VAL C 359 -27.46 -17.10 16.18
N ILE C 360 -26.48 -18.00 16.13
CA ILE C 360 -25.53 -18.14 17.22
C ILE C 360 -24.19 -17.54 16.83
N ASP C 361 -23.83 -16.42 17.48
CA ASP C 361 -22.58 -15.72 17.19
C ASP C 361 -21.37 -16.42 17.79
N SER C 362 -21.57 -17.13 18.90
CA SER C 362 -20.47 -17.77 19.60
C SER C 362 -20.98 -18.52 20.82
N ARG C 363 -20.11 -19.29 21.45
CA ARG C 363 -20.39 -19.83 22.77
C ARG C 363 -19.26 -19.48 23.72
N CYS C 364 -19.59 -19.50 25.02
CA CYS C 364 -18.61 -19.33 26.06
C CYS C 364 -19.04 -20.20 27.20
N GLY C 365 -18.32 -21.30 27.39
CA GLY C 365 -18.82 -22.39 28.23
C GLY C 365 -20.25 -22.81 27.88
N GLU C 366 -21.07 -22.99 28.89
CA GLU C 366 -22.43 -23.44 28.67
C GLU C 366 -23.34 -22.44 27.93
N ASN C 367 -22.90 -21.21 27.71
CA ASN C 367 -23.79 -20.21 27.10
C ASN C 367 -23.58 -19.90 25.63
N PHE C 368 -24.67 -19.99 24.87
CA PHE C 368 -24.75 -19.41 23.53
C PHE C 368 -24.76 -17.89 23.62
N SER C 369 -24.29 -17.25 22.57
CA SER C 369 -24.56 -15.84 22.38
C SER C 369 -25.42 -15.72 21.14
N ILE C 370 -26.66 -15.29 21.35
CA ILE C 370 -27.62 -15.33 20.28
C ILE C 370 -28.00 -13.94 19.81
N TYR C 371 -27.93 -13.72 18.50
CA TYR C 371 -28.25 -12.43 17.93
C TYR C 371 -29.74 -12.32 17.66
N LYS C 372 -30.34 -11.24 18.14
CA LYS C 372 -31.75 -11.01 17.87
C LYS C 372 -31.90 -9.63 17.25
N ALA C 373 -32.49 -9.56 16.06
CA ALA C 373 -32.77 -8.26 15.44
C ALA C 373 -34.08 -7.72 16.00
N SER C 374 -34.86 -8.63 16.59
CA SER C 374 -36.12 -8.32 17.25
C SER C 374 -35.91 -7.25 18.31
N ASP C 375 -34.86 -7.40 19.11
CA ASP C 375 -34.49 -6.40 20.12
C ASP C 375 -34.27 -5.05 19.46
N ASN C 376 -33.11 -4.49 19.72
CA ASN C 376 -32.57 -3.51 18.81
C ASN C 376 -31.21 -3.97 18.34
N SER C 377 -31.21 -5.13 17.70
CA SER C 377 -29.98 -5.80 17.35
C SER C 377 -29.21 -5.98 18.65
N SER C 378 -29.27 -7.18 19.20
CA SER C 378 -28.48 -7.47 20.38
C SER C 378 -28.04 -8.93 20.46
N LEU C 379 -26.90 -9.14 21.12
CA LEU C 379 -26.44 -10.46 21.54
C LEU C 379 -26.90 -10.71 22.99
N SER C 380 -27.43 -11.90 23.25
CA SER C 380 -27.75 -12.25 24.62
C SER C 380 -27.37 -13.71 24.91
N GLN C 381 -27.07 -13.97 26.18
CA GLN C 381 -26.70 -15.32 26.59
C GLN C 381 -27.90 -16.26 26.77
N GLN C 382 -27.80 -17.44 26.19
CA GLN C 382 -28.79 -18.49 26.43
C GLN C 382 -28.06 -19.76 26.81
N PHE C 383 -28.43 -20.32 27.96
CA PHE C 383 -27.87 -21.58 28.43
C PHE C 383 -28.23 -22.73 27.48
N ASP C 384 -27.21 -23.47 27.05
CA ASP C 384 -27.38 -24.59 26.12
C ASP C 384 -27.95 -25.78 26.89
N ALA C 385 -29.26 -25.72 27.16
CA ALA C 385 -29.88 -26.60 28.15
C ALA C 385 -30.12 -27.99 27.58
N CYS C 386 -29.92 -28.11 26.26
CA CYS C 386 -30.01 -29.41 25.61
C CYS C 386 -28.60 -29.93 25.32
N ALA C 387 -27.60 -29.19 25.81
CA ALA C 387 -26.20 -29.61 25.75
C ALA C 387 -25.75 -29.92 24.33
N SER C 388 -26.36 -29.22 23.37
CA SER C 388 -26.08 -29.42 21.94
C SER C 388 -26.08 -30.89 21.57
N TRP C 389 -27.25 -31.50 21.72
CA TRP C 389 -27.42 -32.89 21.37
C TRP C 389 -26.58 -33.74 22.33
N TRP C 390 -26.55 -33.32 23.60
CA TRP C 390 -25.92 -34.10 24.67
C TRP C 390 -24.43 -34.32 24.44
N THR C 391 -23.84 -33.43 23.64
CA THR C 391 -22.39 -33.39 23.48
C THR C 391 -21.71 -32.54 24.57
N GLN C 392 -22.43 -31.55 25.10
CA GLN C 392 -21.78 -30.44 25.81
C GLN C 392 -21.29 -30.71 27.21
N GLY C 393 -20.12 -30.09 27.48
CA GLY C 393 -19.37 -30.30 28.70
C GLY C 393 -18.59 -29.11 29.28
N PRO C 394 -17.87 -28.36 28.42
CA PRO C 394 -16.87 -27.43 28.95
C PRO C 394 -17.35 -26.15 29.65
N ASP C 395 -16.71 -25.88 30.80
CA ASP C 395 -16.58 -24.58 31.49
CA ASP C 395 -16.67 -24.59 31.49
C ASP C 395 -16.24 -23.47 30.52
N PRO C 396 -16.46 -22.18 30.88
CA PRO C 396 -15.76 -21.16 30.08
C PRO C 396 -14.24 -21.34 30.15
N THR C 397 -13.76 -21.72 31.34
CA THR C 397 -12.34 -22.01 31.56
C THR C 397 -11.82 -23.16 30.71
N PHE C 398 -12.52 -24.30 30.81
CA PHE C 398 -12.08 -25.48 30.10
C PHE C 398 -12.07 -25.26 28.57
N GLN C 399 -13.01 -24.47 28.08
CA GLN C 399 -13.12 -24.24 26.65
C GLN C 399 -11.87 -23.53 26.16
N ALA C 400 -11.45 -22.48 26.86
CA ALA C 400 -10.27 -21.74 26.42
C ALA C 400 -9.04 -22.66 26.48
N GLU C 401 -8.96 -23.48 27.53
CA GLU C 401 -7.92 -24.49 27.62
C GLU C 401 -7.97 -25.49 26.47
N LEU C 402 -9.15 -25.98 26.14
CA LEU C 402 -9.24 -26.95 25.07
C LEU C 402 -8.81 -26.34 23.76
N ALA C 403 -9.04 -25.03 23.63
CA ALA C 403 -8.72 -24.34 22.40
C ALA C 403 -7.21 -24.33 22.17
N ARG C 404 -6.45 -24.18 23.25
CA ARG C 404 -4.99 -24.18 23.17
C ARG C 404 -4.48 -25.57 22.83
N GLU C 405 -5.06 -26.59 23.47
CA GLU C 405 -4.67 -27.96 23.19
C GLU C 405 -4.95 -28.31 21.73
N MET C 406 -6.08 -27.84 21.23
CA MET C 406 -6.46 -28.14 19.87
C MET C 406 -5.56 -27.44 18.86
N GLY C 407 -5.24 -26.18 19.13
CA GLY C 407 -4.32 -25.43 18.31
C GLY C 407 -2.99 -26.14 18.27
N TYR C 408 -2.52 -26.54 19.44
CA TYR C 408 -1.21 -27.13 19.56
C TYR C 408 -1.20 -28.41 18.76
N THR C 409 -2.26 -29.19 18.94
CA THR C 409 -2.36 -30.47 18.27
C THR C 409 -2.41 -30.31 16.75
N ALA C 410 -3.13 -29.33 16.24
CA ALA C 410 -3.12 -29.09 14.80
C ALA C 410 -1.73 -28.68 14.29
N ALA C 411 -1.05 -27.82 15.03
CA ALA C 411 0.29 -27.38 14.64
C ALA C 411 1.38 -28.47 14.75
N ARG C 412 1.17 -29.47 15.62
CA ARG C 412 2.20 -30.51 15.80
C ARG C 412 1.94 -31.75 14.96
N PHE C 413 0.67 -32.05 14.72
CA PHE C 413 0.33 -33.31 14.09
C PHE C 413 -0.48 -33.16 12.81
N GLY C 414 -1.24 -32.07 12.70
CA GLY C 414 -2.25 -31.98 11.66
C GLY C 414 -3.05 -33.28 11.69
N HIS C 415 -3.15 -33.94 10.54
CA HIS C 415 -3.62 -35.33 10.54
C HIS C 415 -2.54 -36.25 10.00
N VAL C 416 -2.34 -37.35 10.70
CA VAL C 416 -1.32 -38.35 10.38
C VAL C 416 -2.04 -39.69 10.40
N MET C 417 -1.85 -40.51 9.39
CA MET C 417 -2.66 -41.71 9.26
C MET C 417 -2.43 -42.75 10.36
N PHE C 418 -3.50 -43.47 10.69
CA PHE C 418 -3.52 -44.34 11.84
C PHE C 418 -2.87 -45.71 11.62
N PRO C 419 -3.32 -46.45 10.59
CA PRO C 419 -2.91 -47.87 10.48
C PRO C 419 -1.39 -48.17 10.52
N GLU C 420 -1.03 -49.10 11.40
CA GLU C 420 0.37 -49.51 11.61
C GLU C 420 1.26 -48.35 12.06
N ASN C 421 0.64 -47.31 12.62
CA ASN C 421 1.37 -46.15 13.11
C ASN C 421 1.06 -45.82 14.56
N VAL C 422 1.97 -45.11 15.23
CA VAL C 422 1.68 -44.61 16.57
C VAL C 422 2.09 -43.15 16.73
N TYR C 423 1.20 -42.35 17.29
CA TYR C 423 1.51 -40.96 17.60
C TYR C 423 0.89 -40.60 18.93
N GLU C 424 1.48 -39.65 19.64
CA GLU C 424 1.21 -39.50 21.07
C GLU C 424 -0.28 -39.40 21.44
N PRO C 425 -1.00 -38.47 20.80
CA PRO C 425 -2.40 -38.25 21.21
C PRO C 425 -3.28 -39.51 21.16
N ALA C 426 -3.14 -40.32 20.12
CA ALA C 426 -3.94 -41.54 20.05
C ALA C 426 -3.56 -42.57 21.14
N LEU C 427 -2.26 -42.69 21.39
CA LEU C 427 -1.79 -43.61 22.40
C LEU C 427 -2.25 -43.22 23.83
N LYS C 428 -2.11 -41.94 24.19
CA LYS C 428 -2.50 -41.46 25.51
C LYS C 428 -3.99 -41.65 25.70
N CYS C 429 -4.73 -41.28 24.66
CA CYS C 429 -6.18 -41.41 24.67
C CYS C 429 -6.58 -42.86 24.99
N ALA C 430 -5.90 -43.79 24.35
CA ALA C 430 -6.23 -45.19 24.57
C ALA C 430 -5.79 -45.66 25.95
N GLU C 431 -4.62 -45.24 26.38
CA GLU C 431 -4.20 -45.53 27.74
C GLU C 431 -5.27 -45.03 28.70
N LEU C 432 -5.65 -43.77 28.57
CA LEU C 432 -6.64 -43.15 29.44
C LEU C 432 -8.02 -43.86 29.38
N LEU C 433 -8.40 -44.34 28.19
CA LEU C 433 -9.62 -45.10 28.06
C LEU C 433 -9.53 -46.41 28.83
N LEU C 434 -8.52 -47.23 28.52
CA LEU C 434 -8.38 -48.56 29.12
C LEU C 434 -8.26 -48.57 30.63
N ASP C 435 -7.64 -47.54 31.19
CA ASP C 435 -7.36 -47.47 32.62
C ASP C 435 -8.51 -46.83 33.40
N GLY C 436 -9.52 -46.34 32.69
CA GLY C 436 -10.62 -45.68 33.36
C GLY C 436 -11.95 -46.33 33.11
N VAL C 437 -12.55 -45.94 32.00
CA VAL C 437 -13.86 -46.39 31.57
C VAL C 437 -13.76 -47.88 31.33
N GLY C 438 -12.59 -48.31 30.85
CA GLY C 438 -12.34 -49.70 30.54
C GLY C 438 -11.71 -50.46 31.70
N LYS C 439 -11.54 -49.79 32.85
CA LYS C 439 -10.95 -50.44 34.03
C LYS C 439 -11.60 -51.78 34.34
N GLY C 440 -10.78 -52.82 34.38
CA GLY C 440 -11.19 -54.13 34.88
C GLY C 440 -11.90 -55.02 33.88
N TRP C 441 -11.79 -54.70 32.58
CA TRP C 441 -12.39 -55.57 31.54
C TRP C 441 -11.82 -55.37 30.13
N ALA C 442 -11.65 -54.12 29.72
CA ALA C 442 -11.25 -53.81 28.35
C ALA C 442 -9.75 -53.94 28.14
N SER C 443 -9.31 -54.16 26.90
CA SER C 443 -7.88 -54.15 26.63
C SER C 443 -7.53 -53.78 25.20
N ARG C 444 -8.55 -53.50 24.40
CA ARG C 444 -8.34 -53.00 23.04
C ARG C 444 -9.21 -51.79 22.76
N VAL C 445 -8.64 -50.80 22.07
CA VAL C 445 -9.37 -49.63 21.68
C VAL C 445 -9.49 -49.51 20.17
N TYR C 446 -10.73 -49.41 19.67
CA TYR C 446 -10.99 -49.30 18.23
C TYR C 446 -11.65 -47.98 17.86
N PHE C 447 -10.96 -47.22 17.00
CA PHE C 447 -11.32 -45.83 16.72
C PHE C 447 -12.25 -45.74 15.51
N SER C 448 -13.36 -45.03 15.66
CA SER C 448 -14.20 -44.70 14.52
C SER C 448 -14.68 -43.23 14.59
N ASP C 449 -15.66 -42.87 13.76
CA ASP C 449 -15.98 -41.47 13.56
C ASP C 449 -17.09 -40.90 14.47
N ASN C 450 -18.18 -41.63 14.64
CA ASN C 450 -19.23 -41.16 15.53
C ASN C 450 -19.85 -42.32 16.33
N GLY C 451 -20.76 -41.99 17.25
CA GLY C 451 -21.37 -42.98 18.11
C GLY C 451 -22.03 -44.14 17.36
N SER C 452 -22.64 -43.84 16.22
CA SER C 452 -23.34 -44.86 15.46
C SER C 452 -22.37 -45.91 14.91
N THR C 453 -21.29 -45.42 14.29
CA THR C 453 -20.28 -46.29 13.70
C THR C 453 -19.64 -47.15 14.80
N ALA C 454 -19.35 -46.51 15.94
CA ALA C 454 -18.78 -47.23 17.07
C ALA C 454 -19.67 -48.39 17.46
N ILE C 455 -20.97 -48.18 17.35
CA ILE C 455 -21.92 -49.24 17.67
C ILE C 455 -21.99 -50.35 16.59
N GLU C 456 -22.01 -49.99 15.31
CA GLU C 456 -22.00 -51.01 14.24
C GLU C 456 -20.85 -51.95 14.52
N ILE C 457 -19.75 -51.35 14.94
CA ILE C 457 -18.50 -52.06 15.07
C ILE C 457 -18.56 -53.00 16.29
N ALA C 458 -19.18 -52.51 17.36
CA ALA C 458 -19.48 -53.34 18.52
C ALA C 458 -20.28 -54.59 18.15
N LEU C 459 -21.20 -54.41 17.20
CA LEU C 459 -22.07 -55.51 16.76
C LEU C 459 -21.32 -56.54 15.88
N LYS C 460 -20.54 -56.06 14.91
CA LYS C 460 -19.69 -56.98 14.16
C LYS C 460 -18.83 -57.73 15.16
N MET C 461 -18.28 -56.99 16.13
CA MET C 461 -17.47 -57.61 17.16
C MET C 461 -18.25 -58.68 17.93
N ALA C 462 -19.49 -58.38 18.33
CA ALA C 462 -20.29 -59.30 19.14
C ALA C 462 -20.61 -60.61 18.41
N PHE C 463 -21.14 -60.50 17.19
CA PHE C 463 -21.52 -61.66 16.41
C PHE C 463 -20.33 -62.59 16.19
N ARG C 464 -19.19 -62.00 15.84
CA ARG C 464 -17.98 -62.80 15.68
C ARG C 464 -17.67 -63.61 16.92
N LYS C 465 -17.58 -62.92 18.07
CA LYS C 465 -17.32 -63.58 19.35
C LYS C 465 -18.31 -64.71 19.66
N PHE C 466 -19.58 -64.44 19.39
CA PHE C 466 -20.66 -65.41 19.62
C PHE C 466 -20.55 -66.64 18.69
N CYS C 467 -20.19 -66.42 17.42
CA CYS C 467 -19.99 -67.55 16.51
C CYS C 467 -18.82 -68.41 16.96
N VAL C 468 -17.68 -67.77 17.20
CA VAL C 468 -16.50 -68.47 17.69
C VAL C 468 -16.80 -69.26 18.97
N ASP C 469 -17.66 -68.70 19.83
CA ASP C 469 -18.04 -69.38 21.08
C ASP C 469 -19.10 -70.50 20.89
N HIS C 470 -19.58 -70.68 19.66
CA HIS C 470 -20.65 -71.66 19.39
C HIS C 470 -20.55 -72.30 18.00
N ASN C 471 -19.34 -72.39 17.45
CA ASN C 471 -19.13 -72.78 16.05
C ASN C 471 -19.44 -71.65 15.06
N VAL C 486 -30.46 -59.89 18.04
CA VAL C 486 -29.91 -59.03 19.08
C VAL C 486 -30.98 -58.57 20.07
N ILE C 487 -30.77 -58.82 21.35
CA ILE C 487 -31.74 -58.39 22.35
CA ILE C 487 -31.73 -58.39 22.37
C ILE C 487 -31.46 -56.97 22.84
N ALA C 488 -32.52 -56.19 22.93
CA ALA C 488 -32.45 -54.80 23.33
C ALA C 488 -33.73 -54.42 24.08
N LEU C 489 -33.73 -53.26 24.69
CA LEU C 489 -34.89 -52.82 25.44
C LEU C 489 -35.69 -51.75 24.70
N ARG C 490 -37.00 -51.71 24.96
CA ARG C 490 -37.89 -50.84 24.22
C ARG C 490 -37.66 -49.39 24.59
N GLY C 491 -37.45 -48.57 23.57
CA GLY C 491 -37.27 -47.15 23.81
C GLY C 491 -35.80 -46.81 23.90
N SER C 492 -34.95 -47.82 23.78
CA SER C 492 -33.52 -47.58 23.68
C SER C 492 -33.20 -46.96 22.31
N TYR C 493 -32.03 -46.32 22.23
CA TYR C 493 -31.58 -45.70 21.00
C TYR C 493 -30.12 -46.00 20.81
N HIS C 494 -29.75 -46.36 19.59
CA HIS C 494 -28.38 -46.76 19.32
C HIS C 494 -27.85 -46.30 17.97
N GLY C 495 -28.33 -45.15 17.49
CA GLY C 495 -27.74 -44.56 16.29
C GLY C 495 -28.42 -44.76 14.92
N ASP C 496 -27.92 -44.02 13.93
CA ASP C 496 -28.63 -43.80 12.66
C ASP C 496 -27.96 -44.44 11.46
N GLY C 522 -33.28 -59.01 16.63
CA GLY C 522 -34.28 -57.96 16.77
C GLY C 522 -35.28 -58.24 17.90
N LEU C 523 -34.80 -58.78 19.02
CA LEU C 523 -35.71 -59.22 20.10
C LEU C 523 -35.83 -58.20 21.23
N PHE C 524 -36.79 -57.30 21.08
CA PHE C 524 -36.95 -56.14 21.96
C PHE C 524 -37.78 -56.48 23.20
N LEU C 525 -37.29 -56.05 24.36
CA LEU C 525 -37.99 -56.29 25.63
C LEU C 525 -38.39 -54.96 26.26
N ASP C 526 -39.47 -54.97 27.04
CA ASP C 526 -39.93 -53.75 27.69
C ASP C 526 -39.29 -53.59 29.06
N PRO C 527 -38.55 -52.49 29.24
CA PRO C 527 -37.82 -52.30 30.49
C PRO C 527 -38.73 -51.76 31.57
N PRO C 528 -38.67 -52.37 32.77
CA PRO C 528 -39.19 -51.64 33.93
C PRO C 528 -38.41 -50.33 34.10
N THR C 529 -39.11 -49.25 34.42
CA THR C 529 -38.45 -47.96 34.56
C THR C 529 -38.63 -47.36 35.96
N VAL C 530 -37.79 -46.39 36.30
CA VAL C 530 -37.93 -45.73 37.59
C VAL C 530 -38.12 -44.22 37.37
N PHE C 531 -38.83 -43.57 38.30
CA PHE C 531 -39.05 -42.11 38.26
C PHE C 531 -39.29 -41.53 39.66
N LEU C 532 -39.00 -40.25 39.84
CA LEU C 532 -39.32 -39.55 41.09
C LEU C 532 -40.69 -38.89 41.02
N SER C 533 -41.48 -39.00 42.08
CA SER C 533 -42.80 -38.39 42.12
C SER C 533 -43.28 -38.14 43.52
N ASN C 534 -43.97 -37.01 43.69
CA ASN C 534 -44.55 -36.62 44.97
C ASN C 534 -43.67 -37.00 46.16
N GLY C 535 -42.39 -36.67 46.06
CA GLY C 535 -41.46 -36.85 47.16
C GLY C 535 -40.72 -38.17 47.25
N SER C 536 -41.11 -39.16 46.45
CA SER C 536 -40.45 -40.47 46.51
C SER C 536 -40.26 -41.14 45.15
N TRP C 537 -39.31 -42.08 45.10
CA TRP C 537 -39.02 -42.83 43.88
C TRP C 537 -39.90 -44.09 43.78
N ASN C 538 -40.42 -44.36 42.59
CA ASN C 538 -41.40 -45.44 42.40
C ASN C 538 -41.20 -46.18 41.09
N ILE C 539 -40.99 -47.49 41.17
CA ILE C 539 -40.82 -48.35 39.99
C ILE C 539 -42.11 -48.51 39.20
N SER C 540 -42.00 -48.42 37.88
CA SER C 540 -43.11 -48.69 36.98
C SER C 540 -42.83 -49.97 36.19
N LEU C 541 -43.71 -50.96 36.31
CA LEU C 541 -43.51 -52.24 35.64
C LEU C 541 -44.27 -52.31 34.32
N ARG C 566 -30.25 -55.23 46.71
CA ARG C 566 -31.55 -55.44 46.05
C ARG C 566 -31.51 -56.65 45.15
N ASP C 567 -30.43 -57.40 45.22
CA ASP C 567 -30.30 -58.62 44.45
C ASP C 567 -30.97 -59.80 45.13
N ALA C 568 -31.34 -59.61 46.39
CA ALA C 568 -32.05 -60.64 47.16
C ALA C 568 -33.46 -60.19 47.52
N SER C 569 -34.04 -59.36 46.66
CA SER C 569 -35.42 -58.93 46.81
C SER C 569 -36.31 -59.80 45.93
N THR C 570 -37.61 -59.78 46.19
CA THR C 570 -38.54 -60.51 45.34
C THR C 570 -38.27 -60.19 43.87
N LEU C 571 -38.28 -58.90 43.54
CA LEU C 571 -38.13 -58.43 42.16
C LEU C 571 -37.01 -59.12 41.39
N ALA C 572 -35.85 -59.26 42.02
CA ALA C 572 -34.73 -59.92 41.38
C ALA C 572 -35.20 -61.20 40.70
N ARG C 573 -36.04 -61.96 41.40
CA ARG C 573 -36.52 -63.24 40.91
C ARG C 573 -37.60 -63.06 39.85
N ILE C 574 -38.60 -62.24 40.16
CA ILE C 574 -39.62 -61.89 39.18
C ILE C 574 -38.91 -61.58 37.87
N TYR C 575 -37.88 -60.75 37.95
CA TYR C 575 -37.05 -60.39 36.80
C TYR C 575 -36.31 -61.60 36.22
N SER C 576 -35.53 -62.29 37.04
CA SER C 576 -34.81 -63.48 36.56
C SER C 576 -35.76 -64.46 35.86
N ALA C 577 -37.04 -64.43 36.26
CA ALA C 577 -38.07 -65.28 35.64
C ALA C 577 -38.58 -64.69 34.33
N TYR C 578 -38.97 -63.42 34.36
CA TYR C 578 -39.42 -62.71 33.17
C TYR C 578 -38.42 -62.83 32.01
N LEU C 579 -37.13 -62.68 32.32
CA LEU C 579 -36.08 -62.76 31.30
C LEU C 579 -35.94 -64.18 30.76
N SER C 580 -35.66 -65.11 31.67
CA SER C 580 -35.52 -66.52 31.34
C SER C 580 -36.40 -67.00 30.18
N LYS C 581 -37.71 -66.81 30.31
CA LYS C 581 -38.68 -67.25 29.30
C LYS C 581 -38.17 -67.08 27.87
N HIS C 582 -37.40 -66.02 27.65
CA HIS C 582 -36.86 -65.72 26.33
C HIS C 582 -35.40 -66.15 26.26
N ALA C 597 -26.03 -61.48 20.95
CA ALA C 597 -25.52 -60.22 21.47
C ALA C 597 -26.59 -59.39 22.22
N LEU C 598 -26.21 -58.91 23.39
CA LEU C 598 -27.09 -58.05 24.18
C LEU C 598 -26.62 -56.61 24.11
N ILE C 599 -27.56 -55.68 23.92
CA ILE C 599 -27.21 -54.25 23.88
C ILE C 599 -28.13 -53.39 24.75
N ILE C 600 -27.55 -52.76 25.77
CA ILE C 600 -28.31 -51.88 26.66
C ILE C 600 -27.79 -50.45 26.67
N GLU C 601 -28.70 -49.53 26.95
CA GLU C 601 -28.36 -48.14 27.23
C GLU C 601 -28.43 -48.05 28.76
N PRO C 602 -27.28 -48.15 29.43
CA PRO C 602 -27.31 -48.27 30.90
C PRO C 602 -28.04 -47.11 31.58
N VAL C 603 -28.79 -47.45 32.63
CA VAL C 603 -29.46 -46.46 33.50
C VAL C 603 -30.46 -45.54 32.81
N ILE C 604 -30.04 -44.86 31.74
CA ILE C 604 -30.89 -43.87 31.08
C ILE C 604 -31.12 -44.17 29.62
N HIS C 605 -32.40 -44.14 29.23
CA HIS C 605 -32.81 -44.16 27.83
C HIS C 605 -32.95 -42.72 27.35
N GLY C 606 -31.85 -42.18 26.84
CA GLY C 606 -31.77 -40.78 26.46
C GLY C 606 -32.79 -40.40 25.41
N ALA C 607 -32.52 -40.78 24.15
CA ALA C 607 -33.37 -40.36 23.04
C ALA C 607 -34.83 -40.85 23.15
N GLY C 608 -35.07 -41.87 23.98
CA GLY C 608 -36.41 -42.42 24.14
C GLY C 608 -37.27 -41.65 25.12
N GLY C 609 -36.70 -40.58 25.68
CA GLY C 609 -37.48 -39.69 26.54
C GLY C 609 -36.95 -39.52 27.95
N MET C 610 -35.64 -39.67 28.12
CA MET C 610 -35.01 -39.49 29.44
C MET C 610 -35.69 -40.37 30.52
N HIS C 611 -35.98 -41.63 30.18
CA HIS C 611 -36.46 -42.60 31.18
C HIS C 611 -35.28 -43.25 31.90
N MET C 612 -35.47 -43.54 33.18
CA MET C 612 -34.46 -44.30 33.91
C MET C 612 -34.90 -45.74 33.94
N VAL C 613 -34.15 -46.58 33.22
CA VAL C 613 -34.38 -48.03 33.33
C VAL C 613 -33.89 -48.48 34.72
N ASP C 614 -34.63 -49.40 35.33
CA ASP C 614 -34.24 -49.96 36.62
C ASP C 614 -32.90 -50.67 36.47
N PRO C 615 -31.88 -50.21 37.22
CA PRO C 615 -30.55 -50.85 37.24
C PRO C 615 -30.63 -52.35 37.61
N LEU C 616 -31.53 -52.70 38.52
CA LEU C 616 -31.68 -54.09 38.88
C LEU C 616 -31.97 -54.92 37.63
N PHE C 617 -32.83 -54.40 36.75
CA PHE C 617 -33.31 -55.17 35.61
C PHE C 617 -32.21 -55.37 34.57
N GLN C 618 -31.42 -54.33 34.39
CA GLN C 618 -30.32 -54.42 33.45
C GLN C 618 -29.25 -55.39 33.98
N ARG C 619 -28.89 -55.27 35.25
CA ARG C 619 -27.90 -56.16 35.85
C ARG C 619 -28.32 -57.64 35.73
N VAL C 620 -29.59 -57.95 36.01
CA VAL C 620 -30.05 -59.31 35.83
C VAL C 620 -29.95 -59.67 34.35
N LEU C 621 -30.35 -58.74 33.49
CA LEU C 621 -30.35 -58.97 32.06
C LEU C 621 -28.94 -59.28 31.60
N VAL C 622 -27.98 -58.53 32.14
CA VAL C 622 -26.57 -58.70 31.79
C VAL C 622 -25.99 -60.03 32.30
N ASN C 623 -26.20 -60.32 33.58
CA ASN C 623 -25.75 -61.58 34.13
C ASN C 623 -26.38 -62.75 33.40
N GLU C 624 -27.70 -62.67 33.19
CA GLU C 624 -28.40 -63.69 32.42
C GLU C 624 -27.64 -63.95 31.10
N CYS C 625 -27.44 -62.92 30.28
CA CYS C 625 -26.83 -63.08 28.96
C CYS C 625 -25.40 -63.60 29.06
N ARG C 626 -24.69 -63.17 30.09
CA ARG C 626 -23.34 -63.68 30.31
C ARG C 626 -23.39 -65.17 30.55
N ASN C 627 -24.22 -65.59 31.50
CA ASN C 627 -24.41 -67.01 31.79
C ASN C 627 -24.67 -67.87 30.55
N ARG C 628 -25.41 -67.33 29.58
CA ARG C 628 -25.74 -68.07 28.36
C ARG C 628 -24.64 -67.94 27.33
N LYS C 629 -23.55 -67.29 27.72
CA LYS C 629 -22.40 -67.01 26.86
C LYS C 629 -22.75 -66.07 25.69
N ILE C 630 -23.59 -65.08 25.98
CA ILE C 630 -23.93 -64.04 25.00
C ILE C 630 -23.14 -62.75 25.23
N PRO C 631 -22.53 -62.20 24.16
CA PRO C 631 -21.75 -60.97 24.33
C PRO C 631 -22.61 -59.80 24.81
N VAL C 632 -22.04 -59.02 25.71
CA VAL C 632 -22.73 -57.89 26.26
C VAL C 632 -22.09 -56.61 25.75
N ILE C 633 -22.89 -55.76 25.08
CA ILE C 633 -22.44 -54.43 24.66
C ILE C 633 -23.11 -53.31 25.48
N PHE C 634 -22.28 -52.48 26.13
CA PHE C 634 -22.76 -51.26 26.80
C PHE C 634 -22.63 -50.08 25.85
N ASP C 635 -23.77 -49.58 25.37
CA ASP C 635 -23.75 -48.36 24.60
C ASP C 635 -23.64 -47.18 25.56
N GLU C 636 -22.43 -46.68 25.81
CA GLU C 636 -22.27 -45.53 26.70
C GLU C 636 -22.07 -44.21 25.96
N VAL C 637 -22.44 -44.17 24.67
CA VAL C 637 -22.31 -42.94 23.90
C VAL C 637 -22.89 -41.76 24.68
N PHE C 638 -24.10 -41.94 25.20
CA PHE C 638 -24.78 -40.91 26.01
C PHE C 638 -24.27 -40.86 27.47
N THR C 639 -24.22 -42.01 28.14
CA THR C 639 -23.89 -42.02 29.57
C THR C 639 -22.41 -41.80 29.87
N GLY C 640 -21.57 -42.04 28.86
CA GLY C 640 -20.13 -41.86 29.02
C GLY C 640 -19.63 -40.50 29.51
N PHE C 641 -18.65 -40.56 30.39
CA PHE C 641 -17.89 -39.40 30.80
C PHE C 641 -18.72 -38.35 31.54
N TRP C 642 -19.32 -38.81 32.62
CA TRP C 642 -19.87 -37.95 33.66
C TRP C 642 -21.26 -37.41 33.35
N ARG C 643 -21.84 -37.82 32.22
CA ARG C 643 -23.22 -37.45 31.94
C ARG C 643 -24.12 -37.77 33.14
N LEU C 644 -23.97 -38.97 33.68
CA LEU C 644 -24.82 -39.40 34.78
C LEU C 644 -24.07 -39.35 36.11
N GLY C 645 -22.94 -38.66 36.14
CA GLY C 645 -22.25 -38.41 37.39
C GLY C 645 -21.16 -39.41 37.72
N VAL C 646 -20.88 -40.32 36.80
CA VAL C 646 -19.76 -41.24 36.93
C VAL C 646 -19.06 -41.33 35.58
N GLU C 647 -17.77 -41.70 35.57
CA GLU C 647 -17.06 -41.81 34.31
C GLU C 647 -17.66 -42.89 33.43
N THR C 648 -18.18 -43.95 34.07
CA THR C 648 -18.86 -45.02 33.36
C THR C 648 -19.94 -45.66 34.23
N THR C 649 -21.05 -46.02 33.60
CA THR C 649 -22.21 -46.56 34.30
C THR C 649 -21.86 -47.92 34.87
N THR C 650 -20.68 -48.40 34.52
CA THR C 650 -20.18 -49.61 35.12
C THR C 650 -20.23 -49.45 36.65
N GLU C 651 -20.04 -48.22 37.12
CA GLU C 651 -20.18 -47.91 38.54
C GLU C 651 -21.62 -48.04 39.05
N LEU C 652 -22.59 -47.68 38.22
CA LEU C 652 -24.00 -47.71 38.62
C LEU C 652 -24.62 -49.11 38.53
N LEU C 653 -24.29 -49.84 37.47
CA LEU C 653 -24.91 -51.15 37.23
C LEU C 653 -24.29 -52.29 38.05
N GLY C 654 -23.08 -52.09 38.56
CA GLY C 654 -22.40 -53.16 39.29
C GLY C 654 -22.24 -54.40 38.44
N CYS C 655 -21.78 -54.20 37.20
CA CYS C 655 -21.42 -55.30 36.30
C CYS C 655 -20.73 -54.72 35.06
N LYS C 656 -19.86 -55.51 34.44
CA LYS C 656 -19.07 -55.04 33.31
C LYS C 656 -19.57 -55.59 31.97
N PRO C 657 -19.28 -54.88 30.87
CA PRO C 657 -19.65 -55.37 29.54
C PRO C 657 -18.51 -56.21 28.92
N ASP C 658 -18.71 -56.68 27.69
CA ASP C 658 -17.64 -57.32 26.92
C ASP C 658 -17.11 -56.34 25.87
N ILE C 659 -18.01 -55.49 25.39
CA ILE C 659 -17.71 -54.47 24.39
C ILE C 659 -18.43 -53.18 24.81
N ALA C 660 -17.85 -52.02 24.51
CA ALA C 660 -18.50 -50.76 24.89
C ALA C 660 -18.21 -49.63 23.92
N CYS C 661 -19.15 -48.70 23.79
CA CYS C 661 -19.00 -47.63 22.82
C CYS C 661 -19.11 -46.25 23.46
N PHE C 662 -18.21 -45.36 23.06
CA PHE C 662 -18.16 -44.02 23.62
C PHE C 662 -18.11 -42.97 22.54
N ALA C 663 -18.55 -41.76 22.89
CA ALA C 663 -18.47 -40.57 22.02
C ALA C 663 -19.35 -39.52 22.66
N LYS C 664 -19.69 -38.48 21.92
CA LYS C 664 -20.28 -37.26 22.47
C LYS C 664 -19.34 -36.64 23.53
N LEU C 665 -19.59 -36.91 24.81
CA LEU C 665 -18.77 -36.29 25.86
C LEU C 665 -17.30 -36.70 25.82
N LEU C 666 -17.01 -37.78 25.09
CA LEU C 666 -15.64 -38.28 24.94
C LEU C 666 -14.62 -37.19 24.61
N THR C 667 -15.01 -36.24 23.76
CA THR C 667 -14.14 -35.18 23.30
C THR C 667 -14.45 -33.83 23.98
N GLY C 668 -15.03 -33.91 25.17
CA GLY C 668 -15.39 -32.72 25.90
C GLY C 668 -16.31 -31.80 25.11
N GLY C 669 -17.02 -32.35 24.13
CA GLY C 669 -17.98 -31.59 23.37
C GLY C 669 -17.39 -30.66 22.33
N MET C 670 -16.13 -30.86 21.96
CA MET C 670 -15.49 -29.95 21.01
C MET C 670 -15.47 -30.43 19.54
N VAL C 671 -15.42 -31.75 19.33
CA VAL C 671 -15.18 -32.27 17.98
C VAL C 671 -15.55 -33.75 18.01
N PRO C 672 -15.95 -34.32 16.86
CA PRO C 672 -16.30 -35.75 16.84
C PRO C 672 -15.10 -36.68 17.01
N LEU C 673 -15.34 -37.82 17.66
CA LEU C 673 -14.41 -38.93 17.77
C LEU C 673 -15.16 -40.02 18.48
N ALA C 674 -15.07 -41.24 17.97
CA ALA C 674 -15.77 -42.35 18.62
C ALA C 674 -14.90 -43.57 18.82
N VAL C 675 -15.31 -44.38 19.78
CA VAL C 675 -14.41 -45.36 20.34
C VAL C 675 -15.21 -46.61 20.73
N THR C 676 -14.68 -47.78 20.36
CA THR C 676 -15.28 -49.04 20.79
C THR C 676 -14.23 -49.84 21.56
N LEU C 677 -14.47 -50.09 22.84
CA LEU C 677 -13.53 -50.85 23.68
C LEU C 677 -13.94 -52.30 23.74
N ALA C 678 -12.96 -53.18 23.66
CA ALA C 678 -13.22 -54.62 23.64
C ALA C 678 -12.34 -55.42 24.61
N THR C 679 -12.87 -56.57 24.99
CA THR C 679 -12.17 -57.46 25.88
C THR C 679 -11.10 -58.24 25.11
N ASP C 680 -10.12 -58.75 25.85
CA ASP C 680 -9.06 -59.57 25.24
C ASP C 680 -9.66 -60.67 24.35
N ALA C 681 -10.52 -61.49 24.96
CA ALA C 681 -11.23 -62.57 24.27
C ALA C 681 -11.95 -62.15 22.98
N VAL C 682 -12.60 -60.99 23.03
CA VAL C 682 -13.33 -60.49 21.86
C VAL C 682 -12.35 -60.19 20.73
N PHE C 683 -11.23 -59.56 21.08
CA PHE C 683 -10.18 -59.30 20.12
C PHE C 683 -9.62 -60.62 19.57
N ASP C 684 -9.44 -61.62 20.42
CA ASP C 684 -8.93 -62.91 19.96
C ASP C 684 -9.79 -63.50 18.85
N SER C 685 -11.11 -63.41 19.03
CA SER C 685 -12.04 -64.05 18.10
C SER C 685 -11.82 -63.58 16.66
N PHE C 686 -10.90 -62.64 16.49
CA PHE C 686 -10.47 -62.17 15.18
C PHE C 686 -9.09 -62.72 14.87
N LEU C 696 -14.27 -55.54 9.23
CA LEU C 696 -13.80 -54.41 10.05
C LEU C 696 -13.09 -53.28 9.30
N HIS C 697 -13.90 -52.33 8.84
CA HIS C 697 -13.50 -51.25 7.96
C HIS C 697 -12.69 -50.17 8.66
N GLY C 698 -11.95 -49.40 7.88
CA GLY C 698 -11.32 -48.21 8.38
C GLY C 698 -11.68 -47.00 7.53
N HIS C 699 -11.57 -45.82 8.10
CA HIS C 699 -11.82 -44.59 7.35
C HIS C 699 -10.60 -43.70 7.40
N SER C 700 -10.52 -42.79 6.44
CA SER C 700 -9.32 -41.99 6.19
C SER C 700 -8.86 -41.17 7.39
N TYR C 701 -9.81 -40.63 8.13
CA TYR C 701 -9.51 -39.86 9.32
C TYR C 701 -9.61 -40.67 10.62
N SER C 702 -9.50 -42.00 10.51
CA SER C 702 -9.53 -42.87 11.69
C SER C 702 -8.48 -42.44 12.73
N ALA C 703 -8.95 -42.23 13.96
CA ALA C 703 -8.10 -41.88 15.10
C ALA C 703 -7.35 -40.55 14.85
N HIS C 704 -8.04 -39.60 14.24
CA HIS C 704 -7.40 -38.31 13.98
C HIS C 704 -6.81 -37.64 15.24
N ALA C 705 -5.61 -37.10 15.09
CA ALA C 705 -4.91 -36.55 16.25
C ALA C 705 -5.74 -35.48 16.92
N MET C 706 -6.40 -34.66 16.12
CA MET C 706 -7.17 -33.56 16.68
C MET C 706 -8.12 -34.09 17.74
N GLY C 707 -8.92 -35.10 17.39
CA GLY C 707 -9.89 -35.66 18.30
C GLY C 707 -9.30 -36.46 19.44
N CYS C 708 -8.26 -37.24 19.14
CA CYS C 708 -7.60 -38.04 20.16
C CYS C 708 -7.01 -37.14 21.25
N ALA C 709 -6.32 -36.09 20.84
CA ALA C 709 -5.69 -35.16 21.80
C ALA C 709 -6.74 -34.47 22.65
N THR C 710 -7.85 -34.11 22.02
CA THR C 710 -8.95 -33.46 22.70
C THR C 710 -9.59 -34.39 23.73
N ALA C 711 -9.81 -35.64 23.32
CA ALA C 711 -10.39 -36.64 24.21
C ALA C 711 -9.46 -36.90 25.41
N ALA C 712 -8.18 -37.06 25.12
CA ALA C 712 -7.22 -37.30 26.18
C ALA C 712 -7.26 -36.13 27.16
N LYS C 713 -7.52 -34.93 26.64
CA LYS C 713 -7.59 -33.74 27.48
C LYS C 713 -8.85 -33.74 28.33
N ALA C 714 -9.99 -34.00 27.68
CA ALA C 714 -11.25 -34.04 28.38
C ALA C 714 -11.30 -35.17 29.40
N ILE C 715 -10.71 -36.30 29.07
CA ILE C 715 -10.77 -37.42 29.99
C ILE C 715 -10.10 -37.07 31.31
N GLN C 716 -8.95 -36.42 31.24
CA GLN C 716 -8.26 -36.07 32.49
C GLN C 716 -8.94 -34.93 33.24
N TRP C 717 -9.34 -33.90 32.51
CA TRP C 717 -9.91 -32.68 33.06
C TRP C 717 -11.20 -32.96 33.85
N PHE C 718 -12.11 -33.71 33.25
CA PHE C 718 -13.40 -34.01 33.87
C PHE C 718 -13.27 -34.78 35.17
N LYS C 719 -12.18 -35.54 35.30
CA LYS C 719 -11.96 -36.50 36.39
C LYS C 719 -11.07 -35.97 37.51
N ASP C 720 -10.58 -34.74 37.35
CA ASP C 720 -9.54 -34.18 38.20
C ASP C 720 -10.07 -33.13 39.18
N PRO C 721 -9.95 -33.42 40.49
CA PRO C 721 -10.52 -32.56 41.52
C PRO C 721 -10.06 -31.14 41.34
N GLU C 722 -8.86 -30.95 40.80
CA GLU C 722 -8.32 -29.60 40.64
C GLU C 722 -8.99 -28.81 39.52
N THR C 723 -9.40 -29.48 38.43
CA THR C 723 -9.99 -28.78 37.29
C THR C 723 -11.51 -28.85 37.28
N ASN C 724 -12.02 -29.93 37.82
CA ASN C 724 -13.45 -30.08 37.94
C ASN C 724 -13.83 -30.05 39.42
N HIS C 725 -14.43 -28.93 39.81
CA HIS C 725 -14.72 -28.72 41.21
C HIS C 725 -15.93 -29.52 41.66
N ASN C 726 -16.55 -30.23 40.70
CA ASN C 726 -17.66 -31.14 41.02
C ASN C 726 -17.17 -32.52 41.41
N ILE C 727 -15.93 -32.84 41.02
CA ILE C 727 -15.36 -34.13 41.38
C ILE C 727 -15.07 -34.16 42.86
N THR C 728 -15.66 -35.16 43.50
CA THR C 728 -15.70 -35.30 44.96
C THR C 728 -14.35 -35.71 45.49
N SER C 729 -14.24 -35.78 46.82
CA SER C 729 -12.97 -35.95 47.51
C SER C 729 -12.38 -37.36 47.39
N GLN C 730 -13.07 -38.18 46.61
CA GLN C 730 -13.10 -39.63 46.76
C GLN C 730 -12.98 -40.18 45.35
N GLY C 731 -13.49 -39.40 44.41
CA GLY C 731 -13.10 -39.51 43.02
C GLY C 731 -14.03 -40.23 42.06
N LYS C 732 -14.91 -41.08 42.55
CA LYS C 732 -15.68 -41.91 41.62
C LYS C 732 -17.00 -41.27 41.21
N THR C 733 -17.32 -40.14 41.84
CA THR C 733 -18.65 -39.56 41.75
C THR C 733 -18.64 -38.04 41.70
N LEU C 734 -19.59 -37.45 40.98
CA LEU C 734 -19.82 -36.02 41.08
C LEU C 734 -20.78 -35.73 42.20
N ARG C 735 -20.62 -34.57 42.83
CA ARG C 735 -21.54 -34.15 43.87
C ARG C 735 -22.91 -33.83 43.26
N GLU C 736 -23.94 -33.82 44.08
CA GLU C 736 -25.25 -33.43 43.59
C GLU C 736 -25.18 -32.02 43.02
N LEU C 737 -25.66 -31.85 41.78
CA LEU C 737 -25.69 -30.54 41.14
C LEU C 737 -27.07 -29.89 41.24
N TRP C 738 -28.10 -30.70 41.38
CA TRP C 738 -29.47 -30.19 41.31
C TRP C 738 -30.09 -29.96 42.68
N ASP C 739 -30.28 -28.69 43.02
CA ASP C 739 -30.82 -28.29 44.33
C ASP C 739 -31.90 -29.27 44.76
N GLU C 740 -31.61 -30.07 45.80
CA GLU C 740 -32.46 -31.20 46.17
C GLU C 740 -33.88 -30.80 46.62
N GLU C 741 -34.06 -29.55 47.05
CA GLU C 741 -35.38 -29.08 47.44
C GLU C 741 -36.22 -28.66 46.24
N LEU C 742 -35.65 -27.84 45.36
CA LEU C 742 -36.34 -27.49 44.12
C LEU C 742 -36.79 -28.73 43.34
N VAL C 743 -35.97 -29.79 43.38
CA VAL C 743 -36.31 -31.05 42.71
C VAL C 743 -37.61 -31.58 43.28
N GLN C 744 -37.70 -31.56 44.60
CA GLN C 744 -38.91 -31.99 45.28
C GLN C 744 -40.09 -31.17 44.81
N GLN C 745 -39.99 -29.85 44.92
CA GLN C 745 -41.07 -28.94 44.53
C GLN C 745 -41.58 -29.23 43.11
N ILE C 746 -40.66 -29.34 42.15
CA ILE C 746 -41.05 -29.65 40.78
C ILE C 746 -41.75 -31.02 40.65
N SER C 747 -41.29 -32.00 41.42
CA SER C 747 -41.79 -33.36 41.31
C SER C 747 -43.13 -33.54 42.02
N SER C 748 -43.58 -32.50 42.69
CA SER C 748 -44.84 -32.58 43.43
C SER C 748 -45.91 -31.75 42.74
N HIS C 749 -45.47 -30.67 42.12
CA HIS C 749 -46.30 -29.78 41.31
C HIS C 749 -47.26 -30.58 40.41
N SER C 750 -48.49 -30.08 40.28
CA SER C 750 -49.58 -30.87 39.69
C SER C 750 -49.49 -31.07 38.18
N ALA C 751 -48.68 -30.26 37.50
CA ALA C 751 -48.56 -30.39 36.06
C ALA C 751 -47.52 -31.43 35.69
N VAL C 752 -46.89 -32.05 36.70
CA VAL C 752 -45.72 -32.89 36.47
C VAL C 752 -46.00 -34.38 36.70
N GLN C 753 -45.74 -35.20 35.69
CA GLN C 753 -46.01 -36.63 35.81
C GLN C 753 -44.88 -37.37 36.52
N ARG C 754 -43.65 -37.07 36.13
CA ARG C 754 -42.49 -37.73 36.70
C ARG C 754 -41.23 -36.88 36.51
N VAL C 755 -40.29 -37.02 37.43
CA VAL C 755 -38.99 -36.37 37.30
C VAL C 755 -37.92 -37.43 37.23
N VAL C 756 -36.89 -37.20 36.42
CA VAL C 756 -35.72 -38.06 36.46
C VAL C 756 -34.48 -37.22 36.70
N VAL C 757 -33.82 -37.46 37.81
CA VAL C 757 -32.68 -36.64 38.17
C VAL C 757 -31.45 -37.44 38.55
N ILE C 758 -30.37 -37.18 37.84
CA ILE C 758 -29.08 -37.82 38.11
C ILE C 758 -27.96 -37.07 37.39
N GLY C 759 -26.86 -36.80 38.10
CA GLY C 759 -25.71 -36.14 37.49
C GLY C 759 -26.06 -34.81 36.85
N THR C 760 -25.79 -34.69 35.56
CA THR C 760 -25.94 -33.42 34.84
C THR C 760 -27.30 -33.27 34.17
N LEU C 761 -28.22 -34.18 34.49
CA LEU C 761 -29.50 -34.26 33.78
C LEU C 761 -30.68 -34.06 34.72
N PHE C 762 -31.50 -33.07 34.44
CA PHE C 762 -32.79 -32.95 35.10
C PHE C 762 -33.88 -33.00 34.04
N ALA C 763 -34.81 -33.95 34.20
CA ALA C 763 -35.88 -34.14 33.23
C ALA C 763 -37.17 -34.30 33.97
N LEU C 764 -38.24 -33.76 33.37
CA LEU C 764 -39.60 -33.95 33.87
C LEU C 764 -40.51 -34.21 32.68
N GLU C 765 -41.55 -35.01 32.89
CA GLU C 765 -42.58 -35.18 31.87
C GLU C 765 -43.84 -34.46 32.33
N LEU C 766 -44.47 -33.74 31.41
CA LEU C 766 -45.67 -32.98 31.72
C LEU C 766 -46.88 -33.89 31.71
N LYS C 767 -47.85 -33.58 32.57
CA LYS C 767 -49.13 -34.28 32.64
C LYS C 767 -49.42 -35.14 31.41
N ALA C 780 -46.17 -27.93 26.65
CA ALA C 780 -44.77 -28.20 26.34
C ALA C 780 -44.17 -27.13 25.45
N LYS C 781 -44.82 -26.87 24.32
CA LYS C 781 -44.34 -25.87 23.38
C LYS C 781 -44.29 -24.50 24.02
N SER C 782 -45.16 -24.29 25.01
CA SER C 782 -45.29 -22.96 25.63
C SER C 782 -44.24 -22.73 26.73
N LEU C 783 -44.01 -23.75 27.55
CA LEU C 783 -42.97 -23.68 28.58
C LEU C 783 -41.63 -23.44 27.91
N LEU C 784 -41.44 -24.14 26.79
CA LEU C 784 -40.23 -24.04 26.02
C LEU C 784 -39.99 -22.62 25.54
N ILE C 785 -41.05 -21.95 25.06
CA ILE C 785 -40.93 -20.56 24.65
C ILE C 785 -40.72 -19.65 25.87
N MET C 786 -41.40 -19.96 26.96
CA MET C 786 -41.28 -19.15 28.18
C MET C 786 -39.87 -19.26 28.76
N LEU C 787 -39.25 -20.42 28.60
CA LEU C 787 -37.87 -20.61 29.04
C LEU C 787 -36.86 -19.79 28.21
N ARG C 788 -37.05 -19.76 26.89
CA ARG C 788 -36.22 -18.94 26.02
C ARG C 788 -36.20 -17.48 26.47
N GLU C 789 -37.34 -16.95 26.88
CA GLU C 789 -37.37 -15.59 27.40
C GLU C 789 -36.52 -15.49 28.66
N ASP C 790 -36.43 -16.59 29.42
CA ASP C 790 -35.63 -16.62 30.66
C ASP C 790 -34.16 -16.91 30.37
N GLY C 791 -33.80 -17.06 29.10
CA GLY C 791 -32.42 -17.30 28.71
C GLY C 791 -31.98 -18.75 28.84
N ILE C 792 -32.93 -19.65 28.59
CA ILE C 792 -32.67 -21.08 28.68
C ILE C 792 -33.13 -21.77 27.42
N PHE C 793 -32.16 -22.26 26.65
CA PHE C 793 -32.42 -22.80 25.33
C PHE C 793 -32.46 -24.33 25.37
N THR C 794 -33.67 -24.89 25.42
CA THR C 794 -33.78 -26.35 25.35
C THR C 794 -34.66 -26.74 24.18
N ARG C 795 -34.50 -27.98 23.73
CA ARG C 795 -35.28 -28.53 22.62
C ARG C 795 -36.25 -29.57 23.17
N PRO C 796 -37.44 -29.69 22.56
CA PRO C 796 -38.48 -30.58 23.09
C PRO C 796 -38.19 -32.07 22.84
N LEU C 797 -38.64 -32.91 23.76
CA LEU C 797 -38.61 -34.37 23.58
C LEU C 797 -40.01 -34.93 23.84
N GLY C 798 -40.89 -34.76 22.86
CA GLY C 798 -42.28 -35.11 23.03
C GLY C 798 -42.82 -34.33 24.21
N ASN C 799 -43.29 -35.06 25.22
CA ASN C 799 -43.77 -34.44 26.44
C ASN C 799 -42.71 -34.25 27.51
N VAL C 800 -41.46 -34.53 27.16
CA VAL C 800 -40.36 -34.42 28.10
C VAL C 800 -39.63 -33.10 27.91
N ILE C 801 -39.51 -32.35 28.99
CA ILE C 801 -38.66 -31.17 28.97
C ILE C 801 -37.53 -31.41 29.94
N TYR C 802 -36.32 -31.07 29.51
CA TYR C 802 -35.12 -31.39 30.27
C TYR C 802 -34.03 -30.32 30.20
N LEU C 803 -33.29 -30.22 31.30
CA LEU C 803 -32.16 -29.31 31.41
C LEU C 803 -30.93 -30.17 31.58
N MET C 804 -29.98 -30.01 30.68
CA MET C 804 -28.75 -30.81 30.73
C MET C 804 -27.50 -29.93 30.72
N CYS C 805 -26.72 -30.00 31.79
CA CYS C 805 -25.53 -29.14 31.91
C CYS C 805 -24.27 -29.96 31.61
N GLY C 806 -23.11 -29.34 31.77
CA GLY C 806 -21.86 -30.05 31.56
C GLY C 806 -21.40 -30.62 32.89
N PRO C 807 -20.38 -31.50 32.88
CA PRO C 807 -19.81 -32.09 34.10
C PRO C 807 -19.11 -31.08 35.02
N CYS C 808 -18.84 -29.87 34.54
CA CYS C 808 -18.21 -28.87 35.40
C CYS C 808 -19.11 -27.67 35.73
N THR C 809 -20.38 -27.75 35.34
CA THR C 809 -21.28 -26.65 35.62
C THR C 809 -21.45 -26.51 37.13
N SER C 810 -21.44 -25.29 37.63
CA SER C 810 -21.51 -25.09 39.07
C SER C 810 -22.94 -25.32 39.49
N PRO C 811 -23.10 -25.81 40.72
CA PRO C 811 -24.44 -26.06 41.27
C PRO C 811 -25.26 -24.77 41.33
N GLU C 812 -24.60 -23.65 41.66
CA GLU C 812 -25.29 -22.36 41.74
C GLU C 812 -26.07 -22.12 40.46
N ILE C 813 -25.42 -22.37 39.33
CA ILE C 813 -26.06 -22.20 38.02
C ILE C 813 -27.24 -23.16 37.80
N CYS C 814 -27.09 -24.39 38.28
CA CYS C 814 -28.18 -25.35 38.18
C CYS C 814 -29.36 -24.92 39.02
N ARG C 815 -29.08 -24.18 40.09
CA ARG C 815 -30.16 -23.70 40.95
C ARG C 815 -30.98 -22.66 40.21
N ARG C 816 -30.31 -21.73 39.54
CA ARG C 816 -31.03 -20.70 38.80
C ARG C 816 -31.93 -21.34 37.75
N LEU C 817 -31.34 -22.22 36.93
CA LEU C 817 -32.12 -22.96 35.93
C LEU C 817 -33.40 -23.54 36.54
N LEU C 818 -33.27 -24.27 37.65
CA LEU C 818 -34.46 -24.81 38.29
C LEU C 818 -35.43 -23.71 38.73
N THR C 819 -34.89 -22.64 39.30
CA THR C 819 -35.72 -21.56 39.83
C THR C 819 -36.58 -20.99 38.71
N LYS C 820 -35.98 -20.80 37.55
CA LYS C 820 -36.72 -20.32 36.39
C LYS C 820 -37.76 -21.37 35.98
N LEU C 821 -37.35 -22.64 35.93
CA LEU C 821 -38.24 -23.71 35.52
C LEU C 821 -39.48 -23.79 36.41
N TYR C 822 -39.25 -23.66 37.71
CA TYR C 822 -40.35 -23.76 38.68
C TYR C 822 -41.31 -22.59 38.50
N LYS C 823 -40.78 -21.37 38.51
CA LYS C 823 -41.58 -20.18 38.28
C LYS C 823 -42.52 -20.38 37.10
N ARG C 824 -41.96 -20.82 35.98
CA ARG C 824 -42.72 -20.96 34.74
C ARG C 824 -43.73 -22.12 34.77
N LEU C 825 -43.54 -23.09 35.65
CA LEU C 825 -44.51 -24.18 35.79
C LEU C 825 -45.82 -23.65 36.36
N GLY C 826 -45.71 -22.64 37.23
CA GLY C 826 -46.88 -22.04 37.84
C GLY C 826 -47.55 -21.03 36.92
N PRO D 27 15.75 -33.67 2.88
CA PRO D 27 15.18 -34.12 4.16
C PRO D 27 16.24 -34.24 5.26
N PHE D 28 15.94 -33.68 6.44
CA PHE D 28 16.90 -33.61 7.54
C PHE D 28 17.00 -34.89 8.38
N HIS D 29 18.10 -35.00 9.12
CA HIS D 29 18.32 -36.06 10.11
C HIS D 29 18.77 -35.43 11.44
N LEU D 30 17.88 -35.42 12.42
CA LEU D 30 18.20 -34.86 13.74
CA LEU D 30 18.18 -34.86 13.74
C LEU D 30 18.54 -35.96 14.75
N PRO D 31 19.79 -35.96 15.25
CA PRO D 31 20.18 -36.97 16.24
C PRO D 31 19.55 -36.63 17.59
N LEU D 32 19.19 -37.66 18.36
CA LEU D 32 18.37 -37.45 19.54
C LEU D 32 18.98 -38.03 20.84
N ASN D 33 20.10 -38.74 20.69
CA ASN D 33 20.77 -39.32 21.84
C ASN D 33 21.36 -38.26 22.78
N HIS D 34 21.43 -37.02 22.33
CA HIS D 34 21.84 -35.91 23.22
C HIS D 34 20.88 -34.75 23.20
N PRO D 35 20.57 -34.22 24.39
CA PRO D 35 19.66 -33.10 24.57
C PRO D 35 20.14 -31.86 23.82
N THR D 36 19.25 -31.34 22.99
CA THR D 36 19.44 -30.07 22.30
C THR D 36 18.22 -29.20 22.57
N TYR D 37 18.44 -27.97 23.03
CA TYR D 37 17.33 -27.06 23.31
C TYR D 37 17.52 -25.72 22.62
N LEU D 38 16.40 -25.15 22.17
CA LEU D 38 16.38 -23.78 21.72
C LEU D 38 16.21 -22.89 22.96
N ILE D 39 16.87 -21.74 22.97
CA ILE D 39 16.65 -20.76 24.03
C ILE D 39 15.83 -19.61 23.44
N TRP D 40 14.57 -19.52 23.84
CA TRP D 40 13.68 -18.46 23.40
C TRP D 40 13.53 -17.31 24.41
N SER D 41 13.04 -16.15 23.97
CA SER D 41 12.65 -15.09 24.91
C SER D 41 11.38 -14.31 24.51
N ALA D 42 10.69 -13.75 25.49
CA ALA D 42 9.49 -12.95 25.21
C ALA D 42 9.92 -11.69 24.49
N ASN D 43 11.09 -11.17 24.86
CA ASN D 43 11.58 -9.93 24.27
C ASN D 43 13.07 -9.81 24.48
N THR D 44 13.70 -8.90 23.73
CA THR D 44 15.13 -8.67 23.85
C THR D 44 15.45 -7.96 25.17
N SER D 45 16.69 -8.15 25.64
CA SER D 45 17.18 -7.52 26.87
C SER D 45 16.60 -8.14 28.13
N LEU D 46 16.18 -9.40 28.06
CA LEU D 46 15.68 -10.10 29.24
C LEU D 46 16.74 -11.01 29.86
N GLY D 47 17.90 -11.08 29.22
CA GLY D 47 19.01 -11.88 29.70
C GLY D 47 19.08 -13.28 29.12
N LYS D 48 18.74 -13.39 27.84
CA LYS D 48 18.82 -14.69 27.15
C LYS D 48 20.24 -15.28 27.21
N THR D 49 21.22 -14.45 26.87
CA THR D 49 22.60 -14.90 26.93
C THR D 49 23.10 -15.24 28.34
N LEU D 50 22.67 -14.49 29.35
CA LEU D 50 22.98 -14.83 30.73
C LEU D 50 22.46 -16.24 31.11
N VAL D 51 21.25 -16.57 30.66
CA VAL D 51 20.69 -17.89 30.93
C VAL D 51 21.48 -18.97 30.22
N SER D 52 21.93 -18.68 29.01
CA SER D 52 22.77 -19.62 28.28
C SER D 52 24.05 -19.88 29.07
N THR D 53 24.79 -18.82 29.33
CA THR D 53 26.00 -18.88 30.11
C THR D 53 25.79 -19.64 31.42
N GLY D 54 24.69 -19.38 32.09
CA GLY D 54 24.39 -20.02 33.37
C GLY D 54 24.30 -21.53 33.20
N ILE D 55 23.41 -21.97 32.30
CA ILE D 55 23.26 -23.39 31.99
C ILE D 55 24.61 -24.03 31.60
N ALA D 56 25.30 -23.44 30.63
CA ALA D 56 26.63 -23.91 30.26
C ALA D 56 27.52 -24.14 31.48
N ALA D 57 27.78 -23.09 32.27
CA ALA D 57 28.64 -23.19 33.46
C ALA D 57 28.19 -24.32 34.41
N SER D 58 26.89 -24.40 34.66
CA SER D 58 26.36 -25.45 35.54
C SER D 58 26.57 -26.82 34.92
N PHE D 59 26.52 -26.90 33.61
CA PHE D 59 26.71 -28.18 32.94
C PHE D 59 28.19 -28.60 32.94
N LEU D 60 29.08 -27.69 32.59
CA LEU D 60 30.51 -28.01 32.44
C LEU D 60 31.36 -28.12 33.71
N LEU D 61 30.96 -27.44 34.79
CA LEU D 61 31.80 -27.31 35.99
C LEU D 61 31.32 -28.14 37.19
N GLN D 62 31.06 -29.42 36.97
CA GLN D 62 30.35 -30.27 37.96
C GLN D 62 31.17 -31.06 38.99
N GLN D 63 31.76 -32.17 38.56
CA GLN D 63 32.50 -33.03 39.48
C GLN D 63 33.50 -33.91 38.73
N SER D 67 35.30 -36.02 32.00
CA SER D 67 36.21 -35.75 30.89
C SER D 67 35.46 -35.84 29.58
N ALA D 68 34.38 -36.60 29.60
CA ALA D 68 33.59 -36.79 28.38
C ALA D 68 32.50 -35.73 28.28
N THR D 69 32.76 -34.56 28.85
CA THR D 69 31.72 -33.56 28.94
C THR D 69 31.91 -32.40 27.96
N LYS D 70 30.91 -32.21 27.11
CA LYS D 70 30.96 -31.18 26.09
C LYS D 70 29.67 -30.36 26.07
N LEU D 71 29.79 -29.04 26.06
CA LEU D 71 28.64 -28.18 25.82
C LEU D 71 28.77 -27.48 24.47
N LEU D 72 27.82 -27.78 23.58
CA LEU D 72 27.79 -27.13 22.28
C LEU D 72 26.88 -25.92 22.31
N TYR D 73 27.45 -24.73 22.12
CA TYR D 73 26.67 -23.50 22.11
C TYR D 73 26.62 -22.86 20.72
N LEU D 74 25.41 -22.75 20.19
CA LEU D 74 25.23 -22.19 18.85
C LEU D 74 24.38 -20.92 18.90
N LYS D 75 24.89 -19.89 18.26
CA LYS D 75 24.12 -18.68 17.99
C LYS D 75 24.01 -18.61 16.48
N PRO D 76 22.90 -19.10 15.91
CA PRO D 76 22.76 -19.13 14.45
C PRO D 76 22.77 -17.77 13.82
N ILE D 77 22.02 -16.83 14.40
CA ILE D 77 21.93 -15.47 13.88
C ILE D 77 22.36 -14.44 14.92
N GLN D 78 23.30 -13.58 14.56
CA GLN D 78 23.81 -12.57 15.47
C GLN D 78 23.86 -11.24 14.73
N THR D 79 23.22 -10.23 15.31
CA THR D 79 23.37 -8.86 14.78
C THR D 79 24.21 -8.01 15.73
N GLY D 80 24.72 -6.87 15.25
CA GLY D 80 25.53 -5.99 16.08
C GLY D 80 26.98 -6.43 16.22
N PHE D 81 27.42 -7.26 15.29
CA PHE D 81 28.74 -7.88 15.32
C PHE D 81 29.73 -6.97 14.63
N PRO D 82 30.99 -6.92 15.11
CA PRO D 82 31.59 -7.77 16.16
C PRO D 82 31.56 -7.09 17.52
N SER D 83 30.84 -5.98 17.67
CA SER D 83 30.76 -5.32 18.96
C SER D 83 30.01 -6.20 19.96
N ASP D 84 28.81 -6.62 19.61
CA ASP D 84 28.09 -7.64 20.37
C ASP D 84 28.39 -9.04 19.82
N SER D 85 28.62 -9.99 20.71
CA SER D 85 28.77 -11.36 20.27
C SER D 85 28.47 -12.29 21.43
N ASP D 86 27.27 -12.85 21.42
CA ASP D 86 26.86 -13.77 22.49
C ASP D 86 27.79 -14.98 22.57
N SER D 87 28.37 -15.36 21.44
CA SER D 87 29.44 -16.35 21.38
C SER D 87 30.60 -15.98 22.30
N ARG D 88 31.15 -14.80 22.06
CA ARG D 88 32.27 -14.33 22.83
C ARG D 88 31.89 -14.27 24.31
N PHE D 89 30.65 -13.87 24.58
CA PHE D 89 30.20 -13.72 25.95
C PHE D 89 30.26 -15.03 26.72
N VAL D 90 29.55 -16.05 26.23
CA VAL D 90 29.59 -17.37 26.84
C VAL D 90 31.06 -17.84 27.03
N PHE D 91 31.87 -17.65 25.99
CA PHE D 91 33.26 -18.06 26.00
C PHE D 91 34.00 -17.32 27.09
N SER D 92 33.88 -16.00 27.07
CA SER D 92 34.57 -15.16 28.04
C SER D 92 34.17 -15.46 29.47
N LYS D 93 32.87 -15.60 29.73
CA LYS D 93 32.38 -15.80 31.10
C LYS D 93 32.69 -17.20 31.63
N LEU D 94 32.65 -18.20 30.76
CA LEU D 94 32.98 -19.55 31.20
C LEU D 94 34.48 -19.68 31.51
N ASP D 95 35.26 -18.81 30.87
CA ASP D 95 36.66 -18.64 31.25
C ASP D 95 36.74 -18.14 32.69
N SER D 96 36.06 -17.03 32.98
CA SER D 96 36.08 -16.45 34.32
C SER D 96 35.63 -17.43 35.41
N LEU D 97 34.50 -18.09 35.16
CA LEU D 97 33.87 -19.00 36.13
C LEU D 97 34.73 -20.22 36.35
N SER D 98 35.33 -20.71 35.27
CA SER D 98 36.30 -21.79 35.34
C SER D 98 37.36 -21.51 36.42
N LEU D 99 37.96 -20.32 36.38
CA LEU D 99 39.02 -19.95 37.31
C LEU D 99 38.43 -19.74 38.69
N ARG D 100 37.28 -19.08 38.72
CA ARG D 100 36.62 -18.81 39.99
C ARG D 100 36.35 -20.13 40.69
N ARG D 101 35.85 -21.11 39.93
CA ARG D 101 35.48 -22.40 40.51
C ARG D 101 36.65 -23.37 40.48
N GLN D 102 37.77 -22.91 39.95
CA GLN D 102 38.98 -23.71 39.87
C GLN D 102 38.71 -25.09 39.28
N ILE D 103 38.03 -25.10 38.14
CA ILE D 103 37.88 -26.32 37.35
C ILE D 103 38.24 -26.03 35.90
N PRO D 104 39.43 -26.47 35.47
CA PRO D 104 39.92 -26.18 34.12
C PRO D 104 38.99 -26.73 33.05
N ILE D 105 38.83 -25.97 31.97
CA ILE D 105 38.03 -26.42 30.82
C ILE D 105 38.70 -25.99 29.52
N SER D 106 38.48 -26.74 28.45
CA SER D 106 38.83 -26.30 27.10
C SER D 106 37.70 -25.45 26.52
N ILE D 107 38.06 -24.34 25.89
CA ILE D 107 37.06 -23.42 25.37
C ILE D 107 37.44 -22.92 23.98
N SER D 108 36.49 -22.94 23.07
CA SER D 108 36.69 -22.29 21.79
C SER D 108 35.48 -21.46 21.37
N ASN D 109 35.72 -20.49 20.50
CA ASN D 109 34.70 -19.61 20.00
C ASN D 109 34.94 -19.35 18.51
N SER D 110 33.99 -19.75 17.67
CA SER D 110 34.15 -19.65 16.21
C SER D 110 33.02 -18.85 15.60
N VAL D 111 33.36 -17.93 14.70
CA VAL D 111 32.34 -17.26 13.88
C VAL D 111 32.51 -17.69 12.42
N LEU D 112 31.50 -18.33 11.84
CA LEU D 112 31.65 -18.96 10.52
C LEU D 112 31.45 -18.01 9.35
N HIS D 113 30.41 -17.17 9.39
CA HIS D 113 30.11 -16.27 8.30
C HIS D 113 29.65 -14.91 8.80
N SER D 114 29.90 -13.88 8.02
CA SER D 114 29.29 -12.60 8.30
C SER D 114 29.16 -11.76 7.03
N SER D 115 28.40 -10.67 7.13
CA SER D 115 28.30 -9.70 6.05
C SER D 115 29.68 -9.10 5.77
N LEU D 116 29.81 -8.47 4.60
CA LEU D 116 31.03 -7.79 4.26
C LEU D 116 31.34 -6.68 5.28
N PRO D 117 30.33 -5.83 5.60
CA PRO D 117 30.59 -4.77 6.59
C PRO D 117 31.20 -5.35 7.87
N ALA D 118 30.55 -6.37 8.43
CA ALA D 118 31.00 -6.99 9.67
C ALA D 118 32.43 -7.51 9.51
N ALA D 119 32.70 -8.15 8.37
CA ALA D 119 34.02 -8.70 8.10
C ALA D 119 35.07 -7.61 8.16
N LYS D 120 34.65 -6.41 7.74
CA LYS D 120 35.54 -5.26 7.70
C LYS D 120 35.81 -4.66 9.10
N SER D 121 34.88 -4.85 10.04
CA SER D 121 35.13 -4.38 11.41
C SER D 121 36.19 -5.22 12.10
N LEU D 122 36.42 -6.42 11.57
CA LEU D 122 37.50 -7.27 12.04
C LEU D 122 38.71 -7.17 11.11
N GLY D 123 38.68 -6.20 10.20
CA GLY D 123 39.79 -5.97 9.29
C GLY D 123 40.19 -7.23 8.57
N LEU D 124 39.21 -7.88 7.97
CA LEU D 124 39.46 -9.08 7.20
C LEU D 124 39.38 -8.75 5.72
N ASN D 125 39.59 -9.75 4.87
CA ASN D 125 39.53 -9.57 3.43
C ASN D 125 40.25 -8.29 2.97
N ARG D 139 38.28 -18.13 14.67
CA ARG D 139 38.41 -19.07 15.80
C ARG D 139 39.29 -18.57 16.96
N ASP D 140 38.95 -19.03 18.16
CA ASP D 140 39.66 -18.64 19.37
C ASP D 140 39.66 -19.82 20.35
N GLU D 141 40.82 -20.46 20.50
CA GLU D 141 40.92 -21.63 21.37
C GLU D 141 41.82 -21.33 22.56
N LYS D 142 41.46 -21.91 23.70
CA LYS D 142 42.35 -21.98 24.84
C LYS D 142 42.04 -23.37 25.37
N THR D 143 42.97 -24.29 25.11
CA THR D 143 42.74 -25.71 25.36
C THR D 143 43.35 -26.20 26.66
N VAL D 144 42.66 -27.18 27.26
CA VAL D 144 43.22 -28.01 28.34
C VAL D 144 42.83 -29.48 28.08
N THR D 145 43.79 -30.31 27.70
CA THR D 145 43.49 -31.71 27.35
C THR D 145 42.82 -32.43 28.50
N GLY D 146 41.90 -33.32 28.16
CA GLY D 146 41.25 -34.14 29.17
C GLY D 146 40.18 -33.41 29.95
N ALA D 147 40.14 -32.09 29.78
CA ALA D 147 39.15 -31.26 30.47
C ALA D 147 37.78 -31.28 29.77
N PRO D 148 36.73 -30.83 30.48
CA PRO D 148 35.44 -30.64 29.79
C PRO D 148 35.54 -29.54 28.73
N GLU D 149 34.72 -29.63 27.69
CA GLU D 149 34.92 -28.80 26.51
C GLU D 149 33.73 -27.88 26.24
N LEU D 150 34.02 -26.60 25.97
CA LEU D 150 32.99 -25.65 25.57
C LEU D 150 33.23 -25.24 24.14
N LEU D 151 32.18 -25.31 23.34
CA LEU D 151 32.28 -25.02 21.93
C LEU D 151 31.22 -23.99 21.52
N CYS D 152 31.65 -22.75 21.31
CA CYS D 152 30.76 -21.67 20.91
C CYS D 152 30.83 -21.42 19.39
N LYS D 153 29.68 -21.47 18.73
CA LYS D 153 29.64 -21.17 17.29
C LYS D 153 28.56 -20.16 16.91
N THR D 154 28.99 -19.04 16.33
CA THR D 154 28.09 -18.11 15.67
C THR D 154 28.08 -18.50 14.21
N LEU D 155 26.91 -18.78 13.67
CA LEU D 155 26.83 -19.20 12.28
C LEU D 155 26.87 -18.00 11.33
N TYR D 156 26.00 -17.02 11.58
CA TYR D 156 25.88 -15.87 10.70
C TYR D 156 25.76 -14.59 11.48
N ALA D 157 26.55 -13.59 11.08
CA ALA D 157 26.61 -12.33 11.80
C ALA D 157 26.41 -11.11 10.87
N TRP D 158 25.71 -10.10 11.37
CA TRP D 158 25.59 -8.83 10.69
C TRP D 158 26.14 -7.71 11.58
N GLU D 159 26.50 -6.56 10.99
CA GLU D 159 27.06 -5.47 11.80
C GLU D 159 26.05 -4.56 12.52
N ALA D 160 25.07 -4.03 11.79
CA ALA D 160 24.10 -3.13 12.40
C ALA D 160 23.44 -3.76 13.62
N ALA D 161 23.20 -2.97 14.66
CA ALA D 161 22.54 -3.50 15.85
C ALA D 161 21.03 -3.35 15.76
N ILE D 162 20.43 -4.13 14.88
CA ILE D 162 18.99 -4.03 14.65
C ILE D 162 18.42 -5.41 14.38
N SER D 163 17.14 -5.44 14.02
CA SER D 163 16.49 -6.68 13.64
C SER D 163 17.19 -7.31 12.42
N PRO D 164 17.28 -8.65 12.39
CA PRO D 164 18.06 -9.33 11.34
C PRO D 164 17.53 -9.05 9.96
N HIS D 165 16.21 -9.02 9.83
CA HIS D 165 15.59 -8.75 8.52
C HIS D 165 15.99 -7.37 7.96
N LEU D 166 16.08 -6.37 8.84
CA LEU D 166 16.55 -5.07 8.43
C LEU D 166 18.02 -5.13 8.07
N ALA D 167 18.80 -5.76 8.95
CA ALA D 167 20.24 -5.80 8.75
C ALA D 167 20.64 -6.55 7.48
N ALA D 168 19.93 -7.62 7.18
CA ALA D 168 20.27 -8.43 6.02
C ALA D 168 20.11 -7.61 4.75
N GLU D 169 19.12 -6.72 4.80
CA GLU D 169 18.80 -5.84 3.68
C GLU D 169 19.83 -4.75 3.54
N ARG D 170 20.05 -4.03 4.64
CA ARG D 170 21.03 -2.95 4.71
C ARG D 170 22.40 -3.42 4.24
N GLU D 171 22.84 -4.58 4.72
CA GLU D 171 24.20 -5.02 4.41
C GLU D 171 24.28 -5.94 3.18
N ASN D 172 23.16 -6.03 2.43
CA ASN D 172 23.09 -6.91 1.26
C ASN D 172 23.80 -8.23 1.53
N ALA D 173 23.38 -8.86 2.62
CA ALA D 173 23.89 -10.13 3.07
C ALA D 173 22.68 -10.90 3.55
N THR D 174 22.33 -11.94 2.83
CA THR D 174 21.17 -12.69 3.21
C THR D 174 21.50 -14.18 3.37
N VAL D 175 20.65 -14.91 4.06
CA VAL D 175 20.82 -16.36 4.18
C VAL D 175 19.45 -17.06 4.21
N GLU D 176 19.23 -17.98 3.27
CA GLU D 176 17.94 -18.64 3.19
C GLU D 176 17.67 -19.51 4.42
N ASP D 177 16.40 -19.58 4.80
CA ASP D 177 15.99 -20.34 5.98
C ASP D 177 16.57 -21.73 6.00
N SER D 178 16.38 -22.44 4.88
CA SER D 178 16.81 -23.83 4.78
C SER D 178 18.31 -23.97 4.98
N VAL D 179 19.05 -22.92 4.61
CA VAL D 179 20.50 -22.93 4.78
C VAL D 179 20.87 -22.80 6.26
N VAL D 180 20.15 -21.94 6.97
CA VAL D 180 20.35 -21.81 8.40
C VAL D 180 20.13 -23.15 9.07
N LEU D 181 19.01 -23.79 8.74
CA LEU D 181 18.70 -25.09 9.29
C LEU D 181 19.74 -26.14 8.91
N GLN D 182 20.20 -26.12 7.67
CA GLN D 182 21.25 -27.03 7.31
C GLN D 182 22.57 -26.82 8.10
N MET D 183 23.02 -25.57 8.26
CA MET D 183 24.22 -25.35 9.05
C MET D 183 24.05 -25.99 10.42
N ILE D 184 22.90 -25.73 11.05
CA ILE D 184 22.68 -26.23 12.39
C ILE D 184 22.70 -27.75 12.42
N GLU D 185 22.04 -28.36 11.44
CA GLU D 185 22.03 -29.80 11.34
C GLU D 185 23.46 -30.32 11.19
N LYS D 186 24.23 -29.67 10.33
CA LYS D 186 25.60 -30.09 10.12
C LYS D 186 26.36 -29.99 11.45
N CYS D 187 26.21 -28.86 12.14
CA CYS D 187 26.88 -28.68 13.43
C CYS D 187 26.44 -29.78 14.39
N LEU D 188 25.14 -30.01 14.47
CA LEU D 188 24.62 -31.05 15.38
C LEU D 188 25.18 -32.45 15.01
N LYS D 189 25.08 -32.83 13.75
CA LYS D 189 25.54 -34.15 13.33
C LYS D 189 27.02 -34.34 13.62
N GLU D 190 27.80 -33.24 13.61
CA GLU D 190 29.25 -33.34 13.77
C GLU D 190 29.67 -33.56 15.21
N GLU D 191 28.84 -33.09 16.14
CA GLU D 191 29.22 -33.14 17.55
C GLU D 191 28.42 -34.18 18.31
N MET D 192 27.65 -35.00 17.59
CA MET D 192 26.88 -36.10 18.20
C MET D 192 26.37 -37.11 17.18
N ASP D 202 26.98 -35.94 29.93
CA ASP D 202 27.81 -36.18 28.75
C ASP D 202 27.77 -35.01 27.77
N LEU D 203 26.70 -34.89 26.98
CA LEU D 203 26.64 -33.82 25.98
C LEU D 203 25.31 -33.07 25.92
N LEU D 204 25.41 -31.74 25.92
CA LEU D 204 24.24 -30.86 25.93
C LEU D 204 24.46 -29.71 24.95
N CYS D 205 23.44 -29.42 24.14
CA CYS D 205 23.55 -28.38 23.10
C CYS D 205 22.51 -27.29 23.27
N LEU D 206 22.96 -26.05 23.34
CA LEU D 206 22.06 -24.94 23.52
C LEU D 206 22.06 -24.12 22.24
N VAL D 207 20.88 -23.85 21.67
CA VAL D 207 20.76 -23.01 20.46
C VAL D 207 20.04 -21.70 20.77
N GLU D 208 20.79 -20.61 20.83
CA GLU D 208 20.22 -19.33 21.28
C GLU D 208 19.63 -18.49 20.15
N THR D 209 18.35 -18.18 20.27
CA THR D 209 17.61 -17.44 19.24
C THR D 209 18.00 -15.98 19.26
N ALA D 210 17.51 -15.23 18.29
CA ALA D 210 17.80 -13.80 18.18
C ALA D 210 16.49 -13.04 18.30
N GLY D 211 16.38 -12.19 19.31
CA GLY D 211 15.15 -11.43 19.49
C GLY D 211 14.06 -12.32 20.03
N GLY D 212 12.84 -11.81 20.08
CA GLY D 212 11.74 -12.57 20.66
C GLY D 212 11.18 -13.67 19.77
N VAL D 213 10.25 -14.44 20.33
CA VAL D 213 9.68 -15.60 19.67
C VAL D 213 9.25 -15.38 18.23
N ALA D 214 8.63 -14.24 17.95
CA ALA D 214 8.12 -13.97 16.61
C ALA D 214 8.81 -12.79 15.92
N SER D 215 10.05 -12.54 16.32
CA SER D 215 10.88 -11.58 15.61
C SER D 215 11.31 -12.17 14.28
N PRO D 216 11.28 -11.36 13.23
CA PRO D 216 11.65 -11.84 11.90
C PRO D 216 13.11 -12.24 11.83
N GLY D 217 13.40 -13.38 11.23
CA GLY D 217 14.77 -13.78 10.93
C GLY D 217 15.31 -12.97 9.77
N PRO D 218 16.53 -13.30 9.30
CA PRO D 218 17.17 -12.64 8.16
C PRO D 218 16.27 -12.60 6.93
N SER D 219 15.63 -13.71 6.62
CA SER D 219 14.88 -13.83 5.38
C SER D 219 13.58 -13.08 5.49
N GLY D 220 13.20 -12.78 6.70
CA GLY D 220 11.88 -12.21 6.96
C GLY D 220 10.96 -13.16 7.69
N THR D 221 11.24 -14.45 7.59
CA THR D 221 10.44 -15.44 8.31
C THR D 221 10.49 -15.20 9.82
N LEU D 222 9.36 -15.35 10.48
CA LEU D 222 9.37 -15.24 11.94
C LEU D 222 10.24 -16.37 12.48
N GLN D 223 11.02 -16.07 13.49
CA GLN D 223 11.92 -17.03 14.08
C GLN D 223 11.23 -18.34 14.46
N CYS D 224 10.06 -18.21 15.08
CA CYS D 224 9.36 -19.38 15.55
C CYS D 224 8.93 -20.27 14.38
N ASP D 225 8.70 -19.69 13.22
CA ASP D 225 8.46 -20.49 12.02
C ASP D 225 9.78 -21.03 11.44
N LEU D 226 10.84 -20.23 11.46
CA LEU D 226 12.14 -20.65 10.95
C LEU D 226 12.62 -21.99 11.54
N TYR D 227 12.48 -22.16 12.86
CA TYR D 227 12.98 -23.37 13.51
C TYR D 227 11.97 -24.48 13.54
N ARG D 228 10.76 -24.24 13.02
CA ARG D 228 9.67 -25.21 13.16
C ARG D 228 9.97 -26.61 12.57
N PRO D 229 10.56 -26.69 11.36
CA PRO D 229 10.88 -28.02 10.83
C PRO D 229 11.64 -28.94 11.80
N PHE D 230 12.51 -28.42 12.66
CA PHE D 230 13.21 -29.29 13.62
C PHE D 230 12.33 -29.63 14.82
N ARG D 231 11.38 -28.76 15.12
CA ARG D 231 10.57 -28.84 16.33
C ARG D 231 11.42 -29.22 17.54
N LEU D 232 12.40 -28.38 17.85
CA LEU D 232 13.28 -28.60 18.99
C LEU D 232 12.57 -28.18 20.28
N PRO D 233 12.80 -28.93 21.38
CA PRO D 233 12.26 -28.53 22.68
C PRO D 233 12.96 -27.27 23.11
N GLY D 234 12.43 -26.57 24.10
CA GLY D 234 13.06 -25.31 24.47
C GLY D 234 12.74 -24.80 25.88
N ILE D 235 13.43 -23.74 26.26
CA ILE D 235 13.06 -23.01 27.46
C ILE D 235 12.75 -21.57 27.08
N LEU D 236 11.95 -20.91 27.89
CA LEU D 236 11.57 -19.52 27.63
C LEU D 236 12.09 -18.62 28.73
N VAL D 237 12.84 -17.60 28.30
CA VAL D 237 13.29 -16.55 29.20
C VAL D 237 12.16 -15.55 29.27
N GLY D 238 11.55 -15.42 30.44
CA GLY D 238 10.41 -14.55 30.62
C GLY D 238 10.81 -13.16 31.11
N ASP D 239 9.83 -12.40 31.56
CA ASP D 239 10.02 -10.97 31.80
C ASP D 239 9.55 -10.69 33.20
N GLY D 240 10.47 -10.26 34.05
CA GLY D 240 10.18 -9.98 35.45
C GLY D 240 9.63 -8.58 35.68
N ARG D 241 9.74 -7.74 34.66
CA ARG D 241 9.26 -6.38 34.79
C ARG D 241 7.75 -6.27 34.82
N LEU D 242 7.27 -5.06 35.00
CA LEU D 242 5.87 -4.72 34.84
C LEU D 242 5.53 -4.92 33.37
N GLY D 243 4.34 -5.48 33.11
CA GLY D 243 3.95 -5.83 31.76
C GLY D 243 4.53 -7.18 31.43
N GLY D 244 5.39 -7.68 32.29
CA GLY D 244 6.07 -8.93 32.05
C GLY D 244 5.21 -10.19 32.01
N ILE D 245 4.22 -10.29 32.88
CA ILE D 245 3.37 -11.47 32.88
C ILE D 245 2.72 -11.65 31.52
N SER D 246 2.08 -10.59 31.03
CA SER D 246 1.42 -10.64 29.71
C SER D 246 2.36 -11.02 28.57
N GLY D 247 3.46 -10.31 28.42
CA GLY D 247 4.40 -10.63 27.38
C GLY D 247 4.93 -12.06 27.47
N THR D 248 5.17 -12.53 28.69
CA THR D 248 5.67 -13.89 28.89
C THR D 248 4.60 -14.93 28.53
N ILE D 249 3.37 -14.74 29.02
CA ILE D 249 2.29 -15.62 28.61
C ILE D 249 2.10 -15.60 27.10
N ALA D 250 2.07 -14.40 26.52
CA ALA D 250 1.82 -14.28 25.09
C ALA D 250 2.91 -15.02 24.32
N ALA D 251 4.19 -14.83 24.69
CA ALA D 251 5.27 -15.50 23.98
C ALA D 251 5.17 -17.04 24.05
N TYR D 252 4.92 -17.54 25.25
CA TYR D 252 4.71 -18.97 25.44
C TYR D 252 3.58 -19.51 24.57
N GLU D 253 2.45 -18.80 24.58
CA GLU D 253 1.31 -19.17 23.74
C GLU D 253 1.62 -19.22 22.23
N SER D 254 2.33 -18.23 21.71
CA SER D 254 2.72 -18.28 20.30
C SER D 254 3.61 -19.51 20.01
N LEU D 255 4.33 -19.99 21.03
CA LEU D 255 5.21 -21.14 20.83
C LEU D 255 4.36 -22.39 20.79
N LYS D 256 3.49 -22.56 21.80
CA LYS D 256 2.57 -23.70 21.83
C LYS D 256 1.73 -23.81 20.55
N LEU D 257 1.31 -22.66 20.06
CA LEU D 257 0.45 -22.59 18.90
C LEU D 257 1.17 -23.07 17.64
N ARG D 258 2.46 -23.32 17.77
CA ARG D 258 3.25 -23.76 16.62
C ARG D 258 3.77 -25.18 16.80
N GLY D 259 3.45 -25.79 17.93
CA GLY D 259 3.72 -27.20 18.12
C GLY D 259 4.97 -27.46 18.94
N TYR D 260 5.52 -26.40 19.51
CA TYR D 260 6.71 -26.54 20.33
C TYR D 260 6.39 -27.00 21.75
N ASP D 261 7.39 -27.56 22.42
CA ASP D 261 7.24 -27.86 23.85
C ASP D 261 8.27 -27.06 24.62
N ILE D 262 7.87 -26.58 25.79
CA ILE D 262 8.71 -25.74 26.60
C ILE D 262 8.87 -26.33 27.97
N ALA D 263 10.11 -26.67 28.31
CA ALA D 263 10.36 -27.44 29.53
C ALA D 263 10.53 -26.58 30.77
N ALA D 264 10.66 -25.26 30.57
CA ALA D 264 10.84 -24.33 31.69
C ALA D 264 10.74 -22.88 31.27
N VAL D 265 10.38 -22.05 32.24
CA VAL D 265 10.35 -20.61 32.07
C VAL D 265 11.24 -20.05 33.13
N VAL D 266 12.12 -19.12 32.74
CA VAL D 266 13.01 -18.45 33.70
C VAL D 266 13.07 -16.96 33.40
N PHE D 267 13.12 -16.13 34.44
CA PHE D 267 13.23 -14.69 34.26
C PHE D 267 13.91 -14.05 35.46
N GLU D 268 14.31 -12.80 35.28
CA GLU D 268 14.99 -12.05 36.32
C GLU D 268 13.99 -11.35 37.25
N ASP D 269 14.18 -11.53 38.55
CA ASP D 269 13.33 -10.91 39.57
C ASP D 269 13.44 -9.39 39.51
N HIS D 270 12.29 -8.70 39.42
CA HIS D 270 12.25 -7.26 39.63
C HIS D 270 11.39 -6.94 40.85
N GLY D 271 11.11 -7.95 41.65
CA GLY D 271 10.39 -7.72 42.89
C GLY D 271 8.89 -7.49 42.67
N LEU D 272 8.32 -8.09 41.63
CA LEU D 272 6.91 -7.92 41.39
C LEU D 272 6.14 -9.24 41.54
N VAL D 273 6.85 -10.29 41.93
CA VAL D 273 6.24 -11.60 42.14
C VAL D 273 5.52 -12.13 40.91
N ASN D 274 6.14 -11.96 39.73
CA ASN D 274 5.58 -12.43 38.47
C ASN D 274 5.40 -13.94 38.40
N GLU D 275 6.15 -14.67 39.22
CA GLU D 275 6.17 -16.12 39.13
C GLU D 275 4.87 -16.72 39.62
N VAL D 276 4.19 -16.03 40.52
CA VAL D 276 2.89 -16.53 40.99
C VAL D 276 1.79 -16.61 39.92
N PRO D 277 1.47 -15.49 39.26
CA PRO D 277 0.54 -15.63 38.12
C PRO D 277 1.03 -16.60 37.05
N LEU D 278 2.33 -16.63 36.77
CA LEU D 278 2.88 -17.52 35.74
C LEU D 278 2.64 -19.00 36.07
N THR D 279 3.04 -19.39 37.28
CA THR D 279 2.81 -20.74 37.81
C THR D 279 1.33 -21.13 37.81
N SER D 280 0.49 -20.17 38.16
CA SER D 280 -0.94 -20.43 38.17
C SER D 280 -1.37 -20.67 36.73
N TYR D 281 -1.00 -19.75 35.84
CA TYR D 281 -1.34 -19.92 34.43
C TYR D 281 -0.91 -21.29 33.90
N LEU D 282 0.33 -21.67 34.22
CA LEU D 282 0.92 -22.91 33.74
C LEU D 282 0.44 -24.09 34.57
N ARG D 283 -0.33 -23.76 35.60
CA ARG D 283 -0.81 -24.74 36.55
C ARG D 283 0.31 -25.68 36.94
N ASN D 284 1.48 -25.08 37.10
CA ASN D 284 2.57 -25.75 37.73
C ASN D 284 2.96 -27.02 37.00
N LYS D 285 2.62 -27.12 35.70
CA LYS D 285 3.07 -28.26 34.90
C LYS D 285 4.49 -28.02 34.41
N VAL D 286 4.86 -26.75 34.34
CA VAL D 286 6.17 -26.36 33.85
C VAL D 286 6.83 -25.51 34.91
N PRO D 287 8.04 -25.90 35.34
CA PRO D 287 8.67 -25.08 36.38
C PRO D 287 8.86 -23.61 35.95
N VAL D 288 8.67 -22.70 36.90
CA VAL D 288 8.95 -21.29 36.70
C VAL D 288 10.11 -20.89 37.61
N LEU D 289 11.28 -20.62 37.02
CA LEU D 289 12.48 -20.33 37.83
C LEU D 289 12.86 -18.86 37.78
N VAL D 290 13.12 -18.33 38.97
CA VAL D 290 13.38 -16.90 39.19
C VAL D 290 14.86 -16.59 39.55
N LEU D 291 15.55 -15.91 38.65
CA LEU D 291 16.92 -15.46 38.91
C LEU D 291 17.00 -14.20 39.81
N PRO D 292 18.03 -14.11 40.65
CA PRO D 292 18.16 -12.89 41.46
C PRO D 292 18.48 -11.71 40.58
N PRO D 293 18.25 -10.49 41.08
CA PRO D 293 18.40 -9.26 40.30
C PRO D 293 19.82 -9.15 39.76
N VAL D 294 19.97 -8.73 38.51
CA VAL D 294 21.29 -8.60 37.91
C VAL D 294 21.86 -7.24 38.32
N PRO D 295 23.16 -7.20 38.67
CA PRO D 295 23.82 -5.95 39.09
C PRO D 295 23.66 -4.80 38.08
N LYS D 296 23.12 -3.68 38.56
CA LYS D 296 22.78 -2.54 37.70
C LYS D 296 24.03 -1.77 37.24
N ASP D 297 25.09 -1.86 38.03
CA ASP D 297 26.35 -1.24 37.63
C ASP D 297 26.83 -1.86 36.32
N PRO D 298 27.09 -1.02 35.30
CA PRO D 298 27.55 -1.49 33.99
C PRO D 298 28.94 -2.12 34.00
N SER D 299 29.74 -1.86 35.03
CA SER D 299 31.10 -2.37 35.07
C SER D 299 31.26 -3.72 35.79
N ASP D 300 30.19 -4.20 36.40
CA ASP D 300 30.20 -5.46 37.14
C ASP D 300 30.65 -6.69 36.32
N ASP D 301 31.51 -7.50 36.92
CA ASP D 301 31.93 -8.80 36.39
C ASP D 301 30.73 -9.74 36.08
N LEU D 302 29.75 -9.71 36.99
CA LEU D 302 28.63 -10.65 36.95
C LEU D 302 29.04 -12.01 37.49
N ILE D 303 30.33 -12.19 37.73
CA ILE D 303 30.82 -13.46 38.27
C ILE D 303 30.09 -13.89 39.56
N GLU D 304 30.07 -13.03 40.59
CA GLU D 304 29.37 -13.41 41.82
C GLU D 304 27.88 -13.62 41.57
N TRP D 305 27.32 -12.87 40.62
CA TRP D 305 25.92 -13.04 40.25
C TRP D 305 25.70 -14.47 39.76
N PHE D 306 26.53 -14.90 38.82
CA PHE D 306 26.49 -16.29 38.33
C PHE D 306 26.64 -17.30 39.48
N VAL D 307 27.52 -17.01 40.45
CA VAL D 307 27.68 -17.85 41.61
C VAL D 307 26.43 -17.84 42.45
N GLU D 308 25.93 -16.65 42.75
CA GLU D 308 24.69 -16.54 43.51
C GLU D 308 23.53 -17.30 42.84
N SER D 309 23.59 -17.45 41.52
CA SER D 309 22.46 -17.99 40.75
C SER D 309 22.59 -19.48 40.44
N ASP D 310 23.61 -20.12 40.98
CA ASP D 310 23.91 -21.51 40.64
C ASP D 310 22.71 -22.45 40.82
N GLY D 311 21.98 -22.26 41.91
CA GLY D 311 20.91 -23.17 42.23
C GLY D 311 19.91 -23.17 41.11
N VAL D 312 19.58 -21.98 40.64
CA VAL D 312 18.60 -21.82 39.59
C VAL D 312 19.04 -22.42 38.25
N PHE D 313 20.28 -22.14 37.86
CA PHE D 313 20.85 -22.75 36.65
C PHE D 313 20.97 -24.27 36.73
N LYS D 314 21.38 -24.80 37.88
CA LYS D 314 21.42 -26.24 38.05
C LYS D 314 20.03 -26.88 37.93
N ALA D 315 19.02 -26.30 38.60
CA ALA D 315 17.66 -26.79 38.47
C ALA D 315 17.20 -26.75 37.00
N LEU D 316 17.54 -25.65 36.34
CA LEU D 316 17.16 -25.43 34.96
C LEU D 316 17.84 -26.51 34.13
N LYS D 317 19.12 -26.75 34.42
CA LYS D 317 19.86 -27.76 33.69
C LYS D 317 19.32 -29.14 33.93
N GLU D 318 18.93 -29.42 35.16
CA GLU D 318 18.39 -30.72 35.46
C GLU D 318 17.03 -30.90 34.79
N THR D 319 16.19 -29.87 34.82
CA THR D 319 14.90 -29.97 34.16
C THR D 319 15.09 -30.39 32.70
N MET D 320 15.98 -29.71 31.99
CA MET D 320 16.20 -30.00 30.57
C MET D 320 16.69 -31.43 30.31
N VAL D 321 17.70 -31.88 31.06
CA VAL D 321 18.23 -33.24 30.90
C VAL D 321 17.15 -34.29 31.17
N LEU D 322 16.49 -34.18 32.32
CA LEU D 322 15.43 -35.11 32.67
C LEU D 322 14.33 -35.13 31.60
N ALA D 323 13.90 -33.95 31.15
CA ALA D 323 12.81 -33.88 30.17
C ALA D 323 13.15 -34.66 28.90
N ASN D 324 14.39 -34.52 28.43
CA ASN D 324 14.85 -35.26 27.26
C ASN D 324 14.87 -36.78 27.51
N LEU D 325 15.32 -37.20 28.69
CA LEU D 325 15.31 -38.63 29.04
C LEU D 325 13.89 -39.20 29.07
N GLU D 326 12.98 -38.47 29.70
CA GLU D 326 11.58 -38.88 29.75
C GLU D 326 10.99 -38.98 28.34
N ARG D 327 11.31 -37.98 27.52
CA ARG D 327 10.85 -37.97 26.15
C ARG D 327 11.33 -39.20 25.43
N LEU D 328 12.58 -39.58 25.68
CA LEU D 328 13.16 -40.70 24.97
C LEU D 328 12.60 -42.01 25.50
N GLU D 329 12.51 -42.15 26.81
CA GLU D 329 11.88 -43.33 27.41
C GLU D 329 10.51 -43.61 26.77
N ARG D 330 9.71 -42.56 26.57
CA ARG D 330 8.40 -42.68 25.94
C ARG D 330 8.49 -43.07 24.45
N LEU D 331 9.34 -42.40 23.71
CA LEU D 331 9.52 -42.75 22.30
C LEU D 331 9.88 -44.22 22.14
N ASN D 332 10.83 -44.69 22.95
CA ASN D 332 11.36 -46.05 22.84
C ASN D 332 10.35 -47.13 23.18
N GLY D 333 9.23 -46.70 23.76
CA GLY D 333 8.21 -47.61 24.19
C GLY D 333 6.93 -47.56 23.38
N MET D 334 6.80 -46.59 22.48
CA MET D 334 5.54 -46.39 21.75
C MET D 334 5.17 -47.50 20.78
N ALA D 335 6.09 -47.89 19.91
CA ALA D 335 5.80 -48.89 18.89
C ALA D 335 5.25 -50.12 19.57
N LYS D 336 5.88 -50.52 20.67
CA LYS D 336 5.48 -51.72 21.39
C LYS D 336 4.10 -51.60 21.99
N LEU D 337 3.86 -50.52 22.73
CA LEU D 337 2.55 -50.25 23.28
C LEU D 337 1.49 -50.24 22.19
N ALA D 338 1.76 -49.51 21.11
CA ALA D 338 0.83 -49.42 19.99
C ALA D 338 0.25 -50.79 19.72
N GLY D 339 1.13 -51.77 19.55
CA GLY D 339 0.69 -53.11 19.21
C GLY D 339 -0.01 -53.88 20.31
N GLU D 340 -0.01 -53.34 21.53
CA GLU D 340 -0.72 -54.01 22.62
C GLU D 340 -2.07 -53.33 22.88
N VAL D 341 -2.17 -52.07 22.49
CA VAL D 341 -3.33 -51.26 22.84
C VAL D 341 -4.27 -50.94 21.67
N PHE D 342 -3.70 -50.63 20.51
CA PHE D 342 -4.49 -50.30 19.33
C PHE D 342 -5.17 -51.50 18.71
N TRP D 343 -6.35 -51.27 18.15
CA TRP D 343 -6.95 -52.22 17.25
C TRP D 343 -7.10 -51.45 15.94
N TRP D 344 -6.02 -51.41 15.17
CA TRP D 344 -5.99 -50.75 13.86
C TRP D 344 -6.99 -51.36 12.90
N PRO D 345 -7.45 -50.57 11.92
CA PRO D 345 -8.39 -51.09 10.93
C PRO D 345 -7.68 -51.53 9.66
N PHE D 346 -8.34 -52.35 8.84
CA PHE D 346 -7.94 -52.52 7.44
C PHE D 346 -6.45 -52.82 7.22
N GLU D 355 7.98 -52.95 15.17
CA GLU D 355 9.28 -52.83 14.52
C GLU D 355 9.10 -52.55 13.03
N THR D 356 7.86 -52.72 12.59
CA THR D 356 7.41 -52.27 11.28
C THR D 356 6.40 -51.13 11.51
N VAL D 357 6.03 -50.97 12.79
CA VAL D 357 5.16 -49.88 13.22
C VAL D 357 5.96 -48.61 13.21
N THR D 358 5.45 -47.58 12.53
CA THR D 358 6.19 -46.34 12.42
C THR D 358 5.89 -45.39 13.58
N VAL D 359 6.92 -44.84 14.21
CA VAL D 359 6.72 -43.86 15.27
C VAL D 359 6.77 -42.43 14.71
N ILE D 360 5.64 -41.74 14.67
CA ILE D 360 5.58 -40.39 14.12
C ILE D 360 5.52 -39.35 15.23
N ASP D 361 6.58 -38.57 15.37
CA ASP D 361 6.64 -37.55 16.42
C ASP D 361 5.82 -36.33 16.06
N SER D 362 5.67 -36.04 14.77
CA SER D 362 5.00 -34.83 14.34
C SER D 362 4.96 -34.76 12.83
N ARG D 363 4.25 -33.80 12.28
CA ARG D 363 4.39 -33.47 10.86
C ARG D 363 4.63 -31.98 10.70
N CYS D 364 5.19 -31.61 9.55
CA CYS D 364 5.38 -30.22 9.21
C CYS D 364 5.24 -30.13 7.71
N GLY D 365 4.13 -29.54 7.29
CA GLY D 365 3.65 -29.71 5.93
C GLY D 365 3.66 -31.17 5.50
N GLU D 366 4.15 -31.40 4.29
CA GLU D 366 4.15 -32.73 3.70
C GLU D 366 5.03 -33.75 4.43
N ASN D 367 5.85 -33.31 5.40
CA ASN D 367 6.82 -34.24 6.00
C ASN D 367 6.48 -34.77 7.38
N PHE D 368 6.56 -36.09 7.51
CA PHE D 368 6.55 -36.74 8.81
C PHE D 368 7.89 -36.51 9.46
N SER D 369 7.90 -36.48 10.79
CA SER D 369 9.16 -36.63 11.53
C SER D 369 9.08 -37.96 12.25
N ILE D 370 9.92 -38.89 11.81
CA ILE D 370 9.85 -40.26 12.27
C ILE D 370 11.03 -40.62 13.18
N TYR D 371 10.73 -41.18 14.34
CA TYR D 371 11.74 -41.58 15.31
C TYR D 371 12.26 -42.98 14.99
N LYS D 372 13.58 -43.13 14.91
CA LYS D 372 14.17 -44.44 14.69
C LYS D 372 15.21 -44.68 15.75
N ALA D 373 15.06 -45.78 16.49
CA ALA D 373 16.06 -46.16 17.48
C ALA D 373 17.26 -46.89 16.83
N SER D 374 17.10 -47.32 15.58
CA SER D 374 18.22 -47.95 14.87
C SER D 374 19.19 -46.91 14.30
N ASP D 375 18.71 -45.69 14.10
CA ASP D 375 19.57 -44.53 13.87
C ASP D 375 19.74 -43.92 15.26
N ASN D 376 20.98 -43.84 15.76
CA ASN D 376 21.26 -43.65 17.19
C ASN D 376 20.22 -42.79 17.88
N SER D 377 18.98 -43.27 17.88
CA SER D 377 17.85 -42.47 18.29
C SER D 377 17.89 -41.18 17.48
N SER D 378 17.09 -41.13 16.43
CA SER D 378 17.00 -39.91 15.64
C SER D 378 15.61 -39.68 15.06
N LEU D 379 15.28 -38.40 14.84
CA LEU D 379 14.12 -37.98 14.06
C LEU D 379 14.59 -37.68 12.66
N SER D 380 13.86 -38.18 11.66
CA SER D 380 14.16 -37.80 10.28
C SER D 380 12.90 -37.52 9.48
N GLN D 381 13.02 -36.67 8.47
CA GLN D 381 11.86 -36.34 7.67
C GLN D 381 11.55 -37.40 6.62
N GLN D 382 10.27 -37.74 6.52
CA GLN D 382 9.80 -38.60 5.45
C GLN D 382 8.59 -37.96 4.79
N PHE D 383 8.64 -37.85 3.47
CA PHE D 383 7.54 -37.27 2.72
C PHE D 383 6.31 -38.17 2.79
N ASP D 384 5.18 -37.60 3.17
CA ASP D 384 3.94 -38.35 3.26
C ASP D 384 3.42 -38.62 1.84
N ALA D 385 4.08 -39.54 1.15
CA ALA D 385 3.84 -39.78 -0.27
C ALA D 385 2.49 -40.44 -0.56
N CYS D 386 1.82 -40.95 0.46
CA CYS D 386 0.50 -41.52 0.29
C CYS D 386 -0.56 -40.55 0.80
N ALA D 387 -0.08 -39.37 1.21
CA ALA D 387 -0.96 -38.26 1.58
C ALA D 387 -1.89 -38.59 2.73
N SER D 388 -1.43 -39.51 3.59
CA SER D 388 -2.22 -40.00 4.71
C SER D 388 -3.62 -40.37 4.28
N TRP D 389 -3.69 -41.39 3.44
CA TRP D 389 -4.96 -41.89 2.96
C TRP D 389 -5.63 -40.81 2.11
N TRP D 390 -4.82 -40.11 1.33
CA TRP D 390 -5.31 -39.14 0.35
C TRP D 390 -6.10 -38.02 1.01
N THR D 391 -5.84 -37.79 2.29
CA THR D 391 -6.37 -36.62 2.97
C THR D 391 -5.48 -35.37 2.79
N GLN D 392 -4.18 -35.58 2.56
CA GLN D 392 -3.19 -34.52 2.80
C GLN D 392 -3.06 -33.43 1.75
N GLY D 393 -2.88 -32.21 2.26
CA GLY D 393 -2.83 -31.00 1.49
C GLY D 393 -1.87 -29.89 1.93
N PRO D 394 -1.76 -29.60 3.25
CA PRO D 394 -1.11 -28.35 3.68
C PRO D 394 0.42 -28.26 3.55
N ASP D 395 0.86 -27.12 3.01
CA ASP D 395 2.20 -26.54 3.16
C ASP D 395 2.64 -26.58 4.62
N PRO D 396 3.95 -26.38 4.88
CA PRO D 396 4.27 -26.03 6.27
C PRO D 396 3.62 -24.70 6.68
N THR D 397 3.56 -23.74 5.77
CA THR D 397 2.91 -22.46 6.02
C THR D 397 1.42 -22.61 6.31
N PHE D 398 0.72 -23.30 5.42
CA PHE D 398 -0.72 -23.42 5.57
C PHE D 398 -1.08 -24.15 6.87
N GLN D 399 -0.23 -25.10 7.27
CA GLN D 399 -0.50 -25.86 8.49
C GLN D 399 -0.52 -24.92 9.70
N ALA D 400 0.45 -24.02 9.76
CA ALA D 400 0.55 -23.18 10.93
C ALA D 400 -0.63 -22.24 10.93
N GLU D 401 -0.97 -21.74 9.74
CA GLU D 401 -2.19 -20.94 9.57
C GLU D 401 -3.47 -21.69 9.96
N LEU D 402 -3.63 -22.93 9.52
CA LEU D 402 -4.82 -23.70 9.87
C LEU D 402 -4.89 -23.88 11.38
N ALA D 403 -3.72 -23.97 12.02
CA ALA D 403 -3.70 -24.22 13.46
C ALA D 403 -4.29 -23.05 14.21
N ARG D 404 -3.98 -21.83 13.77
CA ARG D 404 -4.57 -20.63 14.36
C ARG D 404 -6.09 -20.55 14.14
N GLU D 405 -6.54 -20.87 12.93
CA GLU D 405 -7.94 -20.84 12.60
C GLU D 405 -8.71 -21.84 13.46
N MET D 406 -8.11 -23.00 13.66
CA MET D 406 -8.74 -24.07 14.42
C MET D 406 -8.81 -23.69 15.89
N GLY D 407 -7.70 -23.15 16.41
CA GLY D 407 -7.66 -22.67 17.78
C GLY D 407 -8.75 -21.64 18.01
N TYR D 408 -8.79 -20.66 17.12
CA TYR D 408 -9.76 -19.58 17.22
C TYR D 408 -11.18 -20.16 17.18
N THR D 409 -11.41 -21.07 16.24
CA THR D 409 -12.72 -21.69 16.13
C THR D 409 -13.13 -22.49 17.39
N ALA D 410 -12.19 -23.21 17.99
CA ALA D 410 -12.50 -23.89 19.25
C ALA D 410 -12.84 -22.86 20.36
N ALA D 411 -12.07 -21.78 20.46
CA ALA D 411 -12.31 -20.77 21.49
C ALA D 411 -13.59 -19.96 21.31
N ARG D 412 -14.04 -19.80 20.06
CA ARG D 412 -15.23 -18.99 19.79
C ARG D 412 -16.54 -19.78 19.70
N PHE D 413 -16.46 -21.04 19.28
CA PHE D 413 -17.65 -21.83 19.06
C PHE D 413 -17.68 -23.13 19.83
N GLY D 414 -16.51 -23.71 20.09
CA GLY D 414 -16.47 -25.06 20.61
C GLY D 414 -17.31 -25.91 19.66
N HIS D 415 -18.25 -26.68 20.20
CA HIS D 415 -19.30 -27.24 19.36
C HIS D 415 -20.68 -26.72 19.74
N VAL D 416 -21.42 -26.32 18.72
CA VAL D 416 -22.74 -25.75 18.86
C VAL D 416 -23.69 -26.52 17.93
N MET D 417 -24.83 -26.98 18.41
CA MET D 417 -25.61 -27.94 17.63
C MET D 417 -26.19 -27.35 16.36
N PHE D 418 -26.32 -28.20 15.34
CA PHE D 418 -26.64 -27.74 14.00
C PHE D 418 -28.13 -27.50 13.73
N PRO D 419 -28.98 -28.48 14.00
CA PRO D 419 -30.39 -28.37 13.57
C PRO D 419 -31.14 -27.06 13.97
N GLU D 420 -31.73 -26.43 12.96
CA GLU D 420 -32.52 -25.21 13.11
C GLU D 420 -31.69 -24.04 13.65
N ASN D 421 -30.37 -24.17 13.52
CA ASN D 421 -29.45 -23.13 13.97
C ASN D 421 -28.53 -22.63 12.87
N VAL D 422 -27.93 -21.46 13.07
CA VAL D 422 -26.94 -20.96 12.11
C VAL D 422 -25.76 -20.30 12.83
N TYR D 423 -24.56 -20.67 12.42
CA TYR D 423 -23.36 -20.09 12.99
C TYR D 423 -22.36 -19.92 11.89
N GLU D 424 -21.50 -18.91 12.01
CA GLU D 424 -20.72 -18.44 10.87
C GLU D 424 -19.98 -19.52 10.07
N PRO D 425 -19.16 -20.33 10.76
CA PRO D 425 -18.34 -21.29 10.01
C PRO D 425 -19.13 -22.24 9.11
N ALA D 426 -20.27 -22.77 9.58
CA ALA D 426 -21.10 -23.65 8.74
C ALA D 426 -21.66 -22.89 7.53
N LEU D 427 -22.10 -21.65 7.76
CA LEU D 427 -22.71 -20.87 6.69
C LEU D 427 -21.71 -20.49 5.59
N LYS D 428 -20.55 -19.99 5.98
CA LYS D 428 -19.50 -19.64 5.01
C LYS D 428 -19.05 -20.86 4.22
N CYS D 429 -18.83 -21.97 4.93
CA CYS D 429 -18.46 -23.23 4.31
C CYS D 429 -19.47 -23.65 3.25
N ALA D 430 -20.76 -23.49 3.55
CA ALA D 430 -21.77 -23.83 2.55
C ALA D 430 -21.80 -22.84 1.39
N GLU D 431 -21.73 -21.55 1.69
CA GLU D 431 -21.62 -20.54 0.64
C GLU D 431 -20.46 -20.91 -0.28
N LEU D 432 -19.28 -21.14 0.31
CA LEU D 432 -18.09 -21.47 -0.47
C LEU D 432 -18.23 -22.76 -1.27
N LEU D 433 -18.93 -23.75 -0.73
CA LEU D 433 -19.23 -24.97 -1.47
C LEU D 433 -20.14 -24.65 -2.67
N LEU D 434 -21.32 -24.09 -2.44
CA LEU D 434 -22.28 -23.84 -3.52
C LEU D 434 -21.73 -23.00 -4.66
N ASP D 435 -20.90 -22.00 -4.33
CA ASP D 435 -20.39 -21.06 -5.32
CA ASP D 435 -20.40 -21.06 -5.32
C ASP D 435 -19.15 -21.58 -6.06
N GLY D 436 -18.63 -22.74 -5.66
CA GLY D 436 -17.43 -23.24 -6.29
C GLY D 436 -17.59 -24.60 -6.91
N VAL D 437 -17.40 -25.60 -6.05
CA VAL D 437 -17.58 -27.00 -6.43
C VAL D 437 -19.03 -27.24 -6.95
N GLY D 438 -19.98 -26.54 -6.34
CA GLY D 438 -21.36 -26.67 -6.70
C GLY D 438 -21.83 -25.67 -7.76
N LYS D 439 -20.88 -24.86 -8.26
CA LYS D 439 -21.23 -23.84 -9.25
C LYS D 439 -22.06 -24.41 -10.39
N GLY D 440 -23.22 -23.81 -10.62
CA GLY D 440 -24.03 -24.12 -11.78
C GLY D 440 -24.89 -25.36 -11.70
N TRP D 441 -25.16 -25.86 -10.50
CA TRP D 441 -26.05 -27.01 -10.32
C TRP D 441 -26.58 -27.20 -8.92
N ALA D 442 -25.71 -27.10 -7.91
CA ALA D 442 -26.10 -27.40 -6.53
C ALA D 442 -26.79 -26.22 -5.86
N SER D 443 -27.58 -26.50 -4.82
CA SER D 443 -28.17 -25.40 -4.05
C SER D 443 -28.49 -25.76 -2.60
N ARG D 444 -28.21 -27.00 -2.22
CA ARG D 444 -28.36 -27.41 -0.83
C ARG D 444 -27.12 -28.14 -0.39
N VAL D 445 -26.68 -27.88 0.85
CA VAL D 445 -25.54 -28.56 1.44
C VAL D 445 -25.95 -29.39 2.65
N TYR D 446 -25.65 -30.69 2.61
CA TYR D 446 -26.00 -31.60 3.71
C TYR D 446 -24.77 -32.16 4.39
N PHE D 447 -24.65 -31.90 5.68
CA PHE D 447 -23.44 -32.19 6.45
C PHE D 447 -23.47 -33.57 7.12
N SER D 448 -22.39 -34.33 6.94
CA SER D 448 -22.22 -35.59 7.66
C SER D 448 -20.77 -35.76 8.14
N ASP D 449 -20.42 -36.94 8.65
CA ASP D 449 -19.16 -37.12 9.32
C ASP D 449 -17.97 -37.55 8.44
N ASN D 450 -18.16 -38.52 7.55
CA ASN D 450 -17.08 -38.93 6.63
C ASN D 450 -17.55 -39.18 5.21
N GLY D 451 -16.60 -39.46 4.32
CA GLY D 451 -16.94 -39.73 2.92
C GLY D 451 -17.99 -40.80 2.69
N SER D 452 -17.95 -41.86 3.49
CA SER D 452 -18.87 -42.97 3.32
C SER D 452 -20.32 -42.56 3.62
N THR D 453 -20.49 -41.90 4.76
CA THR D 453 -21.81 -41.43 5.18
C THR D 453 -22.37 -40.43 4.15
N ALA D 454 -21.51 -39.53 3.70
CA ALA D 454 -21.92 -38.58 2.68
C ALA D 454 -22.49 -39.31 1.47
N ILE D 455 -21.91 -40.46 1.15
CA ILE D 455 -22.35 -41.25 0.01
C ILE D 455 -23.64 -42.00 0.28
N GLU D 456 -23.79 -42.61 1.46
CA GLU D 456 -25.06 -43.26 1.82
C GLU D 456 -26.21 -42.29 1.61
N ILE D 457 -25.94 -41.04 2.00
CA ILE D 457 -26.93 -39.98 1.99
C ILE D 457 -27.27 -39.56 0.56
N ALA D 458 -26.25 -39.46 -0.28
CA ALA D 458 -26.44 -39.24 -1.71
C ALA D 458 -27.36 -40.31 -2.32
N LEU D 459 -27.24 -41.55 -1.83
CA LEU D 459 -28.03 -42.66 -2.36
C LEU D 459 -29.48 -42.62 -1.89
N LYS D 460 -29.69 -42.36 -0.59
CA LYS D 460 -31.05 -42.11 -0.13
C LYS D 460 -31.64 -40.96 -0.95
N MET D 461 -30.86 -39.93 -1.17
CA MET D 461 -31.31 -38.81 -1.97
C MET D 461 -31.69 -39.23 -3.40
N ALA D 462 -30.84 -40.02 -4.03
CA ALA D 462 -31.06 -40.44 -5.41
C ALA D 462 -32.35 -41.24 -5.57
N PHE D 463 -32.52 -42.28 -4.77
CA PHE D 463 -33.68 -43.16 -4.88
C PHE D 463 -34.97 -42.41 -4.69
N ARG D 464 -35.00 -41.54 -3.70
CA ARG D 464 -36.16 -40.69 -3.51
C ARG D 464 -36.49 -39.91 -4.77
N LYS D 465 -35.51 -39.18 -5.29
CA LYS D 465 -35.71 -38.40 -6.49
C LYS D 465 -36.27 -39.24 -7.65
N PHE D 466 -35.71 -40.43 -7.81
CA PHE D 466 -36.06 -41.36 -8.89
C PHE D 466 -37.48 -41.92 -8.73
N CYS D 467 -37.88 -42.20 -7.49
CA CYS D 467 -39.25 -42.65 -7.26
C CYS D 467 -40.23 -41.53 -7.56
N VAL D 468 -39.97 -40.36 -7.02
CA VAL D 468 -40.82 -39.20 -7.29
C VAL D 468 -40.93 -38.94 -8.79
N ASP D 469 -39.86 -39.18 -9.52
CA ASP D 469 -39.85 -38.94 -10.95
C ASP D 469 -40.48 -40.08 -11.75
N HIS D 470 -40.93 -41.13 -11.08
CA HIS D 470 -41.51 -42.30 -11.76
C HIS D 470 -42.60 -43.01 -10.92
N ASN D 471 -43.31 -42.26 -10.09
CA ASN D 471 -44.23 -42.85 -9.10
C ASN D 471 -43.52 -43.47 -7.90
N VAL D 484 -33.65 -51.67 -5.50
CA VAL D 484 -33.42 -51.02 -6.79
C VAL D 484 -31.95 -51.04 -7.16
N LYS D 485 -31.66 -51.16 -8.45
CA LYS D 485 -30.27 -51.27 -8.89
C LYS D 485 -29.60 -49.89 -8.93
N VAL D 486 -28.29 -49.88 -8.72
CA VAL D 486 -27.47 -48.69 -8.89
C VAL D 486 -26.38 -49.03 -9.86
N ILE D 487 -26.21 -48.21 -10.89
CA ILE D 487 -25.19 -48.49 -11.87
C ILE D 487 -23.84 -47.86 -11.47
N ALA D 488 -22.77 -48.64 -11.56
CA ALA D 488 -21.45 -48.18 -11.18
C ALA D 488 -20.40 -48.84 -12.06
N LEU D 489 -19.15 -48.41 -11.95
CA LEU D 489 -18.10 -48.97 -12.78
C LEU D 489 -17.18 -49.88 -11.98
N ARG D 490 -16.57 -50.84 -12.66
CA ARG D 490 -15.77 -51.85 -12.01
C ARG D 490 -14.46 -51.28 -11.51
N GLY D 491 -14.19 -51.50 -10.22
CA GLY D 491 -12.97 -51.03 -9.60
C GLY D 491 -13.15 -49.68 -8.95
N SER D 492 -14.36 -49.15 -9.03
CA SER D 492 -14.67 -47.93 -8.34
C SER D 492 -14.72 -48.25 -6.84
N TYR D 493 -14.63 -47.21 -6.02
CA TYR D 493 -14.69 -47.36 -4.58
C TYR D 493 -15.52 -46.25 -4.01
N HIS D 494 -16.43 -46.57 -3.09
CA HIS D 494 -17.34 -45.58 -2.55
C HIS D 494 -17.61 -45.74 -1.05
N GLY D 495 -16.63 -46.22 -0.29
CA GLY D 495 -16.75 -46.26 1.16
C GLY D 495 -17.17 -47.54 1.87
N ASP D 496 -17.10 -47.50 3.21
CA ASP D 496 -17.12 -48.71 4.05
C ASP D 496 -18.31 -48.87 5.01
N THR D 497 -19.04 -47.80 5.33
CA THR D 497 -20.26 -47.99 6.12
C THR D 497 -21.23 -48.78 5.23
N LEU D 498 -22.13 -49.56 5.82
CA LEU D 498 -22.86 -50.57 5.03
C LEU D 498 -23.80 -50.03 3.94
N GLY D 499 -23.89 -48.70 3.82
CA GLY D 499 -24.65 -48.09 2.74
C GLY D 499 -23.70 -47.72 1.61
N ALA D 500 -22.65 -46.99 1.97
CA ALA D 500 -21.51 -46.75 1.09
C ALA D 500 -21.10 -48.08 0.49
N MET D 501 -20.70 -49.01 1.34
CA MET D 501 -20.45 -50.38 0.93
C MET D 501 -21.40 -50.85 -0.17
N GLU D 502 -22.70 -50.85 0.14
CA GLU D 502 -23.71 -51.43 -0.76
C GLU D 502 -23.45 -51.21 -2.26
N ALA D 503 -23.06 -49.99 -2.62
CA ALA D 503 -22.80 -49.69 -4.02
C ALA D 503 -21.37 -50.04 -4.43
N GLY D 522 -26.39 -53.92 -6.98
CA GLY D 522 -26.38 -52.99 -8.09
C GLY D 522 -25.74 -53.53 -9.36
N LEU D 523 -25.68 -52.69 -10.40
CA LEU D 523 -25.24 -53.07 -11.74
C LEU D 523 -23.88 -52.46 -12.13
N PHE D 524 -22.88 -53.31 -12.28
CA PHE D 524 -21.49 -52.88 -12.47
C PHE D 524 -21.03 -53.04 -13.91
N LEU D 525 -20.45 -51.98 -14.46
CA LEU D 525 -19.94 -51.99 -15.82
C LEU D 525 -18.43 -51.83 -15.84
N ASP D 526 -17.77 -52.33 -16.87
CA ASP D 526 -16.32 -52.25 -16.94
C ASP D 526 -15.89 -51.00 -17.69
N PRO D 527 -15.11 -50.15 -17.02
CA PRO D 527 -14.73 -48.86 -17.61
C PRO D 527 -13.55 -48.99 -18.55
N PRO D 528 -13.68 -48.43 -19.75
CA PRO D 528 -12.46 -48.21 -20.51
C PRO D 528 -11.54 -47.28 -19.72
N THR D 529 -10.23 -47.55 -19.73
CA THR D 529 -9.28 -46.76 -18.96
C THR D 529 -8.20 -46.15 -19.85
N VAL D 530 -7.52 -45.13 -19.34
CA VAL D 530 -6.43 -44.45 -20.06
CA VAL D 530 -6.40 -44.54 -20.09
C VAL D 530 -5.14 -44.52 -19.26
N PHE D 531 -4.01 -44.60 -19.95
CA PHE D 531 -2.71 -44.64 -19.28
C PHE D 531 -1.62 -44.06 -20.18
N LEU D 532 -0.53 -43.59 -19.59
CA LEU D 532 0.63 -43.13 -20.35
C LEU D 532 1.65 -44.25 -20.48
N SER D 533 2.23 -44.39 -21.67
CA SER D 533 3.23 -45.43 -21.89
C SER D 533 4.14 -45.11 -23.07
N ASN D 534 5.41 -45.46 -22.91
CA ASN D 534 6.41 -45.28 -23.96
C ASN D 534 6.19 -43.99 -24.74
N GLY D 535 5.97 -42.90 -24.02
CA GLY D 535 5.89 -41.59 -24.62
C GLY D 535 4.52 -41.08 -25.04
N SER D 536 3.52 -41.95 -25.02
CA SER D 536 2.19 -41.53 -25.46
C SER D 536 1.05 -42.10 -24.63
N TRP D 537 -0.11 -41.46 -24.72
CA TRP D 537 -1.31 -41.90 -23.99
C TRP D 537 -2.14 -42.86 -24.81
N ASN D 538 -2.69 -43.86 -24.13
CA ASN D 538 -3.35 -44.97 -24.79
C ASN D 538 -4.63 -45.35 -24.10
N ILE D 539 -5.66 -45.62 -24.88
CA ILE D 539 -6.87 -46.17 -24.31
C ILE D 539 -6.83 -47.68 -24.26
N SER D 540 -7.27 -48.23 -23.14
CA SER D 540 -7.43 -49.66 -22.97
C SER D 540 -8.92 -50.00 -22.87
N LEU D 541 -9.43 -50.81 -23.79
CA LEU D 541 -10.85 -51.15 -23.82
C LEU D 541 -11.13 -52.50 -23.17
N PRO D 542 -12.06 -52.55 -22.21
CA PRO D 542 -12.54 -53.88 -21.84
C PRO D 542 -12.87 -54.65 -23.11
N GLU D 543 -12.58 -55.96 -23.11
CA GLU D 543 -12.89 -56.87 -24.23
C GLU D 543 -14.39 -56.91 -24.56
N SER D 544 -15.22 -56.54 -23.59
CA SER D 544 -16.64 -56.36 -23.81
C SER D 544 -17.00 -55.23 -24.77
N PHE D 545 -16.01 -54.57 -25.38
CA PHE D 545 -16.24 -53.47 -26.34
C PHE D 545 -15.80 -53.86 -27.76
N SER D 546 -16.63 -53.52 -28.73
CA SER D 546 -16.33 -53.72 -30.16
C SER D 546 -14.94 -54.31 -30.51
N GLU D 547 -13.88 -53.62 -30.08
CA GLU D 547 -12.49 -53.85 -30.51
C GLU D 547 -12.10 -52.85 -31.60
N ILE D 548 -11.08 -52.03 -31.33
CA ILE D 548 -10.71 -50.91 -32.21
C ILE D 548 -9.25 -50.99 -32.67
N ALA D 549 -8.93 -50.31 -33.78
CA ALA D 549 -7.53 -50.15 -34.20
C ALA D 549 -6.81 -49.19 -33.25
N PRO D 550 -5.49 -49.40 -33.03
CA PRO D 550 -4.69 -48.64 -32.06
C PRO D 550 -4.74 -47.11 -32.25
N GLU D 551 -4.81 -46.64 -33.49
CA GLU D 551 -4.85 -45.21 -33.78
C GLU D 551 -6.14 -44.50 -33.30
N TYR D 552 -7.18 -45.28 -33.01
CA TYR D 552 -8.47 -44.67 -32.63
C TYR D 552 -8.48 -44.31 -31.15
N GLY D 553 -7.39 -44.60 -30.46
CA GLY D 553 -7.24 -44.28 -29.05
C GLY D 553 -5.79 -44.15 -28.59
N THR D 554 -5.07 -43.23 -29.23
CA THR D 554 -3.68 -42.94 -28.91
C THR D 554 -3.48 -41.45 -29.08
N PHE D 555 -3.11 -40.79 -28.00
CA PHE D 555 -3.11 -39.35 -27.96
C PHE D 555 -1.73 -38.83 -27.58
N THR D 556 -1.26 -37.81 -28.29
CA THR D 556 0.04 -37.24 -27.96
C THR D 556 0.03 -36.54 -26.61
N SER D 557 -1.14 -36.14 -26.11
CA SER D 557 -1.15 -35.57 -24.77
C SER D 557 -2.45 -35.71 -24.00
N ARG D 558 -2.33 -35.59 -22.68
CA ARG D 558 -3.45 -35.74 -21.76
C ARG D 558 -4.58 -34.75 -22.12
N ASP D 559 -4.19 -33.56 -22.57
CA ASP D 559 -5.15 -32.53 -23.00
C ASP D 559 -6.13 -33.02 -24.07
N GLU D 560 -5.65 -33.79 -25.05
CA GLU D 560 -6.52 -34.38 -26.07
C GLU D 560 -7.60 -35.30 -25.51
N ILE D 561 -7.26 -36.04 -24.45
CA ILE D 561 -8.20 -37.03 -23.88
C ILE D 561 -9.42 -36.36 -23.31
N PHE D 562 -9.20 -35.21 -22.66
CA PHE D 562 -10.28 -34.55 -21.94
C PHE D 562 -11.11 -33.64 -22.81
N ASP D 563 -10.60 -33.40 -24.01
CA ASP D 563 -11.20 -32.54 -25.00
C ASP D 563 -12.63 -33.02 -25.31
N LYS D 564 -13.61 -32.13 -25.22
CA LYS D 564 -14.99 -32.49 -25.49
C LYS D 564 -15.25 -32.84 -26.96
N SER D 565 -14.35 -32.43 -27.85
CA SER D 565 -14.44 -32.81 -29.27
C SER D 565 -14.59 -34.32 -29.44
N ARG D 566 -13.99 -35.08 -28.54
CA ARG D 566 -14.11 -36.54 -28.59
C ARG D 566 -15.56 -37.03 -28.63
N ASP D 567 -16.51 -36.13 -28.37
CA ASP D 567 -17.95 -36.45 -28.50
C ASP D 567 -18.32 -36.91 -29.90
N ALA D 568 -17.59 -36.45 -30.91
CA ALA D 568 -17.85 -36.83 -32.30
C ALA D 568 -16.83 -37.87 -32.77
N SER D 569 -16.08 -38.41 -31.82
CA SER D 569 -15.09 -39.43 -32.09
C SER D 569 -15.79 -40.76 -32.28
N THR D 570 -15.08 -41.71 -32.86
CA THR D 570 -15.64 -43.03 -33.08
C THR D 570 -15.84 -43.82 -31.75
N LEU D 571 -14.96 -43.62 -30.77
CA LEU D 571 -15.15 -44.26 -29.45
C LEU D 571 -16.46 -43.88 -28.76
N ALA D 572 -16.92 -42.66 -28.99
CA ALA D 572 -18.17 -42.18 -28.40
C ALA D 572 -19.35 -43.01 -28.89
N ARG D 573 -19.39 -43.24 -30.20
CA ARG D 573 -20.42 -44.08 -30.80
C ARG D 573 -20.37 -45.47 -30.16
N ILE D 574 -19.19 -46.08 -30.12
CA ILE D 574 -19.01 -47.34 -29.42
C ILE D 574 -19.47 -47.29 -27.94
N TYR D 575 -19.21 -46.18 -27.23
CA TYR D 575 -19.66 -46.11 -25.84
C TYR D 575 -21.20 -46.08 -25.73
N SER D 576 -21.83 -45.21 -26.51
CA SER D 576 -23.27 -45.18 -26.58
C SER D 576 -23.84 -46.55 -26.92
N ALA D 577 -23.14 -47.28 -27.78
CA ALA D 577 -23.61 -48.59 -28.21
C ALA D 577 -23.59 -49.55 -27.02
N TYR D 578 -22.45 -49.62 -26.34
CA TYR D 578 -22.28 -50.46 -25.14
C TYR D 578 -23.33 -50.14 -24.09
N LEU D 579 -23.45 -48.86 -23.73
CA LEU D 579 -24.37 -48.48 -22.66
C LEU D 579 -25.81 -48.83 -23.04
N SER D 580 -26.13 -48.58 -24.30
CA SER D 580 -27.46 -48.81 -24.83
C SER D 580 -27.89 -50.20 -24.43
N LYS D 581 -27.09 -51.18 -24.84
CA LYS D 581 -27.41 -52.59 -24.59
C LYS D 581 -27.76 -52.86 -23.12
N HIS D 582 -27.03 -52.29 -22.15
CA HIS D 582 -27.41 -52.42 -20.73
C HIS D 582 -28.54 -51.44 -20.35
N ALA D 593 -36.86 -54.52 -9.44
CA ALA D 593 -35.92 -53.42 -9.21
C ALA D 593 -34.97 -53.10 -10.39
N HIS D 594 -35.23 -52.00 -11.10
CA HIS D 594 -34.36 -51.52 -12.19
C HIS D 594 -33.41 -50.36 -11.80
N VAL D 595 -32.83 -49.68 -12.79
CA VAL D 595 -31.73 -48.75 -12.49
C VAL D 595 -32.18 -47.43 -11.82
N GLY D 596 -31.80 -47.25 -10.56
CA GLY D 596 -32.30 -46.13 -9.77
C GLY D 596 -31.40 -44.92 -9.54
N ALA D 597 -30.20 -44.92 -10.09
CA ALA D 597 -29.18 -43.92 -9.72
C ALA D 597 -27.82 -44.32 -10.30
N LEU D 598 -27.09 -43.34 -10.83
CA LEU D 598 -25.77 -43.59 -11.37
C LEU D 598 -24.73 -43.03 -10.41
N ILE D 599 -23.68 -43.80 -10.16
CA ILE D 599 -22.58 -43.33 -9.31
C ILE D 599 -21.20 -43.56 -9.93
N ILE D 600 -20.48 -42.48 -10.20
CA ILE D 600 -19.14 -42.60 -10.76
C ILE D 600 -18.09 -41.96 -9.85
N GLU D 601 -16.86 -42.48 -9.94
CA GLU D 601 -15.67 -41.82 -9.41
C GLU D 601 -15.02 -41.11 -10.60
N PRO D 602 -15.24 -39.80 -10.74
CA PRO D 602 -14.79 -39.12 -11.96
C PRO D 602 -13.29 -39.24 -12.22
N VAL D 603 -12.94 -39.42 -13.49
CA VAL D 603 -11.54 -39.40 -13.94
C VAL D 603 -10.61 -40.46 -13.35
N ILE D 604 -10.59 -40.59 -12.03
CA ILE D 604 -9.68 -41.52 -11.35
C ILE D 604 -10.38 -42.49 -10.43
N HIS D 605 -10.10 -43.78 -10.63
CA HIS D 605 -10.44 -44.83 -9.67
C HIS D 605 -9.32 -44.98 -8.66
N GLY D 606 -9.44 -44.23 -7.57
CA GLY D 606 -8.39 -44.17 -6.56
C GLY D 606 -8.08 -45.51 -5.92
N ALA D 607 -8.94 -45.94 -5.01
CA ALA D 607 -8.72 -47.16 -4.25
C ALA D 607 -8.58 -48.40 -5.13
N GLY D 608 -9.12 -48.37 -6.36
CA GLY D 608 -9.04 -49.50 -7.26
C GLY D 608 -7.71 -49.63 -7.99
N GLY D 609 -6.78 -48.71 -7.73
CA GLY D 609 -5.44 -48.82 -8.26
C GLY D 609 -4.93 -47.64 -9.07
N MET D 610 -5.47 -46.46 -8.81
CA MET D 610 -5.04 -45.28 -9.52
C MET D 610 -5.18 -45.43 -11.05
N HIS D 611 -6.30 -45.99 -11.50
CA HIS D 611 -6.61 -46.05 -12.93
C HIS D 611 -7.33 -44.77 -13.37
N MET D 612 -7.01 -44.30 -14.56
CA MET D 612 -7.77 -43.21 -15.13
C MET D 612 -8.87 -43.78 -16.01
N VAL D 613 -10.12 -43.57 -15.60
CA VAL D 613 -11.25 -43.89 -16.46
C VAL D 613 -11.29 -42.87 -17.57
N ASP D 614 -11.59 -43.32 -18.79
CA ASP D 614 -11.76 -42.43 -19.92
C ASP D 614 -12.91 -41.46 -19.66
N PRO D 615 -12.59 -40.15 -19.65
CA PRO D 615 -13.58 -39.11 -19.46
C PRO D 615 -14.71 -39.17 -20.48
N LEU D 616 -14.39 -39.55 -21.71
CA LEU D 616 -15.39 -39.68 -22.74
C LEU D 616 -16.48 -40.64 -22.28
N PHE D 617 -16.06 -41.75 -21.68
CA PHE D 617 -16.99 -42.83 -21.32
C PHE D 617 -17.88 -42.43 -20.16
N GLN D 618 -17.31 -41.69 -19.21
CA GLN D 618 -18.11 -41.23 -18.10
C GLN D 618 -19.13 -40.17 -18.55
N ARG D 619 -18.69 -39.23 -19.38
CA ARG D 619 -19.61 -38.23 -19.92
C ARG D 619 -20.77 -38.87 -20.68
N VAL D 620 -20.49 -39.83 -21.55
CA VAL D 620 -21.58 -40.52 -22.26
C VAL D 620 -22.47 -41.23 -21.25
N LEU D 621 -21.85 -41.87 -20.27
CA LEU D 621 -22.57 -42.60 -19.24
C LEU D 621 -23.48 -41.67 -18.46
N VAL D 622 -22.99 -40.45 -18.19
CA VAL D 622 -23.75 -39.45 -17.46
C VAL D 622 -24.90 -38.91 -18.30
N ASN D 623 -24.62 -38.52 -19.53
CA ASN D 623 -25.67 -38.02 -20.40
C ASN D 623 -26.75 -39.07 -20.62
N GLU D 624 -26.33 -40.31 -20.88
CA GLU D 624 -27.26 -41.38 -21.09
C GLU D 624 -28.15 -41.67 -19.86
N CYS D 625 -27.64 -41.48 -18.66
CA CYS D 625 -28.48 -41.66 -17.48
C CYS D 625 -29.39 -40.46 -17.24
N ARG D 626 -28.88 -39.26 -17.54
CA ARG D 626 -29.72 -38.08 -17.44
C ARG D 626 -30.91 -38.20 -18.39
N ASN D 627 -30.63 -38.51 -19.65
CA ASN D 627 -31.67 -38.72 -20.66
C ASN D 627 -32.78 -39.67 -20.23
N ARG D 628 -32.41 -40.71 -19.50
CA ARG D 628 -33.36 -41.70 -18.99
C ARG D 628 -33.91 -41.30 -17.62
N LYS D 629 -33.71 -40.03 -17.26
CA LYS D 629 -34.18 -39.45 -16.01
C LYS D 629 -33.68 -40.21 -14.78
N ILE D 630 -32.42 -40.65 -14.83
CA ILE D 630 -31.74 -41.30 -13.70
C ILE D 630 -30.82 -40.34 -12.96
N PRO D 631 -30.94 -40.28 -11.62
CA PRO D 631 -30.10 -39.34 -10.86
C PRO D 631 -28.63 -39.67 -10.99
N VAL D 632 -27.80 -38.64 -11.08
CA VAL D 632 -26.38 -38.82 -11.24
C VAL D 632 -25.68 -38.35 -9.97
N ILE D 633 -24.91 -39.25 -9.35
CA ILE D 633 -24.07 -38.90 -8.18
C ILE D 633 -22.57 -38.89 -8.52
N PHE D 634 -21.91 -37.75 -8.36
CA PHE D 634 -20.44 -37.66 -8.46
C PHE D 634 -19.80 -37.87 -7.09
N ASP D 635 -19.17 -39.02 -6.90
CA ASP D 635 -18.40 -39.23 -5.69
C ASP D 635 -17.07 -38.49 -5.81
N GLU D 636 -16.99 -37.27 -5.29
CA GLU D 636 -15.73 -36.52 -5.38
C GLU D 636 -14.90 -36.56 -4.10
N VAL D 637 -15.25 -37.43 -3.19
CA VAL D 637 -14.46 -37.59 -1.98
C VAL D 637 -12.95 -37.56 -2.25
N PHE D 638 -12.51 -38.37 -3.20
CA PHE D 638 -11.10 -38.40 -3.60
C PHE D 638 -10.72 -37.21 -4.50
N THR D 639 -11.46 -36.99 -5.58
CA THR D 639 -11.06 -36.00 -6.59
C THR D 639 -11.28 -34.54 -6.13
N GLY D 640 -12.16 -34.34 -5.17
CA GLY D 640 -12.44 -33.02 -4.66
C GLY D 640 -11.26 -32.17 -4.18
N PHE D 641 -11.35 -30.90 -4.52
CA PHE D 641 -10.45 -29.88 -3.98
C PHE D 641 -9.00 -30.05 -4.37
N TRP D 642 -8.79 -30.13 -5.68
CA TRP D 642 -7.48 -29.99 -6.29
C TRP D 642 -6.63 -31.25 -6.31
N ARG D 643 -7.18 -32.37 -5.85
CA ARG D 643 -6.46 -33.64 -5.96
C ARG D 643 -5.97 -33.84 -7.39
N LEU D 644 -6.85 -33.62 -8.36
CA LEU D 644 -6.52 -33.86 -9.77
C LEU D 644 -6.24 -32.56 -10.51
N GLY D 645 -6.04 -31.48 -9.77
CA GLY D 645 -5.66 -30.23 -10.37
C GLY D 645 -6.80 -29.26 -10.65
N VAL D 646 -8.00 -29.58 -10.23
CA VAL D 646 -9.13 -28.68 -10.40
C VAL D 646 -9.95 -28.75 -9.13
N GLU D 647 -10.72 -27.72 -8.83
CA GLU D 647 -11.52 -27.76 -7.60
C GLU D 647 -12.58 -28.88 -7.66
N THR D 648 -13.11 -29.14 -8.86
CA THR D 648 -14.05 -30.23 -9.07
C THR D 648 -13.87 -30.79 -10.48
N THR D 649 -14.05 -32.10 -10.61
CA THR D 649 -13.88 -32.83 -11.87
C THR D 649 -14.98 -32.46 -12.85
N THR D 650 -15.95 -31.71 -12.37
CA THR D 650 -16.91 -31.10 -13.23
C THR D 650 -16.20 -30.36 -14.35
N GLU D 651 -15.03 -29.79 -14.05
CA GLU D 651 -14.17 -29.16 -15.06
C GLU D 651 -13.62 -30.15 -16.11
N LEU D 652 -13.25 -31.35 -15.65
CA LEU D 652 -12.66 -32.36 -16.52
C LEU D 652 -13.68 -33.14 -17.36
N LEU D 653 -14.82 -33.45 -16.77
CA LEU D 653 -15.80 -34.28 -17.45
C LEU D 653 -16.69 -33.51 -18.39
N GLY D 654 -16.76 -32.20 -18.24
CA GLY D 654 -17.67 -31.42 -19.05
C GLY D 654 -19.13 -31.83 -18.92
N CYS D 655 -19.55 -32.04 -17.67
CA CYS D 655 -20.95 -32.32 -17.38
C CYS D 655 -21.13 -32.29 -15.87
N LYS D 656 -22.35 -31.99 -15.44
CA LYS D 656 -22.62 -31.79 -14.02
C LYS D 656 -23.42 -32.95 -13.41
N PRO D 657 -23.33 -33.13 -12.08
CA PRO D 657 -24.10 -34.18 -11.41
C PRO D 657 -25.42 -33.62 -10.88
N ASP D 658 -26.20 -34.47 -10.21
CA ASP D 658 -27.41 -34.01 -9.52
C ASP D 658 -27.13 -33.94 -8.03
N ILE D 659 -26.27 -34.86 -7.59
CA ILE D 659 -25.86 -34.98 -6.20
C ILE D 659 -24.37 -35.26 -6.18
N ALA D 660 -23.67 -34.75 -5.17
CA ALA D 660 -22.21 -34.95 -5.12
C ALA D 660 -21.66 -35.00 -3.69
N CYS D 661 -20.59 -35.78 -3.52
CA CYS D 661 -20.05 -35.99 -2.17
C CYS D 661 -18.59 -35.57 -2.02
N PHE D 662 -18.29 -34.86 -0.94
CA PHE D 662 -16.96 -34.35 -0.68
C PHE D 662 -16.44 -34.71 0.72
N ALA D 663 -15.13 -34.81 0.84
CA ALA D 663 -14.48 -34.98 2.13
C ALA D 663 -12.97 -34.97 1.91
N LYS D 664 -12.25 -35.73 2.74
CA LYS D 664 -10.81 -35.83 2.62
C LYS D 664 -10.16 -34.46 2.50
N LEU D 665 -9.93 -34.00 1.27
CA LEU D 665 -9.25 -32.72 1.08
C LEU D 665 -10.14 -31.55 1.48
N LEU D 666 -11.43 -31.82 1.64
CA LEU D 666 -12.40 -30.79 2.01
C LEU D 666 -11.92 -29.91 3.18
N THR D 667 -11.29 -30.54 4.16
CA THR D 667 -10.86 -29.86 5.39
C THR D 667 -9.35 -29.63 5.41
N GLY D 668 -8.75 -29.58 4.23
CA GLY D 668 -7.34 -29.33 4.09
C GLY D 668 -6.51 -30.36 4.79
N GLY D 669 -7.11 -31.53 5.01
CA GLY D 669 -6.40 -32.65 5.60
C GLY D 669 -6.15 -32.55 7.08
N MET D 670 -6.90 -31.70 7.78
CA MET D 670 -6.70 -31.49 9.21
C MET D 670 -7.62 -32.27 10.15
N VAL D 671 -8.86 -32.51 9.72
CA VAL D 671 -9.89 -33.04 10.59
C VAL D 671 -11.05 -33.56 9.72
N PRO D 672 -11.84 -34.54 10.20
CA PRO D 672 -12.96 -35.03 9.38
C PRO D 672 -14.11 -34.05 9.23
N LEU D 673 -14.76 -34.10 8.07
CA LEU D 673 -16.00 -33.40 7.79
C LEU D 673 -16.41 -33.84 6.41
N ALA D 674 -17.69 -34.13 6.23
CA ALA D 674 -18.17 -34.55 4.93
C ALA D 674 -19.44 -33.85 4.52
N VAL D 675 -19.66 -33.84 3.23
CA VAL D 675 -20.62 -32.93 2.67
C VAL D 675 -21.29 -33.57 1.45
N THR D 676 -22.62 -33.47 1.38
CA THR D 676 -23.34 -33.94 0.21
C THR D 676 -24.14 -32.79 -0.41
N LEU D 677 -23.78 -32.38 -1.63
CA LEU D 677 -24.45 -31.29 -2.31
C LEU D 677 -25.55 -31.78 -3.23
N ALA D 678 -26.67 -31.07 -3.23
CA ALA D 678 -27.83 -31.50 -3.99
C ALA D 678 -28.48 -30.39 -4.77
N THR D 679 -29.14 -30.80 -5.83
CA THR D 679 -29.83 -29.89 -6.73
C THR D 679 -31.14 -29.46 -6.10
N ASP D 680 -31.67 -28.33 -6.57
CA ASP D 680 -32.96 -27.84 -6.08
C ASP D 680 -34.02 -28.95 -6.15
N ALA D 681 -34.20 -29.49 -7.35
CA ALA D 681 -35.15 -30.58 -7.58
C ALA D 681 -34.99 -31.78 -6.64
N VAL D 682 -33.76 -32.14 -6.33
CA VAL D 682 -33.50 -33.28 -5.46
C VAL D 682 -34.00 -32.97 -4.06
N PHE D 683 -33.69 -31.78 -3.59
CA PHE D 683 -34.20 -31.29 -2.32
C PHE D 683 -35.74 -31.28 -2.31
N ASP D 684 -36.36 -30.83 -3.39
CA ASP D 684 -37.81 -30.79 -3.46
C ASP D 684 -38.41 -32.18 -3.20
N SER D 685 -37.82 -33.21 -3.79
CA SER D 685 -38.39 -34.58 -3.73
C SER D 685 -38.59 -35.04 -2.28
N PHE D 686 -38.18 -34.21 -1.36
CA PHE D 686 -38.41 -34.43 0.06
C PHE D 686 -39.49 -33.45 0.56
N LEU D 696 -32.08 -37.38 6.18
CA LEU D 696 -32.98 -37.25 7.33
C LEU D 696 -32.37 -37.86 8.60
N HIS D 697 -31.16 -38.40 8.49
CA HIS D 697 -30.50 -39.03 9.64
C HIS D 697 -29.32 -38.21 10.16
N GLY D 698 -29.48 -37.61 11.33
CA GLY D 698 -28.50 -36.67 11.84
C GLY D 698 -27.65 -37.24 12.98
N HIS D 699 -26.47 -36.69 13.15
CA HIS D 699 -25.60 -37.11 14.23
C HIS D 699 -25.28 -35.91 15.09
N SER D 700 -24.84 -36.19 16.32
CA SER D 700 -24.68 -35.18 17.35
C SER D 700 -23.69 -34.10 16.94
N TYR D 701 -22.59 -34.49 16.29
CA TYR D 701 -21.59 -33.52 15.85
C TYR D 701 -21.79 -33.09 14.40
N SER D 702 -23.03 -33.20 13.92
CA SER D 702 -23.32 -32.76 12.55
C SER D 702 -22.95 -31.30 12.33
N ALA D 703 -22.18 -31.05 11.27
CA ALA D 703 -21.74 -29.70 10.87
C ALA D 703 -20.92 -29.00 11.97
N HIS D 704 -20.08 -29.77 12.64
CA HIS D 704 -19.31 -29.19 13.73
C HIS D 704 -18.48 -27.96 13.31
N ALA D 705 -18.54 -26.90 14.11
CA ALA D 705 -17.85 -25.66 13.79
C ALA D 705 -16.39 -25.91 13.45
N MET D 706 -15.72 -26.74 14.25
CA MET D 706 -14.31 -27.00 14.05
C MET D 706 -14.02 -27.35 12.58
N GLY D 707 -14.74 -28.37 12.09
CA GLY D 707 -14.58 -28.82 10.72
C GLY D 707 -15.09 -27.85 9.67
N CYS D 708 -16.22 -27.22 9.93
CA CYS D 708 -16.74 -26.25 8.98
C CYS D 708 -15.77 -25.09 8.81
N ALA D 709 -15.23 -24.58 9.92
CA ALA D 709 -14.34 -23.42 9.83
C ALA D 709 -13.08 -23.81 9.08
N THR D 710 -12.65 -25.04 9.31
CA THR D 710 -11.44 -25.56 8.69
C THR D 710 -11.61 -25.69 7.19
N ALA D 711 -12.76 -26.22 6.79
CA ALA D 711 -13.07 -26.43 5.37
C ALA D 711 -13.20 -25.08 4.66
N ALA D 712 -13.88 -24.14 5.29
CA ALA D 712 -14.03 -22.82 4.73
C ALA D 712 -12.66 -22.21 4.50
N LYS D 713 -11.73 -22.54 5.40
CA LYS D 713 -10.38 -22.00 5.31
C LYS D 713 -9.62 -22.64 4.16
N ALA D 714 -9.69 -23.96 4.09
CA ALA D 714 -9.01 -24.71 3.05
C ALA D 714 -9.58 -24.40 1.65
N ILE D 715 -10.90 -24.26 1.56
CA ILE D 715 -11.51 -24.00 0.27
C ILE D 715 -10.92 -22.69 -0.31
N GLN D 716 -10.80 -21.65 0.51
CA GLN D 716 -10.31 -20.39 -0.03
C GLN D 716 -8.81 -20.43 -0.31
N TRP D 717 -8.06 -20.99 0.62
CA TRP D 717 -6.60 -21.02 0.55
C TRP D 717 -6.08 -21.77 -0.68
N PHE D 718 -6.64 -22.95 -0.93
CA PHE D 718 -6.21 -23.78 -2.04
C PHE D 718 -6.42 -23.08 -3.38
N LYS D 719 -7.45 -22.24 -3.45
CA LYS D 719 -7.97 -21.67 -4.70
C LYS D 719 -7.43 -20.25 -4.97
N ASP D 720 -6.55 -19.77 -4.07
CA ASP D 720 -6.12 -18.37 -4.06
C ASP D 720 -4.68 -18.19 -4.54
N PRO D 721 -4.50 -17.45 -5.65
CA PRO D 721 -3.18 -17.31 -6.28
C PRO D 721 -2.17 -16.82 -5.27
N GLU D 722 -2.66 -16.08 -4.28
CA GLU D 722 -1.75 -15.51 -3.30
C GLU D 722 -1.23 -16.55 -2.30
N THR D 723 -2.05 -17.50 -1.89
CA THR D 723 -1.63 -18.47 -0.89
C THR D 723 -1.19 -19.79 -1.49
N ASN D 724 -1.73 -20.10 -2.65
CA ASN D 724 -1.32 -21.30 -3.36
C ASN D 724 -0.63 -20.88 -4.64
N HIS D 725 0.68 -21.09 -4.67
CA HIS D 725 1.48 -20.60 -5.77
C HIS D 725 1.37 -21.51 -6.98
N ASN D 726 0.64 -22.61 -6.81
CA ASN D 726 0.34 -23.48 -7.92
C ASN D 726 -0.88 -23.07 -8.73
N ILE D 727 -1.76 -22.25 -8.11
CA ILE D 727 -2.92 -21.71 -8.80
C ILE D 727 -2.50 -20.61 -9.74
N THR D 728 -3.02 -20.60 -10.96
CA THR D 728 -2.61 -19.58 -11.90
C THR D 728 -3.08 -18.19 -11.52
N SER D 729 -4.40 -18.06 -11.40
CA SER D 729 -5.12 -16.79 -11.50
C SER D 729 -5.92 -16.73 -12.81
N GLN D 730 -5.53 -17.50 -13.84
CA GLN D 730 -6.54 -17.85 -14.83
C GLN D 730 -7.57 -18.56 -13.95
N GLY D 731 -7.04 -19.38 -13.04
CA GLY D 731 -7.76 -19.73 -11.84
C GLY D 731 -8.40 -21.11 -11.78
N LYS D 732 -8.62 -21.74 -12.92
CA LYS D 732 -9.43 -22.95 -12.91
C LYS D 732 -8.59 -24.22 -12.79
N THR D 733 -7.27 -24.03 -12.84
CA THR D 733 -6.35 -25.14 -12.99
C THR D 733 -5.05 -24.94 -12.21
N LEU D 734 -4.48 -26.02 -11.68
CA LEU D 734 -3.12 -25.96 -11.16
C LEU D 734 -2.14 -26.18 -12.30
N ARG D 735 -0.96 -25.60 -12.16
CA ARG D 735 0.11 -25.81 -13.12
C ARG D 735 0.66 -27.22 -12.99
N GLU D 736 1.33 -27.70 -14.03
CA GLU D 736 1.97 -29.01 -13.95
C GLU D 736 2.94 -29.06 -12.79
N LEU D 737 2.78 -30.05 -11.93
CA LEU D 737 3.68 -30.24 -10.79
C LEU D 737 4.76 -31.29 -11.05
N TRP D 738 4.48 -32.24 -11.94
CA TRP D 738 5.37 -33.38 -12.16
C TRP D 738 6.29 -33.21 -13.39
N ASP D 739 7.58 -33.04 -13.12
CA ASP D 739 8.58 -32.75 -14.14
C ASP D 739 8.36 -33.55 -15.42
N GLU D 740 8.22 -32.84 -16.53
CA GLU D 740 7.87 -33.48 -17.81
C GLU D 740 8.87 -34.54 -18.22
N GLU D 741 10.15 -34.16 -18.30
CA GLU D 741 11.17 -35.11 -18.71
C GLU D 741 11.10 -36.41 -17.90
N LEU D 742 11.07 -36.29 -16.57
CA LEU D 742 11.12 -37.47 -15.72
C LEU D 742 9.91 -38.39 -15.86
N VAL D 743 8.73 -37.81 -16.09
CA VAL D 743 7.52 -38.60 -16.32
C VAL D 743 7.71 -39.49 -17.53
N GLN D 744 8.28 -38.90 -18.60
CA GLN D 744 8.56 -39.64 -19.82
C GLN D 744 9.52 -40.80 -19.53
N GLN D 745 10.66 -40.48 -18.91
CA GLN D 745 11.66 -41.49 -18.57
C GLN D 745 11.06 -42.67 -17.79
N ILE D 746 10.30 -42.38 -16.74
CA ILE D 746 9.67 -43.44 -15.95
C ILE D 746 8.67 -44.27 -16.75
N SER D 747 7.94 -43.62 -17.67
CA SER D 747 6.91 -44.30 -18.44
C SER D 747 7.47 -45.11 -19.59
N SER D 748 8.78 -45.03 -19.80
CA SER D 748 9.44 -45.74 -20.90
C SER D 748 10.27 -46.91 -20.37
N HIS D 749 10.81 -46.69 -19.18
CA HIS D 749 11.57 -47.69 -18.45
C HIS D 749 10.89 -49.07 -18.46
N SER D 750 11.70 -50.11 -18.59
CA SER D 750 11.19 -51.45 -18.94
C SER D 750 10.43 -52.15 -17.81
N ALA D 751 10.60 -51.67 -16.60
CA ALA D 751 9.91 -52.29 -15.46
C ALA D 751 8.50 -51.74 -15.29
N VAL D 752 8.13 -50.80 -16.14
CA VAL D 752 6.91 -50.02 -15.91
C VAL D 752 5.82 -50.35 -16.93
N GLN D 753 4.64 -50.74 -16.45
CA GLN D 753 3.56 -51.11 -17.34
C GLN D 753 2.79 -49.89 -17.83
N ARG D 754 2.46 -48.99 -16.90
CA ARG D 754 1.70 -47.79 -17.22
C ARG D 754 1.95 -46.70 -16.17
N VAL D 755 1.85 -45.45 -16.61
CA VAL D 755 1.89 -44.31 -15.70
C VAL D 755 0.55 -43.57 -15.74
N VAL D 756 0.10 -43.07 -14.59
CA VAL D 756 -1.03 -42.17 -14.58
C VAL D 756 -0.65 -40.89 -13.88
N VAL D 757 -0.68 -39.78 -14.61
CA VAL D 757 -0.22 -38.53 -14.07
C VAL D 757 -1.20 -37.38 -14.29
N ILE D 758 -1.60 -36.75 -13.20
CA ILE D 758 -2.49 -35.61 -13.24
C ILE D 758 -2.46 -34.91 -11.88
N GLY D 759 -2.31 -33.59 -11.90
CA GLY D 759 -2.41 -32.81 -10.69
C GLY D 759 -1.40 -33.23 -9.65
N THR D 760 -1.88 -33.64 -8.47
CA THR D 760 -1.00 -33.98 -7.34
C THR D 760 -0.62 -35.46 -7.27
N LEU D 761 -1.02 -36.22 -8.28
CA LEU D 761 -0.87 -37.66 -8.27
C LEU D 761 0.05 -38.16 -9.38
N PHE D 762 1.11 -38.86 -8.97
CA PHE D 762 1.90 -39.63 -9.92
C PHE D 762 1.82 -41.11 -9.54
N ALA D 763 1.37 -41.94 -10.48
CA ALA D 763 1.25 -43.38 -10.22
C ALA D 763 1.84 -44.18 -11.36
N LEU D 764 2.45 -45.31 -11.03
CA LEU D 764 2.95 -46.24 -12.02
C LEU D 764 2.62 -47.65 -11.57
N GLU D 765 2.34 -48.53 -12.53
CA GLU D 765 2.18 -49.95 -12.22
C GLU D 765 3.41 -50.69 -12.71
N LEU D 766 3.93 -51.57 -11.87
CA LEU D 766 5.10 -52.36 -12.22
C LEU D 766 4.74 -53.54 -13.11
N LYS D 767 5.66 -53.89 -13.99
CA LYS D 767 5.53 -55.06 -14.89
C LYS D 767 4.45 -56.05 -14.46
N LEU D 778 7.50 -58.65 -4.76
CA LEU D 778 8.36 -58.52 -5.93
C LEU D 778 9.21 -57.26 -5.82
N TYR D 779 9.36 -56.54 -6.93
CA TYR D 779 10.07 -55.29 -6.89
C TYR D 779 9.26 -54.33 -6.02
N ALA D 780 7.94 -54.36 -6.19
CA ALA D 780 7.04 -53.37 -5.57
C ALA D 780 7.22 -53.19 -4.07
N LYS D 781 7.44 -54.31 -3.36
CA LYS D 781 7.66 -54.24 -1.92
C LYS D 781 9.08 -53.75 -1.66
N SER D 782 9.99 -54.11 -2.56
CA SER D 782 11.40 -53.74 -2.42
C SER D 782 11.63 -52.26 -2.77
N LEU D 783 10.99 -51.79 -3.82
CA LEU D 783 11.06 -50.39 -4.20
C LEU D 783 10.54 -49.55 -3.05
N LEU D 784 9.50 -50.06 -2.42
CA LEU D 784 8.86 -49.39 -1.30
C LEU D 784 9.83 -49.21 -0.13
N ILE D 785 10.60 -50.25 0.15
CA ILE D 785 11.61 -50.17 1.20
C ILE D 785 12.76 -49.26 0.76
N MET D 786 13.15 -49.37 -0.51
CA MET D 786 14.23 -48.55 -1.02
C MET D 786 13.87 -47.06 -0.99
N LEU D 787 12.59 -46.77 -1.18
CA LEU D 787 12.12 -45.39 -1.14
C LEU D 787 12.17 -44.84 0.29
N ARG D 788 11.82 -45.67 1.27
CA ARG D 788 11.84 -45.26 2.66
CA ARG D 788 11.84 -45.19 2.64
C ARG D 788 13.24 -44.80 3.09
N GLU D 789 14.26 -45.47 2.55
CA GLU D 789 15.64 -45.10 2.79
C GLU D 789 15.89 -43.72 2.18
N ASP D 790 15.20 -43.40 1.08
CA ASP D 790 15.35 -42.10 0.42
C ASP D 790 14.50 -41.02 1.07
N GLY D 791 13.77 -41.38 2.12
CA GLY D 791 12.94 -40.43 2.85
C GLY D 791 11.59 -40.18 2.21
N ILE D 792 11.03 -41.24 1.63
CA ILE D 792 9.75 -41.16 0.95
C ILE D 792 8.85 -42.28 1.43
N PHE D 793 7.80 -41.91 2.15
CA PHE D 793 6.94 -42.87 2.82
C PHE D 793 5.65 -43.10 2.04
N THR D 794 5.60 -44.17 1.25
CA THR D 794 4.37 -44.50 0.57
C THR D 794 3.91 -45.89 0.96
N ARG D 795 2.63 -46.16 0.76
CA ARG D 795 2.04 -47.45 1.09
C ARG D 795 1.66 -48.13 -0.23
N PRO D 796 1.72 -49.47 -0.27
CA PRO D 796 1.51 -50.21 -1.52
C PRO D 796 0.03 -50.27 -1.92
N LEU D 797 -0.21 -50.31 -3.23
CA LEU D 797 -1.53 -50.59 -3.78
C LEU D 797 -1.43 -51.72 -4.79
N GLY D 798 -1.32 -52.94 -4.28
CA GLY D 798 -1.09 -54.09 -5.12
C GLY D 798 0.20 -53.85 -5.90
N ASN D 799 0.10 -53.84 -7.22
CA ASN D 799 1.25 -53.57 -8.05
C ASN D 799 1.44 -52.10 -8.39
N VAL D 800 0.61 -51.26 -7.78
CA VAL D 800 0.69 -49.83 -8.01
C VAL D 800 1.51 -49.10 -6.94
N ILE D 801 2.51 -48.36 -7.39
CA ILE D 801 3.32 -47.53 -6.51
CA ILE D 801 3.27 -47.53 -6.48
C ILE D 801 3.06 -46.08 -6.92
N TYR D 802 2.70 -45.23 -5.94
CA TYR D 802 2.28 -43.86 -6.26
C TYR D 802 2.80 -42.82 -5.27
N LEU D 803 3.05 -41.62 -5.80
CA LEU D 803 3.46 -40.46 -5.03
C LEU D 803 2.34 -39.41 -5.10
N MET D 804 1.82 -39.01 -3.94
CA MET D 804 0.72 -38.06 -3.91
C MET D 804 1.04 -36.90 -2.99
N CYS D 805 1.09 -35.70 -3.57
CA CYS D 805 1.46 -34.50 -2.82
C CYS D 805 0.21 -33.70 -2.48
N GLY D 806 0.41 -32.53 -1.88
CA GLY D 806 -0.70 -31.63 -1.57
C GLY D 806 -0.84 -30.60 -2.66
N PRO D 807 -1.98 -29.91 -2.70
CA PRO D 807 -2.27 -28.92 -3.73
C PRO D 807 -1.31 -27.72 -3.72
N CYS D 808 -0.55 -27.56 -2.64
CA CYS D 808 0.41 -26.44 -2.60
C CYS D 808 1.87 -26.88 -2.64
N THR D 809 2.12 -28.18 -2.80
CA THR D 809 3.50 -28.65 -2.86
C THR D 809 4.22 -28.02 -4.04
N SER D 810 5.46 -27.61 -3.85
CA SER D 810 6.20 -26.95 -4.91
C SER D 810 6.64 -27.99 -5.91
N PRO D 811 6.68 -27.60 -7.18
CA PRO D 811 7.17 -28.49 -8.23
C PRO D 811 8.61 -28.97 -7.97
N GLU D 812 9.47 -28.10 -7.47
CA GLU D 812 10.85 -28.50 -7.15
C GLU D 812 10.85 -29.77 -6.32
N ILE D 813 10.03 -29.80 -5.28
CA ILE D 813 9.90 -30.98 -4.43
C ILE D 813 9.38 -32.23 -5.18
N CYS D 814 8.45 -32.04 -6.10
CA CYS D 814 7.95 -33.15 -6.88
C CYS D 814 9.05 -33.66 -7.80
N ARG D 815 9.98 -32.79 -8.17
CA ARG D 815 11.09 -33.20 -9.02
C ARG D 815 12.00 -34.15 -8.26
N ARG D 816 12.34 -33.80 -7.03
CA ARG D 816 13.22 -34.66 -6.23
C ARG D 816 12.61 -36.03 -6.06
N LEU D 817 11.34 -36.06 -5.65
CA LEU D 817 10.61 -37.32 -5.48
C LEU D 817 10.79 -38.18 -6.72
N LEU D 818 10.52 -37.63 -7.91
CA LEU D 818 10.67 -38.40 -9.14
C LEU D 818 12.11 -38.85 -9.33
N THR D 819 13.06 -37.96 -9.02
CA THR D 819 14.47 -38.25 -9.21
C THR D 819 14.87 -39.45 -8.39
N LYS D 820 14.39 -39.50 -7.16
CA LYS D 820 14.63 -40.67 -6.32
C LYS D 820 13.93 -41.90 -6.89
N LEU D 821 12.67 -41.75 -7.29
CA LEU D 821 11.91 -42.87 -7.84
C LEU D 821 12.59 -43.49 -9.06
N TYR D 822 13.11 -42.64 -9.95
CA TYR D 822 13.75 -43.09 -11.16
C TYR D 822 15.02 -43.87 -10.83
N LYS D 823 15.93 -43.23 -10.08
CA LYS D 823 17.13 -43.88 -9.60
C LYS D 823 16.83 -45.28 -9.11
N ARG D 824 15.85 -45.40 -8.23
CA ARG D 824 15.53 -46.69 -7.62
C ARG D 824 14.90 -47.72 -8.59
N LEU D 825 14.32 -47.24 -9.67
CA LEU D 825 13.77 -48.15 -10.68
C LEU D 825 14.90 -48.91 -11.37
N GLY D 826 16.04 -48.25 -11.54
CA GLY D 826 17.19 -48.86 -12.16
C GLY D 826 17.99 -49.76 -11.22
N GLU D 827 17.35 -50.24 -10.17
CA GLU D 827 17.99 -51.16 -9.25
C GLU D 827 17.39 -52.56 -9.40
#